data_8DWO
#
_entry.id   8DWO
#
_cell.length_a   1.00
_cell.length_b   1.00
_cell.length_c   1.00
_cell.angle_alpha   90.00
_cell.angle_beta   90.00
_cell.angle_gamma   90.00
#
_symmetry.space_group_name_H-M   'P 1'
#
loop_
_entity.id
_entity.type
_entity.pdbx_description
1 polymer 'Envelope glycoprotein E1'
2 polymer 'Envelope glycoprotein E2'
3 polymer 'SKE26 Fab Heavy Chain'
4 polymer 'SKE26 Fab Light Chain'
#
loop_
_entity_poly.entity_id
_entity_poly.type
_entity_poly.pdbx_seq_one_letter_code
_entity_poly.pdbx_strand_id
1 'polypeptide(L)'
;YEHTAVMPNKVGIPYKALVERPGYAPVHLQIQLVNTRIIPSTNLEYITCKYKTKVPSPVVKCCGATQCTSKPHPDYQCQV
FSGVYPFMYGGAYCFCDTENTQMSEAYVERSEECSIDHAKAYKVHTGTVQAMVNITYGSVSWRSADVYVNGETPAKIGDA
KLIIGPLSSAWSPFDNKVVVYGHEVYNYDFPEYGTGKAGSFGDLQSRTSTSNDLYANTNLKLQRPQAGIVHTPFTQVPSG
FERWKKDKGAPLNDVAPFGCSIALEPLRAENCAVGSIPISIDIPDAAFTRISETPTVSDLECKITECTYAFDFGGIATVA
YKSSKAGNCPIHSPSGVAVIKENDVTLAESGSFTFHFSTANIHPAFKLQVCTSAVTCKGDCKPPKDHIVDYPAQHTESFT
SAISATAWSWIKVLVGGTSAFIVLGLIATAVVALVLFFHRH
;
A,F,J
2 'polypeptide(L)'
;DLDTHFTQYKLARPYIADCPNCGHSRCDSPIAIEEVRGDAHAGVIRIQTSAMFGLKTDGVDLAYMSFMNGKTQKSIKIDN
LHVRTSAPCSLVSHHGYYILAQCPPGDTVTVGFHDGPNRHTCTVAHKVEFRPVGREKYRHPPEHGVELPCNRYTHKRADQ
GHYVEMHQPGLVADHSLLSIHSAKVKITVPSGAQVKYYCKCPDVRKGITSSDHTTTCTDVKQCRAYLIDNKKWVYNSGRL
PRGEGDTFKGKLHVPFVPVKAKCIATLAPEPLVEHKHRTLILHLHPDHPTLLTTRSLGSDANPTRQWIERPTTVNFTVTG
EGLEYTWGNHPPKRVWAQESGEGNPHGWPHEVVVYYYNRYPLTTIIGLCTCVAIIMVSCVTSVWLLCRTRNLCITPYKLA
PNAQVPILLALLCCIKPTRA
;
B,G,K
3 'polypeptide(L)'
;VVQLVQSGAEVKRPGESLRISCKTSGYRFTDIWINWVRQRPGKGLEWMGSIYLDDSDIRFNPSFQGHVTISADKSTSTTY
LQWSSLKASDTATYFCARSVWSGYYIGWFDVWGPGVLVTVSSASTKGPSVFPLAPSSRSTSESTAALGCLVKDYFPEPVT
VSWNSGSLTSGVHTFPAVLQSSGLYSLSSVVTVPSSSLGTQTYVCNVNHKPSNTKVDKRVEIKTCGGLEVLFQ
;
H,S,U
4 'polypeptide(L)'
;DVVMTQTPLSLPVTPGEPASISCRSSQSLLDSNGNTYLHWYLQKPGQSPQLLIYGGSNRASGVPDRFSGSGSGTDFTLTI
NNVEAGDVGTYYCMQVIQVPLTFGGGTKVDIKRTVAAPSVFIFPPSEDQVKSGTVSVVCLLNNFYPREASVKWKVDGALK
TGNSQESVTEQDSKDNTYSLSSTLTLSSTEYQSHKVYACEVTHQGLSSPVTKSFNRGEC
;
L,T,V
#
# COMPACT_ATOMS: atom_id res chain seq x y z
N TYR A 1 -36.12 -11.26 -70.39
CA TYR A 1 -36.97 -12.21 -69.62
C TYR A 1 -37.07 -11.74 -68.17
N GLU A 2 -38.05 -12.28 -67.44
CA GLU A 2 -38.29 -11.90 -66.05
C GLU A 2 -38.66 -13.15 -65.28
N HIS A 3 -37.88 -13.46 -64.23
CA HIS A 3 -38.09 -14.64 -63.40
C HIS A 3 -38.36 -14.21 -61.96
N THR A 4 -39.44 -14.73 -61.38
CA THR A 4 -39.84 -14.42 -60.02
C THR A 4 -39.82 -15.68 -59.17
N ALA A 5 -39.56 -15.50 -57.88
CA ALA A 5 -39.48 -16.61 -56.92
C ALA A 5 -39.45 -16.01 -55.52
N VAL A 6 -39.21 -16.86 -54.53
CA VAL A 6 -38.98 -16.43 -53.15
C VAL A 6 -37.75 -17.18 -52.64
N MET A 7 -36.87 -16.46 -51.93
CA MET A 7 -35.66 -17.04 -51.38
C MET A 7 -35.62 -16.85 -49.87
N PRO A 8 -34.81 -17.64 -49.15
CA PRO A 8 -34.72 -17.43 -47.70
C PRO A 8 -33.83 -16.25 -47.35
N ASN A 9 -34.14 -15.64 -46.21
CA ASN A 9 -33.39 -14.50 -45.71
C ASN A 9 -32.17 -14.94 -44.91
N LYS A 10 -31.28 -15.68 -45.56
CA LYS A 10 -30.05 -16.16 -44.96
C LYS A 10 -28.86 -15.70 -45.79
N VAL A 11 -27.82 -15.25 -45.10
CA VAL A 11 -26.79 -14.41 -45.69
C VAL A 11 -25.69 -15.22 -46.35
N GLY A 12 -24.98 -16.05 -45.58
CA GLY A 12 -23.77 -16.70 -46.08
C GLY A 12 -23.97 -17.58 -47.29
N ILE A 13 -25.09 -18.29 -47.33
CA ILE A 13 -25.36 -19.27 -48.39
C ILE A 13 -25.86 -18.55 -49.63
N PRO A 14 -25.73 -19.12 -50.83
CA PRO A 14 -26.39 -18.57 -52.01
C PRO A 14 -27.76 -19.21 -52.25
N TYR A 15 -28.55 -18.53 -53.07
CA TYR A 15 -29.83 -19.03 -53.56
C TYR A 15 -29.65 -19.31 -55.05
N LYS A 16 -29.87 -20.56 -55.44
CA LYS A 16 -29.67 -21.01 -56.82
C LYS A 16 -31.01 -21.35 -57.47
N ALA A 17 -31.10 -21.10 -58.77
CA ALA A 17 -32.28 -21.45 -59.55
C ALA A 17 -31.87 -21.55 -61.02
N LEU A 18 -32.72 -22.18 -61.81
CA LEU A 18 -32.55 -22.28 -63.26
C LEU A 18 -33.70 -21.55 -63.92
N VAL A 19 -33.42 -20.43 -64.59
CA VAL A 19 -34.44 -19.68 -65.30
C VAL A 19 -34.42 -20.14 -66.75
N GLU A 20 -35.59 -20.48 -67.27
CA GLU A 20 -35.73 -21.13 -68.57
C GLU A 20 -36.98 -20.60 -69.26
N ARG A 21 -36.81 -20.10 -70.47
CA ARG A 21 -37.94 -19.76 -71.34
C ARG A 21 -37.90 -20.70 -72.54
N PRO A 22 -39.01 -21.40 -72.89
CA PRO A 22 -38.93 -22.40 -73.97
C PRO A 22 -38.43 -21.84 -75.29
N GLY A 23 -37.60 -22.62 -75.98
CA GLY A 23 -36.98 -22.19 -77.22
C GLY A 23 -35.53 -21.79 -77.03
N TYR A 24 -35.16 -21.42 -75.81
CA TYR A 24 -33.81 -21.04 -75.45
C TYR A 24 -33.26 -22.00 -74.40
N ALA A 25 -31.94 -22.00 -74.26
CA ALA A 25 -31.29 -22.82 -73.25
C ALA A 25 -31.52 -22.21 -71.86
N PRO A 26 -31.67 -23.02 -70.80
CA PRO A 26 -31.76 -22.43 -69.45
C PRO A 26 -30.48 -21.74 -69.06
N VAL A 27 -30.57 -20.71 -68.21
CA VAL A 27 -29.39 -20.09 -67.59
C VAL A 27 -29.51 -20.22 -66.09
N HIS A 28 -28.41 -20.59 -65.45
CA HIS A 28 -28.35 -20.70 -64.00
C HIS A 28 -28.23 -19.31 -63.37
N LEU A 29 -29.15 -19.00 -62.46
CA LEU A 29 -29.12 -17.79 -61.66
C LEU A 29 -28.68 -18.16 -60.26
N GLN A 30 -27.79 -17.36 -59.69
CA GLN A 30 -27.29 -17.62 -58.34
C GLN A 30 -27.08 -16.27 -57.67
N ILE A 31 -27.91 -15.96 -56.67
CA ILE A 31 -27.92 -14.67 -56.00
C ILE A 31 -27.73 -14.92 -54.51
N GLN A 32 -26.82 -14.16 -53.90
CA GLN A 32 -26.40 -14.38 -52.52
C GLN A 32 -26.47 -13.06 -51.77
N LEU A 33 -27.15 -13.07 -50.63
CA LEU A 33 -27.10 -11.93 -49.72
C LEU A 33 -25.73 -11.87 -49.05
N VAL A 34 -25.33 -10.65 -48.68
CA VAL A 34 -24.06 -10.43 -47.98
C VAL A 34 -24.35 -9.64 -46.71
N ASN A 35 -25.11 -8.57 -46.84
CA ASN A 35 -25.59 -7.77 -45.72
C ASN A 35 -27.11 -7.73 -45.75
N THR A 36 -27.72 -7.51 -44.58
CA THR A 36 -29.16 -7.34 -44.47
C THR A 36 -29.44 -6.39 -43.31
N ARG A 37 -29.69 -5.12 -43.60
CA ARG A 37 -29.68 -4.05 -42.62
C ARG A 37 -31.09 -3.50 -42.47
N ILE A 38 -31.69 -3.76 -41.31
CA ILE A 38 -32.99 -3.21 -40.95
C ILE A 38 -32.73 -1.92 -40.19
N ILE A 39 -32.68 -0.80 -40.91
CA ILE A 39 -32.21 0.47 -40.36
C ILE A 39 -33.44 1.29 -39.99
N PRO A 40 -33.70 1.55 -38.71
CA PRO A 40 -34.85 2.37 -38.34
C PRO A 40 -34.53 3.85 -38.48
N SER A 41 -35.55 4.68 -38.25
CA SER A 41 -35.42 6.13 -38.23
C SER A 41 -35.31 6.59 -36.78
N THR A 42 -34.24 7.33 -36.48
CA THR A 42 -33.93 7.72 -35.11
C THR A 42 -33.72 9.22 -35.02
N ASN A 43 -34.23 9.80 -33.94
CA ASN A 43 -33.95 11.19 -33.57
C ASN A 43 -33.44 11.22 -32.13
N LEU A 44 -32.42 12.05 -31.90
CA LEU A 44 -31.70 12.06 -30.64
C LEU A 44 -32.43 12.92 -29.62
N GLU A 45 -32.98 12.27 -28.59
CA GLU A 45 -33.65 13.01 -27.51
C GLU A 45 -32.65 13.80 -26.66
N TYR A 46 -31.57 13.15 -26.22
CA TYR A 46 -30.59 13.81 -25.38
C TYR A 46 -29.38 12.89 -25.23
N ILE A 47 -28.35 13.37 -24.55
CA ILE A 47 -27.17 12.58 -24.22
C ILE A 47 -26.89 12.76 -22.73
N THR A 48 -26.99 11.67 -21.98
CA THR A 48 -26.74 11.71 -20.54
C THR A 48 -25.32 11.25 -20.23
N CYS A 49 -24.72 11.90 -19.25
CA CYS A 49 -23.34 11.62 -18.84
C CYS A 49 -23.25 11.84 -17.33
N LYS A 50 -22.03 11.78 -16.79
CA LYS A 50 -21.79 12.02 -15.37
C LYS A 50 -21.68 13.52 -15.17
N TYR A 51 -22.27 14.01 -14.08
CA TYR A 51 -22.31 15.44 -13.82
C TYR A 51 -21.03 15.91 -13.15
N LYS A 52 -20.95 17.23 -12.93
CA LYS A 52 -19.93 17.82 -12.08
C LYS A 52 -20.55 18.99 -11.35
N THR A 53 -20.43 19.00 -10.03
CA THR A 53 -20.99 20.06 -9.19
C THR A 53 -19.92 21.14 -9.03
N LYS A 54 -20.08 22.25 -9.76
CA LYS A 54 -19.17 23.37 -9.67
C LYS A 54 -19.63 24.28 -8.54
N VAL A 55 -18.66 24.77 -7.77
CA VAL A 55 -18.92 25.61 -6.59
C VAL A 55 -18.18 26.93 -6.72
N PRO A 56 -18.83 28.00 -7.19
CA PRO A 56 -18.18 29.32 -7.12
C PRO A 56 -17.89 29.71 -5.68
N SER A 57 -16.85 30.52 -5.52
CA SER A 57 -16.27 30.81 -4.21
C SER A 57 -17.33 31.39 -3.27
N PRO A 58 -17.40 30.94 -2.01
CA PRO A 58 -18.39 31.52 -1.07
C PRO A 58 -18.00 32.90 -0.58
N VAL A 59 -18.91 33.87 -0.68
CA VAL A 59 -18.65 35.21 -0.18
C VAL A 59 -19.02 35.26 1.29
N VAL A 60 -18.08 35.73 2.12
CA VAL A 60 -18.28 35.88 3.55
C VAL A 60 -18.55 37.35 3.82
N LYS A 61 -19.78 37.67 4.16
CA LYS A 61 -20.24 39.05 4.33
C LYS A 61 -20.19 39.41 5.80
N CYS A 62 -19.03 39.91 6.25
CA CYS A 62 -18.85 40.31 7.63
C CYS A 62 -19.77 41.49 7.94
N CYS A 63 -19.64 42.02 9.17
CA CYS A 63 -20.79 42.41 10.00
C CYS A 63 -21.96 42.93 9.18
N GLY A 64 -23.10 42.26 9.33
CA GLY A 64 -24.22 42.43 8.41
C GLY A 64 -24.78 41.07 8.04
N ALA A 65 -25.27 41.00 6.79
CA ALA A 65 -25.82 39.75 6.27
C ALA A 65 -26.00 39.85 4.76
N THR A 66 -25.91 38.70 4.06
CA THR A 66 -25.98 38.64 2.60
C THR A 66 -27.00 37.59 2.17
N GLN A 67 -28.23 38.01 1.92
CA GLN A 67 -29.19 37.16 1.25
C GLN A 67 -28.87 37.10 -0.25
N CYS A 68 -29.31 36.01 -0.89
CA CYS A 68 -29.00 35.76 -2.28
C CYS A 68 -30.26 35.90 -3.12
N THR A 69 -30.09 35.73 -4.43
CA THR A 69 -31.19 35.59 -5.37
C THR A 69 -31.10 34.24 -6.07
N SER A 70 -32.18 33.85 -6.73
CA SER A 70 -32.19 32.67 -7.58
C SER A 70 -31.62 33.04 -8.95
N LYS A 71 -30.92 32.09 -9.55
CA LYS A 71 -30.19 32.33 -10.78
C LYS A 71 -30.57 31.24 -11.78
N PRO A 72 -30.42 31.52 -13.09
CA PRO A 72 -30.80 30.51 -14.09
C PRO A 72 -29.67 29.52 -14.35
N HIS A 73 -29.45 28.62 -13.39
CA HIS A 73 -28.44 27.58 -13.49
C HIS A 73 -29.11 26.24 -13.18
N PRO A 74 -28.58 25.14 -13.72
CA PRO A 74 -29.27 23.86 -13.53
C PRO A 74 -28.98 23.27 -12.16
N ASP A 75 -30.06 22.95 -11.43
CA ASP A 75 -29.96 22.44 -10.07
C ASP A 75 -29.17 23.41 -9.19
N TYR A 76 -29.54 24.68 -9.24
CA TYR A 76 -28.87 25.73 -8.48
C TYR A 76 -29.41 25.76 -7.06
N GLN A 77 -28.51 26.01 -6.11
CA GLN A 77 -28.85 25.92 -4.69
C GLN A 77 -28.32 27.14 -3.94
N CYS A 78 -29.23 27.86 -3.29
CA CYS A 78 -28.91 28.85 -2.28
C CYS A 78 -29.18 28.32 -0.87
N GLN A 79 -28.39 28.82 0.07
CA GLN A 79 -28.79 28.91 1.48
C GLN A 79 -27.63 29.59 2.19
N VAL A 80 -27.98 30.32 3.26
CA VAL A 80 -27.02 31.13 4.00
C VAL A 80 -26.94 30.58 5.43
N PHE A 81 -25.71 30.35 5.89
CA PHE A 81 -25.45 29.86 7.23
C PHE A 81 -25.07 31.03 8.14
N SER A 82 -25.39 30.89 9.42
CA SER A 82 -25.24 31.96 10.39
C SER A 82 -24.23 31.57 11.45
N GLY A 83 -23.41 32.51 11.87
CA GLY A 83 -22.44 32.29 12.94
C GLY A 83 -21.33 31.36 12.54
N VAL A 84 -20.45 31.81 11.64
CA VAL A 84 -19.38 30.98 11.09
C VAL A 84 -18.03 31.32 11.72
N TYR A 85 -17.61 32.59 11.66
CA TYR A 85 -16.29 33.00 12.13
C TYR A 85 -15.20 32.12 11.54
N PRO A 86 -15.01 32.12 10.22
CA PRO A 86 -14.03 31.22 9.61
C PRO A 86 -12.59 31.59 9.98
N PHE A 87 -11.68 30.66 9.68
CA PHE A 87 -10.27 30.78 10.04
C PHE A 87 -9.42 30.46 8.81
N MET A 88 -8.96 31.50 8.12
CA MET A 88 -8.01 31.34 7.05
C MET A 88 -6.59 31.29 7.61
N TYR A 89 -5.62 31.15 6.70
CA TYR A 89 -4.22 31.08 7.10
C TYR A 89 -3.77 32.41 7.70
N GLY A 90 -2.93 32.33 8.72
CA GLY A 90 -2.31 33.50 9.33
C GLY A 90 -3.29 34.49 9.93
N GLY A 91 -4.31 33.99 10.62
CA GLY A 91 -5.22 34.84 11.34
C GLY A 91 -6.64 34.36 11.21
N ALA A 92 -7.53 35.03 11.94
CA ALA A 92 -8.96 34.77 11.87
C ALA A 92 -9.56 35.52 10.70
N TYR A 93 -10.89 35.60 10.64
CA TYR A 93 -11.60 36.29 9.57
C TYR A 93 -12.72 37.14 10.19
N CYS A 94 -12.47 38.44 10.34
CA CYS A 94 -13.56 39.39 10.58
C CYS A 94 -14.36 39.06 11.84
N PHE A 95 -13.80 39.43 12.99
CA PHE A 95 -14.11 38.97 14.34
C PHE A 95 -15.53 39.26 14.83
N CYS A 96 -16.43 39.77 13.97
CA CYS A 96 -17.81 40.08 14.38
C CYS A 96 -18.41 39.05 15.33
N ASP A 97 -18.10 37.78 15.16
CA ASP A 97 -18.41 36.65 16.04
C ASP A 97 -19.87 36.23 15.98
N THR A 98 -20.74 36.98 15.30
CA THR A 98 -22.09 36.54 15.00
C THR A 98 -22.37 36.93 13.55
N GLU A 99 -21.45 36.54 12.66
CA GLU A 99 -21.39 37.01 11.28
C GLU A 99 -22.74 36.94 10.59
N ASN A 100 -23.50 35.88 10.87
CA ASN A 100 -24.81 35.69 10.25
C ASN A 100 -24.66 35.63 8.73
N THR A 101 -23.60 34.99 8.25
CA THR A 101 -23.31 34.99 6.82
C THR A 101 -22.44 33.83 6.37
N GLN A 102 -22.79 33.25 5.22
CA GLN A 102 -21.94 32.36 4.44
C GLN A 102 -22.78 32.05 3.21
N MET A 103 -22.09 31.84 2.08
CA MET A 103 -22.78 31.61 0.80
C MET A 103 -22.23 30.35 0.17
N SER A 104 -22.79 29.21 0.57
CA SER A 104 -22.56 27.96 -0.15
C SER A 104 -23.35 28.01 -1.45
N GLU A 105 -22.62 27.97 -2.57
CA GLU A 105 -23.23 28.10 -3.89
C GLU A 105 -22.69 26.96 -4.76
N ALA A 106 -23.56 26.00 -5.06
CA ALA A 106 -23.22 24.85 -5.89
C ALA A 106 -24.23 24.73 -7.03
N TYR A 107 -23.73 24.33 -8.20
CA TYR A 107 -24.62 24.09 -9.32
C TYR A 107 -24.03 23.06 -10.26
N VAL A 108 -24.90 22.27 -10.90
CA VAL A 108 -24.49 21.13 -11.71
C VAL A 108 -24.06 21.63 -13.08
N GLU A 109 -23.23 20.86 -13.77
CA GLU A 109 -22.90 21.13 -15.17
C GLU A 109 -22.26 19.88 -15.76
N ARG A 110 -22.04 19.91 -17.07
CA ARG A 110 -21.41 18.78 -17.75
C ARG A 110 -19.95 18.66 -17.31
N SER A 111 -19.45 17.43 -17.34
CA SER A 111 -18.07 17.12 -17.00
C SER A 111 -17.24 17.02 -18.28
N GLU A 112 -15.93 17.04 -18.11
CA GLU A 112 -15.02 16.95 -19.26
C GLU A 112 -15.15 15.62 -19.98
N GLU A 113 -15.51 14.55 -19.27
CA GLU A 113 -15.71 13.25 -19.88
C GLU A 113 -17.03 13.15 -20.65
N CYS A 114 -17.94 14.12 -20.47
CA CYS A 114 -19.22 14.08 -21.16
C CYS A 114 -19.07 14.18 -22.67
N SER A 115 -18.02 14.82 -23.16
CA SER A 115 -17.77 14.91 -24.60
C SER A 115 -17.05 13.69 -25.15
N ILE A 116 -16.68 12.73 -24.30
CA ILE A 116 -15.95 11.54 -24.70
C ILE A 116 -16.76 10.27 -24.46
N ASP A 117 -17.39 10.14 -23.29
CA ASP A 117 -18.26 9.02 -22.97
C ASP A 117 -19.62 9.53 -22.49
N HIS A 118 -20.62 9.39 -23.36
CA HIS A 118 -21.99 9.73 -23.05
C HIS A 118 -22.92 8.69 -23.65
N ALA A 119 -24.08 8.52 -23.03
CA ALA A 119 -25.11 7.60 -23.50
C ALA A 119 -26.21 8.42 -24.18
N LYS A 120 -26.40 8.20 -25.48
CA LYS A 120 -27.39 8.91 -26.25
C LYS A 120 -28.71 8.14 -26.21
N ALA A 121 -29.82 8.88 -26.06
CA ALA A 121 -31.17 8.30 -25.94
C ALA A 121 -31.91 8.54 -27.24
N TYR A 122 -31.99 7.50 -28.07
CA TYR A 122 -32.71 7.59 -29.34
C TYR A 122 -34.11 7.01 -29.21
N LYS A 123 -35.05 7.65 -29.90
CA LYS A 123 -36.35 7.06 -30.18
C LYS A 123 -36.28 6.33 -31.52
N VAL A 124 -37.12 5.32 -31.68
CA VAL A 124 -37.05 4.42 -32.82
C VAL A 124 -38.43 4.30 -33.45
N HIS A 125 -38.46 4.43 -34.77
CA HIS A 125 -39.63 4.10 -35.58
C HIS A 125 -39.24 3.05 -36.59
N THR A 126 -40.22 2.61 -37.38
CA THR A 126 -40.02 1.47 -38.28
C THR A 126 -38.87 1.70 -39.26
N GLY A 127 -38.83 2.87 -39.90
CA GLY A 127 -37.77 3.18 -40.82
C GLY A 127 -37.75 2.26 -42.02
N THR A 128 -36.56 2.02 -42.59
CA THR A 128 -36.41 1.25 -43.81
C THR A 128 -35.57 0.00 -43.58
N VAL A 129 -35.41 -0.80 -44.65
CA VAL A 129 -34.56 -1.98 -44.63
C VAL A 129 -33.95 -2.16 -46.02
N GLN A 130 -32.65 -2.42 -46.08
CA GLN A 130 -31.94 -2.64 -47.34
C GLN A 130 -30.95 -3.80 -47.18
N ALA A 131 -30.13 -4.01 -48.19
CA ALA A 131 -29.17 -5.11 -48.19
C ALA A 131 -28.13 -4.81 -49.27
N MET A 132 -27.15 -5.72 -49.39
CA MET A 132 -26.20 -5.65 -50.49
C MET A 132 -26.04 -7.07 -51.06
N VAL A 133 -26.48 -7.24 -52.30
CA VAL A 133 -26.57 -8.54 -52.95
C VAL A 133 -25.36 -8.74 -53.85
N ASN A 134 -25.07 -10.00 -54.13
CA ASN A 134 -24.05 -10.39 -55.10
C ASN A 134 -24.66 -11.44 -56.01
N ILE A 135 -24.65 -11.18 -57.32
CA ILE A 135 -25.45 -11.93 -58.28
C ILE A 135 -24.52 -12.44 -59.38
N THR A 136 -24.80 -13.65 -59.85
CA THR A 136 -24.23 -14.17 -61.09
C THR A 136 -25.34 -14.87 -61.86
N TYR A 137 -25.27 -14.80 -63.19
CA TYR A 137 -26.24 -15.49 -64.04
C TYR A 137 -25.56 -15.89 -65.34
N GLY A 138 -25.74 -17.16 -65.72
CA GLY A 138 -25.10 -17.62 -66.94
C GLY A 138 -23.60 -17.56 -66.85
N SER A 139 -22.99 -16.79 -67.75
CA SER A 139 -21.54 -16.72 -67.88
C SER A 139 -20.93 -15.42 -67.34
N VAL A 140 -21.75 -14.50 -66.85
CA VAL A 140 -21.23 -13.23 -66.32
C VAL A 140 -20.75 -13.48 -64.89
N SER A 141 -19.57 -12.94 -64.57
CA SER A 141 -18.97 -13.14 -63.26
C SER A 141 -19.78 -12.51 -62.15
N TRP A 142 -19.39 -12.76 -60.91
CA TRP A 142 -20.08 -12.19 -59.75
C TRP A 142 -20.04 -10.67 -59.81
N ARG A 143 -21.18 -10.05 -59.52
CA ARG A 143 -21.28 -8.59 -59.45
C ARG A 143 -22.22 -8.23 -58.32
N SER A 144 -21.83 -7.23 -57.52
CA SER A 144 -22.52 -6.92 -56.28
C SER A 144 -22.92 -5.46 -56.25
N ALA A 145 -23.95 -5.17 -55.44
CA ALA A 145 -24.44 -3.80 -55.31
C ALA A 145 -25.44 -3.63 -54.16
N ASP A 146 -25.40 -2.47 -53.51
CA ASP A 146 -26.38 -2.15 -52.48
C ASP A 146 -27.76 -1.97 -53.12
N VAL A 147 -28.78 -2.55 -52.49
CA VAL A 147 -30.14 -2.54 -53.01
C VAL A 147 -31.13 -2.43 -51.86
N TYR A 148 -32.15 -1.59 -52.04
CA TYR A 148 -33.21 -1.48 -51.06
C TYR A 148 -34.09 -2.72 -51.07
N VAL A 149 -34.59 -3.07 -49.89
CA VAL A 149 -35.49 -4.22 -49.73
C VAL A 149 -36.91 -3.67 -49.71
N ASN A 150 -37.52 -3.60 -50.90
CA ASN A 150 -38.91 -3.20 -51.05
C ASN A 150 -39.34 -3.38 -52.51
N GLY A 151 -40.61 -3.68 -52.73
CA GLY A 151 -41.09 -4.01 -54.06
C GLY A 151 -40.94 -2.92 -55.11
N GLU A 152 -40.77 -1.67 -54.68
CA GLU A 152 -40.79 -0.56 -55.63
C GLU A 152 -39.44 -0.37 -56.31
N THR A 153 -38.40 -0.08 -55.54
CA THR A 153 -37.13 0.38 -56.08
C THR A 153 -36.42 -0.76 -56.81
N PRO A 154 -36.07 -0.61 -58.11
CA PRO A 154 -35.23 -1.63 -58.76
C PRO A 154 -33.74 -1.41 -58.49
N ALA A 155 -32.90 -2.23 -59.11
CA ALA A 155 -31.45 -2.10 -58.94
C ALA A 155 -30.75 -2.70 -60.15
N LYS A 156 -29.74 -1.99 -60.65
CA LYS A 156 -28.99 -2.41 -61.84
C LYS A 156 -27.71 -3.10 -61.40
N ILE A 157 -27.78 -4.41 -61.19
CA ILE A 157 -26.60 -5.23 -60.97
C ILE A 157 -26.08 -5.67 -62.35
N GLY A 158 -25.01 -5.02 -62.80
CA GLY A 158 -24.56 -5.22 -64.17
C GLY A 158 -25.52 -4.56 -65.15
N ASP A 159 -26.29 -5.38 -65.87
CA ASP A 159 -27.35 -4.91 -66.74
C ASP A 159 -28.71 -5.40 -66.29
N ALA A 160 -28.80 -6.57 -65.67
CA ALA A 160 -30.05 -7.15 -65.22
C ALA A 160 -30.67 -6.26 -64.14
N LYS A 161 -31.99 -6.20 -64.12
CA LYS A 161 -32.73 -5.34 -63.19
C LYS A 161 -33.31 -6.19 -62.06
N LEU A 162 -33.00 -5.82 -60.83
CA LEU A 162 -33.33 -6.62 -59.66
C LEU A 162 -34.35 -5.91 -58.79
N ILE A 163 -35.33 -6.69 -58.30
CA ILE A 163 -36.27 -6.19 -57.30
C ILE A 163 -36.44 -7.26 -56.23
N ILE A 164 -36.15 -6.89 -54.98
CA ILE A 164 -36.37 -7.80 -53.85
C ILE A 164 -37.35 -7.13 -52.89
N GLY A 165 -37.78 -7.88 -51.87
CA GLY A 165 -38.65 -7.34 -50.86
C GLY A 165 -40.10 -7.28 -51.29
N PRO A 166 -40.99 -6.86 -50.37
CA PRO A 166 -40.73 -6.43 -49.00
C PRO A 166 -40.40 -7.60 -48.08
N LEU A 167 -39.72 -7.35 -46.96
CA LEU A 167 -39.37 -8.42 -46.04
C LEU A 167 -40.65 -9.09 -45.52
N SER A 168 -40.63 -10.42 -45.49
CA SER A 168 -41.84 -11.19 -45.18
C SER A 168 -42.34 -10.94 -43.76
N SER A 169 -41.50 -10.42 -42.87
CA SER A 169 -41.92 -10.09 -41.52
C SER A 169 -41.38 -8.71 -41.16
N ALA A 170 -42.17 -7.97 -40.41
CA ALA A 170 -41.83 -6.62 -39.97
C ALA A 170 -41.04 -6.62 -38.67
N TRP A 171 -40.66 -7.77 -38.15
CA TRP A 171 -39.91 -7.86 -36.90
C TRP A 171 -38.59 -7.11 -37.02
N SER A 172 -38.26 -6.35 -35.96
CA SER A 172 -37.00 -5.65 -35.86
C SER A 172 -36.48 -5.87 -34.45
N PRO A 173 -35.16 -6.02 -34.26
CA PRO A 173 -34.67 -6.29 -32.89
C PRO A 173 -34.86 -5.12 -31.95
N PHE A 174 -35.00 -3.90 -32.48
CA PHE A 174 -35.09 -2.71 -31.64
C PHE A 174 -36.53 -2.52 -31.15
N ASP A 175 -36.75 -1.42 -30.43
CA ASP A 175 -38.08 -1.02 -29.98
C ASP A 175 -38.04 0.49 -29.81
N ASN A 176 -39.21 1.07 -29.54
CA ASN A 176 -39.45 2.51 -29.62
C ASN A 176 -38.36 3.38 -29.00
N LYS A 177 -37.71 2.93 -27.92
CA LYS A 177 -36.70 3.71 -27.21
C LYS A 177 -35.47 2.83 -27.01
N VAL A 178 -34.30 3.33 -27.41
CA VAL A 178 -33.03 2.62 -27.25
C VAL A 178 -31.98 3.60 -26.76
N VAL A 179 -30.90 3.06 -26.21
CA VAL A 179 -29.78 3.84 -25.70
C VAL A 179 -28.51 3.37 -26.40
N VAL A 180 -27.75 4.31 -26.94
CA VAL A 180 -26.49 4.02 -27.64
C VAL A 180 -25.35 4.47 -26.74
N TYR A 181 -24.46 3.54 -26.39
CA TYR A 181 -23.26 3.84 -25.60
C TYR A 181 -22.08 3.13 -26.25
N GLY A 182 -21.02 3.88 -26.54
CA GLY A 182 -19.85 3.27 -27.15
C GLY A 182 -20.20 2.62 -28.47
N HIS A 183 -19.75 1.37 -28.63
CA HIS A 183 -20.04 0.56 -29.80
C HIS A 183 -21.31 -0.27 -29.65
N GLU A 184 -22.02 -0.15 -28.53
CA GLU A 184 -23.11 -1.05 -28.18
C GLU A 184 -24.40 -0.26 -27.98
N VAL A 185 -25.53 -0.97 -28.05
CA VAL A 185 -26.85 -0.39 -27.88
C VAL A 185 -27.64 -1.27 -26.92
N TYR A 186 -28.40 -0.64 -26.04
CA TYR A 186 -29.20 -1.30 -25.04
C TYR A 186 -30.67 -0.95 -25.24
N ASN A 187 -31.54 -1.93 -24.95
CA ASN A 187 -32.97 -1.70 -25.01
C ASN A 187 -33.47 -1.19 -23.67
N TYR A 188 -32.86 -0.10 -23.18
CA TYR A 188 -33.37 0.58 -22.01
C TYR A 188 -34.68 1.25 -22.39
N ASP A 189 -35.79 0.72 -21.92
CA ASP A 189 -37.09 1.10 -22.43
C ASP A 189 -37.58 2.44 -21.92
N PHE A 190 -36.90 3.20 -21.06
CA PHE A 190 -37.45 4.43 -20.50
C PHE A 190 -36.36 5.48 -20.32
N PRO A 191 -35.79 5.98 -21.43
CA PRO A 191 -35.22 7.33 -21.37
C PRO A 191 -36.29 8.34 -21.00
N GLU A 192 -35.96 9.31 -20.15
CA GLU A 192 -36.91 10.31 -19.68
C GLU A 192 -36.68 11.62 -20.44
N TYR A 193 -37.79 12.27 -20.78
CA TYR A 193 -37.77 13.42 -21.69
C TYR A 193 -37.31 14.69 -20.99
N GLY A 194 -37.99 15.09 -19.92
CA GLY A 194 -37.56 16.20 -19.10
C GLY A 194 -37.84 15.94 -17.62
N THR A 195 -37.93 14.66 -17.25
CA THR A 195 -38.33 14.24 -15.89
C THR A 195 -37.33 13.20 -15.41
N GLY A 196 -36.31 13.67 -14.70
CA GLY A 196 -35.29 12.79 -14.14
C GLY A 196 -35.59 12.45 -12.70
N LYS A 197 -35.08 11.31 -12.22
CA LYS A 197 -35.39 10.80 -10.89
C LYS A 197 -34.15 10.71 -10.01
N ALA A 198 -33.22 11.65 -10.18
CA ALA A 198 -32.08 11.83 -9.28
C ALA A 198 -31.24 10.55 -9.17
N GLY A 199 -30.70 10.14 -10.31
CA GLY A 199 -29.63 9.16 -10.32
C GLY A 199 -30.02 7.75 -10.70
N SER A 200 -30.86 7.51 -11.70
CA SER A 200 -31.13 6.14 -12.15
C SER A 200 -30.56 5.89 -13.53
N PHE A 201 -31.07 6.58 -14.55
CA PHE A 201 -30.37 6.71 -15.83
C PHE A 201 -30.27 8.17 -16.22
N GLY A 202 -31.42 8.85 -16.18
CA GLY A 202 -31.51 10.24 -16.57
C GLY A 202 -31.49 11.18 -15.38
N ASP A 203 -30.33 11.78 -15.12
CA ASP A 203 -30.19 12.80 -14.09
C ASP A 203 -29.56 14.08 -14.62
N LEU A 204 -28.77 14.02 -15.69
CA LEU A 204 -28.24 15.20 -16.38
C LEU A 204 -28.56 15.00 -17.86
N GLN A 205 -29.75 15.46 -18.27
CA GLN A 205 -30.21 15.28 -19.64
C GLN A 205 -29.94 16.57 -20.42
N SER A 206 -29.06 16.47 -21.40
CA SER A 206 -28.69 17.59 -22.27
C SER A 206 -29.23 17.30 -23.66
N ARG A 207 -30.00 18.25 -24.20
CA ARG A 207 -30.74 18.04 -25.44
C ARG A 207 -29.83 17.69 -26.60
N THR A 208 -28.57 18.09 -26.53
CA THR A 208 -27.55 17.68 -27.50
C THR A 208 -26.20 17.78 -26.82
N SER A 209 -25.15 17.43 -27.56
CA SER A 209 -23.80 17.41 -27.01
C SER A 209 -23.28 18.79 -26.64
N THR A 210 -23.94 19.87 -27.09
CA THR A 210 -23.50 21.23 -26.76
C THR A 210 -24.65 22.13 -26.38
N SER A 211 -25.78 21.60 -25.91
CA SER A 211 -26.90 22.44 -25.48
C SER A 211 -26.49 23.28 -24.27
N ASN A 212 -26.97 24.52 -24.21
CA ASN A 212 -26.67 25.44 -23.12
C ASN A 212 -27.74 25.40 -22.04
N ASP A 213 -28.45 24.28 -21.94
CA ASP A 213 -29.44 24.09 -20.88
C ASP A 213 -29.47 22.60 -20.53
N LEU A 214 -28.87 22.25 -19.39
CA LEU A 214 -28.71 20.87 -18.96
C LEU A 214 -29.68 20.63 -17.80
N TYR A 215 -30.79 19.95 -18.09
CA TYR A 215 -31.73 19.62 -17.03
C TYR A 215 -31.03 18.72 -16.01
N ALA A 216 -30.77 19.26 -14.82
CA ALA A 216 -30.02 18.57 -13.79
C ALA A 216 -30.91 18.30 -12.58
N ASN A 217 -30.95 17.03 -12.18
CA ASN A 217 -31.67 16.62 -10.96
C ASN A 217 -30.75 15.65 -10.24
N THR A 218 -30.16 16.12 -9.12
CA THR A 218 -29.19 15.32 -8.38
C THR A 218 -29.37 15.41 -6.88
N ASN A 219 -30.45 16.04 -6.41
CA ASN A 219 -30.68 16.26 -4.98
C ASN A 219 -29.49 16.98 -4.35
N LEU A 220 -28.96 17.97 -5.07
CA LEU A 220 -27.83 18.75 -4.55
C LEU A 220 -28.28 19.49 -3.29
N LYS A 221 -27.58 19.24 -2.19
CA LYS A 221 -27.90 19.83 -0.90
C LYS A 221 -26.64 20.36 -0.25
N LEU A 222 -26.68 21.61 0.18
CA LEU A 222 -25.53 22.26 0.80
C LEU A 222 -25.58 22.08 2.32
N GLN A 223 -24.40 22.12 2.94
CA GLN A 223 -24.26 21.78 4.35
C GLN A 223 -23.44 22.85 5.04
N ARG A 224 -23.62 22.96 6.36
CA ARG A 224 -22.90 23.95 7.17
C ARG A 224 -21.40 23.72 7.11
N PRO A 225 -20.58 24.76 6.87
CA PRO A 225 -19.13 24.60 7.09
C PRO A 225 -18.81 24.62 8.58
N GLN A 226 -18.27 23.51 9.09
CA GLN A 226 -18.17 23.28 10.52
C GLN A 226 -16.85 23.82 11.08
N ALA A 227 -16.92 24.27 12.33
CA ALA A 227 -15.74 24.62 13.11
C ALA A 227 -14.95 25.75 12.48
N GLY A 228 -15.65 26.67 11.82
CA GLY A 228 -15.04 27.89 11.31
C GLY A 228 -13.94 27.66 10.31
N ILE A 229 -14.29 27.15 9.12
CA ILE A 229 -13.35 26.97 8.03
C ILE A 229 -14.07 27.25 6.73
N VAL A 230 -13.37 27.88 5.80
CA VAL A 230 -13.95 28.33 4.54
C VAL A 230 -13.92 27.17 3.56
N HIS A 231 -15.09 26.56 3.35
CA HIS A 231 -15.28 25.60 2.28
C HIS A 231 -16.78 25.48 2.03
N THR A 232 -17.13 24.90 0.88
CA THR A 232 -18.51 24.79 0.42
C THR A 232 -18.93 23.32 0.38
N PRO A 233 -19.08 22.68 1.54
CA PRO A 233 -19.48 21.27 1.54
C PRO A 233 -20.89 21.08 1.01
N PHE A 234 -21.09 19.97 0.33
CA PHE A 234 -22.42 19.60 -0.17
C PHE A 234 -22.60 18.10 -0.10
N THR A 235 -23.79 17.60 -0.44
CA THR A 235 -24.04 16.18 -0.47
C THR A 235 -25.16 15.87 -1.46
N GLN A 236 -24.85 15.08 -2.48
CA GLN A 236 -25.77 14.72 -3.55
C GLN A 236 -25.71 13.21 -3.77
N VAL A 237 -26.77 12.67 -4.36
CA VAL A 237 -26.82 11.24 -4.68
C VAL A 237 -25.74 10.96 -5.72
N PRO A 238 -25.11 9.78 -5.74
CA PRO A 238 -24.11 9.50 -6.77
C PRO A 238 -24.69 9.55 -8.17
N SER A 239 -23.84 9.68 -9.17
CA SER A 239 -24.28 9.87 -10.56
C SER A 239 -25.12 8.69 -11.03
N GLY A 240 -26.22 8.99 -11.73
CA GLY A 240 -27.06 7.96 -12.30
C GLY A 240 -26.44 7.37 -13.56
N PHE A 241 -25.70 8.21 -14.29
CA PHE A 241 -24.98 7.71 -15.46
C PHE A 241 -23.95 6.68 -15.04
N GLU A 242 -23.23 6.95 -13.95
CA GLU A 242 -22.25 5.98 -13.44
C GLU A 242 -22.95 4.70 -13.00
N ARG A 243 -24.08 4.82 -12.31
CA ARG A 243 -24.82 3.66 -11.86
C ARG A 243 -25.26 2.79 -13.04
N TRP A 244 -25.86 3.42 -14.06
CA TRP A 244 -26.28 2.67 -15.23
C TRP A 244 -25.09 2.05 -15.95
N LYS A 245 -23.99 2.80 -16.05
CA LYS A 245 -22.77 2.34 -16.69
C LYS A 245 -22.17 1.16 -15.93
N LYS A 246 -22.51 1.01 -14.65
CA LYS A 246 -22.02 -0.07 -13.81
C LYS A 246 -22.90 -1.31 -13.86
N ASP A 247 -24.20 -1.16 -13.59
CA ASP A 247 -25.10 -2.30 -13.42
C ASP A 247 -26.07 -2.45 -14.59
N LYS A 248 -25.64 -2.14 -15.81
CA LYS A 248 -26.49 -2.33 -16.98
C LYS A 248 -26.74 -3.81 -17.22
N GLY A 249 -27.81 -4.12 -17.94
CA GLY A 249 -28.07 -5.48 -18.37
C GLY A 249 -27.23 -5.84 -19.58
N ALA A 250 -27.56 -6.95 -20.23
CA ALA A 250 -26.74 -7.33 -21.38
C ALA A 250 -27.01 -6.40 -22.57
N PRO A 251 -26.03 -6.13 -23.43
CA PRO A 251 -26.32 -5.32 -24.62
C PRO A 251 -27.26 -6.02 -25.59
N LEU A 252 -27.83 -5.27 -26.52
CA LEU A 252 -28.61 -5.85 -27.61
C LEU A 252 -27.72 -6.46 -28.68
N ASN A 253 -26.40 -6.21 -28.62
CA ASN A 253 -25.48 -6.91 -29.51
C ASN A 253 -25.30 -8.36 -29.13
N ASP A 254 -25.64 -8.73 -27.89
CA ASP A 254 -25.39 -10.07 -27.36
C ASP A 254 -26.65 -10.85 -27.02
N VAL A 255 -27.84 -10.23 -27.12
CA VAL A 255 -29.10 -10.92 -26.81
C VAL A 255 -30.11 -10.76 -27.94
N ALA A 256 -29.68 -10.16 -29.04
CA ALA A 256 -30.59 -10.02 -30.18
C ALA A 256 -30.89 -11.41 -30.76
N PRO A 257 -32.17 -11.73 -31.06
CA PRO A 257 -32.44 -13.05 -31.66
C PRO A 257 -32.04 -13.12 -33.12
N PHE A 258 -32.13 -14.32 -33.69
CA PHE A 258 -31.82 -14.56 -35.10
C PHE A 258 -30.35 -14.26 -35.43
N GLY A 259 -29.50 -14.16 -34.41
CA GLY A 259 -28.07 -14.02 -34.61
C GLY A 259 -27.64 -12.89 -35.52
N CYS A 260 -27.81 -11.64 -35.08
CA CYS A 260 -27.39 -10.47 -35.83
C CYS A 260 -26.55 -9.55 -34.96
N SER A 261 -25.38 -9.16 -35.47
CA SER A 261 -24.59 -8.11 -34.86
C SER A 261 -25.27 -6.76 -35.07
N ILE A 262 -24.76 -5.74 -34.39
CA ILE A 262 -25.37 -4.42 -34.39
C ILE A 262 -24.33 -3.37 -34.74
N ALA A 263 -24.28 -2.98 -36.01
CA ALA A 263 -23.49 -1.83 -36.41
C ALA A 263 -24.16 -0.55 -35.90
N LEU A 264 -23.33 0.47 -35.68
CA LEU A 264 -23.74 1.62 -34.88
C LEU A 264 -23.95 2.90 -35.68
N GLU A 265 -23.18 3.13 -36.74
CA GLU A 265 -23.18 4.44 -37.36
C GLU A 265 -24.52 4.83 -38.00
N PRO A 266 -25.11 4.09 -38.95
CA PRO A 266 -26.56 4.23 -39.17
C PRO A 266 -27.45 3.49 -38.18
N LEU A 267 -26.89 2.84 -37.16
CA LEU A 267 -27.65 2.06 -36.18
C LEU A 267 -28.43 0.93 -36.88
N ARG A 268 -27.66 0.02 -37.44
CA ARG A 268 -28.20 -1.07 -38.26
C ARG A 268 -28.33 -2.34 -37.42
N ALA A 269 -28.91 -3.38 -38.04
CA ALA A 269 -28.97 -4.73 -37.45
C ALA A 269 -28.62 -5.68 -38.59
N GLU A 270 -27.32 -5.99 -38.71
CA GLU A 270 -26.82 -6.68 -39.88
C GLU A 270 -27.09 -8.19 -39.79
N ASN A 271 -27.46 -8.77 -40.93
CA ASN A 271 -27.52 -10.21 -41.11
C ASN A 271 -28.44 -10.89 -40.10
N CYS A 272 -29.67 -10.38 -39.96
CA CYS A 272 -30.60 -10.91 -38.96
C CYS A 272 -31.59 -11.79 -39.72
N ALA A 273 -31.26 -13.08 -39.81
CA ALA A 273 -31.94 -14.01 -40.71
C ALA A 273 -33.30 -14.39 -40.15
N VAL A 274 -34.32 -13.68 -40.62
CA VAL A 274 -35.71 -13.99 -40.30
C VAL A 274 -36.56 -13.71 -41.53
N GLY A 275 -37.48 -14.61 -41.82
CA GLY A 275 -38.43 -14.42 -42.90
C GLY A 275 -37.93 -14.88 -44.24
N SER A 276 -38.46 -14.26 -45.29
CA SER A 276 -38.14 -14.60 -46.66
C SER A 276 -38.07 -13.32 -47.49
N ILE A 277 -37.52 -13.45 -48.69
CA ILE A 277 -37.38 -12.34 -49.63
C ILE A 277 -38.06 -12.72 -50.93
N PRO A 278 -39.21 -12.12 -51.29
CA PRO A 278 -39.66 -12.19 -52.69
C PRO A 278 -38.59 -11.64 -53.62
N ILE A 279 -38.37 -12.29 -54.76
CA ILE A 279 -37.27 -11.96 -55.66
C ILE A 279 -37.82 -11.91 -57.08
N SER A 280 -37.38 -10.90 -57.84
CA SER A 280 -37.78 -10.76 -59.23
C SER A 280 -36.58 -10.21 -60.00
N ILE A 281 -35.99 -11.05 -60.84
CA ILE A 281 -34.85 -10.65 -61.66
C ILE A 281 -35.29 -10.49 -63.11
N ASP A 282 -34.73 -9.49 -63.78
CA ASP A 282 -34.96 -9.25 -65.20
C ASP A 282 -33.62 -9.38 -65.89
N ILE A 283 -33.43 -10.49 -66.60
CA ILE A 283 -32.14 -10.86 -67.19
C ILE A 283 -32.15 -10.38 -68.64
N PRO A 284 -31.03 -9.91 -69.19
CA PRO A 284 -31.05 -9.47 -70.60
C PRO A 284 -31.31 -10.64 -71.53
N ASP A 285 -31.98 -10.37 -72.65
CA ASP A 285 -32.26 -11.38 -73.66
C ASP A 285 -30.96 -11.94 -74.24
N ALA A 286 -29.92 -11.11 -74.28
CA ALA A 286 -28.61 -11.54 -74.79
C ALA A 286 -28.02 -12.66 -73.94
N ALA A 287 -28.41 -12.72 -72.65
CA ALA A 287 -27.91 -13.77 -71.78
C ALA A 287 -28.32 -15.16 -72.23
N PHE A 288 -29.44 -15.29 -72.94
CA PHE A 288 -29.91 -16.57 -73.44
C PHE A 288 -29.29 -16.86 -74.80
N THR A 289 -29.33 -18.13 -75.18
CA THR A 289 -28.86 -18.59 -76.48
C THR A 289 -29.88 -19.56 -77.05
N ARG A 290 -29.90 -19.68 -78.37
CA ARG A 290 -30.77 -20.64 -79.02
C ARG A 290 -30.41 -22.05 -78.58
N ILE A 291 -31.44 -22.87 -78.33
CA ILE A 291 -31.23 -24.23 -77.85
C ILE A 291 -30.59 -25.13 -78.90
N SER A 292 -30.52 -24.69 -80.16
CA SER A 292 -29.94 -25.51 -81.21
C SER A 292 -28.48 -25.82 -80.93
N GLU A 293 -27.73 -24.81 -80.47
CA GLU A 293 -26.29 -24.96 -80.27
C GLU A 293 -25.93 -25.49 -78.89
N THR A 294 -26.90 -25.60 -77.97
CA THR A 294 -26.61 -26.14 -76.65
C THR A 294 -26.84 -27.65 -76.64
N PRO A 295 -26.19 -28.40 -75.72
CA PRO A 295 -26.37 -29.85 -75.70
C PRO A 295 -27.79 -30.25 -75.31
N THR A 296 -28.46 -30.98 -76.19
CA THR A 296 -29.68 -31.68 -75.82
C THR A 296 -29.29 -32.84 -74.91
N VAL A 297 -30.12 -33.14 -73.90
CA VAL A 297 -29.79 -34.16 -72.91
C VAL A 297 -30.93 -35.17 -72.84
N SER A 298 -30.66 -36.40 -73.28
CA SER A 298 -31.57 -37.52 -73.13
C SER A 298 -30.75 -38.79 -72.95
N ASP A 299 -31.44 -39.90 -72.71
CA ASP A 299 -30.79 -41.16 -72.37
C ASP A 299 -29.93 -40.93 -71.13
N LEU A 300 -30.62 -40.71 -70.01
CA LEU A 300 -30.08 -40.23 -68.74
C LEU A 300 -30.35 -41.25 -67.66
N GLU A 301 -29.43 -41.34 -66.68
CA GLU A 301 -29.66 -42.19 -65.51
C GLU A 301 -28.80 -41.62 -64.39
N CYS A 302 -29.29 -41.72 -63.15
CA CYS A 302 -28.66 -41.10 -61.98
C CYS A 302 -28.44 -42.17 -60.90
N LYS A 303 -27.18 -42.56 -60.71
CA LYS A 303 -26.80 -43.50 -59.65
C LYS A 303 -26.18 -42.70 -58.50
N ILE A 304 -26.72 -42.85 -57.29
CA ILE A 304 -26.16 -42.21 -56.12
C ILE A 304 -25.01 -43.10 -55.62
N THR A 305 -23.83 -42.51 -55.45
CA THR A 305 -22.67 -43.28 -55.02
C THR A 305 -22.59 -43.37 -53.50
N GLU A 306 -22.58 -42.23 -52.81
CA GLU A 306 -22.50 -42.20 -51.36
C GLU A 306 -22.80 -40.79 -50.85
N CYS A 307 -23.43 -40.69 -49.69
CA CYS A 307 -23.77 -39.39 -49.13
C CYS A 307 -24.02 -39.53 -47.63
N THR A 308 -24.16 -38.38 -46.97
CA THR A 308 -24.43 -38.28 -45.55
C THR A 308 -25.01 -36.90 -45.29
N TYR A 309 -26.08 -36.83 -44.51
CA TYR A 309 -26.87 -35.61 -44.39
C TYR A 309 -26.26 -34.69 -43.33
N ALA A 310 -25.09 -34.16 -43.67
CA ALA A 310 -24.40 -33.16 -42.87
C ALA A 310 -24.58 -31.78 -43.50
N PHE A 311 -24.15 -30.75 -42.76
CA PHE A 311 -24.29 -29.39 -43.25
C PHE A 311 -23.48 -29.17 -44.50
N ASP A 312 -22.20 -29.51 -44.47
CA ASP A 312 -21.33 -29.35 -45.63
C ASP A 312 -21.78 -30.31 -46.73
N PHE A 313 -21.14 -30.21 -47.89
CA PHE A 313 -21.51 -31.01 -49.05
C PHE A 313 -21.03 -32.44 -48.84
N GLY A 314 -21.71 -33.14 -47.93
CA GLY A 314 -21.41 -34.53 -47.66
C GLY A 314 -22.22 -35.45 -48.55
N GLY A 315 -22.06 -35.29 -49.86
CA GLY A 315 -22.82 -36.09 -50.79
C GLY A 315 -22.12 -36.15 -52.13
N ILE A 316 -22.23 -37.32 -52.77
CA ILE A 316 -21.73 -37.54 -54.12
C ILE A 316 -22.78 -38.36 -54.86
N ALA A 317 -23.03 -37.97 -56.11
CA ALA A 317 -23.86 -38.78 -57.01
C ALA A 317 -23.24 -38.67 -58.40
N THR A 318 -23.51 -39.66 -59.25
CA THR A 318 -22.97 -39.69 -60.60
C THR A 318 -24.10 -40.01 -61.56
N VAL A 319 -24.19 -39.25 -62.63
CA VAL A 319 -25.19 -39.47 -63.68
C VAL A 319 -24.48 -39.93 -64.94
N ALA A 320 -24.95 -41.06 -65.48
CA ALA A 320 -24.57 -41.56 -66.78
C ALA A 320 -25.52 -41.02 -67.83
N TYR A 321 -24.98 -40.76 -69.01
CA TYR A 321 -25.72 -39.99 -70.01
C TYR A 321 -25.11 -40.23 -71.38
N LYS A 322 -25.96 -40.35 -72.38
CA LYS A 322 -25.52 -40.53 -73.76
C LYS A 322 -25.60 -39.20 -74.51
N SER A 323 -24.48 -38.78 -75.07
CA SER A 323 -24.33 -37.40 -75.54
C SER A 323 -25.12 -37.16 -76.82
N SER A 324 -25.52 -35.90 -77.02
CA SER A 324 -26.03 -35.39 -78.28
C SER A 324 -24.97 -34.56 -79.01
N LYS A 325 -24.37 -33.60 -78.33
CA LYS A 325 -23.22 -32.87 -78.84
C LYS A 325 -22.37 -32.40 -77.66
N ALA A 326 -21.11 -32.10 -77.94
CA ALA A 326 -20.21 -31.60 -76.92
C ALA A 326 -20.62 -30.18 -76.52
N GLY A 327 -20.48 -29.86 -75.23
CA GLY A 327 -20.78 -28.51 -74.79
C GLY A 327 -20.66 -28.38 -73.28
N ASN A 328 -21.20 -27.26 -72.77
CA ASN A 328 -21.17 -26.94 -71.35
C ASN A 328 -22.57 -26.41 -71.00
N CYS A 329 -23.24 -27.07 -70.06
CA CYS A 329 -24.61 -26.72 -69.73
C CYS A 329 -24.90 -26.91 -68.24
N PRO A 330 -25.93 -26.23 -67.68
CA PRO A 330 -26.06 -26.13 -66.21
C PRO A 330 -26.74 -27.30 -65.52
N ILE A 331 -26.72 -27.26 -64.18
CA ILE A 331 -27.41 -28.23 -63.33
C ILE A 331 -28.18 -27.43 -62.27
N HIS A 332 -29.30 -28.02 -61.82
CA HIS A 332 -30.06 -27.45 -60.71
C HIS A 332 -31.12 -28.46 -60.29
N SER A 333 -31.39 -28.50 -58.98
CA SER A 333 -32.41 -29.38 -58.40
C SER A 333 -33.48 -28.48 -57.79
N PRO A 334 -34.65 -28.33 -58.45
CA PRO A 334 -35.65 -27.38 -57.93
C PRO A 334 -36.36 -27.86 -56.67
N SER A 335 -36.17 -29.12 -56.31
CA SER A 335 -36.79 -29.66 -55.11
C SER A 335 -36.06 -29.11 -53.88
N GLY A 336 -36.70 -29.21 -52.71
CA GLY A 336 -36.14 -28.72 -51.47
C GLY A 336 -35.34 -29.73 -50.68
N VAL A 337 -35.16 -30.95 -51.18
CA VAL A 337 -34.48 -31.98 -50.42
C VAL A 337 -32.96 -31.78 -50.47
N ALA A 338 -32.42 -31.60 -51.66
CA ALA A 338 -30.98 -31.50 -51.89
C ALA A 338 -30.61 -30.15 -52.48
N VAL A 339 -29.40 -29.69 -52.14
CA VAL A 339 -28.82 -28.47 -52.70
C VAL A 339 -27.47 -28.86 -53.30
N ILE A 340 -27.23 -28.40 -54.53
CA ILE A 340 -26.12 -28.89 -55.35
C ILE A 340 -25.03 -27.83 -55.39
N LYS A 341 -23.78 -28.27 -55.18
CA LYS A 341 -22.65 -27.35 -55.26
C LYS A 341 -22.42 -26.85 -56.68
N GLU A 342 -22.38 -27.77 -57.64
CA GLU A 342 -21.94 -27.48 -59.00
C GLU A 342 -23.01 -26.71 -59.76
N ASN A 343 -22.54 -25.80 -60.62
CA ASN A 343 -23.40 -24.97 -61.44
C ASN A 343 -23.45 -25.47 -62.88
N ASP A 344 -22.30 -25.66 -63.52
CA ASP A 344 -22.23 -26.09 -64.90
C ASP A 344 -21.30 -27.31 -65.05
N VAL A 345 -21.58 -28.11 -66.09
CA VAL A 345 -20.80 -29.30 -66.40
C VAL A 345 -20.53 -29.34 -67.89
N THR A 346 -19.34 -29.85 -68.22
CA THR A 346 -18.93 -30.07 -69.60
C THR A 346 -19.34 -31.48 -70.01
N LEU A 347 -20.29 -31.57 -70.94
CA LEU A 347 -20.77 -32.84 -71.46
C LEU A 347 -20.04 -33.12 -72.77
N ALA A 348 -19.17 -34.12 -72.74
CA ALA A 348 -18.49 -34.62 -73.93
C ALA A 348 -19.25 -35.82 -74.48
N GLU A 349 -18.64 -36.57 -75.40
CA GLU A 349 -19.28 -37.77 -75.94
C GLU A 349 -19.50 -38.79 -74.83
N SER A 350 -20.72 -39.31 -74.74
CA SER A 350 -21.12 -40.22 -73.66
C SER A 350 -20.79 -39.63 -72.29
N GLY A 351 -20.96 -38.32 -72.15
CA GLY A 351 -20.56 -37.63 -70.95
C GLY A 351 -21.28 -38.10 -69.71
N SER A 352 -20.57 -38.84 -68.85
CA SER A 352 -21.07 -39.28 -67.56
C SER A 352 -20.25 -38.55 -66.50
N PHE A 353 -20.94 -37.83 -65.61
CA PHE A 353 -20.25 -36.93 -64.69
C PHE A 353 -20.74 -37.15 -63.27
N THR A 354 -20.15 -36.42 -62.33
CA THR A 354 -20.47 -36.52 -60.92
C THR A 354 -20.71 -35.13 -60.35
N PHE A 355 -21.56 -35.08 -59.32
CA PHE A 355 -21.88 -33.83 -58.65
C PHE A 355 -22.03 -34.08 -57.15
N HIS A 356 -21.61 -33.11 -56.36
CA HIS A 356 -21.73 -33.18 -54.91
C HIS A 356 -22.90 -32.32 -54.44
N PHE A 357 -23.52 -32.73 -53.34
CA PHE A 357 -24.72 -32.08 -52.84
C PHE A 357 -24.83 -32.27 -51.34
N SER A 358 -25.73 -31.49 -50.73
CA SER A 358 -26.03 -31.57 -49.31
C SER A 358 -27.54 -31.70 -49.11
N THR A 359 -27.91 -32.50 -48.12
CA THR A 359 -29.32 -32.77 -47.84
C THR A 359 -29.48 -33.06 -46.36
N ALA A 360 -30.73 -32.96 -45.89
CA ALA A 360 -31.08 -33.23 -44.50
C ALA A 360 -31.95 -34.47 -44.33
N ASN A 361 -32.26 -35.19 -45.42
CA ASN A 361 -33.16 -36.32 -45.38
C ASN A 361 -32.39 -37.62 -45.20
N ILE A 362 -33.06 -38.60 -44.60
CA ILE A 362 -32.46 -39.93 -44.47
C ILE A 362 -32.45 -40.64 -45.81
N HIS A 363 -33.62 -40.78 -46.43
CA HIS A 363 -33.75 -41.18 -47.82
C HIS A 363 -34.16 -39.97 -48.66
N PRO A 364 -33.26 -39.38 -49.46
CA PRO A 364 -33.67 -38.24 -50.27
C PRO A 364 -34.73 -38.60 -51.30
N ALA A 365 -35.31 -37.56 -51.90
CA ALA A 365 -36.22 -37.74 -53.03
C ALA A 365 -36.05 -36.65 -54.08
N PHE A 366 -34.92 -35.96 -54.11
CA PHE A 366 -34.75 -34.83 -55.00
C PHE A 366 -34.72 -35.31 -56.46
N LYS A 367 -35.06 -34.38 -57.36
CA LYS A 367 -34.99 -34.61 -58.79
C LYS A 367 -33.98 -33.61 -59.37
N LEU A 368 -32.92 -34.15 -59.98
CA LEU A 368 -31.98 -33.30 -60.70
C LEU A 368 -32.54 -32.95 -62.07
N GLN A 369 -32.20 -31.76 -62.56
CA GLN A 369 -32.57 -31.34 -63.90
C GLN A 369 -31.28 -30.83 -64.56
N VAL A 370 -30.90 -31.46 -65.66
CA VAL A 370 -29.61 -31.22 -66.31
C VAL A 370 -29.92 -30.80 -67.75
N CYS A 371 -29.84 -29.50 -67.99
CA CYS A 371 -29.84 -28.96 -69.34
C CYS A 371 -31.13 -29.29 -70.10
N THR A 372 -32.27 -28.81 -69.58
CA THR A 372 -33.59 -28.84 -70.21
C THR A 372 -34.31 -30.18 -70.04
N SER A 373 -33.72 -31.15 -69.34
CA SER A 373 -34.39 -32.41 -69.08
C SER A 373 -34.20 -32.78 -67.62
N ALA A 374 -35.12 -33.59 -67.09
CA ALA A 374 -35.18 -33.92 -65.68
C ALA A 374 -34.88 -35.40 -65.47
N VAL A 375 -34.07 -35.69 -64.46
CA VAL A 375 -33.82 -37.06 -64.00
C VAL A 375 -34.04 -37.09 -62.49
N THR A 376 -34.73 -38.14 -62.03
CA THR A 376 -35.07 -38.30 -60.61
C THR A 376 -34.09 -39.28 -59.99
N CYS A 377 -33.29 -38.79 -59.05
CA CYS A 377 -32.40 -39.64 -58.26
C CYS A 377 -33.12 -39.96 -56.95
N LYS A 378 -33.64 -41.17 -56.85
CA LYS A 378 -34.33 -41.58 -55.62
C LYS A 378 -33.41 -41.53 -54.41
N GLY A 379 -32.13 -41.87 -54.59
CA GLY A 379 -31.20 -41.80 -53.49
C GLY A 379 -31.21 -43.05 -52.63
N ASP A 380 -30.13 -43.27 -51.90
CA ASP A 380 -29.99 -44.44 -51.04
C ASP A 380 -30.38 -44.09 -49.61
N CYS A 381 -30.40 -45.10 -48.75
CA CYS A 381 -30.55 -44.86 -47.33
C CYS A 381 -29.21 -44.41 -46.74
N LYS A 382 -29.12 -43.12 -46.43
CA LYS A 382 -27.84 -42.50 -46.11
C LYS A 382 -27.62 -42.52 -44.60
N PRO A 383 -26.38 -42.54 -44.11
CA PRO A 383 -26.15 -42.66 -42.68
C PRO A 383 -26.02 -41.29 -42.03
N PRO A 384 -25.98 -41.23 -40.69
CA PRO A 384 -25.67 -39.96 -40.01
C PRO A 384 -24.17 -39.81 -39.76
N LYS A 385 -23.79 -38.72 -39.09
CA LYS A 385 -22.40 -38.50 -38.69
C LYS A 385 -22.33 -37.88 -37.31
N GLN A 394 -25.21 -24.23 -40.20
CA GLN A 394 -24.06 -23.63 -40.86
C GLN A 394 -24.19 -23.66 -42.38
N HIS A 395 -25.16 -24.42 -42.90
CA HIS A 395 -25.33 -24.59 -44.32
C HIS A 395 -26.82 -24.78 -44.60
N THR A 396 -27.14 -25.23 -45.81
CA THR A 396 -28.52 -25.27 -46.28
C THR A 396 -29.16 -26.62 -45.99
N GLU A 397 -30.22 -26.59 -45.18
CA GLU A 397 -30.99 -27.79 -44.86
C GLU A 397 -32.47 -27.47 -44.81
N SER A 398 -33.28 -28.23 -45.54
CA SER A 398 -34.73 -28.10 -45.44
C SER A 398 -35.20 -28.64 -44.10
N PHE A 399 -34.92 -29.93 -43.85
CA PHE A 399 -35.19 -30.54 -42.56
C PHE A 399 -36.68 -30.48 -42.23
N THR A 400 -37.51 -31.07 -43.09
CA THR A 400 -38.96 -31.10 -42.90
C THR A 400 -39.45 -32.53 -42.70
N ASP B 1 3.11 22.47 -25.23
CA ASP B 1 3.43 23.81 -25.80
C ASP B 1 3.63 24.85 -24.69
N LEU B 2 4.40 25.90 -25.00
CA LEU B 2 4.74 26.92 -24.02
C LEU B 2 3.84 28.14 -24.08
N ASP B 3 3.19 28.41 -25.23
CA ASP B 3 2.32 29.57 -25.33
C ASP B 3 1.15 29.46 -24.36
N THR B 4 0.58 28.26 -24.21
CA THR B 4 -0.47 28.04 -23.22
C THR B 4 0.05 28.23 -21.80
N HIS B 5 1.28 27.77 -21.55
CA HIS B 5 1.89 28.01 -20.25
C HIS B 5 2.08 29.49 -19.99
N PHE B 6 2.50 30.24 -21.02
CA PHE B 6 2.68 31.68 -20.88
C PHE B 6 1.35 32.38 -20.62
N THR B 7 0.31 31.95 -21.32
CA THR B 7 -1.03 32.49 -21.07
C THR B 7 -1.55 32.09 -19.69
N GLN B 8 -1.08 30.98 -19.13
CA GLN B 8 -1.34 30.66 -17.73
C GLN B 8 -0.51 31.49 -16.77
N TYR B 9 0.59 32.08 -17.25
CA TYR B 9 1.35 33.00 -16.40
C TYR B 9 0.64 34.35 -16.25
N LYS B 10 -0.36 34.62 -17.10
CA LYS B 10 -0.81 36.00 -17.28
C LYS B 10 -1.37 36.59 -15.99
N LEU B 11 -2.23 35.83 -15.27
CA LEU B 11 -2.78 36.33 -14.02
C LEU B 11 -2.97 35.24 -12.96
N ALA B 12 -2.46 34.03 -13.15
CA ALA B 12 -2.68 32.93 -12.22
C ALA B 12 -1.57 32.90 -11.17
N ARG B 13 -1.97 32.76 -9.89
CA ARG B 13 -1.02 32.64 -8.79
C ARG B 13 -1.37 31.43 -7.94
N PRO B 14 -0.43 30.87 -7.17
CA PRO B 14 -0.81 29.92 -6.11
C PRO B 14 -1.54 30.62 -4.97
N TYR B 15 -2.33 29.83 -4.24
CA TYR B 15 -3.03 30.31 -3.07
C TYR B 15 -3.03 29.23 -1.99
N ILE B 16 -3.17 29.67 -0.74
CA ILE B 16 -3.22 28.78 0.41
C ILE B 16 -4.70 28.52 0.68
N ALA B 17 -5.18 27.37 0.21
CA ALA B 17 -6.54 26.94 0.45
C ALA B 17 -6.58 25.94 1.59
N ASP B 18 -7.76 25.76 2.16
CA ASP B 18 -7.95 24.82 3.26
C ASP B 18 -7.80 23.39 2.75
N CYS B 19 -7.05 22.59 3.51
CA CYS B 19 -6.85 21.18 3.22
C CYS B 19 -7.11 20.36 4.48
N PRO B 20 -7.86 19.26 4.38
CA PRO B 20 -8.02 18.37 5.54
C PRO B 20 -6.86 17.38 5.63
N ASN B 21 -6.42 17.16 6.87
CA ASN B 21 -5.34 16.22 7.18
C ASN B 21 -4.09 16.60 6.38
N CYS B 22 -3.48 17.71 6.82
CA CYS B 22 -2.17 18.11 6.33
C CYS B 22 -1.09 17.31 7.07
N GLY B 23 -1.05 16.02 6.74
CA GLY B 23 -0.22 15.08 7.48
C GLY B 23 -0.99 14.43 8.60
N HIS B 24 -1.41 15.25 9.60
CA HIS B 24 -2.07 14.70 10.79
C HIS B 24 -3.23 15.56 11.28
N SER B 25 -3.62 16.61 10.57
CA SER B 25 -4.70 17.48 11.06
C SER B 25 -5.10 18.44 9.95
N ARG B 26 -6.26 19.06 10.13
CA ARG B 26 -6.74 20.07 9.20
C ARG B 26 -5.84 21.29 9.24
N CYS B 27 -5.74 21.97 8.10
CA CYS B 27 -4.90 23.17 8.03
C CYS B 27 -5.25 23.95 6.77
N ASP B 28 -4.48 25.01 6.52
CA ASP B 28 -4.52 25.76 5.27
C ASP B 28 -3.16 25.58 4.62
N SER B 29 -3.13 24.84 3.51
CA SER B 29 -1.86 24.36 2.95
C SER B 29 -1.53 25.09 1.66
N PRO B 30 -0.25 25.26 1.35
CA PRO B 30 0.11 25.85 0.05
C PRO B 30 -0.29 24.99 -1.13
N ILE B 31 -0.40 23.67 -0.94
CA ILE B 31 -0.83 22.76 -1.98
C ILE B 31 -2.08 22.03 -1.52
N ALA B 32 -3.25 22.59 -1.84
CA ALA B 32 -4.51 21.95 -1.48
C ALA B 32 -4.87 20.95 -2.57
N ILE B 33 -6.01 20.27 -2.40
CA ILE B 33 -6.54 19.34 -3.39
C ILE B 33 -8.01 19.66 -3.59
N GLU B 34 -8.40 19.89 -4.84
CA GLU B 34 -9.79 20.15 -5.20
C GLU B 34 -10.10 19.45 -6.51
N GLU B 35 -11.20 18.69 -6.52
CA GLU B 35 -11.73 18.07 -7.73
C GLU B 35 -10.69 17.13 -8.37
N VAL B 36 -10.31 16.11 -7.59
CA VAL B 36 -9.55 15.00 -8.15
C VAL B 36 -10.47 14.20 -9.05
N ARG B 37 -10.03 13.96 -10.28
CA ARG B 37 -10.86 13.35 -11.32
C ARG B 37 -10.24 12.01 -11.74
N GLY B 38 -10.58 10.96 -11.00
CA GLY B 38 -10.27 9.61 -11.44
C GLY B 38 -11.43 8.98 -12.17
N ASP B 39 -11.42 9.09 -13.50
CA ASP B 39 -12.47 8.52 -14.35
C ASP B 39 -11.91 7.71 -15.50
N ALA B 40 -10.59 7.77 -15.74
CA ALA B 40 -9.99 7.01 -16.83
C ALA B 40 -10.06 5.52 -16.55
N HIS B 41 -9.63 4.72 -17.51
CA HIS B 41 -9.76 3.26 -17.43
C HIS B 41 -8.48 2.62 -16.93
N ALA B 42 -7.35 2.95 -17.58
CA ALA B 42 -6.09 2.31 -17.24
C ALA B 42 -5.68 2.59 -15.79
N GLY B 43 -6.06 3.74 -15.26
CA GLY B 43 -5.75 4.10 -13.88
C GLY B 43 -5.28 5.53 -13.71
N VAL B 44 -5.09 6.25 -14.81
CA VAL B 44 -4.59 7.62 -14.70
C VAL B 44 -5.64 8.50 -14.02
N ILE B 45 -5.14 9.46 -13.24
CA ILE B 45 -5.98 10.45 -12.57
C ILE B 45 -5.35 11.82 -12.76
N ARG B 46 -6.18 12.86 -12.58
CA ARG B 46 -5.74 14.24 -12.63
C ARG B 46 -6.22 14.95 -11.37
N ILE B 47 -5.31 15.65 -10.71
CA ILE B 47 -5.58 16.33 -9.45
C ILE B 47 -5.30 17.81 -9.64
N GLN B 48 -6.33 18.64 -9.43
CA GLN B 48 -6.20 20.09 -9.53
C GLN B 48 -5.83 20.61 -8.15
N THR B 49 -4.54 20.91 -7.96
CA THR B 49 -4.04 21.38 -6.68
C THR B 49 -4.19 22.89 -6.55
N SER B 50 -3.58 23.47 -5.51
CA SER B 50 -3.56 24.91 -5.29
C SER B 50 -2.12 25.42 -5.36
N ALA B 51 -1.35 24.85 -6.29
CA ALA B 51 0.02 25.23 -6.51
C ALA B 51 0.33 25.12 -7.99
N MET B 52 1.15 26.04 -8.49
CA MET B 52 1.47 26.12 -9.90
C MET B 52 2.78 25.40 -10.16
N PHE B 53 2.71 24.25 -10.82
CA PHE B 53 3.88 23.51 -11.25
C PHE B 53 4.30 23.97 -12.63
N GLY B 54 5.61 23.88 -12.90
CA GLY B 54 6.15 24.54 -14.06
C GLY B 54 6.61 25.94 -13.71
N LEU B 55 5.72 26.91 -13.93
CA LEU B 55 5.96 28.32 -13.64
C LEU B 55 6.79 28.57 -12.39
N LYS B 56 7.97 29.18 -12.57
CA LYS B 56 8.74 29.74 -11.48
C LYS B 56 8.41 31.23 -11.38
N THR B 57 9.15 31.96 -10.56
CA THR B 57 8.88 33.38 -10.39
C THR B 57 9.19 34.22 -11.64
N ASP B 58 9.87 33.71 -12.67
CA ASP B 58 10.31 34.48 -13.81
C ASP B 58 9.77 33.95 -15.13
N GLY B 59 9.79 32.63 -15.34
CA GLY B 59 9.39 32.05 -16.61
C GLY B 59 8.60 30.77 -16.48
N VAL B 60 8.95 29.75 -17.28
CA VAL B 60 8.25 28.48 -17.25
C VAL B 60 9.13 27.44 -16.58
N ASP B 61 10.28 27.11 -17.20
CA ASP B 61 11.29 26.25 -16.61
C ASP B 61 10.64 25.00 -16.01
N LEU B 62 10.14 24.11 -16.88
CA LEU B 62 9.32 22.95 -16.52
C LEU B 62 9.75 22.23 -15.25
N ALA B 63 11.06 22.20 -14.97
CA ALA B 63 11.60 21.52 -13.80
C ALA B 63 11.50 22.36 -12.51
N TYR B 64 10.62 23.36 -12.47
CA TYR B 64 10.44 24.21 -11.30
C TYR B 64 8.98 24.21 -10.89
N MET B 65 8.72 24.43 -9.61
CA MET B 65 7.39 24.57 -9.06
C MET B 65 7.30 25.90 -8.30
N SER B 66 6.08 26.43 -8.20
CA SER B 66 5.83 27.67 -7.49
C SER B 66 4.67 27.46 -6.52
N PHE B 67 4.76 28.08 -5.35
CA PHE B 67 3.67 28.02 -4.39
C PHE B 67 3.72 29.24 -3.48
N MET B 68 2.60 29.52 -2.83
CA MET B 68 2.46 30.69 -1.97
C MET B 68 2.88 30.32 -0.56
N ASN B 69 4.05 30.83 -0.15
CA ASN B 69 4.54 30.66 1.21
C ASN B 69 4.25 31.95 1.97
N GLY B 70 2.98 32.11 2.32
CA GLY B 70 2.52 33.29 3.01
C GLY B 70 2.19 34.42 2.06
N LYS B 71 2.91 35.53 2.19
CA LYS B 71 2.72 36.69 1.33
C LYS B 71 3.56 36.67 0.06
N THR B 72 4.34 35.61 -0.17
CA THR B 72 5.27 35.52 -1.29
C THR B 72 4.95 34.32 -2.16
N GLN B 73 4.83 34.54 -3.46
CA GLN B 73 4.97 33.45 -4.42
C GLN B 73 6.44 33.06 -4.53
N LYS B 74 6.77 31.88 -4.03
CA LYS B 74 8.15 31.41 -3.99
C LYS B 74 8.27 30.23 -4.93
N SER B 75 9.35 30.23 -5.72
CA SER B 75 9.64 29.18 -6.67
C SER B 75 10.85 28.37 -6.22
N ILE B 76 10.77 27.06 -6.45
CA ILE B 76 11.84 26.14 -6.08
C ILE B 76 11.94 25.08 -7.17
N LYS B 77 12.98 24.27 -7.09
CA LYS B 77 13.11 23.11 -7.99
C LYS B 77 12.19 22.00 -7.51
N ILE B 78 11.62 21.25 -8.45
CA ILE B 78 10.78 20.11 -8.10
C ILE B 78 11.72 18.96 -7.75
N ASP B 79 12.00 18.81 -6.45
CA ASP B 79 12.97 17.82 -5.99
C ASP B 79 12.31 16.47 -5.70
N ASN B 80 11.14 16.49 -5.05
CA ASN B 80 10.40 15.26 -4.77
C ASN B 80 8.92 15.65 -4.63
N LEU B 81 8.19 15.51 -5.72
CA LEU B 81 6.74 15.76 -5.76
C LEU B 81 6.05 14.42 -5.95
N HIS B 82 5.44 13.91 -4.88
CA HIS B 82 4.90 12.57 -4.85
C HIS B 82 3.39 12.60 -4.66
N VAL B 83 2.74 11.56 -5.19
CA VAL B 83 1.31 11.34 -5.05
C VAL B 83 1.09 9.90 -4.61
N ARG B 84 0.35 9.71 -3.51
CA ARG B 84 0.02 8.38 -3.01
C ARG B 84 -1.49 8.19 -2.94
N THR B 85 -1.93 6.99 -3.31
CA THR B 85 -3.31 6.56 -3.14
C THR B 85 -3.34 5.42 -2.12
N SER B 86 -2.64 4.33 -2.44
CA SER B 86 -2.28 3.31 -1.46
C SER B 86 -0.82 2.89 -1.59
N ALA B 87 -0.17 3.19 -2.71
CA ALA B 87 1.25 3.00 -2.92
C ALA B 87 1.75 4.18 -3.76
N PRO B 88 3.05 4.47 -3.79
CA PRO B 88 3.52 5.67 -4.51
C PRO B 88 3.14 5.68 -5.99
N CYS B 89 2.30 6.63 -6.38
CA CYS B 89 1.96 6.78 -7.79
C CYS B 89 3.16 7.29 -8.57
N SER B 90 3.18 6.94 -9.86
CA SER B 90 4.20 7.40 -10.80
C SER B 90 3.61 8.58 -11.57
N LEU B 91 3.86 9.79 -11.07
CA LEU B 91 3.31 10.98 -11.70
C LEU B 91 3.84 11.13 -13.12
N VAL B 92 2.93 11.31 -14.06
CA VAL B 92 3.28 11.38 -15.47
C VAL B 92 3.53 12.81 -15.95
N SER B 93 2.84 13.81 -15.40
CA SER B 93 3.06 15.17 -15.83
C SER B 93 2.49 16.17 -14.82
N HIS B 94 2.83 17.44 -15.00
CA HIS B 94 2.31 18.50 -14.15
C HIS B 94 2.33 19.80 -14.94
N HIS B 95 1.28 20.60 -14.79
CA HIS B 95 1.18 21.87 -15.49
C HIS B 95 0.11 22.69 -14.80
N GLY B 96 0.45 23.94 -14.51
CA GLY B 96 -0.49 24.80 -13.81
C GLY B 96 -0.88 24.24 -12.46
N TYR B 97 -2.18 24.26 -12.20
CA TYR B 97 -2.72 23.70 -10.96
C TYR B 97 -2.87 22.20 -11.01
N TYR B 98 -2.55 21.55 -12.12
CA TYR B 98 -2.96 20.18 -12.38
C TYR B 98 -1.74 19.27 -12.37
N ILE B 99 -1.86 18.15 -11.66
CA ILE B 99 -0.96 17.01 -11.77
C ILE B 99 -1.70 15.92 -12.50
N LEU B 100 -1.00 15.16 -13.34
CA LEU B 100 -1.52 13.95 -13.96
C LEU B 100 -0.61 12.80 -13.54
N ALA B 101 -1.22 11.74 -13.00
CA ALA B 101 -0.47 10.66 -12.38
C ALA B 101 -1.15 9.32 -12.65
N GLN B 102 -0.44 8.25 -12.29
CA GLN B 102 -0.89 6.87 -12.47
C GLN B 102 -0.89 6.22 -11.10
N CYS B 103 -2.06 6.09 -10.48
CA CYS B 103 -2.21 5.57 -9.13
C CYS B 103 -2.87 4.20 -9.11
N PRO B 104 -2.57 3.37 -8.11
CA PRO B 104 -3.34 2.13 -7.92
C PRO B 104 -4.63 2.42 -7.17
N PRO B 105 -5.55 1.46 -7.10
CA PRO B 105 -6.83 1.74 -6.42
C PRO B 105 -6.65 1.96 -4.92
N GLY B 106 -7.50 2.81 -4.35
CA GLY B 106 -7.43 3.09 -2.92
C GLY B 106 -8.51 4.05 -2.47
N ASP B 107 -8.58 4.31 -1.17
CA ASP B 107 -9.63 5.13 -0.58
C ASP B 107 -9.18 6.56 -0.29
N THR B 108 -7.93 6.91 -0.60
CA THR B 108 -7.41 8.24 -0.32
C THR B 108 -6.59 8.74 -1.49
N VAL B 109 -6.42 10.07 -1.60
CA VAL B 109 -5.50 10.67 -2.56
C VAL B 109 -4.74 11.77 -1.85
N THR B 110 -3.41 11.68 -1.84
CA THR B 110 -2.58 12.64 -1.11
C THR B 110 -1.42 13.07 -2.00
N VAL B 111 -1.16 14.38 -2.02
CA VAL B 111 -0.03 14.95 -2.75
C VAL B 111 0.94 15.56 -1.74
N GLY B 112 2.20 15.67 -2.15
CA GLY B 112 3.19 16.28 -1.29
C GLY B 112 4.48 16.65 -1.99
N PHE B 113 5.06 17.80 -1.64
CA PHE B 113 6.30 18.28 -2.23
C PHE B 113 7.27 18.67 -1.13
N HIS B 114 8.56 18.49 -1.39
CA HIS B 114 9.61 18.83 -0.44
C HIS B 114 10.13 20.24 -0.70
N ASP B 115 10.09 21.05 0.35
CA ASP B 115 10.84 22.32 0.39
C ASP B 115 12.20 22.12 1.02
N GLY B 116 12.43 20.98 1.70
CA GLY B 116 13.71 20.61 2.24
C GLY B 116 13.72 20.60 3.75
N PRO B 117 13.20 21.66 4.38
CA PRO B 117 12.88 21.58 5.82
C PRO B 117 11.45 21.13 6.08
N ASN B 118 10.59 21.18 5.06
CA ASN B 118 9.16 20.97 5.21
C ASN B 118 8.65 20.07 4.10
N ARG B 119 7.49 19.46 4.34
CA ARG B 119 6.92 18.45 3.45
C ARG B 119 5.61 18.86 2.81
N HIS B 120 4.85 19.76 3.43
CA HIS B 120 3.67 20.40 2.83
C HIS B 120 2.76 19.39 2.12
N THR B 121 2.24 18.46 2.91
CA THR B 121 1.40 17.39 2.41
C THR B 121 -0.07 17.80 2.46
N CYS B 122 -0.87 17.20 1.59
CA CYS B 122 -2.32 17.39 1.60
C CYS B 122 -3.02 16.11 1.18
N THR B 123 -3.94 15.62 2.04
CA THR B 123 -4.55 14.29 1.87
C THR B 123 -6.07 14.45 1.91
N VAL B 124 -6.73 14.10 0.79
CA VAL B 124 -8.19 14.13 0.71
C VAL B 124 -8.72 12.70 0.64
N ALA B 125 -9.93 12.52 1.15
CA ALA B 125 -10.62 11.23 1.12
C ALA B 125 -11.44 11.17 -0.17
N HIS B 126 -10.96 10.41 -1.15
CA HIS B 126 -11.65 10.28 -2.43
C HIS B 126 -11.40 8.86 -2.95
N LYS B 127 -12.47 8.07 -3.01
CA LYS B 127 -12.38 6.73 -3.55
C LYS B 127 -12.02 6.79 -5.03
N VAL B 128 -10.95 6.10 -5.40
CA VAL B 128 -10.49 5.99 -6.78
C VAL B 128 -10.34 4.51 -7.10
N GLU B 129 -10.83 4.11 -8.27
CA GLU B 129 -10.96 2.71 -8.62
C GLU B 129 -10.20 2.40 -9.91
N PHE B 130 -9.65 1.19 -9.97
CA PHE B 130 -9.19 0.65 -11.25
C PHE B 130 -10.39 0.36 -12.13
N ARG B 131 -10.30 0.74 -13.40
CA ARG B 131 -11.44 0.67 -14.32
C ARG B 131 -11.00 -0.07 -15.57
N PRO B 132 -10.88 -1.40 -15.50
CA PRO B 132 -10.40 -2.15 -16.66
C PRO B 132 -11.36 -2.10 -17.83
N VAL B 133 -10.79 -2.11 -19.03
CA VAL B 133 -11.57 -2.09 -20.26
C VAL B 133 -11.92 -3.52 -20.64
N GLY B 134 -12.87 -3.64 -21.57
CA GLY B 134 -13.26 -4.94 -22.08
C GLY B 134 -14.14 -5.69 -21.11
N ARG B 135 -14.11 -7.01 -21.24
CA ARG B 135 -14.97 -7.93 -20.51
C ARG B 135 -14.23 -8.77 -19.50
N GLU B 136 -12.99 -8.42 -19.16
CA GLU B 136 -12.20 -9.10 -18.13
C GLU B 136 -11.76 -8.09 -17.10
N LYS B 137 -11.84 -8.48 -15.83
CA LYS B 137 -11.54 -7.59 -14.71
C LYS B 137 -10.11 -7.77 -14.26
N TYR B 138 -9.18 -7.24 -15.05
CA TYR B 138 -7.78 -7.20 -14.66
C TYR B 138 -7.59 -6.03 -13.70
N ARG B 139 -6.41 -5.96 -13.08
CA ARG B 139 -6.11 -4.95 -12.07
C ARG B 139 -4.82 -4.19 -12.34
N HIS B 140 -4.25 -4.32 -13.55
CA HIS B 140 -3.07 -3.56 -13.94
C HIS B 140 -3.00 -3.62 -15.46
N PRO B 141 -2.63 -2.54 -16.16
CA PRO B 141 -2.45 -2.63 -17.62
C PRO B 141 -1.53 -3.78 -17.99
N PRO B 142 -2.02 -4.80 -18.72
CA PRO B 142 -1.18 -5.99 -18.96
C PRO B 142 -0.09 -5.76 -20.00
N GLU B 143 0.92 -6.63 -20.00
CA GLU B 143 2.00 -6.55 -20.97
C GLU B 143 1.50 -6.77 -22.38
N HIS B 144 0.61 -7.74 -22.58
CA HIS B 144 0.09 -8.10 -23.89
C HIS B 144 -1.42 -8.27 -23.82
N GLY B 145 -2.03 -8.56 -24.97
CA GLY B 145 -3.47 -8.72 -25.07
C GLY B 145 -4.01 -8.18 -26.37
N VAL B 146 -5.13 -7.46 -26.31
CA VAL B 146 -5.75 -6.84 -27.47
C VAL B 146 -6.04 -5.38 -27.16
N GLU B 147 -5.80 -4.51 -28.13
CA GLU B 147 -6.12 -3.10 -27.97
C GLU B 147 -7.62 -2.89 -28.09
N LEU B 148 -8.20 -2.18 -27.12
CA LEU B 148 -9.61 -1.80 -27.11
C LEU B 148 -9.71 -0.30 -26.97
N PRO B 149 -10.81 0.30 -27.44
CA PRO B 149 -10.95 1.76 -27.30
C PRO B 149 -11.33 2.14 -25.88
N CYS B 150 -10.49 2.98 -25.27
CA CYS B 150 -10.70 3.44 -23.90
C CYS B 150 -10.67 4.96 -23.89
N ASN B 151 -11.07 5.54 -22.77
CA ASN B 151 -11.05 6.99 -22.56
C ASN B 151 -10.11 7.28 -21.42
N ARG B 152 -8.97 7.91 -21.72
CA ARG B 152 -7.93 8.20 -20.74
C ARG B 152 -7.57 9.68 -20.79
N TYR B 153 -6.90 10.14 -19.74
CA TYR B 153 -6.50 11.54 -19.62
C TYR B 153 -5.23 11.72 -20.44
N THR B 154 -5.32 12.50 -21.51
CA THR B 154 -4.21 12.71 -22.42
C THR B 154 -3.04 13.33 -21.68
N HIS B 155 -1.83 12.88 -22.01
CA HIS B 155 -0.61 13.42 -21.45
C HIS B 155 -0.14 14.69 -22.17
N LYS B 156 -0.90 15.16 -23.17
CA LYS B 156 -0.53 16.37 -23.88
C LYS B 156 -0.51 17.57 -22.93
N ARG B 157 0.41 18.49 -23.18
CA ARG B 157 0.60 19.65 -22.32
C ARG B 157 -0.65 20.53 -22.30
N ALA B 158 -1.36 20.61 -23.43
CA ALA B 158 -2.45 21.57 -23.54
C ALA B 158 -3.51 21.15 -24.55
N ASP B 159 -4.70 21.72 -24.41
CA ASP B 159 -5.78 21.58 -25.38
C ASP B 159 -6.87 22.58 -25.00
N GLN B 160 -7.52 23.14 -26.03
CA GLN B 160 -8.49 24.22 -25.84
C GLN B 160 -9.93 23.68 -25.79
N GLY B 161 -10.11 22.38 -25.61
CA GLY B 161 -11.46 21.82 -25.61
C GLY B 161 -12.27 22.26 -24.41
N HIS B 162 -11.64 22.31 -23.23
CA HIS B 162 -12.33 22.56 -21.98
C HIS B 162 -11.64 23.69 -21.24
N TYR B 163 -12.39 24.37 -20.37
CA TYR B 163 -11.88 25.54 -19.66
C TYR B 163 -12.33 25.55 -18.20
N VAL B 164 -11.76 26.48 -17.45
CA VAL B 164 -12.09 26.70 -16.04
C VAL B 164 -11.93 28.19 -15.75
N GLU B 165 -12.66 28.68 -14.74
CA GLU B 165 -12.81 30.12 -14.57
C GLU B 165 -11.69 30.71 -13.70
N MET B 166 -11.42 31.99 -13.93
CA MET B 166 -10.54 32.80 -13.11
C MET B 166 -11.32 33.98 -12.57
N HIS B 167 -11.11 34.30 -11.28
CA HIS B 167 -11.81 35.38 -10.58
C HIS B 167 -10.79 36.16 -9.77
N GLN B 168 -11.14 37.42 -9.46
CA GLN B 168 -10.28 38.27 -8.64
C GLN B 168 -10.23 37.70 -7.23
N PRO B 169 -9.06 37.52 -6.61
CA PRO B 169 -9.02 36.89 -5.29
C PRO B 169 -9.75 37.72 -4.24
N GLY B 170 -10.39 37.02 -3.31
CA GLY B 170 -11.04 37.68 -2.19
C GLY B 170 -9.99 38.30 -1.27
N LEU B 171 -10.41 39.36 -0.57
CA LEU B 171 -9.53 40.00 0.39
C LEU B 171 -9.07 38.99 1.44
N VAL B 172 -7.75 38.85 1.56
CA VAL B 172 -7.12 37.80 2.35
C VAL B 172 -6.95 38.35 3.76
N ALA B 173 -7.68 37.80 4.72
CA ALA B 173 -7.59 38.26 6.10
C ALA B 173 -6.21 37.97 6.66
N ASP B 174 -5.76 38.82 7.58
CA ASP B 174 -4.44 38.68 8.18
C ASP B 174 -4.38 39.49 9.47
N HIS B 175 -3.44 39.09 10.33
CA HIS B 175 -3.14 39.80 11.57
C HIS B 175 -1.65 39.94 11.85
N SER B 176 -0.78 39.24 11.12
CA SER B 176 0.66 39.32 11.36
C SER B 176 1.24 40.67 10.99
N LEU B 177 0.57 41.43 10.11
CA LEU B 177 1.04 42.76 9.74
C LEU B 177 0.37 43.83 10.60
N LEU B 178 -0.07 43.46 11.79
CA LEU B 178 -0.60 44.39 12.78
C LEU B 178 0.33 44.36 13.99
N SER B 179 0.81 45.54 14.40
CA SER B 179 1.74 45.63 15.52
C SER B 179 1.31 46.71 16.49
N ILE B 180 2.13 47.01 17.49
CA ILE B 180 1.90 48.09 18.43
C ILE B 180 3.02 49.11 18.24
N HIS B 181 2.65 50.35 17.96
CA HIS B 181 3.66 51.37 17.65
C HIS B 181 4.29 51.91 18.94
N SER B 182 3.50 52.59 19.76
CA SER B 182 3.89 52.94 21.13
C SER B 182 2.96 52.28 22.14
N ALA B 183 1.65 52.54 22.07
CA ALA B 183 0.64 51.82 22.82
C ALA B 183 -0.63 51.67 21.98
N LYS B 184 -0.48 51.63 20.66
CA LYS B 184 -1.60 51.77 19.75
C LYS B 184 -1.35 50.87 18.54
N VAL B 185 -2.45 50.33 18.00
CA VAL B 185 -2.35 49.40 16.88
C VAL B 185 -1.80 50.13 15.66
N LYS B 186 -1.01 49.42 14.87
CA LYS B 186 -0.38 49.96 13.67
C LYS B 186 -0.49 48.93 12.55
N ILE B 187 -0.88 49.39 11.37
CA ILE B 187 -1.08 48.53 10.21
C ILE B 187 0.09 48.72 9.24
N THR B 188 0.94 47.71 9.11
CA THR B 188 2.14 47.79 8.28
C THR B 188 1.80 47.27 6.88
N VAL B 189 1.49 48.20 5.99
CA VAL B 189 1.19 47.88 4.59
C VAL B 189 2.45 47.29 3.97
N PRO B 190 2.38 46.19 3.19
CA PRO B 190 3.62 45.53 2.74
C PRO B 190 4.25 46.16 1.50
N SER B 191 3.92 47.42 1.18
CA SER B 191 4.54 48.09 0.06
C SER B 191 4.22 47.39 -1.26
N GLY B 192 2.96 47.46 -1.68
CA GLY B 192 2.50 46.72 -2.84
C GLY B 192 1.06 46.25 -2.74
N ALA B 193 0.44 46.45 -1.57
CA ALA B 193 -0.96 46.13 -1.37
C ALA B 193 -1.63 47.28 -0.62
N GLN B 194 -2.92 47.43 -0.87
CA GLN B 194 -3.75 48.44 -0.20
C GLN B 194 -4.51 47.73 0.91
N VAL B 195 -3.89 47.61 2.08
CA VAL B 195 -4.41 46.81 3.18
C VAL B 195 -5.68 47.47 3.71
N LYS B 196 -6.82 46.82 3.50
CA LYS B 196 -8.03 47.24 4.21
C LYS B 196 -7.89 46.86 5.68
N TYR B 197 -8.59 47.58 6.55
CA TYR B 197 -8.54 47.25 7.97
C TYR B 197 -9.92 47.45 8.59
N TYR B 198 -10.28 46.51 9.48
CA TYR B 198 -11.52 46.62 10.23
C TYR B 198 -11.21 46.31 11.69
N CYS B 199 -11.67 47.18 12.58
CA CYS B 199 -11.28 47.14 14.00
C CYS B 199 -12.49 47.52 14.83
N LYS B 200 -12.24 47.88 16.10
CA LYS B 200 -13.24 48.00 17.17
C LYS B 200 -14.55 48.66 16.71
N CYS B 201 -14.47 49.91 16.29
CA CYS B 201 -15.62 50.61 15.72
C CYS B 201 -15.51 50.61 14.21
N PRO B 202 -16.57 51.03 13.50
CA PRO B 202 -16.46 51.16 12.05
C PRO B 202 -15.33 52.11 11.68
N ASP B 203 -14.52 51.67 10.71
CA ASP B 203 -13.34 52.41 10.28
C ASP B 203 -13.43 52.60 8.77
N VAL B 204 -12.30 53.01 8.18
CA VAL B 204 -12.23 53.23 6.74
C VAL B 204 -12.29 51.88 6.04
N ARG B 205 -13.41 51.59 5.39
CA ARG B 205 -13.59 50.30 4.71
C ARG B 205 -13.11 50.37 3.27
N LYS B 206 -11.90 50.92 3.07
CA LYS B 206 -11.20 50.79 1.79
C LYS B 206 -9.69 50.60 1.94
N GLY B 207 -9.11 50.85 3.11
CA GLY B 207 -7.68 50.78 3.28
C GLY B 207 -6.96 51.97 2.70
N ILE B 208 -5.64 52.05 2.93
CA ILE B 208 -4.80 53.11 2.37
C ILE B 208 -3.41 52.53 2.15
N THR B 209 -2.76 52.97 1.08
CA THR B 209 -1.44 52.43 0.75
C THR B 209 -0.40 52.78 1.80
N SER B 210 -0.61 53.88 2.54
CA SER B 210 0.34 54.30 3.56
C SER B 210 0.08 53.56 4.87
N SER B 211 1.15 53.39 5.66
CA SER B 211 1.03 52.77 6.97
C SER B 211 0.13 53.61 7.87
N ASP B 212 -0.67 52.95 8.71
CA ASP B 212 -1.71 53.63 9.48
C ASP B 212 -1.66 53.12 10.92
N HIS B 213 -2.15 53.96 11.84
CA HIS B 213 -2.31 53.59 13.24
C HIS B 213 -3.54 54.32 13.76
N THR B 214 -4.56 53.57 14.16
CA THR B 214 -5.86 54.13 14.51
C THR B 214 -5.98 54.31 16.02
N THR B 215 -6.65 55.39 16.41
CA THR B 215 -6.79 55.76 17.82
C THR B 215 -8.02 55.16 18.48
N THR B 216 -8.95 54.59 17.72
CA THR B 216 -10.17 54.03 18.29
C THR B 216 -9.97 52.59 18.74
N CYS B 217 -8.72 52.10 18.71
CA CYS B 217 -8.39 50.76 19.15
C CYS B 217 -6.97 50.76 19.65
N THR B 218 -6.71 50.01 20.73
CA THR B 218 -5.42 50.06 21.41
C THR B 218 -4.70 48.71 21.35
N ASP B 219 -5.45 47.62 21.36
CA ASP B 219 -4.88 46.27 21.31
C ASP B 219 -5.24 45.61 20.00
N VAL B 220 -4.34 44.76 19.50
CA VAL B 220 -4.46 44.14 18.18
C VAL B 220 -5.71 43.26 18.08
N LYS B 221 -6.19 42.74 19.22
CA LYS B 221 -7.22 41.72 19.22
C LYS B 221 -8.60 42.25 18.79
N GLN B 222 -8.75 43.57 18.64
CA GLN B 222 -9.97 44.14 18.05
C GLN B 222 -9.66 44.88 16.75
N CYS B 223 -8.74 44.37 15.94
CA CYS B 223 -8.29 45.02 14.73
C CYS B 223 -7.63 43.98 13.82
N ARG B 224 -7.94 44.05 12.53
CA ARG B 224 -7.46 43.04 11.60
C ARG B 224 -7.34 43.65 10.21
N ALA B 225 -6.40 43.12 9.42
CA ALA B 225 -6.00 43.72 8.15
C ALA B 225 -6.29 42.73 7.02
N TYR B 226 -7.15 43.14 6.09
CA TYR B 226 -7.39 42.37 4.88
C TYR B 226 -6.37 42.81 3.83
N LEU B 227 -5.35 41.98 3.62
CA LEU B 227 -4.38 42.16 2.56
C LEU B 227 -5.02 41.81 1.22
N ILE B 228 -4.91 42.73 0.26
CA ILE B 228 -5.55 42.58 -1.03
C ILE B 228 -4.53 42.84 -2.12
N ASP B 229 -4.78 42.29 -3.30
CA ASP B 229 -3.93 42.53 -4.47
C ASP B 229 -4.77 42.26 -5.71
N ASN B 230 -4.84 43.24 -6.60
CA ASN B 230 -5.60 43.13 -7.85
C ASN B 230 -4.69 43.02 -9.06
N LYS B 231 -3.46 42.53 -8.88
CA LYS B 231 -2.51 42.37 -9.96
C LYS B 231 -2.37 40.94 -10.44
N LYS B 232 -2.69 39.96 -9.59
CA LYS B 232 -2.71 38.55 -9.98
C LYS B 232 -4.03 37.92 -9.55
N TRP B 233 -4.57 37.07 -10.42
CA TRP B 233 -5.86 36.44 -10.22
C TRP B 233 -5.68 35.02 -9.69
N VAL B 234 -6.77 34.46 -9.16
CA VAL B 234 -6.80 33.08 -8.71
C VAL B 234 -8.04 32.42 -9.32
N TYR B 235 -7.96 31.09 -9.43
CA TYR B 235 -9.11 30.30 -9.87
C TYR B 235 -10.12 30.25 -8.74
N ASN B 236 -11.39 30.53 -9.05
CA ASN B 236 -12.42 30.57 -8.03
C ASN B 236 -12.61 29.19 -7.43
N SER B 237 -12.14 29.01 -6.20
CA SER B 237 -12.23 27.74 -5.48
C SER B 237 -13.25 27.89 -4.36
N GLY B 238 -13.93 26.80 -4.04
CA GLY B 238 -14.92 26.81 -2.98
C GLY B 238 -14.33 27.02 -1.59
N ARG B 239 -13.02 26.88 -1.45
CA ARG B 239 -12.34 26.97 -0.16
C ARG B 239 -11.74 28.35 0.09
N LEU B 240 -11.93 29.31 -0.82
CA LEU B 240 -11.47 30.67 -0.64
C LEU B 240 -12.65 31.61 -0.44
N PRO B 241 -12.49 32.71 0.29
CA PRO B 241 -13.59 33.68 0.39
C PRO B 241 -13.73 34.45 -0.92
N ARG B 242 -14.97 34.61 -1.37
CA ARG B 242 -15.23 35.40 -2.57
C ARG B 242 -15.25 36.88 -2.23
N GLY B 243 -14.44 37.65 -2.95
CA GLY B 243 -14.38 39.08 -2.74
C GLY B 243 -15.46 39.81 -3.51
N GLU B 244 -15.29 41.13 -3.61
CA GLU B 244 -16.17 41.99 -4.39
C GLU B 244 -15.77 42.05 -5.86
N GLY B 245 -14.74 41.33 -6.27
CA GLY B 245 -14.36 41.26 -7.67
C GLY B 245 -15.29 40.37 -8.45
N ASP B 246 -16.55 40.81 -8.64
CA ASP B 246 -17.57 40.02 -9.31
C ASP B 246 -17.53 40.19 -10.83
N THR B 247 -16.41 40.63 -11.38
CA THR B 247 -16.23 40.80 -12.82
C THR B 247 -15.15 39.82 -13.31
N PHE B 248 -14.82 39.92 -14.60
CA PHE B 248 -13.73 39.15 -15.17
C PHE B 248 -13.90 37.64 -15.00
N LYS B 249 -14.90 37.06 -15.67
CA LYS B 249 -14.99 35.61 -15.76
C LYS B 249 -13.87 35.07 -16.66
N GLY B 250 -12.65 35.15 -16.13
CA GLY B 250 -11.47 34.80 -16.90
C GLY B 250 -11.46 33.32 -17.24
N LYS B 251 -10.62 32.92 -18.19
CA LYS B 251 -10.67 31.56 -18.71
C LYS B 251 -9.27 30.95 -18.71
N LEU B 252 -9.22 29.66 -18.41
CA LEU B 252 -7.99 28.88 -18.49
C LEU B 252 -8.30 27.56 -19.18
N HIS B 253 -7.47 27.18 -20.15
CA HIS B 253 -7.57 25.82 -20.66
C HIS B 253 -7.25 24.81 -19.56
N VAL B 254 -7.95 23.69 -19.57
CA VAL B 254 -7.66 22.56 -18.69
C VAL B 254 -6.58 21.72 -19.37
N PRO B 255 -5.39 21.54 -18.75
CA PRO B 255 -4.28 20.93 -19.49
C PRO B 255 -4.54 19.52 -19.98
N PHE B 256 -4.81 18.60 -19.06
CA PHE B 256 -5.00 17.20 -19.39
C PHE B 256 -6.49 16.89 -19.42
N VAL B 257 -7.02 16.70 -20.62
CA VAL B 257 -8.46 16.49 -20.82
C VAL B 257 -8.69 15.05 -21.25
N PRO B 258 -9.85 14.46 -20.96
CA PRO B 258 -10.11 13.08 -21.40
C PRO B 258 -10.21 12.97 -22.91
N VAL B 259 -9.52 11.98 -23.50
CA VAL B 259 -9.60 11.71 -24.92
C VAL B 259 -9.57 10.20 -25.12
N LYS B 260 -9.97 9.79 -26.32
CA LYS B 260 -9.95 8.38 -26.68
C LYS B 260 -8.51 7.93 -26.92
N ALA B 261 -8.27 6.64 -26.63
CA ALA B 261 -6.97 6.02 -26.81
C ALA B 261 -7.16 4.51 -26.86
N LYS B 262 -6.06 3.77 -26.96
CA LYS B 262 -6.10 2.31 -27.05
C LYS B 262 -5.50 1.73 -25.78
N CYS B 263 -6.26 0.90 -25.09
CA CYS B 263 -5.84 0.26 -23.84
C CYS B 263 -5.74 -1.24 -24.06
N ILE B 264 -4.68 -1.84 -23.50
CA ILE B 264 -4.49 -3.28 -23.63
C ILE B 264 -5.44 -4.01 -22.69
N ALA B 265 -6.06 -5.08 -23.20
CA ALA B 265 -6.97 -5.90 -22.43
C ALA B 265 -6.52 -7.35 -22.51
N THR B 266 -6.61 -8.04 -21.38
CA THR B 266 -6.08 -9.39 -21.23
C THR B 266 -6.82 -10.34 -22.15
N LEU B 267 -6.07 -11.09 -22.96
CA LEU B 267 -6.63 -12.28 -23.60
C LEU B 267 -6.59 -13.45 -22.63
N ALA B 268 -7.77 -13.90 -22.23
CA ALA B 268 -7.91 -14.98 -21.28
C ALA B 268 -7.45 -16.29 -21.91
N PRO B 269 -7.11 -17.29 -21.10
CA PRO B 269 -6.75 -18.60 -21.67
C PRO B 269 -7.90 -19.16 -22.49
N GLU B 270 -7.56 -19.75 -23.63
CA GLU B 270 -8.58 -20.32 -24.49
C GLU B 270 -9.27 -21.47 -23.78
N PRO B 271 -10.59 -21.63 -23.95
CA PRO B 271 -11.30 -22.71 -23.26
C PRO B 271 -11.12 -24.04 -23.99
N LEU B 272 -11.37 -25.12 -23.25
CA LEU B 272 -11.44 -26.45 -23.84
C LEU B 272 -12.87 -26.70 -24.28
N VAL B 273 -13.07 -26.82 -25.59
CA VAL B 273 -14.37 -27.13 -26.17
C VAL B 273 -14.46 -28.63 -26.35
N GLU B 274 -15.49 -29.24 -25.75
CA GLU B 274 -15.84 -30.64 -25.98
C GLU B 274 -17.20 -30.63 -26.65
N HIS B 275 -17.17 -30.84 -27.97
CA HIS B 275 -18.38 -30.73 -28.80
C HIS B 275 -19.06 -32.08 -28.88
N LYS B 276 -19.44 -32.63 -27.72
CA LYS B 276 -20.24 -33.83 -27.72
C LYS B 276 -21.60 -33.45 -28.28
N HIS B 277 -22.01 -34.15 -29.34
CA HIS B 277 -23.10 -33.68 -30.18
C HIS B 277 -24.41 -33.66 -29.38
N ARG B 278 -25.29 -32.75 -29.78
CA ARG B 278 -26.51 -32.30 -29.10
C ARG B 278 -26.22 -31.26 -28.02
N THR B 279 -24.96 -30.95 -27.75
CA THR B 279 -24.63 -29.92 -26.76
C THR B 279 -23.18 -29.49 -26.96
N LEU B 280 -22.67 -28.68 -26.03
CA LEU B 280 -21.31 -28.15 -26.10
C LEU B 280 -20.82 -27.94 -24.68
N ILE B 281 -19.79 -28.70 -24.28
CA ILE B 281 -19.18 -28.53 -22.97
C ILE B 281 -18.01 -27.57 -23.12
N LEU B 282 -17.86 -26.68 -22.14
CA LEU B 282 -16.87 -25.61 -22.20
C LEU B 282 -16.16 -25.60 -20.85
N HIS B 283 -14.89 -26.00 -20.83
CA HIS B 283 -14.05 -25.87 -19.65
C HIS B 283 -13.30 -24.56 -19.74
N LEU B 284 -13.54 -23.68 -18.76
CA LEU B 284 -12.99 -22.34 -18.72
C LEU B 284 -12.03 -22.25 -17.55
N HIS B 285 -10.84 -21.71 -17.78
CA HIS B 285 -9.78 -21.62 -16.78
C HIS B 285 -9.26 -20.18 -16.74
N PRO B 286 -10.04 -19.26 -16.17
CA PRO B 286 -9.61 -17.86 -16.12
C PRO B 286 -8.49 -17.58 -15.14
N ASP B 287 -7.86 -16.41 -15.29
CA ASP B 287 -6.93 -15.89 -14.29
C ASP B 287 -7.44 -14.62 -13.63
N HIS B 288 -8.39 -13.92 -14.24
CA HIS B 288 -9.12 -12.80 -13.65
C HIS B 288 -10.60 -13.05 -13.87
N PRO B 289 -11.48 -12.39 -13.09
CA PRO B 289 -12.92 -12.48 -13.38
C PRO B 289 -13.23 -12.13 -14.83
N THR B 290 -13.68 -13.13 -15.58
CA THR B 290 -13.96 -13.01 -17.01
C THR B 290 -15.45 -13.16 -17.27
N LEU B 291 -15.89 -12.71 -18.44
CA LEU B 291 -17.28 -12.81 -18.85
C LEU B 291 -17.47 -13.97 -19.83
N LEU B 292 -18.63 -14.62 -19.73
CA LEU B 292 -19.08 -15.60 -20.71
C LEU B 292 -20.51 -15.24 -21.06
N THR B 293 -20.74 -14.87 -22.32
CA THR B 293 -22.06 -14.48 -22.81
C THR B 293 -22.40 -15.30 -24.03
N THR B 294 -23.56 -15.97 -24.00
CA THR B 294 -23.99 -16.84 -25.08
C THR B 294 -25.42 -16.51 -25.47
N ARG B 295 -25.73 -16.73 -26.75
CA ARG B 295 -27.07 -16.51 -27.29
C ARG B 295 -27.33 -17.50 -28.41
N SER B 296 -28.58 -17.98 -28.47
CA SER B 296 -29.03 -18.85 -29.54
C SER B 296 -29.45 -18.02 -30.74
N LEU B 297 -29.16 -18.54 -31.94
CA LEU B 297 -29.41 -17.81 -33.18
C LEU B 297 -30.76 -18.13 -33.78
N GLY B 298 -31.74 -18.51 -32.96
CA GLY B 298 -33.08 -18.82 -33.42
C GLY B 298 -34.08 -17.74 -33.04
N SER B 299 -35.37 -18.06 -33.15
CA SER B 299 -36.40 -17.10 -32.78
C SER B 299 -36.37 -16.75 -31.31
N ASP B 300 -35.86 -17.64 -30.46
CA ASP B 300 -35.70 -17.42 -29.03
C ASP B 300 -34.21 -17.30 -28.74
N ALA B 301 -33.75 -16.08 -28.46
CA ALA B 301 -32.34 -15.84 -28.21
C ALA B 301 -31.86 -16.63 -26.99
N ASN B 302 -32.62 -16.56 -25.89
CA ASN B 302 -32.30 -17.28 -24.67
C ASN B 302 -30.89 -16.94 -24.20
N PRO B 303 -30.60 -15.68 -23.93
CA PRO B 303 -29.24 -15.30 -23.57
C PRO B 303 -28.82 -15.86 -22.22
N THR B 304 -27.52 -16.03 -22.06
CA THR B 304 -26.92 -16.50 -20.81
C THR B 304 -25.60 -15.79 -20.58
N ARG B 305 -25.56 -14.93 -19.56
CA ARG B 305 -24.38 -14.10 -19.29
C ARG B 305 -23.97 -14.35 -17.85
N GLN B 306 -22.69 -14.66 -17.63
CA GLN B 306 -22.21 -14.90 -16.27
C GLN B 306 -20.73 -14.60 -16.16
N TRP B 307 -20.32 -14.18 -14.97
CA TRP B 307 -18.93 -13.86 -14.67
C TRP B 307 -18.27 -15.10 -14.07
N ILE B 308 -17.37 -15.71 -14.83
CA ILE B 308 -16.58 -16.83 -14.35
C ILE B 308 -15.34 -16.30 -13.64
N GLU B 309 -15.18 -16.67 -12.38
CA GLU B 309 -14.08 -16.19 -11.55
C GLU B 309 -13.04 -17.25 -11.23
N ARG B 310 -13.32 -18.52 -11.48
CA ARG B 310 -12.39 -19.61 -11.20
C ARG B 310 -12.60 -20.68 -12.25
N PRO B 311 -11.73 -21.71 -12.28
CA PRO B 311 -11.93 -22.80 -13.23
C PRO B 311 -13.31 -23.44 -13.08
N THR B 312 -13.97 -23.67 -14.23
CA THR B 312 -15.37 -24.04 -14.24
C THR B 312 -15.65 -24.85 -15.50
N THR B 313 -16.74 -25.62 -15.47
CA THR B 313 -17.20 -26.36 -16.64
C THR B 313 -18.69 -26.05 -16.82
N VAL B 314 -19.06 -25.54 -17.99
CA VAL B 314 -20.45 -25.16 -18.29
C VAL B 314 -20.88 -25.86 -19.57
N ASN B 315 -22.12 -26.34 -19.57
CA ASN B 315 -22.69 -27.07 -20.70
C ASN B 315 -23.81 -26.24 -21.31
N PHE B 316 -23.71 -25.97 -22.61
CA PHE B 316 -24.75 -25.27 -23.36
C PHE B 316 -25.43 -26.23 -24.34
N THR B 317 -26.68 -25.93 -24.65
CA THR B 317 -27.50 -26.76 -25.54
C THR B 317 -27.48 -26.13 -26.93
N VAL B 318 -26.72 -26.74 -27.83
CA VAL B 318 -26.63 -26.28 -29.22
C VAL B 318 -27.68 -27.03 -30.01
N THR B 319 -28.69 -26.32 -30.49
CA THR B 319 -29.74 -26.89 -31.31
C THR B 319 -29.29 -26.85 -32.77
N GLY B 320 -30.17 -27.22 -33.71
CA GLY B 320 -29.82 -27.25 -35.11
C GLY B 320 -29.84 -25.90 -35.80
N GLU B 321 -30.22 -24.83 -35.09
CA GLU B 321 -30.27 -23.50 -35.67
C GLU B 321 -29.06 -22.63 -35.36
N GLY B 322 -28.36 -22.89 -34.26
CA GLY B 322 -27.10 -22.24 -33.99
C GLY B 322 -27.00 -21.74 -32.57
N LEU B 323 -25.75 -21.69 -32.10
CA LEU B 323 -25.41 -21.05 -30.84
C LEU B 323 -24.19 -20.18 -31.07
N GLU B 324 -24.09 -19.11 -30.29
CA GLU B 324 -22.94 -18.21 -30.34
C GLU B 324 -22.50 -17.94 -28.91
N TYR B 325 -21.18 -17.94 -28.69
CA TYR B 325 -20.61 -17.66 -27.38
C TYR B 325 -19.41 -16.74 -27.51
N THR B 326 -19.29 -15.81 -26.58
CA THR B 326 -18.14 -14.93 -26.48
C THR B 326 -17.60 -15.01 -25.06
N TRP B 327 -16.28 -15.14 -24.95
CA TRP B 327 -15.60 -15.40 -23.69
C TRP B 327 -14.39 -14.49 -23.59
N GLY B 328 -14.40 -13.60 -22.59
CA GLY B 328 -13.32 -12.64 -22.45
C GLY B 328 -13.29 -11.68 -23.61
N ASN B 329 -12.08 -11.18 -23.91
CA ASN B 329 -11.87 -10.25 -25.03
C ASN B 329 -11.75 -10.96 -26.37
N HIS B 330 -12.03 -12.26 -26.42
CA HIS B 330 -12.01 -13.00 -27.67
C HIS B 330 -13.19 -12.57 -28.53
N PRO B 331 -13.11 -12.73 -29.85
CA PRO B 331 -14.25 -12.41 -30.70
C PRO B 331 -15.33 -13.47 -30.55
N PRO B 332 -16.59 -13.14 -30.87
CA PRO B 332 -17.64 -14.16 -30.77
C PRO B 332 -17.36 -15.34 -31.68
N LYS B 333 -17.70 -16.54 -31.19
CA LYS B 333 -17.59 -17.78 -31.95
C LYS B 333 -18.98 -18.38 -32.10
N ARG B 334 -19.19 -19.06 -33.22
CA ARG B 334 -20.48 -19.65 -33.56
C ARG B 334 -20.33 -21.14 -33.82
N VAL B 335 -21.35 -21.91 -33.43
CA VAL B 335 -21.35 -23.36 -33.64
C VAL B 335 -22.78 -23.79 -33.96
N TRP B 336 -22.93 -24.57 -35.03
CA TRP B 336 -24.19 -25.22 -35.36
C TRP B 336 -24.00 -26.73 -35.24
N ALA B 337 -24.87 -27.38 -34.47
CA ALA B 337 -24.68 -28.77 -34.07
C ALA B 337 -25.97 -29.54 -34.23
N GLN B 338 -25.93 -30.62 -35.01
CA GLN B 338 -26.99 -31.62 -35.09
C GLN B 338 -26.42 -32.83 -35.83
N GLU B 339 -27.29 -33.77 -36.18
CA GLU B 339 -26.94 -34.94 -36.99
C GLU B 339 -26.19 -35.99 -36.16
N SER B 340 -26.40 -36.00 -34.84
CA SER B 340 -25.82 -37.06 -34.02
C SER B 340 -26.41 -38.41 -34.41
N GLY B 341 -25.57 -39.45 -34.42
CA GLY B 341 -25.97 -40.77 -34.87
C GLY B 341 -26.46 -41.72 -33.80
N GLU B 342 -26.83 -41.24 -32.62
CA GLU B 342 -27.27 -42.13 -31.55
C GLU B 342 -28.56 -42.84 -31.97
N GLY B 343 -28.61 -44.14 -31.73
CA GLY B 343 -29.73 -44.94 -32.14
C GLY B 343 -29.61 -45.39 -33.59
N ASN B 344 -30.57 -46.22 -34.00
CA ASN B 344 -30.61 -46.74 -35.36
C ASN B 344 -32.07 -46.82 -35.83
N PRO B 345 -32.49 -46.02 -36.82
CA PRO B 345 -33.90 -46.07 -37.25
C PRO B 345 -34.29 -47.39 -37.90
N HIS B 346 -33.32 -48.22 -38.29
CA HIS B 346 -33.62 -49.45 -39.01
C HIS B 346 -33.70 -50.64 -38.06
N TYR C 1 -60.89 27.49 41.07
CA TYR C 1 -61.74 26.31 40.72
C TYR C 1 -60.88 25.12 40.32
N GLU C 2 -61.24 23.96 40.86
CA GLU C 2 -60.54 22.70 40.60
C GLU C 2 -61.30 21.94 39.52
N HIS C 3 -60.72 21.89 38.33
CA HIS C 3 -61.29 21.17 37.19
C HIS C 3 -60.53 19.88 36.98
N THR C 4 -61.28 18.78 36.84
CA THR C 4 -60.72 17.46 36.65
C THR C 4 -61.04 16.96 35.25
N ALA C 5 -60.09 16.21 34.67
CA ALA C 5 -60.29 15.63 33.35
C ALA C 5 -59.33 14.48 33.12
N VAL C 6 -59.37 13.88 31.93
CA VAL C 6 -58.47 12.79 31.57
C VAL C 6 -58.07 12.97 30.11
N MET C 7 -56.77 13.28 29.86
CA MET C 7 -56.34 13.52 28.49
C MET C 7 -55.35 12.45 28.04
N PRO C 8 -55.28 12.17 26.74
CA PRO C 8 -54.42 11.08 26.28
C PRO C 8 -52.94 11.40 26.46
N ASN C 9 -52.15 10.35 26.62
CA ASN C 9 -50.71 10.48 26.85
C ASN C 9 -50.00 10.68 25.52
N LYS C 10 -50.28 11.83 24.92
CA LYS C 10 -49.63 12.27 23.68
C LYS C 10 -49.07 13.67 23.88
N VAL C 11 -47.93 13.92 23.24
CA VAL C 11 -47.09 15.06 23.61
C VAL C 11 -47.40 16.28 22.73
N GLY C 12 -47.17 16.14 21.43
CA GLY C 12 -47.25 17.30 20.56
C GLY C 12 -48.62 17.95 20.55
N ILE C 13 -49.67 17.13 20.65
CA ILE C 13 -51.03 17.66 20.52
C ILE C 13 -51.45 18.28 21.85
N PRO C 14 -52.27 19.33 21.87
CA PRO C 14 -52.73 19.90 23.14
C PRO C 14 -54.07 19.32 23.57
N TYR C 15 -54.37 19.53 24.85
CA TYR C 15 -55.69 19.26 25.42
C TYR C 15 -56.34 20.57 25.79
N LYS C 16 -57.48 20.87 25.16
CA LYS C 16 -58.24 22.08 25.42
C LYS C 16 -59.52 21.74 26.16
N ALA C 17 -59.89 22.62 27.11
CA ALA C 17 -61.10 22.39 27.88
C ALA C 17 -61.67 23.68 28.45
N LEU C 18 -62.99 23.78 28.48
CA LEU C 18 -63.69 24.93 29.04
C LEU C 18 -64.11 24.61 30.47
N VAL C 19 -63.49 25.27 31.43
CA VAL C 19 -63.92 25.17 32.82
C VAL C 19 -65.06 26.16 33.04
N GLU C 20 -66.16 25.67 33.60
CA GLU C 20 -67.40 26.43 33.78
C GLU C 20 -67.71 26.52 35.26
N ARG C 21 -67.21 27.57 35.91
CA ARG C 21 -67.52 27.80 37.31
C ARG C 21 -68.92 28.42 37.39
N PRO C 22 -69.86 27.86 38.15
CA PRO C 22 -71.20 28.45 38.19
C PRO C 22 -71.19 29.91 38.64
N GLY C 23 -71.89 30.76 37.88
CA GLY C 23 -71.98 32.17 38.15
C GLY C 23 -70.90 32.98 37.47
N TYR C 24 -69.93 32.32 36.84
CA TYR C 24 -68.80 32.98 36.21
C TYR C 24 -68.65 32.49 34.77
N ALA C 25 -68.03 33.33 33.94
CA ALA C 25 -67.87 33.01 32.53
C ALA C 25 -66.91 31.84 32.37
N PRO C 26 -67.08 30.99 31.35
CA PRO C 26 -66.14 29.88 31.17
C PRO C 26 -64.74 30.38 30.84
N VAL C 27 -63.73 29.59 31.23
CA VAL C 27 -62.34 29.86 30.91
C VAL C 27 -61.82 28.70 30.07
N HIS C 28 -61.21 29.05 28.93
CA HIS C 28 -60.68 28.05 27.99
C HIS C 28 -59.21 27.82 28.32
N LEU C 29 -58.95 26.67 28.94
CA LEU C 29 -57.59 26.31 29.34
C LEU C 29 -57.01 25.26 28.40
N GLN C 30 -55.73 25.45 28.08
CA GLN C 30 -54.94 24.52 27.28
C GLN C 30 -53.81 23.95 28.13
N ILE C 31 -53.69 22.63 28.10
CA ILE C 31 -52.56 21.92 28.69
C ILE C 31 -51.93 21.03 27.63
N GLN C 32 -50.63 21.20 27.41
CA GLN C 32 -49.90 20.44 26.40
C GLN C 32 -48.68 19.81 27.04
N LEU C 33 -48.53 18.50 26.88
CA LEU C 33 -47.34 17.82 27.34
C LEU C 33 -46.17 18.16 26.40
N VAL C 34 -44.99 18.32 27.00
CA VAL C 34 -43.76 18.51 26.24
C VAL C 34 -42.78 17.38 26.42
N ASN C 35 -42.80 16.67 27.54
CA ASN C 35 -41.99 15.50 27.78
C ASN C 35 -42.74 14.59 28.73
N THR C 36 -42.63 13.27 28.51
CA THR C 36 -43.16 12.27 29.44
C THR C 36 -42.01 11.30 29.69
N ARG C 37 -41.17 11.63 30.67
CA ARG C 37 -39.99 10.83 30.97
C ARG C 37 -40.30 9.87 32.12
N ILE C 38 -40.27 8.58 31.83
CA ILE C 38 -40.36 7.54 32.84
C ILE C 38 -38.91 7.15 33.16
N ILE C 39 -38.53 7.31 34.42
CA ILE C 39 -37.13 7.21 34.84
C ILE C 39 -37.01 6.05 35.82
N PRO C 40 -36.54 4.86 35.38
CA PRO C 40 -36.37 3.76 36.33
C PRO C 40 -35.23 3.99 37.30
N SER C 41 -35.22 3.25 38.40
CA SER C 41 -34.13 3.26 39.37
C SER C 41 -33.23 2.08 39.07
N THR C 42 -31.94 2.34 38.91
CA THR C 42 -31.01 1.36 38.37
C THR C 42 -29.99 0.99 39.45
N ASN C 43 -29.17 -0.01 39.14
CA ASN C 43 -28.13 -0.47 40.06
C ASN C 43 -26.99 -1.00 39.19
N LEU C 44 -25.85 -0.31 39.23
CA LEU C 44 -24.70 -0.67 38.41
C LEU C 44 -24.12 -1.99 38.92
N GLU C 45 -24.40 -3.08 38.19
CA GLU C 45 -23.83 -4.36 38.57
C GLU C 45 -22.34 -4.39 38.29
N TYR C 46 -21.92 -3.98 37.10
CA TYR C 46 -20.51 -3.93 36.73
C TYR C 46 -20.39 -3.15 35.43
N ILE C 47 -19.17 -3.01 34.94
CA ILE C 47 -18.91 -2.57 33.57
C ILE C 47 -17.94 -3.57 32.94
N THR C 48 -18.25 -4.00 31.73
CA THR C 48 -17.39 -4.89 30.96
C THR C 48 -16.74 -4.12 29.82
N CYS C 49 -15.48 -4.42 29.57
CA CYS C 49 -14.68 -3.70 28.59
C CYS C 49 -13.64 -4.66 28.03
N LYS C 50 -12.91 -4.21 27.01
CA LYS C 50 -11.82 -4.99 26.46
C LYS C 50 -10.75 -5.16 27.52
N TYR C 51 -10.25 -6.40 27.66
CA TYR C 51 -9.18 -6.65 28.62
C TYR C 51 -7.84 -6.19 28.06
N LYS C 52 -6.78 -6.41 28.85
CA LYS C 52 -5.42 -6.20 28.38
C LYS C 52 -4.53 -7.21 29.12
N THR C 53 -3.98 -8.15 28.37
CA THR C 53 -3.00 -9.07 28.93
C THR C 53 -1.65 -8.40 29.01
N LYS C 54 -1.01 -8.50 30.17
CA LYS C 54 0.32 -7.94 30.39
C LYS C 54 1.25 -9.04 30.89
N VAL C 55 2.53 -8.90 30.53
CA VAL C 55 3.54 -9.89 30.85
C VAL C 55 4.76 -9.18 31.46
N PRO C 56 5.11 -9.43 32.72
CA PRO C 56 6.40 -8.92 33.23
C PRO C 56 7.55 -9.73 32.67
N SER C 57 8.75 -9.27 33.00
CA SER C 57 9.95 -9.90 32.47
C SER C 57 10.07 -11.33 33.00
N PRO C 58 10.38 -12.31 32.15
CA PRO C 58 10.69 -13.65 32.68
C PRO C 58 11.97 -13.63 33.49
N VAL C 59 12.11 -14.63 34.37
CA VAL C 59 13.15 -14.66 35.40
C VAL C 59 14.05 -15.86 35.09
N VAL C 60 14.29 -16.11 33.79
CA VAL C 60 15.07 -17.23 33.29
C VAL C 60 16.34 -17.43 34.11
N LYS C 61 16.63 -18.69 34.46
CA LYS C 61 17.73 -19.03 35.35
C LYS C 61 18.58 -20.10 34.67
N CYS C 62 19.91 -19.98 34.80
CA CYS C 62 20.80 -20.76 33.95
C CYS C 62 21.04 -22.17 34.47
N CYS C 63 21.66 -22.27 35.64
CA CYS C 63 22.11 -23.56 36.16
C CYS C 63 21.36 -23.84 37.45
N GLY C 64 20.27 -24.59 37.34
CA GLY C 64 19.37 -24.85 38.43
C GLY C 64 17.94 -24.81 37.91
N ALA C 65 17.02 -24.42 38.79
CA ALA C 65 15.62 -24.28 38.39
C ALA C 65 14.84 -23.64 39.52
N THR C 66 13.68 -23.08 39.16
CA THR C 66 12.75 -22.50 40.11
C THR C 66 11.34 -22.93 39.73
N GLN C 67 10.45 -22.93 40.72
CA GLN C 67 9.05 -23.27 40.55
C GLN C 67 8.20 -22.08 40.97
N CYS C 68 7.15 -21.81 40.19
CA CYS C 68 6.36 -20.61 40.38
C CYS C 68 5.33 -20.83 41.48
N THR C 69 4.80 -19.73 41.98
CA THR C 69 3.74 -19.72 42.98
C THR C 69 2.42 -19.33 42.33
N SER C 70 1.37 -19.35 43.14
CA SER C 70 0.05 -18.88 42.74
C SER C 70 -0.20 -17.51 43.36
N LYS C 71 -0.47 -16.52 42.52
CA LYS C 71 -0.60 -15.13 42.96
C LYS C 71 -2.03 -14.64 42.72
N PRO C 72 -2.50 -13.63 43.47
CA PRO C 72 -3.90 -13.22 43.35
C PRO C 72 -4.12 -12.17 42.27
N HIS C 73 -3.94 -12.57 41.00
CA HIS C 73 -4.25 -11.74 39.86
C HIS C 73 -5.25 -12.48 38.97
N PRO C 74 -6.11 -11.74 38.24
CA PRO C 74 -7.02 -12.43 37.30
C PRO C 74 -6.28 -13.21 36.23
N ASP C 75 -6.66 -14.47 36.07
CA ASP C 75 -6.07 -15.39 35.08
C ASP C 75 -4.55 -15.44 35.19
N TYR C 76 -4.02 -15.54 36.40
CA TYR C 76 -2.58 -15.69 36.59
C TYR C 76 -2.12 -17.07 36.13
N GLN C 77 -1.20 -17.08 35.17
CA GLN C 77 -0.68 -18.31 34.58
C GLN C 77 0.82 -18.40 34.80
N CYS C 78 1.26 -19.59 35.21
CA CYS C 78 2.67 -19.90 35.39
C CYS C 78 2.91 -21.36 35.03
N GLN C 79 4.06 -21.61 34.40
CA GLN C 79 4.56 -22.97 34.18
C GLN C 79 5.99 -22.93 33.66
N VAL C 80 6.78 -23.95 33.99
CA VAL C 80 8.21 -23.92 33.78
C VAL C 80 8.54 -24.57 32.44
N PHE C 81 9.41 -23.93 31.67
CA PHE C 81 9.84 -24.42 30.37
C PHE C 81 11.28 -24.92 30.49
N SER C 82 11.49 -26.17 30.13
CA SER C 82 12.77 -26.85 30.33
C SER C 82 13.54 -26.94 29.02
N GLY C 83 14.83 -26.63 29.08
CA GLY C 83 15.69 -26.75 27.93
C GLY C 83 15.46 -25.67 26.90
N VAL C 84 15.76 -24.43 27.25
CA VAL C 84 15.49 -23.28 26.39
C VAL C 84 16.76 -22.76 25.70
N TYR C 85 17.82 -22.50 26.48
CA TYR C 85 19.06 -21.94 25.94
C TYR C 85 18.79 -20.70 25.11
N PRO C 86 18.25 -19.63 25.71
CA PRO C 86 17.93 -18.43 24.92
C PRO C 86 19.16 -17.62 24.53
N PHE C 87 19.02 -16.82 23.48
CA PHE C 87 20.06 -15.92 23.00
C PHE C 87 19.70 -14.48 23.35
N MET C 88 20.61 -13.56 23.08
CA MET C 88 20.43 -12.13 23.35
C MET C 88 21.40 -11.37 22.47
N TYR C 89 21.19 -10.06 22.36
CA TYR C 89 22.10 -9.23 21.58
C TYR C 89 23.52 -9.35 22.10
N GLY C 90 24.45 -9.62 21.19
CA GLY C 90 25.85 -9.73 21.53
C GLY C 90 26.12 -10.75 22.63
N GLY C 91 25.44 -11.88 22.59
CA GLY C 91 25.58 -12.87 23.65
C GLY C 91 24.81 -14.15 23.39
N ALA C 92 25.12 -15.18 24.19
CA ALA C 92 24.44 -16.48 24.15
C ALA C 92 24.02 -16.80 25.58
N TYR C 93 22.81 -16.36 25.94
CA TYR C 93 22.35 -16.39 27.32
C TYR C 93 22.39 -17.77 27.95
N CYS C 94 22.82 -17.84 29.21
CA CYS C 94 22.56 -18.97 30.10
C CYS C 94 23.13 -20.27 29.52
N PHE C 95 24.46 -20.39 29.52
CA PHE C 95 25.21 -21.36 28.73
C PHE C 95 24.97 -22.81 29.13
N CYS C 96 24.33 -23.10 30.27
CA CYS C 96 24.35 -24.46 30.83
C CYS C 96 23.86 -25.56 29.89
N ASP C 97 23.28 -25.18 28.74
CA ASP C 97 22.96 -26.07 27.62
C ASP C 97 21.73 -26.96 27.90
N THR C 98 21.23 -26.94 29.13
CA THR C 98 19.87 -27.40 29.42
C THR C 98 19.48 -26.67 30.71
N GLU C 99 18.79 -25.55 30.55
CA GLU C 99 18.58 -24.63 31.67
C GLU C 99 17.51 -25.17 32.61
N ASN C 100 16.57 -25.95 32.06
CA ASN C 100 15.46 -26.52 32.80
C ASN C 100 14.47 -25.48 33.29
N THR C 101 14.58 -24.23 32.85
CA THR C 101 13.67 -23.19 33.32
C THR C 101 13.67 -22.00 32.36
N GLN C 102 12.46 -21.58 32.00
CA GLN C 102 12.20 -20.21 31.58
C GLN C 102 10.82 -19.86 32.08
N MET C 103 10.74 -18.86 32.96
CA MET C 103 9.48 -18.49 33.56
C MET C 103 8.61 -17.80 32.50
N SER C 104 7.30 -17.85 32.70
CA SER C 104 6.34 -17.16 31.85
C SER C 104 5.15 -16.76 32.69
N GLU C 105 4.94 -15.45 32.87
CA GLU C 105 3.96 -14.91 33.81
C GLU C 105 3.00 -14.01 33.02
N ALA C 106 1.94 -14.62 32.50
CA ALA C 106 0.90 -13.89 31.78
C ALA C 106 -0.35 -13.78 32.65
N TYR C 107 -0.92 -12.58 32.67
CA TYR C 107 -2.14 -12.34 33.44
C TYR C 107 -2.88 -11.13 32.89
N VAL C 108 -4.21 -11.13 33.07
CA VAL C 108 -5.10 -10.15 32.48
C VAL C 108 -5.28 -9.00 33.46
N GLU C 109 -5.58 -7.81 32.92
CA GLU C 109 -5.97 -6.68 33.75
C GLU C 109 -6.91 -5.79 32.93
N ARG C 110 -7.47 -4.79 33.59
CA ARG C 110 -8.31 -3.81 32.91
C ARG C 110 -7.47 -3.01 31.91
N SER C 111 -8.04 -2.77 30.73
CA SER C 111 -7.30 -2.16 29.65
C SER C 111 -7.17 -0.65 29.89
N GLU C 112 -6.52 0.04 28.94
CA GLU C 112 -6.34 1.48 29.00
C GLU C 112 -7.52 2.24 28.40
N GLU C 113 -8.20 1.64 27.42
CA GLU C 113 -9.41 2.23 26.83
C GLU C 113 -10.66 1.91 27.62
N CYS C 114 -10.60 1.08 28.65
CA CYS C 114 -11.76 0.69 29.44
C CYS C 114 -12.34 1.85 30.23
N SER C 115 -11.53 2.88 30.51
CA SER C 115 -11.98 4.04 31.25
C SER C 115 -12.73 5.06 30.39
N ILE C 116 -12.80 4.84 29.07
CA ILE C 116 -13.44 5.77 28.15
C ILE C 116 -14.68 5.10 27.58
N ASP C 117 -14.53 3.89 27.03
CA ASP C 117 -15.65 3.11 26.51
C ASP C 117 -15.79 1.81 27.30
N HIS C 118 -17.03 1.47 27.63
CA HIS C 118 -17.34 0.24 28.34
C HIS C 118 -18.86 0.07 28.35
N ALA C 119 -19.30 -1.16 28.56
CA ALA C 119 -20.72 -1.47 28.63
C ALA C 119 -21.11 -1.71 30.08
N LYS C 120 -22.00 -0.86 30.60
CA LYS C 120 -22.46 -0.93 31.98
C LYS C 120 -23.68 -1.83 32.08
N ALA C 121 -23.62 -2.82 32.96
CA ALA C 121 -24.72 -3.76 33.18
C ALA C 121 -25.58 -3.22 34.31
N TYR C 122 -26.84 -2.90 34.01
CA TYR C 122 -27.73 -2.27 34.96
C TYR C 122 -28.93 -3.17 35.26
N LYS C 123 -29.35 -3.14 36.53
CA LYS C 123 -30.56 -3.82 37.00
C LYS C 123 -31.65 -2.77 37.15
N VAL C 124 -32.70 -2.90 36.34
CA VAL C 124 -33.72 -1.86 36.19
C VAL C 124 -34.94 -2.26 37.00
N HIS C 125 -35.43 -1.33 37.82
CA HIS C 125 -36.72 -1.42 38.48
C HIS C 125 -37.60 -0.26 38.02
N THR C 126 -38.81 -0.19 38.56
CA THR C 126 -39.80 0.75 38.04
C THR C 126 -39.40 2.21 38.24
N GLY C 127 -38.84 2.57 39.39
CA GLY C 127 -38.46 3.96 39.61
C GLY C 127 -39.66 4.89 39.64
N THR C 128 -39.52 6.03 38.95
CA THR C 128 -40.54 7.08 38.98
C THR C 128 -40.89 7.57 37.58
N VAL C 129 -41.75 8.59 37.50
CA VAL C 129 -42.15 9.18 36.22
C VAL C 129 -42.36 10.66 36.45
N GLN C 130 -42.10 11.46 35.41
CA GLN C 130 -42.32 12.90 35.47
C GLN C 130 -42.51 13.40 34.04
N ALA C 131 -42.83 14.68 33.92
CA ALA C 131 -43.18 15.29 32.64
C ALA C 131 -42.93 16.78 32.73
N MET C 132 -42.95 17.44 31.57
CA MET C 132 -42.88 18.89 31.48
C MET C 132 -44.11 19.36 30.72
N VAL C 133 -44.91 20.22 31.36
CA VAL C 133 -46.24 20.57 30.88
C VAL C 133 -46.31 22.07 30.67
N ASN C 134 -47.11 22.48 29.67
CA ASN C 134 -47.33 23.88 29.34
C ASN C 134 -48.80 24.22 29.52
N ILE C 135 -49.07 25.30 30.25
CA ILE C 135 -50.42 25.77 30.59
C ILE C 135 -50.65 27.09 29.89
N THR C 136 -51.88 27.29 29.39
CA THR C 136 -52.36 28.58 28.93
C THR C 136 -53.84 28.66 29.31
N TYR C 137 -54.14 29.35 30.41
CA TYR C 137 -55.49 29.43 30.93
C TYR C 137 -56.03 30.84 30.76
N GLY C 138 -57.27 30.93 30.29
CA GLY C 138 -57.95 32.22 30.24
C GLY C 138 -57.19 33.24 29.42
N SER C 139 -56.59 34.21 30.11
CA SER C 139 -55.89 35.32 29.48
C SER C 139 -54.38 35.25 29.61
N VAL C 140 -53.86 34.53 30.61
CA VAL C 140 -52.42 34.49 30.84
C VAL C 140 -51.76 33.73 29.69
N SER C 141 -50.45 33.91 29.55
CA SER C 141 -49.69 33.36 28.43
C SER C 141 -49.11 32.00 28.79
N TRP C 142 -48.28 31.46 27.89
CA TRP C 142 -47.59 30.20 28.08
C TRP C 142 -46.84 30.16 29.40
N ARG C 143 -47.08 29.13 30.22
CA ARG C 143 -46.28 28.87 31.41
C ARG C 143 -45.93 27.39 31.45
N SER C 144 -44.64 27.09 31.44
CA SER C 144 -44.13 25.73 31.35
C SER C 144 -43.42 25.36 32.63
N ALA C 145 -43.62 24.12 33.10
CA ALA C 145 -42.95 23.67 34.31
C ALA C 145 -42.87 22.15 34.35
N ASP C 146 -42.01 21.67 35.25
CA ASP C 146 -41.77 20.24 35.45
C ASP C 146 -42.69 19.74 36.56
N VAL C 147 -43.35 18.61 36.32
CA VAL C 147 -44.34 18.05 37.22
C VAL C 147 -44.12 16.55 37.34
N TYR C 148 -44.26 16.01 38.55
CA TYR C 148 -44.22 14.57 38.73
C TYR C 148 -45.58 13.96 38.37
N VAL C 149 -45.54 12.92 37.54
CA VAL C 149 -46.77 12.27 37.06
C VAL C 149 -47.14 11.23 38.10
N ASN C 150 -47.83 11.69 39.15
CA ASN C 150 -48.34 10.83 40.21
C ASN C 150 -49.48 11.57 40.89
N GLY C 151 -50.46 10.82 41.39
CA GLY C 151 -51.70 11.40 41.86
C GLY C 151 -51.60 12.33 43.06
N GLU C 152 -50.45 12.34 43.73
CA GLU C 152 -50.28 13.10 44.97
C GLU C 152 -49.49 14.39 44.79
N THR C 153 -48.30 14.31 44.18
CA THR C 153 -47.40 15.45 44.14
C THR C 153 -48.02 16.62 43.37
N PRO C 154 -48.27 17.79 44.00
CA PRO C 154 -48.82 18.92 43.25
C PRO C 154 -47.74 19.83 42.68
N ALA C 155 -47.89 20.21 41.42
CA ALA C 155 -47.03 21.19 40.77
C ALA C 155 -47.69 22.55 40.79
N LYS C 156 -46.87 23.60 40.73
CA LYS C 156 -47.33 24.98 40.83
C LYS C 156 -46.79 25.74 39.61
N ILE C 157 -47.67 26.00 38.64
CA ILE C 157 -47.33 26.74 37.43
C ILE C 157 -47.93 28.13 37.54
N GLY C 158 -47.07 29.14 37.68
CA GLY C 158 -47.54 30.48 37.98
C GLY C 158 -48.23 30.51 39.33
N ASP C 159 -49.56 30.62 39.31
CA ASP C 159 -50.36 30.48 40.52
C ASP C 159 -51.38 29.35 40.42
N ALA C 160 -51.37 28.56 39.35
CA ALA C 160 -52.30 27.46 39.18
C ALA C 160 -51.66 26.16 39.66
N LYS C 161 -52.40 25.40 40.46
CA LYS C 161 -51.92 24.08 40.88
C LYS C 161 -52.32 23.02 39.85
N LEU C 162 -51.52 21.96 39.78
CA LEU C 162 -51.75 20.92 38.77
C LEU C 162 -51.24 19.59 39.30
N ILE C 163 -52.12 18.59 39.31
CA ILE C 163 -51.80 17.24 39.75
C ILE C 163 -52.05 16.29 38.59
N ILE C 164 -51.05 15.46 38.27
CA ILE C 164 -51.04 14.63 37.08
C ILE C 164 -50.64 13.22 37.46
N GLY C 165 -51.28 12.24 36.80
CA GLY C 165 -50.91 10.85 36.94
C GLY C 165 -51.77 10.11 37.94
N PRO C 166 -51.49 8.80 38.12
CA PRO C 166 -50.45 8.01 37.47
C PRO C 166 -50.81 7.61 36.04
N LEU C 167 -49.84 7.13 35.25
CA LEU C 167 -50.12 6.64 33.91
C LEU C 167 -51.08 5.46 33.98
N SER C 168 -51.97 5.39 32.97
CA SER C 168 -52.96 4.32 32.96
C SER C 168 -52.32 2.94 32.88
N SER C 169 -51.14 2.85 32.27
CA SER C 169 -50.41 1.60 32.14
C SER C 169 -49.04 1.73 32.78
N ALA C 170 -48.59 0.64 33.42
CA ALA C 170 -47.26 0.60 34.02
C ALA C 170 -46.20 0.17 33.02
N TRP C 171 -46.55 0.05 31.74
CA TRP C 171 -45.62 -0.41 30.71
C TRP C 171 -44.39 0.49 30.63
N SER C 172 -43.22 -0.14 30.49
CA SER C 172 -41.96 0.55 30.28
C SER C 172 -41.19 -0.18 29.19
N PRO C 173 -40.43 0.53 28.34
CA PRO C 173 -39.70 -0.18 27.27
C PRO C 173 -38.54 -1.02 27.79
N PHE C 174 -38.10 -0.81 29.03
CA PHE C 174 -36.97 -1.55 29.58
C PHE C 174 -37.43 -2.92 30.07
N ASP C 175 -36.51 -3.67 30.66
CA ASP C 175 -36.79 -4.98 31.23
C ASP C 175 -36.10 -5.03 32.60
N ASN C 176 -36.05 -6.23 33.19
CA ASN C 176 -35.41 -6.38 34.49
C ASN C 176 -33.93 -6.05 34.42
N LYS C 177 -33.28 -6.36 33.30
CA LYS C 177 -31.83 -6.23 33.15
C LYS C 177 -31.54 -5.57 31.81
N VAL C 178 -30.63 -4.60 31.79
CA VAL C 178 -30.28 -3.87 30.58
C VAL C 178 -28.78 -3.62 30.54
N VAL C 179 -28.31 -3.18 29.38
CA VAL C 179 -26.92 -2.79 29.17
C VAL C 179 -26.92 -1.37 28.60
N VAL C 180 -25.91 -0.59 28.97
CA VAL C 180 -25.75 0.79 28.52
C VAL C 180 -24.38 0.89 27.89
N TYR C 181 -24.32 1.27 26.61
CA TYR C 181 -23.07 1.49 25.92
C TYR C 181 -23.11 2.84 25.20
N GLY C 182 -22.06 3.63 25.37
CA GLY C 182 -21.96 4.92 24.71
C GLY C 182 -23.13 5.82 25.00
N HIS C 183 -24.00 6.02 24.01
CA HIS C 183 -25.17 6.86 24.12
C HIS C 183 -26.44 6.08 23.81
N GLU C 184 -26.44 4.78 24.14
CA GLU C 184 -27.54 3.91 23.74
C GLU C 184 -27.71 2.79 24.77
N VAL C 185 -28.91 2.20 24.76
CA VAL C 185 -29.31 1.18 25.73
C VAL C 185 -29.76 -0.05 24.97
N TYR C 186 -29.41 -1.22 25.49
CA TYR C 186 -29.78 -2.51 24.92
C TYR C 186 -30.52 -3.35 25.95
N ASN C 187 -31.53 -4.07 25.48
CA ASN C 187 -32.28 -5.01 26.32
C ASN C 187 -31.60 -6.37 26.34
N TYR C 188 -30.29 -6.37 26.65
CA TYR C 188 -29.55 -7.61 26.82
C TYR C 188 -30.00 -8.25 28.12
N ASP C 189 -30.75 -9.35 28.02
CA ASP C 189 -31.44 -9.90 29.19
C ASP C 189 -30.52 -10.70 30.09
N PHE C 190 -29.28 -10.96 29.66
CA PHE C 190 -28.39 -11.82 30.44
C PHE C 190 -26.97 -11.27 30.56
N PRO C 191 -26.77 -10.09 31.17
CA PRO C 191 -25.48 -9.83 31.82
C PRO C 191 -25.23 -10.84 32.93
N GLU C 192 -23.99 -11.26 33.11
CA GLU C 192 -23.65 -12.30 34.07
C GLU C 192 -23.51 -11.66 35.45
N TYR C 193 -23.10 -12.47 36.43
CA TYR C 193 -22.79 -11.96 37.77
C TYR C 193 -21.31 -12.20 38.07
N GLY C 194 -20.90 -13.46 38.01
CA GLY C 194 -19.50 -13.83 38.12
C GLY C 194 -19.17 -15.00 37.22
N THR C 195 -19.97 -15.18 36.16
CA THR C 195 -19.91 -16.37 35.32
C THR C 195 -19.77 -16.04 33.84
N GLY C 196 -18.89 -15.10 33.50
CA GLY C 196 -18.61 -14.86 32.09
C GLY C 196 -18.11 -16.11 31.39
N LYS C 197 -18.48 -16.24 30.12
CA LYS C 197 -18.27 -17.47 29.37
C LYS C 197 -17.08 -17.36 28.43
N ALA C 198 -16.08 -16.56 28.81
CA ALA C 198 -14.79 -16.51 28.12
C ALA C 198 -14.90 -16.11 26.66
N GLY C 199 -15.47 -14.94 26.39
CA GLY C 199 -15.31 -14.29 25.10
C GLY C 199 -16.59 -13.97 24.35
N SER C 200 -17.76 -13.85 25.00
CA SER C 200 -18.99 -13.54 24.29
C SER C 200 -19.43 -12.14 24.65
N PHE C 201 -19.78 -11.86 25.90
CA PHE C 201 -20.01 -10.49 26.36
C PHE C 201 -19.24 -10.16 27.62
N GLY C 202 -19.33 -11.01 28.65
CA GLY C 202 -18.85 -10.68 29.97
C GLY C 202 -17.56 -11.36 30.37
N ASP C 203 -16.62 -11.47 29.43
CA ASP C 203 -15.33 -12.08 29.72
C ASP C 203 -14.51 -11.28 30.74
N LEU C 204 -14.88 -10.02 31.00
CA LEU C 204 -14.20 -9.21 31.99
C LEU C 204 -15.26 -8.41 32.74
N GLN C 205 -15.44 -8.71 34.03
CA GLN C 205 -16.48 -8.09 34.85
C GLN C 205 -15.82 -7.40 36.03
N SER C 206 -15.95 -6.08 36.09
CA SER C 206 -15.45 -5.27 37.20
C SER C 206 -16.62 -4.48 37.77
N ARG C 207 -16.89 -4.66 39.06
CA ARG C 207 -18.13 -4.19 39.65
C ARG C 207 -18.24 -2.67 39.62
N THR C 208 -17.11 -1.99 39.52
CA THR C 208 -17.10 -0.55 39.29
C THR C 208 -15.90 -0.22 38.39
N SER C 209 -15.76 1.03 38.00
CA SER C 209 -14.72 1.45 37.09
C SER C 209 -13.36 1.60 37.76
N THR C 210 -13.30 1.49 39.09
CA THR C 210 -12.03 1.57 39.81
C THR C 210 -11.91 0.42 40.82
N SER C 211 -12.52 -0.72 40.54
CA SER C 211 -12.42 -1.87 41.41
C SER C 211 -11.05 -2.53 41.25
N ASN C 212 -10.79 -3.56 42.06
CA ASN C 212 -9.53 -4.28 42.06
C ASN C 212 -9.73 -5.78 42.08
N ASP C 213 -10.92 -6.25 41.68
CA ASP C 213 -11.24 -7.68 41.68
C ASP C 213 -11.99 -8.05 40.41
N LEU C 214 -11.52 -7.55 39.28
CA LEU C 214 -12.12 -7.89 38.00
C LEU C 214 -12.04 -9.39 37.75
N TYR C 215 -13.12 -9.93 37.19
CA TYR C 215 -13.30 -11.37 37.03
C TYR C 215 -12.36 -11.96 35.98
N ALA C 216 -12.48 -11.53 34.73
CA ALA C 216 -11.51 -11.81 33.67
C ALA C 216 -11.37 -13.31 33.43
N ASN C 217 -12.46 -13.90 32.93
CA ASN C 217 -12.43 -15.25 32.35
C ASN C 217 -12.10 -15.07 30.87
N THR C 218 -10.91 -15.52 30.47
CA THR C 218 -10.39 -15.25 29.15
C THR C 218 -9.77 -16.48 28.47
N ASN C 219 -9.52 -17.56 29.20
CA ASN C 219 -8.88 -18.78 28.68
C ASN C 219 -7.41 -18.58 28.35
N LEU C 220 -6.67 -17.88 29.20
CA LEU C 220 -5.24 -17.66 28.96
C LEU C 220 -4.47 -18.98 29.00
N LYS C 221 -3.44 -19.06 28.17
CA LYS C 221 -2.57 -20.22 28.11
C LYS C 221 -1.22 -19.79 27.55
N LEU C 222 -0.14 -20.13 28.26
CA LEU C 222 1.20 -19.77 27.84
C LEU C 222 1.73 -20.80 26.83
N GLN C 223 2.85 -20.46 26.19
CA GLN C 223 3.43 -21.28 25.14
C GLN C 223 4.95 -21.32 25.29
N ARG C 224 5.56 -22.34 24.68
CA ARG C 224 6.99 -22.51 24.75
C ARG C 224 7.71 -21.36 24.04
N PRO C 225 8.78 -20.81 24.60
CA PRO C 225 9.69 -19.99 23.78
C PRO C 225 10.52 -20.87 22.85
N GLN C 226 10.42 -20.59 21.56
CA GLN C 226 10.90 -21.49 20.52
C GLN C 226 12.24 -21.04 19.98
N ALA C 227 13.16 -21.99 19.86
CA ALA C 227 14.43 -21.82 19.16
C ALA C 227 15.27 -20.70 19.78
N GLY C 228 15.43 -20.81 21.10
CA GLY C 228 16.40 -20.00 21.83
C GLY C 228 16.26 -18.50 21.69
N ILE C 229 15.13 -17.93 22.09
CA ILE C 229 14.95 -16.50 22.21
C ILE C 229 14.09 -16.19 23.43
N VAL C 230 14.15 -14.94 23.88
CA VAL C 230 13.53 -14.50 25.13
C VAL C 230 12.25 -13.73 24.78
N HIS C 231 11.10 -14.30 25.14
CA HIS C 231 9.83 -13.61 25.12
C HIS C 231 8.81 -14.46 25.85
N THR C 232 7.65 -13.85 26.14
CA THR C 232 6.57 -14.53 26.83
C THR C 232 5.42 -14.74 25.85
N PRO C 233 5.37 -15.86 25.11
CA PRO C 233 4.24 -16.07 24.18
C PRO C 233 3.04 -16.67 24.88
N PHE C 234 1.85 -16.28 24.46
CA PHE C 234 0.60 -16.83 24.96
C PHE C 234 -0.37 -17.03 23.79
N THR C 235 -1.26 -18.01 23.95
CA THR C 235 -2.38 -18.19 23.04
C THR C 235 -3.64 -17.86 23.83
N GLN C 236 -4.46 -16.97 23.28
CA GLN C 236 -5.58 -16.39 24.02
C GLN C 236 -6.80 -16.25 23.12
N VAL C 237 -7.96 -16.43 23.73
CA VAL C 237 -9.23 -16.22 23.02
C VAL C 237 -9.39 -14.73 22.74
N PRO C 238 -9.91 -14.33 21.56
CA PRO C 238 -10.17 -12.90 21.33
C PRO C 238 -11.17 -12.31 22.31
N SER C 239 -11.08 -11.00 22.54
CA SER C 239 -11.91 -10.34 23.55
C SER C 239 -13.38 -10.44 23.18
N GLY C 240 -14.22 -10.50 24.21
CA GLY C 240 -15.66 -10.60 24.02
C GLY C 240 -16.33 -9.25 23.88
N PHE C 241 -15.75 -8.22 24.49
CA PHE C 241 -16.28 -6.87 24.34
C PHE C 241 -16.23 -6.43 22.89
N GLU C 242 -15.09 -6.66 22.24
CA GLU C 242 -14.91 -6.29 20.84
C GLU C 242 -15.90 -7.07 19.98
N ARG C 243 -16.09 -8.35 20.28
CA ARG C 243 -17.04 -9.17 19.54
C ARG C 243 -18.45 -8.61 19.67
N TRP C 244 -18.89 -8.34 20.91
CA TRP C 244 -20.22 -7.80 21.15
C TRP C 244 -20.41 -6.47 20.43
N LYS C 245 -19.38 -5.62 20.48
CA LYS C 245 -19.39 -4.36 19.76
C LYS C 245 -19.56 -4.61 18.26
N LYS C 246 -18.94 -5.69 17.77
CA LYS C 246 -19.01 -6.01 16.35
C LYS C 246 -20.37 -6.56 15.94
N ASP C 247 -20.95 -7.47 16.73
CA ASP C 247 -22.19 -8.15 16.34
C ASP C 247 -23.34 -7.87 17.29
N LYS C 248 -23.34 -6.73 17.98
CA LYS C 248 -24.48 -6.32 18.80
C LYS C 248 -25.74 -6.26 17.95
N GLY C 249 -26.89 -6.50 18.57
CA GLY C 249 -28.16 -6.39 17.88
C GLY C 249 -28.58 -4.94 17.69
N ALA C 250 -29.88 -4.68 17.71
CA ALA C 250 -30.37 -3.33 17.56
C ALA C 250 -30.48 -2.65 18.94
N PRO C 251 -30.23 -1.33 19.04
CA PRO C 251 -30.42 -0.67 20.34
C PRO C 251 -31.89 -0.53 20.69
N LEU C 252 -32.19 -0.29 21.96
CA LEU C 252 -33.55 -0.03 22.40
C LEU C 252 -34.06 1.33 21.94
N ASN C 253 -33.19 2.17 21.39
CA ASN C 253 -33.62 3.44 20.82
C ASN C 253 -34.45 3.24 19.55
N ASP C 254 -34.19 2.16 18.80
CA ASP C 254 -34.86 1.91 17.53
C ASP C 254 -35.75 0.67 17.59
N VAL C 255 -36.02 0.14 18.78
CA VAL C 255 -36.87 -1.04 18.95
C VAL C 255 -37.98 -0.75 19.96
N ALA C 256 -37.92 0.41 20.61
CA ALA C 256 -38.94 0.75 21.59
C ALA C 256 -40.28 0.95 20.90
N PRO C 257 -41.35 0.29 21.34
CA PRO C 257 -42.67 0.61 20.79
C PRO C 257 -43.20 1.94 21.30
N PHE C 258 -44.30 2.37 20.67
CA PHE C 258 -44.97 3.63 20.96
C PHE C 258 -44.12 4.85 20.61
N GLY C 259 -43.04 4.66 19.83
CA GLY C 259 -42.31 5.77 19.27
C GLY C 259 -41.66 6.72 20.25
N CYS C 260 -40.94 6.19 21.25
CA CYS C 260 -40.22 7.01 22.21
C CYS C 260 -38.71 6.79 22.09
N SER C 261 -37.98 7.89 21.90
CA SER C 261 -36.53 7.87 21.99
C SER C 261 -36.11 7.74 23.45
N ILE C 262 -34.87 7.31 23.66
CA ILE C 262 -34.35 6.99 24.98
C ILE C 262 -33.10 7.84 25.20
N ALA C 263 -33.19 8.78 26.14
CA ALA C 263 -32.03 9.54 26.60
C ALA C 263 -31.36 8.78 27.75
N LEU C 264 -30.11 9.14 28.05
CA LEU C 264 -29.24 8.27 28.83
C LEU C 264 -28.84 8.79 30.20
N GLU C 265 -28.74 10.11 30.38
CA GLU C 265 -28.13 10.65 31.61
C GLU C 265 -28.85 10.26 32.89
N PRO C 266 -30.18 10.47 33.06
CA PRO C 266 -30.90 9.71 34.10
C PRO C 266 -31.56 8.45 33.56
N LEU C 267 -31.23 8.09 32.32
CA LEU C 267 -31.78 6.90 31.66
C LEU C 267 -33.30 6.99 31.56
N ARG C 268 -33.79 7.97 30.80
CA ARG C 268 -35.22 8.16 30.62
C ARG C 268 -35.71 7.27 29.49
N ALA C 269 -37.03 7.22 29.28
CA ALA C 269 -37.62 6.72 28.04
C ALA C 269 -38.67 7.76 27.65
N GLU C 270 -38.24 8.76 26.89
CA GLU C 270 -38.97 10.01 26.76
C GLU C 270 -40.16 9.89 25.82
N ASN C 271 -41.27 10.51 26.24
CA ASN C 271 -42.53 10.59 25.50
C ASN C 271 -42.94 9.28 24.82
N CYS C 272 -43.20 8.24 25.61
CA CYS C 272 -43.85 7.04 25.09
C CYS C 272 -45.35 7.25 25.05
N ALA C 273 -45.93 7.15 23.85
CA ALA C 273 -47.35 7.43 23.64
C ALA C 273 -48.19 6.19 23.94
N VAL C 274 -48.36 5.94 25.24
CA VAL C 274 -49.14 4.82 25.73
C VAL C 274 -50.11 5.30 26.80
N GLY C 275 -51.36 4.87 26.68
CA GLY C 275 -52.35 5.13 27.72
C GLY C 275 -52.83 6.57 27.75
N SER C 276 -53.45 6.94 28.87
CA SER C 276 -53.97 8.27 29.09
C SER C 276 -53.70 8.63 30.54
N ILE C 277 -53.78 9.93 30.84
CA ILE C 277 -53.40 10.47 32.14
C ILE C 277 -54.55 11.27 32.76
N PRO C 278 -54.84 11.10 34.05
CA PRO C 278 -55.82 11.99 34.71
C PRO C 278 -55.17 13.29 35.16
N ILE C 279 -55.92 14.39 35.03
CA ILE C 279 -55.50 15.74 35.37
C ILE C 279 -56.45 16.34 36.40
N SER C 280 -55.89 17.07 37.36
CA SER C 280 -56.69 17.90 38.26
C SER C 280 -55.96 19.24 38.39
N ILE C 281 -56.54 20.29 37.81
CA ILE C 281 -55.91 21.60 37.76
C ILE C 281 -56.78 22.58 38.54
N ASP C 282 -56.17 23.27 39.50
CA ASP C 282 -56.83 24.29 40.31
C ASP C 282 -56.38 25.64 39.77
N ILE C 283 -57.28 26.32 39.07
CA ILE C 283 -57.05 27.64 38.51
C ILE C 283 -57.34 28.67 39.59
N PRO C 284 -56.65 29.82 39.64
CA PRO C 284 -57.00 30.82 40.66
C PRO C 284 -58.31 31.53 40.32
N ASP C 285 -58.99 32.01 41.36
CA ASP C 285 -60.28 32.70 41.20
C ASP C 285 -60.11 34.01 40.44
N ALA C 286 -58.92 34.62 40.51
CA ALA C 286 -58.70 35.94 39.93
C ALA C 286 -58.86 35.93 38.42
N ALA C 287 -58.72 34.76 37.79
CA ALA C 287 -58.84 34.66 36.34
C ALA C 287 -60.28 34.58 35.86
N PHE C 288 -61.24 34.33 36.75
CA PHE C 288 -62.64 34.20 36.36
C PHE C 288 -63.31 35.57 36.33
N THR C 289 -64.58 35.60 35.92
CA THR C 289 -65.36 36.83 35.88
C THR C 289 -66.84 36.48 35.82
N ARG C 290 -67.70 37.34 36.39
CA ARG C 290 -69.12 37.03 36.42
C ARG C 290 -69.72 37.10 35.02
N ILE C 291 -70.82 36.36 34.83
CA ILE C 291 -71.40 36.23 33.49
C ILE C 291 -71.95 37.57 33.03
N SER C 292 -72.35 38.43 33.97
CA SER C 292 -73.02 39.68 33.66
C SER C 292 -72.19 40.59 32.77
N GLU C 293 -70.88 40.68 33.04
CA GLU C 293 -70.02 41.62 32.33
C GLU C 293 -69.36 41.00 31.09
N THR C 294 -69.93 39.94 30.53
CA THR C 294 -69.44 39.30 29.32
C THR C 294 -70.56 39.23 28.30
N PRO C 295 -70.24 39.15 27.00
CA PRO C 295 -71.30 39.20 25.98
C PRO C 295 -72.22 37.99 26.01
N THR C 296 -73.52 38.23 26.14
CA THR C 296 -74.51 37.17 25.99
C THR C 296 -74.70 36.84 24.52
N VAL C 297 -75.16 35.62 24.26
CA VAL C 297 -75.21 35.05 22.91
C VAL C 297 -76.65 34.76 22.53
N SER C 298 -77.02 35.15 21.32
CA SER C 298 -78.33 34.85 20.77
C SER C 298 -78.28 35.04 19.26
N ASP C 299 -79.12 34.29 18.56
CA ASP C 299 -79.20 34.33 17.09
C ASP C 299 -77.80 34.04 16.52
N LEU C 300 -77.39 32.80 16.78
CA LEU C 300 -76.06 32.31 16.42
C LEU C 300 -76.22 31.03 15.60
N GLU C 301 -75.51 30.92 14.48
CA GLU C 301 -75.65 29.77 13.60
C GLU C 301 -74.31 29.49 12.91
N CYS C 302 -74.15 28.22 12.49
CA CYS C 302 -72.91 27.73 11.89
C CYS C 302 -73.18 27.19 10.48
N LYS C 303 -72.27 27.47 9.56
CA LYS C 303 -72.27 26.91 8.22
C LYS C 303 -70.85 26.53 7.84
N ILE C 304 -70.68 25.32 7.32
CA ILE C 304 -69.36 24.81 6.92
C ILE C 304 -69.14 25.30 5.50
N THR C 305 -67.98 25.92 5.27
CA THR C 305 -67.61 26.33 3.91
C THR C 305 -66.93 25.19 3.17
N GLU C 306 -65.90 24.59 3.78
CA GLU C 306 -65.20 23.46 3.18
C GLU C 306 -64.31 22.82 4.26
N CYS C 307 -64.23 21.48 4.27
CA CYS C 307 -63.27 20.81 5.14
C CYS C 307 -63.01 19.42 4.58
N THR C 308 -61.73 19.04 4.52
CA THR C 308 -61.32 17.70 4.15
C THR C 308 -60.70 17.02 5.37
N TYR C 309 -61.10 15.78 5.61
CA TYR C 309 -60.73 15.08 6.85
C TYR C 309 -59.27 14.63 6.76
N ALA C 310 -58.38 15.62 6.88
CA ALA C 310 -56.94 15.41 6.85
C ALA C 310 -56.37 15.54 8.26
N PHE C 311 -55.04 15.56 8.37
CA PHE C 311 -54.37 15.64 9.66
C PHE C 311 -54.23 17.08 10.15
N ASP C 312 -53.59 17.93 9.35
CA ASP C 312 -53.45 19.35 9.68
C ASP C 312 -54.83 19.99 9.82
N PHE C 313 -54.88 21.24 10.27
CA PHE C 313 -56.17 21.88 10.44
C PHE C 313 -56.76 22.21 9.08
N GLY C 314 -57.15 21.18 8.33
CA GLY C 314 -57.67 21.35 6.99
C GLY C 314 -59.19 21.45 6.98
N GLY C 315 -59.74 22.30 7.83
CA GLY C 315 -61.16 22.54 7.81
C GLY C 315 -61.55 23.94 8.20
N ILE C 316 -62.38 24.59 7.40
CA ILE C 316 -62.83 25.95 7.66
C ILE C 316 -64.34 25.92 7.88
N ALA C 317 -64.82 26.80 8.76
CA ALA C 317 -66.26 26.89 9.01
C ALA C 317 -66.60 28.27 9.54
N THR C 318 -67.62 28.89 8.95
CA THR C 318 -68.07 30.22 9.33
C THR C 318 -69.28 30.12 10.24
N VAL C 319 -69.42 31.11 11.12
CA VAL C 319 -70.60 31.24 11.97
C VAL C 319 -71.04 32.69 11.96
N ALA C 320 -72.34 32.89 11.81
CA ALA C 320 -72.96 34.21 11.88
C ALA C 320 -73.69 34.34 13.21
N TYR C 321 -73.37 35.39 13.96
CA TYR C 321 -73.82 35.49 15.35
C TYR C 321 -74.14 36.95 15.64
N LYS C 322 -75.33 37.20 16.18
CA LYS C 322 -75.73 38.54 16.62
C LYS C 322 -75.34 38.70 18.08
N SER C 323 -74.35 39.54 18.35
CA SER C 323 -73.81 39.75 19.69
C SER C 323 -74.53 40.90 20.38
N SER C 324 -74.87 40.70 21.66
CA SER C 324 -75.48 41.77 22.44
C SER C 324 -74.52 42.95 22.60
N LYS C 325 -73.25 42.66 22.86
CA LYS C 325 -72.24 43.70 23.00
C LYS C 325 -70.90 43.17 22.50
N ALA C 326 -70.04 44.10 22.08
CA ALA C 326 -68.71 43.74 21.60
C ALA C 326 -67.84 43.24 22.74
N GLY C 327 -66.88 42.38 22.44
CA GLY C 327 -65.99 41.86 23.47
C GLY C 327 -65.05 40.81 22.92
N ASN C 328 -64.72 39.83 23.76
CA ASN C 328 -63.87 38.72 23.36
C ASN C 328 -64.14 37.57 24.32
N CYS C 329 -64.28 36.36 23.77
CA CYS C 329 -64.69 35.24 24.60
C CYS C 329 -64.29 33.93 23.93
N PRO C 330 -64.26 32.78 24.68
CA PRO C 330 -63.65 31.56 24.16
C PRO C 330 -64.49 30.77 23.18
N ILE C 331 -63.89 29.72 22.62
CA ILE C 331 -64.57 28.76 21.74
C ILE C 331 -64.07 27.37 22.11
N HIS C 332 -64.98 26.39 22.05
CA HIS C 332 -64.61 25.02 22.38
C HIS C 332 -65.63 24.08 21.76
N SER C 333 -65.17 22.85 21.47
CA SER C 333 -66.01 21.78 20.94
C SER C 333 -65.89 20.56 21.84
N PRO C 334 -66.72 20.45 22.90
CA PRO C 334 -66.51 19.36 23.88
C PRO C 334 -66.65 17.97 23.29
N SER C 335 -67.36 17.84 22.18
CA SER C 335 -67.51 16.53 21.54
C SER C 335 -66.16 16.04 21.04
N GLY C 336 -66.03 14.71 20.98
CA GLY C 336 -64.78 14.10 20.57
C GLY C 336 -64.57 14.04 19.07
N VAL C 337 -65.50 14.58 18.29
CA VAL C 337 -65.39 14.52 16.84
C VAL C 337 -64.37 15.53 16.33
N ALA C 338 -64.57 16.81 16.65
CA ALA C 338 -63.79 17.90 16.09
C ALA C 338 -62.83 18.47 17.14
N VAL C 339 -61.75 19.07 16.65
CA VAL C 339 -60.74 19.71 17.49
C VAL C 339 -60.50 21.10 16.88
N ILE C 340 -60.99 22.13 17.56
CA ILE C 340 -60.91 23.50 17.05
C ILE C 340 -59.48 24.00 17.16
N LYS C 341 -59.06 24.85 16.23
CA LYS C 341 -57.72 25.43 16.24
C LYS C 341 -57.62 26.60 17.22
N GLU C 342 -58.40 27.64 16.98
CA GLU C 342 -58.32 28.85 17.80
C GLU C 342 -58.99 28.62 19.16
N ASN C 343 -58.60 29.45 20.13
CA ASN C 343 -59.08 29.35 21.50
C ASN C 343 -60.12 30.42 21.81
N ASP C 344 -59.81 31.69 21.57
CA ASP C 344 -60.70 32.80 21.83
C ASP C 344 -60.94 33.60 20.55
N VAL C 345 -62.06 34.33 20.52
CA VAL C 345 -62.41 35.13 19.36
C VAL C 345 -62.97 36.46 19.86
N THR C 346 -62.62 37.52 19.13
CA THR C 346 -63.10 38.87 19.41
C THR C 346 -64.36 39.11 18.60
N LEU C 347 -65.34 39.77 19.21
CA LEU C 347 -66.67 39.90 18.65
C LEU C 347 -67.13 41.36 18.65
N ALA C 348 -67.92 41.70 17.63
CA ALA C 348 -68.65 42.96 17.57
C ALA C 348 -70.12 42.63 17.37
N GLU C 349 -70.99 43.61 17.60
CA GLU C 349 -72.42 43.40 17.39
C GLU C 349 -72.67 42.99 15.94
N SER C 350 -73.47 41.94 15.76
CA SER C 350 -73.63 41.29 14.47
C SER C 350 -72.30 40.68 14.01
N GLY C 351 -71.62 40.03 14.94
CA GLY C 351 -70.29 39.50 14.68
C GLY C 351 -70.29 38.11 14.07
N SER C 352 -69.86 38.01 12.81
CA SER C 352 -69.68 36.74 12.12
C SER C 352 -68.19 36.48 11.96
N PHE C 353 -67.78 35.23 12.21
CA PHE C 353 -66.36 34.90 12.18
C PHE C 353 -66.16 33.49 11.67
N THR C 354 -64.95 33.23 11.18
CA THR C 354 -64.56 31.93 10.65
C THR C 354 -63.56 31.29 11.60
N PHE C 355 -63.63 29.96 11.71
CA PHE C 355 -62.72 29.21 12.56
C PHE C 355 -62.25 27.96 11.82
N HIS C 356 -61.16 27.38 12.33
CA HIS C 356 -60.50 26.25 11.71
C HIS C 356 -60.52 25.04 12.63
N PHE C 357 -60.64 23.86 12.02
CA PHE C 357 -60.65 22.61 12.76
C PHE C 357 -60.21 21.43 11.89
N SER C 358 -60.18 20.24 12.50
CA SER C 358 -59.77 19.02 11.80
C SER C 358 -60.61 17.87 12.35
N THR C 359 -61.21 17.09 11.45
CA THR C 359 -62.01 15.93 11.81
C THR C 359 -61.59 14.73 10.98
N ALA C 360 -61.87 13.54 11.50
CA ALA C 360 -61.65 12.28 10.81
C ALA C 360 -62.96 11.56 10.50
N ASN C 361 -64.04 12.32 10.37
CA ASN C 361 -65.37 11.79 10.09
C ASN C 361 -65.84 12.29 8.74
N ILE C 362 -66.45 11.41 7.95
CA ILE C 362 -66.96 11.80 6.64
C ILE C 362 -68.10 12.79 6.79
N HIS C 363 -68.93 12.61 7.83
CA HIS C 363 -70.03 13.51 8.18
C HIS C 363 -69.79 14.01 9.60
N PRO C 364 -69.11 15.14 9.78
CA PRO C 364 -68.94 15.67 11.14
C PRO C 364 -70.30 16.01 11.76
N ALA C 365 -70.43 15.72 13.05
CA ALA C 365 -71.65 15.97 13.79
C ALA C 365 -71.32 16.55 15.15
N PHE C 366 -70.36 17.47 15.17
CA PHE C 366 -69.88 18.09 16.40
C PHE C 366 -70.67 19.36 16.68
N LYS C 367 -70.95 19.58 17.95
CA LYS C 367 -71.59 20.80 18.44
C LYS C 367 -70.47 21.70 18.97
N LEU C 368 -70.37 22.88 18.38
CA LEU C 368 -69.41 23.87 18.86
C LEU C 368 -70.01 24.61 20.06
N GLN C 369 -69.15 25.07 20.97
CA GLN C 369 -69.56 25.82 22.14
C GLN C 369 -68.78 27.11 22.19
N VAL C 370 -69.48 28.23 22.10
CA VAL C 370 -68.87 29.56 22.02
C VAL C 370 -69.55 30.42 23.09
N CYS C 371 -68.87 30.63 24.22
CA CYS C 371 -69.26 31.64 25.20
C CYS C 371 -70.67 31.37 25.76
N THR C 372 -70.82 30.22 26.42
CA THR C 372 -72.06 29.85 27.11
C THR C 372 -73.23 29.72 26.12
N SER C 373 -72.96 29.11 24.97
CA SER C 373 -74.00 28.95 23.94
C SER C 373 -73.56 27.85 22.98
N ALA C 374 -74.32 26.77 22.93
CA ALA C 374 -74.02 25.64 22.07
C ALA C 374 -74.66 25.82 20.69
N VAL C 375 -74.05 25.18 19.69
CA VAL C 375 -74.58 25.21 18.33
C VAL C 375 -74.21 23.92 17.61
N THR C 376 -75.22 23.20 17.13
CA THR C 376 -74.97 22.08 16.23
C THR C 376 -74.46 22.62 14.90
N CYS C 377 -73.31 22.13 14.46
CA CYS C 377 -72.70 22.49 13.19
C CYS C 377 -72.37 21.17 12.50
N LYS C 378 -73.38 20.61 11.83
CA LYS C 378 -73.31 19.29 11.24
C LYS C 378 -72.64 19.26 9.88
N GLY C 379 -72.36 20.41 9.29
CA GLY C 379 -71.58 20.47 8.07
C GLY C 379 -72.25 19.75 6.92
N ASP C 380 -71.52 18.83 6.29
CA ASP C 380 -71.95 18.21 5.05
C ASP C 380 -71.11 16.93 4.87
N CYS C 381 -71.16 16.37 3.66
CA CYS C 381 -70.30 15.25 3.30
C CYS C 381 -68.97 15.76 2.77
N LYS C 382 -67.87 15.20 3.29
CA LYS C 382 -66.53 15.73 3.05
C LYS C 382 -65.78 14.83 2.07
N PRO C 383 -64.78 15.37 1.36
CA PRO C 383 -63.95 14.52 0.50
C PRO C 383 -62.69 14.07 1.23
N PRO C 384 -61.95 13.07 0.70
CA PRO C 384 -60.64 12.74 1.26
C PRO C 384 -59.54 13.66 0.74
N LYS C 385 -58.30 13.34 1.08
CA LYS C 385 -57.14 14.11 0.62
C LYS C 385 -55.95 13.18 0.42
N GLN C 394 -49.49 12.32 13.67
CA GLN C 394 -49.09 13.67 13.29
C GLN C 394 -49.95 14.69 14.03
N HIS C 395 -51.26 14.44 14.10
CA HIS C 395 -52.18 15.42 14.66
C HIS C 395 -53.33 14.66 15.32
N THR C 396 -54.42 15.37 15.60
CA THR C 396 -55.46 14.92 16.52
C THR C 396 -56.68 14.40 15.76
N GLU C 397 -56.96 13.11 15.91
CA GLU C 397 -58.20 12.52 15.42
C GLU C 397 -58.73 11.54 16.46
N SER C 398 -59.93 11.00 16.22
CA SER C 398 -60.51 9.95 17.06
C SER C 398 -60.67 8.64 16.32
N PHE C 399 -61.32 8.67 15.15
CA PHE C 399 -61.41 7.50 14.29
C PHE C 399 -62.14 6.35 14.99
N THR C 400 -63.35 6.62 15.48
CA THR C 400 -64.15 5.59 16.14
C THR C 400 -65.18 5.01 15.17
N ASP D 1 4.68 18.90 27.13
CA ASP D 1 5.15 20.03 27.97
C ASP D 1 6.67 19.88 28.20
N LEU D 2 7.14 20.01 29.44
CA LEU D 2 8.57 19.91 29.75
C LEU D 2 8.90 19.04 30.96
N ASP D 3 7.98 18.84 31.90
CA ASP D 3 8.28 18.09 33.11
C ASP D 3 8.00 16.61 32.99
N THR D 4 7.06 16.21 32.12
CA THR D 4 6.78 14.79 31.92
C THR D 4 8.00 14.07 31.34
N HIS D 5 8.67 14.71 30.38
CA HIS D 5 9.90 14.12 29.84
C HIS D 5 10.95 13.97 30.93
N PHE D 6 11.06 14.97 31.80
CA PHE D 6 12.03 14.92 32.90
C PHE D 6 11.72 13.76 33.82
N THR D 7 10.45 13.63 34.24
CA THR D 7 10.05 12.53 35.08
C THR D 7 10.25 11.18 34.41
N GLN D 8 10.13 11.11 33.09
CA GLN D 8 10.40 9.90 32.33
C GLN D 8 11.89 9.63 32.14
N TYR D 9 12.74 10.63 32.35
CA TYR D 9 14.17 10.49 32.17
C TYR D 9 14.86 10.10 33.47
N LYS D 10 14.19 10.25 34.61
CA LYS D 10 14.83 10.12 35.91
C LYS D 10 15.46 8.74 36.10
N LEU D 11 14.87 7.69 35.52
CA LEU D 11 15.49 6.38 35.58
C LEU D 11 15.32 5.54 34.31
N ALA D 12 14.73 6.05 33.24
CA ALA D 12 14.37 5.23 32.09
C ALA D 12 15.46 5.27 31.03
N ARG D 13 15.74 4.11 30.43
CA ARG D 13 16.70 3.96 29.35
C ARG D 13 16.13 3.11 28.22
N PRO D 14 16.69 3.20 26.99
CA PRO D 14 16.32 2.25 25.95
C PRO D 14 16.87 0.85 26.21
N TYR D 15 16.58 -0.11 25.33
CA TYR D 15 17.11 -1.46 25.45
C TYR D 15 16.95 -2.16 24.11
N ILE D 16 17.57 -3.33 23.97
CA ILE D 16 17.51 -4.16 22.77
C ILE D 16 16.88 -5.47 23.20
N ALA D 17 15.56 -5.60 23.04
CA ALA D 17 14.89 -6.79 23.54
C ALA D 17 14.71 -7.87 22.47
N ASP D 18 13.89 -7.60 21.45
CA ASP D 18 13.64 -8.56 20.39
C ASP D 18 12.67 -7.98 19.36
N CYS D 19 12.75 -8.41 18.10
CA CYS D 19 11.72 -8.06 17.14
C CYS D 19 11.73 -9.03 15.95
N PRO D 20 10.65 -9.75 15.66
CA PRO D 20 10.65 -10.57 14.44
C PRO D 20 10.62 -9.72 13.18
N ASN D 21 11.15 -10.27 12.10
CA ASN D 21 11.14 -9.64 10.78
C ASN D 21 11.69 -8.21 10.84
N CYS D 22 12.74 -8.05 11.64
CA CYS D 22 13.53 -6.83 11.67
C CYS D 22 14.38 -6.82 10.40
N GLY D 23 13.78 -6.32 9.32
CA GLY D 23 14.36 -6.47 8.00
C GLY D 23 13.73 -7.63 7.26
N HIS D 24 14.42 -8.77 7.24
CA HIS D 24 13.91 -9.99 6.64
C HIS D 24 13.90 -11.19 7.58
N SER D 25 14.63 -11.14 8.69
CA SER D 25 14.74 -12.28 9.59
C SER D 25 14.68 -11.78 11.02
N ARG D 26 14.25 -12.65 11.94
CA ARG D 26 14.18 -12.31 13.35
C ARG D 26 15.56 -11.97 13.88
N CYS D 27 15.66 -10.91 14.68
CA CYS D 27 16.94 -10.44 15.22
C CYS D 27 16.64 -9.63 16.47
N ASP D 28 17.68 -9.00 17.03
CA ASP D 28 17.60 -8.21 18.24
C ASP D 28 17.92 -6.76 17.87
N SER D 29 16.89 -5.93 17.76
CA SER D 29 17.00 -4.57 17.27
C SER D 29 16.75 -3.57 18.40
N PRO D 30 17.25 -2.32 18.27
CA PRO D 30 16.98 -1.32 19.31
C PRO D 30 15.58 -0.73 19.23
N ILE D 31 14.81 -1.12 18.22
CA ILE D 31 13.40 -0.76 18.11
C ILE D 31 12.64 -2.07 18.19
N ALA D 32 12.26 -2.46 19.40
CA ALA D 32 11.54 -3.71 19.68
C ALA D 32 10.07 -3.36 19.87
N ILE D 33 9.29 -3.59 18.82
CA ILE D 33 7.85 -3.34 18.86
C ILE D 33 7.21 -4.24 19.90
N GLU D 34 6.39 -3.65 20.78
CA GLU D 34 5.65 -4.39 21.78
C GLU D 34 4.41 -3.61 22.14
N GLU D 35 3.28 -4.32 22.26
CA GLU D 35 2.02 -3.71 22.69
C GLU D 35 1.57 -2.63 21.72
N VAL D 36 1.34 -2.98 20.46
CA VAL D 36 0.66 -2.08 19.54
C VAL D 36 -0.74 -1.86 20.09
N ARG D 37 -1.26 -0.63 19.97
CA ARG D 37 -2.55 -0.28 20.57
C ARG D 37 -3.38 0.45 19.52
N GLY D 38 -4.13 -0.33 18.74
CA GLY D 38 -5.15 0.20 17.85
C GLY D 38 -6.54 -0.12 18.36
N ASP D 39 -7.18 0.87 19.00
CA ASP D 39 -8.57 0.74 19.44
C ASP D 39 -9.36 2.03 19.26
N ALA D 40 -8.75 3.08 18.69
CA ALA D 40 -9.45 4.33 18.46
C ALA D 40 -10.32 4.19 17.21
N HIS D 41 -11.01 5.27 16.84
CA HIS D 41 -12.03 5.19 15.80
C HIS D 41 -11.48 5.51 14.42
N ALA D 42 -10.92 6.70 14.23
CA ALA D 42 -10.60 7.18 12.89
C ALA D 42 -9.21 6.75 12.43
N GLY D 43 -8.69 5.64 12.98
CA GLY D 43 -7.47 5.02 12.52
C GLY D 43 -6.23 5.40 13.31
N VAL D 44 -6.32 6.40 14.19
CA VAL D 44 -5.16 6.78 14.98
C VAL D 44 -4.78 5.62 15.89
N ILE D 45 -3.50 5.24 15.85
CA ILE D 45 -2.97 4.19 16.70
C ILE D 45 -1.80 4.73 17.51
N ARG D 46 -1.51 4.05 18.62
CA ARG D 46 -0.38 4.38 19.49
C ARG D 46 0.49 3.12 19.58
N ILE D 47 1.69 3.23 19.04
CA ILE D 47 2.66 2.14 19.06
C ILE D 47 3.58 2.33 20.26
N GLN D 48 4.04 1.23 20.84
CA GLN D 48 5.05 1.26 21.88
C GLN D 48 6.28 0.48 21.42
N THR D 49 7.44 1.07 21.66
CA THR D 49 8.71 0.52 21.18
C THR D 49 9.69 0.48 22.35
N SER D 50 10.96 0.16 22.05
CA SER D 50 12.00 0.09 23.07
C SER D 50 13.01 1.22 22.95
N ALA D 51 12.85 2.12 21.98
CA ALA D 51 13.68 3.31 21.87
C ALA D 51 13.01 4.47 22.59
N MET D 52 13.80 5.49 22.90
CA MET D 52 13.37 6.60 23.74
C MET D 52 13.36 7.87 22.90
N PHE D 53 12.19 8.17 22.33
CA PHE D 53 12.05 9.38 21.52
C PHE D 53 11.73 10.57 22.41
N GLY D 54 12.08 11.77 21.92
CA GLY D 54 11.66 12.98 22.60
C GLY D 54 12.70 13.57 23.53
N LEU D 55 13.60 12.75 24.07
CA LEU D 55 14.61 13.24 25.01
C LEU D 55 16.00 12.85 24.55
N LYS D 56 16.97 13.67 24.92
CA LYS D 56 18.36 13.51 24.51
C LYS D 56 19.15 12.75 25.58
N THR D 57 20.46 12.68 25.41
CA THR D 57 21.34 12.10 26.41
C THR D 57 21.61 13.04 27.58
N ASP D 58 21.39 14.35 27.41
CA ASP D 58 21.66 15.35 28.43
C ASP D 58 20.44 16.18 28.80
N GLY D 59 19.62 16.56 27.84
CA GLY D 59 18.44 17.35 28.08
C GLY D 59 17.18 16.67 27.56
N VAL D 60 16.33 17.43 26.86
CA VAL D 60 15.15 16.86 26.23
C VAL D 60 15.23 17.13 24.73
N ASP D 61 15.15 18.40 24.33
CA ASP D 61 15.33 18.79 22.93
C ASP D 61 14.44 17.96 22.02
N LEU D 62 13.12 18.19 22.09
CA LEU D 62 12.08 17.28 21.61
C LEU D 62 12.35 16.59 20.27
N ALA D 63 13.12 17.21 19.39
CA ALA D 63 13.36 16.67 18.05
C ALA D 63 14.48 15.62 18.02
N TYR D 64 14.80 14.98 19.14
CA TYR D 64 15.88 14.01 19.24
C TYR D 64 15.36 12.66 19.69
N MET D 65 16.25 11.67 19.69
CA MET D 65 15.88 10.29 19.95
C MET D 65 17.10 9.52 20.44
N SER D 66 17.00 8.99 21.66
CA SER D 66 18.06 8.19 22.26
C SER D 66 17.68 6.72 22.20
N PHE D 67 18.56 5.92 21.62
CA PHE D 67 18.39 4.48 21.55
C PHE D 67 19.72 3.82 21.90
N MET D 68 19.64 2.58 22.40
CA MET D 68 20.82 1.85 22.85
C MET D 68 21.37 1.02 21.70
N ASN D 69 22.61 1.32 21.30
CA ASN D 69 23.34 0.57 20.29
C ASN D 69 24.46 -0.18 21.02
N GLY D 70 24.15 -1.40 21.47
CA GLY D 70 25.11 -2.18 22.23
C GLY D 70 25.15 -1.83 23.70
N LYS D 71 26.25 -1.24 24.15
CA LYS D 71 26.45 -0.86 25.54
C LYS D 71 26.50 0.66 25.72
N THR D 72 25.86 1.40 24.82
CA THR D 72 25.90 2.87 24.91
C THR D 72 24.60 3.44 24.34
N GLN D 73 23.83 4.08 25.21
CA GLN D 73 22.71 4.92 24.79
C GLN D 73 23.23 6.10 24.00
N LYS D 74 22.87 6.15 22.72
CA LYS D 74 23.31 7.20 21.81
C LYS D 74 22.10 7.95 21.30
N SER D 75 22.25 9.28 21.20
CA SER D 75 21.18 10.18 20.81
C SER D 75 21.46 10.71 19.41
N ILE D 76 20.43 10.66 18.56
CA ILE D 76 20.51 11.17 17.20
C ILE D 76 19.28 12.02 16.90
N LYS D 77 19.42 12.91 15.92
CA LYS D 77 18.30 13.68 15.42
C LYS D 77 17.32 12.75 14.72
N ILE D 78 16.03 13.00 14.91
CA ILE D 78 15.01 12.22 14.23
C ILE D 78 14.99 12.65 12.77
N ASP D 79 15.62 11.86 11.90
CA ASP D 79 15.70 12.21 10.49
C ASP D 79 14.38 11.87 9.78
N ASN D 80 13.90 10.63 9.95
CA ASN D 80 12.55 10.28 9.49
C ASN D 80 12.13 9.02 10.22
N LEU D 81 11.12 9.15 11.08
CA LEU D 81 10.54 8.01 11.78
C LEU D 81 9.36 7.47 10.97
N HIS D 82 9.59 6.46 10.14
CA HIS D 82 8.56 5.98 9.24
C HIS D 82 7.81 4.81 9.85
N VAL D 83 6.48 4.89 9.79
CA VAL D 83 5.57 3.87 10.30
C VAL D 83 4.64 3.48 9.18
N ARG D 84 4.48 2.18 8.94
CA ARG D 84 3.60 1.67 7.90
C ARG D 84 2.80 0.49 8.44
N THR D 85 1.60 0.32 7.88
CA THR D 85 0.80 -0.90 8.10
C THR D 85 0.51 -1.60 6.78
N SER D 86 -0.08 -0.90 5.82
CA SER D 86 -0.11 -1.30 4.42
C SER D 86 0.34 -0.18 3.50
N ALA D 87 0.49 1.04 4.03
CA ALA D 87 1.02 2.19 3.32
C ALA D 87 1.65 3.11 4.36
N PRO D 88 2.45 4.10 3.97
CA PRO D 88 3.09 4.95 4.96
C PRO D 88 2.07 5.67 5.85
N CYS D 89 2.35 5.66 7.15
CA CYS D 89 1.57 6.41 8.12
C CYS D 89 2.18 7.80 8.34
N SER D 90 1.34 8.70 8.83
CA SER D 90 1.74 10.06 9.15
C SER D 90 1.84 10.17 10.68
N LEU D 91 3.04 9.88 11.20
CA LEU D 91 3.26 9.98 12.63
C LEU D 91 3.05 11.42 13.09
N VAL D 92 2.33 11.56 14.22
CA VAL D 92 1.86 12.86 14.67
C VAL D 92 2.51 13.23 16.00
N SER D 93 2.95 12.24 16.76
CA SER D 93 3.60 12.57 18.04
C SER D 93 4.47 11.40 18.49
N HIS D 94 5.35 11.69 19.43
CA HIS D 94 6.21 10.68 20.04
C HIS D 94 6.67 11.18 21.39
N HIS D 95 6.86 10.25 22.33
CA HIS D 95 7.30 10.58 23.67
C HIS D 95 7.73 9.30 24.36
N GLY D 96 8.96 9.31 24.89
CA GLY D 96 9.45 8.15 25.63
C GLY D 96 9.45 6.90 24.77
N TYR D 97 8.77 5.87 25.25
CA TYR D 97 8.69 4.59 24.56
C TYR D 97 7.59 4.55 23.51
N TYR D 98 6.83 5.63 23.34
CA TYR D 98 5.57 5.61 22.62
C TYR D 98 5.63 6.51 21.39
N ILE D 99 4.97 6.07 20.32
CA ILE D 99 4.73 6.87 19.13
C ILE D 99 3.22 6.89 18.91
N LEU D 100 2.72 7.96 18.29
CA LEU D 100 1.31 8.08 17.98
C LEU D 100 1.19 8.53 16.53
N ALA D 101 0.45 7.76 15.73
CA ALA D 101 0.38 7.96 14.29
C ALA D 101 -1.03 7.74 13.81
N GLN D 102 -1.30 8.16 12.57
CA GLN D 102 -2.58 7.94 11.90
C GLN D 102 -2.33 6.98 10.73
N CYS D 103 -2.40 5.67 11.03
CA CYS D 103 -2.12 4.65 10.04
C CYS D 103 -3.37 4.26 9.26
N PRO D 104 -3.23 3.77 8.04
CA PRO D 104 -4.39 3.28 7.30
C PRO D 104 -4.66 1.82 7.67
N PRO D 105 -5.81 1.27 7.24
CA PRO D 105 -6.08 -0.15 7.53
C PRO D 105 -5.06 -1.09 6.91
N GLY D 106 -4.77 -2.18 7.61
CA GLY D 106 -3.78 -3.13 7.14
C GLY D 106 -3.75 -4.33 8.07
N ASP D 107 -2.67 -5.11 7.93
CA ASP D 107 -2.48 -6.29 8.78
C ASP D 107 -1.04 -6.45 9.26
N THR D 108 -0.24 -5.38 9.23
CA THR D 108 1.10 -5.39 9.80
C THR D 108 1.30 -4.06 10.51
N VAL D 109 2.35 -3.98 11.33
CA VAL D 109 2.82 -2.71 11.85
C VAL D 109 4.35 -2.73 11.81
N THR D 110 4.93 -1.83 11.01
CA THR D 110 6.38 -1.78 10.81
C THR D 110 6.85 -0.36 11.10
N VAL D 111 7.78 -0.24 12.04
CA VAL D 111 8.36 1.03 12.41
C VAL D 111 9.82 1.04 11.96
N GLY D 112 10.37 2.24 11.79
CA GLY D 112 11.79 2.34 11.53
C GLY D 112 12.32 3.75 11.61
N PHE D 113 13.61 3.89 11.91
CA PHE D 113 14.28 5.17 11.95
C PHE D 113 15.65 5.04 11.31
N HIS D 114 15.96 5.97 10.41
CA HIS D 114 17.27 5.97 9.78
C HIS D 114 18.33 6.51 10.73
N ASP D 115 19.51 5.91 10.65
CA ASP D 115 20.70 6.42 11.32
C ASP D 115 21.73 6.99 10.36
N GLY D 116 21.66 6.63 9.07
CA GLY D 116 22.52 7.15 8.04
C GLY D 116 23.35 6.10 7.35
N PRO D 117 23.99 5.20 8.11
CA PRO D 117 24.59 4.00 7.49
C PRO D 117 23.64 2.82 7.43
N ASN D 118 22.67 2.76 8.36
CA ASN D 118 21.81 1.59 8.50
C ASN D 118 20.39 2.05 8.80
N ARG D 119 19.46 1.09 8.77
CA ARG D 119 18.03 1.37 8.76
C ARG D 119 17.32 1.06 10.06
N HIS D 120 17.63 -0.06 10.72
CA HIS D 120 17.05 -0.43 12.01
C HIS D 120 15.52 -0.41 11.96
N THR D 121 14.98 -1.28 11.12
CA THR D 121 13.54 -1.44 10.97
C THR D 121 13.04 -2.59 11.83
N CYS D 122 11.72 -2.60 12.06
CA CYS D 122 11.11 -3.66 12.86
C CYS D 122 9.64 -3.81 12.54
N THR D 123 9.23 -5.01 12.11
CA THR D 123 7.86 -5.31 11.69
C THR D 123 7.25 -6.36 12.61
N VAL D 124 5.94 -6.26 12.79
CA VAL D 124 5.18 -7.24 13.56
C VAL D 124 3.84 -7.50 12.89
N ALA D 125 3.33 -8.72 13.05
CA ALA D 125 2.02 -9.10 12.54
C ALA D 125 0.92 -8.66 13.52
N HIS D 126 0.32 -7.51 13.28
CA HIS D 126 -0.78 -7.00 14.09
C HIS D 126 -1.91 -6.56 13.17
N LYS D 127 -3.13 -6.80 13.61
CA LYS D 127 -4.33 -6.51 12.83
C LYS D 127 -4.86 -5.16 13.27
N VAL D 128 -4.70 -4.16 12.42
CA VAL D 128 -5.19 -2.81 12.67
C VAL D 128 -6.35 -2.54 11.72
N GLU D 129 -7.50 -2.17 12.28
CA GLU D 129 -8.70 -1.89 11.52
C GLU D 129 -9.04 -0.41 11.58
N PHE D 130 -9.82 0.03 10.60
CA PHE D 130 -10.36 1.39 10.56
C PHE D 130 -11.81 1.32 11.02
N ARG D 131 -12.09 1.94 12.16
CA ARG D 131 -13.42 1.84 12.80
C ARG D 131 -14.23 3.08 12.48
N PRO D 132 -15.09 3.08 11.45
CA PRO D 132 -15.93 4.26 11.19
C PRO D 132 -16.85 4.58 12.36
N VAL D 133 -17.06 5.86 12.62
CA VAL D 133 -17.96 6.30 13.68
C VAL D 133 -19.37 6.38 13.12
N GLY D 134 -20.35 6.20 14.01
CA GLY D 134 -21.72 6.29 13.59
C GLY D 134 -22.17 5.05 12.83
N ARG D 135 -23.13 5.27 11.94
CA ARG D 135 -23.81 4.20 11.23
C ARG D 135 -23.42 4.08 9.76
N GLU D 136 -22.41 4.84 9.31
CA GLU D 136 -21.95 4.80 7.93
C GLU D 136 -20.48 4.40 7.92
N LYS D 137 -20.15 3.41 7.09
CA LYS D 137 -18.80 2.85 7.06
C LYS D 137 -17.97 3.55 5.97
N TYR D 138 -17.51 4.74 6.31
CA TYR D 138 -16.49 5.41 5.49
C TYR D 138 -15.12 4.78 5.77
N ARG D 139 -14.23 4.88 4.79
CA ARG D 139 -12.92 4.26 4.85
C ARG D 139 -11.79 5.26 5.10
N HIS D 140 -12.10 6.52 5.38
CA HIS D 140 -11.11 7.53 5.73
C HIS D 140 -11.89 8.74 6.26
N PRO D 141 -11.42 9.46 7.28
CA PRO D 141 -12.18 10.60 7.80
C PRO D 141 -12.48 11.62 6.71
N PRO D 142 -13.74 12.15 6.63
CA PRO D 142 -14.04 13.09 5.56
C PRO D 142 -13.68 14.53 5.90
N GLU D 143 -13.94 15.44 4.97
CA GLU D 143 -13.77 16.86 5.19
C GLU D 143 -15.04 17.54 5.73
N HIS D 144 -16.18 16.84 5.71
CA HIS D 144 -17.42 17.42 6.22
C HIS D 144 -18.42 16.31 6.53
N GLY D 145 -19.30 16.58 7.49
CA GLY D 145 -20.31 15.59 7.89
C GLY D 145 -20.97 15.96 9.19
N VAL D 146 -21.28 14.96 10.02
CA VAL D 146 -21.85 15.18 11.34
C VAL D 146 -20.74 14.99 12.36
N GLU D 147 -20.82 15.76 13.45
CA GLU D 147 -19.82 15.73 14.52
C GLU D 147 -20.32 14.77 15.59
N LEU D 148 -19.79 13.55 15.59
CA LEU D 148 -20.19 12.49 16.49
C LEU D 148 -19.18 12.29 17.60
N PRO D 149 -19.58 11.71 18.74
CA PRO D 149 -18.61 11.43 19.81
C PRO D 149 -17.84 10.14 19.58
N CYS D 150 -16.54 10.26 19.36
CA CYS D 150 -15.64 9.12 19.18
C CYS D 150 -14.65 9.09 20.34
N ASN D 151 -13.75 8.10 20.32
CA ASN D 151 -12.67 8.02 21.30
C ASN D 151 -11.35 7.92 20.54
N ARG D 152 -10.39 8.74 20.92
CA ARG D 152 -9.11 8.81 20.23
C ARG D 152 -7.96 8.80 21.24
N TYR D 153 -6.82 8.26 20.78
CA TYR D 153 -5.58 8.38 21.56
C TYR D 153 -5.11 9.82 21.46
N THR D 154 -5.17 10.54 22.58
CA THR D 154 -4.94 11.98 22.57
C THR D 154 -3.50 12.29 22.15
N HIS D 155 -3.35 13.44 21.48
CA HIS D 155 -2.06 13.95 21.09
C HIS D 155 -1.35 14.68 22.23
N LYS D 156 -2.00 14.79 23.39
CA LYS D 156 -1.45 15.53 24.52
C LYS D 156 -0.18 14.84 25.00
N ARG D 157 0.89 15.62 25.14
CA ARG D 157 2.18 15.10 25.57
C ARG D 157 2.11 14.57 26.99
N ALA D 158 1.40 15.27 27.87
CA ALA D 158 1.44 15.03 29.31
C ALA D 158 0.09 14.53 29.80
N ASP D 159 0.12 13.58 30.73
CA ASP D 159 -1.07 13.09 31.40
C ASP D 159 -0.63 12.30 32.63
N GLN D 160 -1.59 12.02 33.52
CA GLN D 160 -1.33 11.21 34.70
C GLN D 160 -2.41 10.18 34.95
N GLY D 161 -3.30 9.93 34.00
CA GLY D 161 -4.38 8.98 34.17
C GLY D 161 -3.94 7.54 34.32
N HIS D 162 -3.08 7.07 33.42
CA HIS D 162 -2.63 5.69 33.39
C HIS D 162 -1.11 5.62 33.50
N TYR D 163 -0.62 4.51 34.06
CA TYR D 163 0.80 4.30 34.25
C TYR D 163 1.18 2.88 33.86
N VAL D 164 2.44 2.73 33.48
CA VAL D 164 3.08 1.44 33.24
C VAL D 164 4.20 1.27 34.26
N GLU D 165 4.70 0.05 34.37
CA GLU D 165 5.72 -0.27 35.36
C GLU D 165 7.12 -0.29 34.73
N MET D 166 8.08 0.24 35.50
CA MET D 166 9.51 0.10 35.21
C MET D 166 10.15 -0.65 36.38
N HIS D 167 11.14 -1.47 36.04
CA HIS D 167 11.77 -2.39 36.97
C HIS D 167 13.28 -2.28 36.79
N GLN D 168 14.02 -2.87 37.74
CA GLN D 168 15.46 -3.00 37.62
C GLN D 168 15.75 -3.94 36.47
N PRO D 169 16.59 -3.59 35.49
CA PRO D 169 16.79 -4.49 34.35
C PRO D 169 17.47 -5.77 34.76
N GLY D 170 17.19 -6.84 34.01
CA GLY D 170 17.81 -8.12 34.26
C GLY D 170 19.27 -8.13 33.87
N LEU D 171 19.88 -9.31 33.83
CA LEU D 171 21.29 -9.44 33.48
C LEU D 171 21.46 -9.45 31.97
N VAL D 172 22.32 -8.56 31.47
CA VAL D 172 22.52 -8.39 30.02
C VAL D 172 23.69 -9.31 29.64
N ALA D 173 23.38 -10.43 29.00
CA ALA D 173 24.41 -11.40 28.66
C ALA D 173 25.42 -10.81 27.69
N ASP D 174 26.65 -11.32 27.72
CA ASP D 174 27.70 -10.81 26.87
C ASP D 174 28.83 -11.82 26.75
N HIS D 175 29.46 -11.80 25.58
CA HIS D 175 30.71 -12.53 25.34
C HIS D 175 31.80 -11.66 24.75
N SER D 176 31.48 -10.45 24.27
CA SER D 176 32.44 -9.60 23.59
C SER D 176 33.52 -9.06 24.53
N LEU D 177 33.20 -8.87 25.81
CA LEU D 177 34.18 -8.40 26.79
C LEU D 177 34.83 -9.61 27.48
N LEU D 178 35.28 -10.53 26.64
CA LEU D 178 35.96 -11.75 27.10
C LEU D 178 37.10 -12.01 26.10
N SER D 179 38.31 -11.63 26.49
CA SER D 179 39.48 -11.77 25.65
C SER D 179 40.38 -12.89 26.19
N ILE D 180 41.43 -13.19 25.44
CA ILE D 180 42.48 -14.11 25.86
C ILE D 180 43.72 -13.27 26.11
N HIS D 181 44.13 -13.17 27.37
CA HIS D 181 45.23 -12.27 27.72
C HIS D 181 46.57 -12.85 27.27
N SER D 182 46.94 -14.02 27.84
CA SER D 182 48.08 -14.79 27.33
C SER D 182 47.63 -16.18 26.91
N ALA D 183 47.09 -16.98 27.83
CA ALA D 183 46.49 -18.27 27.49
C ALA D 183 45.23 -18.54 28.31
N LYS D 184 44.64 -17.51 28.91
CA LYS D 184 43.51 -17.67 29.82
C LYS D 184 42.46 -16.62 29.51
N VAL D 185 41.21 -16.95 29.90
CA VAL D 185 40.13 -16.00 29.73
C VAL D 185 40.38 -14.76 30.60
N LYS D 186 39.88 -13.63 30.12
CA LYS D 186 40.02 -12.37 30.84
C LYS D 186 38.81 -11.49 30.54
N ILE D 187 38.08 -11.10 31.57
CA ILE D 187 36.84 -10.33 31.42
C ILE D 187 37.22 -8.86 31.55
N THR D 188 36.81 -8.06 30.57
CA THR D 188 37.12 -6.63 30.52
C THR D 188 35.91 -5.84 30.98
N VAL D 189 35.92 -5.44 32.25
CA VAL D 189 34.84 -4.66 32.83
C VAL D 189 34.78 -3.31 32.13
N PRO D 190 33.60 -2.85 31.67
CA PRO D 190 33.57 -1.60 30.89
C PRO D 190 33.41 -0.35 31.75
N SER D 191 34.25 -0.23 32.79
CA SER D 191 34.37 0.98 33.61
C SER D 191 33.01 1.52 34.06
N GLY D 192 32.37 0.76 34.95
CA GLY D 192 31.11 1.19 35.53
C GLY D 192 30.09 0.09 35.74
N ALA D 193 30.42 -1.14 35.35
CA ALA D 193 29.54 -2.28 35.54
C ALA D 193 30.26 -3.41 36.27
N GLN D 194 29.70 -3.87 37.38
CA GLN D 194 30.27 -4.97 38.16
C GLN D 194 29.90 -6.28 37.47
N VAL D 195 30.53 -6.51 36.33
CA VAL D 195 30.12 -7.57 35.41
C VAL D 195 30.18 -8.93 36.11
N LYS D 196 29.05 -9.62 36.15
CA LYS D 196 29.02 -10.99 36.61
C LYS D 196 29.69 -11.89 35.56
N TYR D 197 30.04 -13.11 35.97
CA TYR D 197 30.60 -14.05 35.01
C TYR D 197 30.43 -15.47 35.56
N TYR D 198 30.45 -16.43 34.63
CA TYR D 198 30.23 -17.83 34.97
C TYR D 198 30.97 -18.71 33.98
N CYS D 199 31.80 -19.63 34.46
CA CYS D 199 32.69 -20.43 33.62
C CYS D 199 32.49 -21.90 33.98
N LYS D 200 33.41 -22.74 33.46
CA LYS D 200 33.36 -24.20 33.53
C LYS D 200 32.99 -24.70 34.92
N CYS D 201 33.81 -24.40 35.93
CA CYS D 201 33.48 -24.70 37.31
C CYS D 201 32.80 -23.48 37.92
N PRO D 202 31.98 -23.62 38.97
CA PRO D 202 31.23 -22.47 39.45
C PRO D 202 32.15 -21.43 40.09
N ASP D 203 32.36 -20.35 39.35
CA ASP D 203 33.28 -19.28 39.72
C ASP D 203 32.51 -18.20 40.49
N VAL D 204 33.16 -17.06 40.71
CA VAL D 204 32.59 -15.96 41.48
C VAL D 204 31.28 -15.54 40.83
N ARG D 205 30.17 -15.68 41.57
CA ARG D 205 28.84 -15.45 41.05
C ARG D 205 28.32 -14.05 41.39
N LYS D 206 29.21 -13.14 41.78
CA LYS D 206 28.81 -11.80 42.21
C LYS D 206 29.43 -10.71 41.34
N GLY D 207 30.51 -11.03 40.64
CA GLY D 207 31.16 -10.06 39.77
C GLY D 207 31.96 -9.03 40.53
N ILE D 208 32.87 -8.34 39.84
CA ILE D 208 33.72 -7.33 40.46
C ILE D 208 34.08 -6.30 39.39
N THR D 209 34.32 -5.07 39.84
CA THR D 209 34.62 -3.97 38.92
C THR D 209 35.97 -4.18 38.24
N SER D 210 36.97 -4.63 39.02
CA SER D 210 38.30 -4.80 38.46
C SER D 210 38.29 -5.88 37.38
N SER D 211 39.05 -5.63 36.31
CA SER D 211 39.13 -6.58 35.20
C SER D 211 39.73 -7.90 35.67
N ASP D 212 38.90 -8.92 35.79
CA ASP D 212 39.31 -10.19 36.37
C ASP D 212 39.77 -11.16 35.27
N HIS D 213 40.55 -12.15 35.69
CA HIS D 213 40.92 -13.28 34.85
C HIS D 213 41.01 -14.52 35.71
N THR D 214 40.64 -15.66 35.15
CA THR D 214 40.56 -16.92 35.88
C THR D 214 41.24 -18.01 35.08
N THR D 215 41.92 -18.93 35.78
CA THR D 215 42.65 -20.02 35.16
C THR D 215 41.85 -21.31 35.11
N THR D 216 40.52 -21.23 35.12
CA THR D 216 39.70 -22.44 35.05
C THR D 216 39.91 -23.16 33.73
N CYS D 217 39.99 -22.42 32.63
CA CYS D 217 40.25 -22.99 31.31
C CYS D 217 40.71 -21.88 30.36
N THR D 218 41.12 -22.25 29.15
CA THR D 218 41.67 -21.31 28.18
C THR D 218 40.70 -20.96 27.06
N ASP D 219 39.43 -21.34 27.17
CA ASP D 219 38.44 -21.15 26.11
C ASP D 219 37.35 -20.21 26.60
N VAL D 220 37.15 -19.12 25.85
CA VAL D 220 36.08 -18.15 26.12
C VAL D 220 34.71 -18.80 25.91
N LYS D 221 34.66 -19.83 25.07
CA LYS D 221 33.39 -20.43 24.64
C LYS D 221 32.61 -21.03 25.80
N GLN D 222 33.29 -21.35 26.90
CA GLN D 222 32.67 -22.05 28.03
C GLN D 222 32.62 -21.14 29.25
N CYS D 223 32.66 -19.82 29.02
CA CYS D 223 32.44 -18.86 30.10
C CYS D 223 31.81 -17.60 29.56
N ARG D 224 30.74 -17.13 30.21
CA ARG D 224 29.99 -15.95 29.78
C ARG D 224 30.14 -14.86 30.82
N ALA D 225 29.85 -13.62 30.43
CA ALA D 225 29.90 -12.48 31.35
C ALA D 225 28.60 -11.70 31.23
N TYR D 226 27.95 -11.46 32.36
CA TYR D 226 26.67 -10.76 32.41
C TYR D 226 26.95 -9.31 32.79
N LEU D 227 26.89 -8.43 31.78
CA LEU D 227 26.88 -7.00 32.04
C LEU D 227 25.68 -6.65 32.91
N ILE D 228 25.93 -5.84 33.94
CA ILE D 228 24.93 -5.54 34.96
C ILE D 228 25.05 -4.07 35.33
N ASP D 229 23.93 -3.44 35.65
CA ASP D 229 23.92 -2.02 36.00
C ASP D 229 22.68 -1.73 36.82
N ASN D 230 22.84 -0.88 37.84
CA ASN D 230 21.76 -0.52 38.75
C ASN D 230 21.48 0.98 38.74
N LYS D 231 21.89 1.67 37.67
CA LYS D 231 21.80 3.12 37.59
C LYS D 231 20.76 3.61 36.59
N LYS D 232 20.21 2.73 35.76
CA LYS D 232 19.15 3.10 34.82
C LYS D 232 18.19 1.94 34.68
N TRP D 233 16.89 2.27 34.63
CA TRP D 233 15.80 1.30 34.69
C TRP D 233 15.15 1.16 33.32
N VAL D 234 14.44 0.05 33.13
CA VAL D 234 13.74 -0.25 31.88
C VAL D 234 12.32 -0.69 32.22
N TYR D 235 11.40 -0.46 31.27
CA TYR D 235 10.07 -1.04 31.36
C TYR D 235 10.16 -2.55 31.39
N ASN D 236 9.35 -3.18 32.24
CA ASN D 236 9.44 -4.63 32.47
C ASN D 236 8.87 -5.34 31.24
N SER D 237 9.65 -5.33 30.17
CA SER D 237 9.26 -6.01 28.94
C SER D 237 9.27 -7.52 29.13
N GLY D 238 8.31 -8.19 28.49
CA GLY D 238 8.30 -9.63 28.47
C GLY D 238 9.42 -10.22 27.64
N ARG D 239 10.04 -9.39 26.81
CA ARG D 239 11.12 -9.81 25.92
C ARG D 239 12.50 -9.57 26.55
N LEU D 240 12.55 -9.39 27.87
CA LEU D 240 13.79 -9.13 28.59
C LEU D 240 13.84 -10.03 29.82
N PRO D 241 15.02 -10.42 30.29
CA PRO D 241 15.07 -11.21 31.54
C PRO D 241 14.80 -10.35 32.75
N ARG D 242 14.32 -10.98 33.81
CA ARG D 242 13.98 -10.29 35.05
C ARG D 242 15.15 -10.40 36.03
N GLY D 243 15.48 -9.28 36.67
CA GLY D 243 16.54 -9.28 37.66
C GLY D 243 16.16 -10.11 38.88
N GLU D 244 17.19 -10.65 39.55
CA GLU D 244 16.96 -11.46 40.73
C GLU D 244 16.34 -10.62 41.85
N GLY D 245 16.82 -9.39 42.02
CA GLY D 245 16.23 -8.49 42.98
C GLY D 245 14.82 -8.08 42.59
N ASP D 246 13.83 -8.58 43.33
CA ASP D 246 12.42 -8.31 43.05
C ASP D 246 12.02 -7.04 43.79
N THR D 247 12.49 -5.90 43.26
CA THR D 247 12.32 -4.62 43.92
C THR D 247 11.93 -3.56 42.90
N PHE D 248 11.64 -2.35 43.38
CA PHE D 248 11.35 -1.17 42.56
C PHE D 248 10.28 -1.38 41.50
N LYS D 249 9.04 -1.59 41.91
CA LYS D 249 7.91 -1.22 41.08
C LYS D 249 7.92 0.30 40.91
N GLY D 250 8.10 0.77 39.68
CA GLY D 250 8.16 2.20 39.43
C GLY D 250 7.14 2.67 38.41
N LYS D 251 6.47 3.79 38.68
CA LYS D 251 5.45 4.28 37.76
C LYS D 251 6.07 5.12 36.64
N LEU D 252 5.51 4.93 35.44
CA LEU D 252 5.85 5.73 34.27
C LEU D 252 4.55 6.10 33.59
N HIS D 253 4.25 7.40 33.54
CA HIS D 253 2.99 7.82 32.93
C HIS D 253 2.96 7.42 31.46
N VAL D 254 1.81 6.91 31.03
CA VAL D 254 1.56 6.60 29.63
C VAL D 254 1.10 7.90 28.97
N PRO D 255 1.86 8.47 28.00
CA PRO D 255 1.56 9.83 27.57
C PRO D 255 0.21 10.00 26.89
N PHE D 256 -0.04 9.18 25.87
CA PHE D 256 -1.20 9.37 25.00
C PHE D 256 -2.34 8.45 25.43
N VAL D 257 -2.92 8.76 26.57
CA VAL D 257 -4.04 7.99 27.09
C VAL D 257 -5.26 8.25 26.21
N PRO D 258 -6.17 7.29 26.05
CA PRO D 258 -7.38 7.55 25.26
C PRO D 258 -8.30 8.56 25.94
N VAL D 259 -8.99 9.34 25.10
CA VAL D 259 -9.91 10.37 25.56
C VAL D 259 -11.09 10.43 24.61
N LYS D 260 -12.26 10.76 25.15
CA LYS D 260 -13.40 11.08 24.31
C LYS D 260 -13.13 12.35 23.53
N ALA D 261 -13.47 12.33 22.24
CA ALA D 261 -13.27 13.47 21.36
C ALA D 261 -14.42 13.49 20.36
N LYS D 262 -14.36 14.43 19.41
CA LYS D 262 -15.40 14.63 18.42
C LYS D 262 -14.83 14.31 17.04
N CYS D 263 -15.35 13.26 16.42
CA CYS D 263 -14.96 12.87 15.08
C CYS D 263 -16.02 13.34 14.07
N ILE D 264 -15.64 13.32 12.80
CA ILE D 264 -16.52 13.72 11.71
C ILE D 264 -16.90 12.47 10.94
N ALA D 265 -18.20 12.18 10.90
CA ALA D 265 -18.74 11.00 10.23
C ALA D 265 -19.52 11.43 8.98
N THR D 266 -19.47 10.58 7.96
CA THR D 266 -20.11 10.89 6.69
C THR D 266 -21.62 11.06 6.87
N LEU D 267 -22.18 12.01 6.14
CA LEU D 267 -23.62 12.18 6.02
C LEU D 267 -24.07 11.60 4.68
N ALA D 268 -24.97 10.62 4.75
CA ALA D 268 -25.36 9.94 3.52
C ALA D 268 -26.15 10.88 2.62
N PRO D 269 -26.19 10.64 1.31
CA PRO D 269 -26.98 11.52 0.43
C PRO D 269 -28.46 11.44 0.77
N GLU D 270 -29.17 12.54 0.51
CA GLU D 270 -30.59 12.62 0.81
C GLU D 270 -31.35 11.57 0.00
N PRO D 271 -32.14 10.70 0.63
CA PRO D 271 -32.90 9.72 -0.14
C PRO D 271 -34.09 10.36 -0.84
N LEU D 272 -34.60 9.68 -1.87
CA LEU D 272 -35.78 10.12 -2.59
C LEU D 272 -36.99 9.46 -1.95
N VAL D 273 -37.80 10.26 -1.28
CA VAL D 273 -39.02 9.79 -0.63
C VAL D 273 -40.19 9.98 -1.59
N GLU D 274 -40.96 8.90 -1.75
CA GLU D 274 -42.20 8.92 -2.54
C GLU D 274 -43.31 8.50 -1.57
N HIS D 275 -44.06 9.49 -1.08
CA HIS D 275 -45.13 9.23 -0.12
C HIS D 275 -46.40 8.85 -0.85
N LYS D 276 -46.37 7.75 -1.59
CA LYS D 276 -47.57 7.20 -2.22
C LYS D 276 -48.44 6.65 -1.10
N HIS D 277 -49.66 7.19 -0.99
CA HIS D 277 -50.46 6.98 0.21
C HIS D 277 -50.78 5.50 0.40
N ARG D 278 -50.95 5.13 1.67
CA ARG D 278 -51.10 3.78 2.22
C ARG D 278 -49.74 3.08 2.34
N THR D 279 -48.64 3.69 1.92
CA THR D 279 -47.31 3.11 2.06
C THR D 279 -46.29 4.23 1.89
N LEU D 280 -45.02 3.84 1.74
CA LEU D 280 -43.93 4.81 1.61
C LEU D 280 -42.81 4.15 0.83
N ILE D 281 -42.46 4.71 -0.33
CA ILE D 281 -41.35 4.22 -1.14
C ILE D 281 -40.13 5.07 -0.85
N LEU D 282 -38.97 4.43 -0.73
CA LEU D 282 -37.74 5.12 -0.38
C LEU D 282 -36.64 4.62 -1.31
N HIS D 283 -36.19 5.50 -2.21
CA HIS D 283 -35.04 5.19 -3.08
C HIS D 283 -33.80 5.72 -2.38
N LEU D 284 -32.88 4.80 -2.04
CA LEU D 284 -31.65 5.11 -1.34
C LEU D 284 -30.49 4.91 -2.30
N HIS D 285 -29.59 5.90 -2.36
CA HIS D 285 -28.44 5.89 -3.25
C HIS D 285 -27.18 6.19 -2.44
N PRO D 286 -26.70 5.23 -1.64
CA PRO D 286 -25.51 5.48 -0.82
C PRO D 286 -24.21 5.46 -1.62
N ASP D 287 -23.15 5.96 -0.99
CA ASP D 287 -21.79 5.85 -1.51
C ASP D 287 -20.89 5.00 -0.62
N HIS D 288 -21.31 4.72 0.62
CA HIS D 288 -20.66 3.80 1.52
C HIS D 288 -21.70 2.85 2.10
N PRO D 289 -21.29 1.68 2.61
CA PRO D 289 -22.30 0.75 3.15
C PRO D 289 -22.89 1.25 4.47
N THR D 290 -23.88 2.12 4.36
CA THR D 290 -24.58 2.63 5.55
C THR D 290 -25.65 1.63 5.96
N LEU D 291 -26.48 2.02 6.93
CA LEU D 291 -27.62 1.22 7.34
C LEU D 291 -28.87 2.08 7.46
N LEU D 292 -30.02 1.44 7.24
CA LEU D 292 -31.34 2.05 7.41
C LEU D 292 -32.07 1.27 8.47
N THR D 293 -32.66 1.98 9.45
CA THR D 293 -33.45 1.37 10.50
C THR D 293 -34.81 2.03 10.57
N THR D 294 -35.87 1.22 10.51
CA THR D 294 -37.24 1.72 10.57
C THR D 294 -38.03 0.90 11.58
N ARG D 295 -39.03 1.55 12.18
CA ARG D 295 -39.85 0.93 13.20
C ARG D 295 -41.21 1.63 13.26
N SER D 296 -42.25 0.84 13.49
CA SER D 296 -43.59 1.40 13.66
C SER D 296 -43.68 2.15 14.99
N LEU D 297 -44.65 3.06 15.07
CA LEU D 297 -44.85 3.89 16.25
C LEU D 297 -46.03 3.46 17.09
N GLY D 298 -46.60 2.29 16.84
CA GLY D 298 -47.78 1.82 17.54
C GLY D 298 -47.45 0.95 18.74
N SER D 299 -48.33 -0.02 18.99
CA SER D 299 -48.17 -0.94 20.12
C SER D 299 -47.04 -1.94 19.91
N ASP D 300 -46.55 -2.08 18.68
CA ASP D 300 -45.42 -2.97 18.39
C ASP D 300 -44.46 -2.21 17.48
N ALA D 301 -43.17 -2.24 17.82
CA ALA D 301 -42.19 -1.53 17.01
C ALA D 301 -42.12 -2.08 15.60
N ASN D 302 -42.11 -3.41 15.47
CA ASN D 302 -41.96 -4.08 14.18
C ASN D 302 -40.71 -3.55 13.49
N PRO D 303 -39.53 -3.72 14.07
CA PRO D 303 -38.34 -3.08 13.53
C PRO D 303 -37.77 -3.82 12.34
N THR D 304 -37.02 -3.09 11.53
CA THR D 304 -36.24 -3.67 10.45
C THR D 304 -34.99 -2.81 10.24
N ARG D 305 -33.83 -3.46 10.27
CA ARG D 305 -32.55 -2.80 10.09
C ARG D 305 -31.78 -3.53 9.02
N GLN D 306 -31.22 -2.79 8.06
CA GLN D 306 -30.45 -3.42 6.98
C GLN D 306 -29.34 -2.49 6.51
N TRP D 307 -28.20 -3.10 6.21
CA TRP D 307 -27.07 -2.39 5.64
C TRP D 307 -27.25 -2.27 4.13
N ILE D 308 -27.35 -1.02 3.67
CA ILE D 308 -27.45 -0.70 2.25
C ILE D 308 -26.08 -0.27 1.76
N GLU D 309 -25.62 -0.89 0.68
CA GLU D 309 -24.32 -0.62 0.08
C GLU D 309 -24.38 -0.23 -1.38
N ARG D 310 -25.51 -0.39 -2.05
CA ARG D 310 -25.67 0.02 -3.43
C ARG D 310 -27.04 0.67 -3.56
N PRO D 311 -27.31 1.34 -4.69
CA PRO D 311 -28.64 1.95 -4.86
C PRO D 311 -29.74 0.91 -4.81
N THR D 312 -30.73 1.16 -3.96
CA THR D 312 -31.85 0.25 -3.75
C THR D 312 -33.13 1.06 -3.57
N THR D 313 -34.26 0.34 -3.56
CA THR D 313 -35.57 0.93 -3.29
C THR D 313 -36.30 0.03 -2.31
N VAL D 314 -36.76 0.60 -1.21
CA VAL D 314 -37.41 -0.15 -0.14
C VAL D 314 -38.81 0.43 0.09
N ASN D 315 -39.78 -0.47 0.30
CA ASN D 315 -41.16 -0.10 0.52
C ASN D 315 -41.53 -0.41 1.96
N PHE D 316 -42.04 0.60 2.68
CA PHE D 316 -42.45 0.46 4.07
C PHE D 316 -43.90 0.82 4.20
N THR D 317 -44.69 -0.08 4.79
CA THR D 317 -46.12 0.12 4.96
C THR D 317 -46.34 0.90 6.26
N VAL D 318 -46.56 2.20 6.14
CA VAL D 318 -46.81 3.07 7.28
C VAL D 318 -48.30 3.10 7.56
N THR D 319 -48.67 2.79 8.80
CA THR D 319 -50.08 2.80 9.20
C THR D 319 -50.45 4.17 9.75
N GLY D 320 -51.67 4.30 10.29
CA GLY D 320 -52.08 5.55 10.86
C GLY D 320 -51.41 5.85 12.19
N GLU D 321 -50.85 4.81 12.81
CA GLU D 321 -50.09 5.01 14.05
C GLU D 321 -48.80 5.77 13.79
N GLY D 322 -48.19 5.56 12.62
CA GLY D 322 -47.00 6.27 12.18
C GLY D 322 -45.85 5.31 11.98
N LEU D 323 -44.73 5.86 11.50
CA LEU D 323 -43.51 5.08 11.32
C LEU D 323 -42.32 6.02 11.39
N GLU D 324 -41.26 5.56 12.06
CA GLU D 324 -40.04 6.32 12.21
C GLU D 324 -38.92 5.58 11.51
N TYR D 325 -38.22 6.30 10.62
CA TYR D 325 -37.08 5.72 9.91
C TYR D 325 -35.91 6.69 10.02
N THR D 326 -34.73 6.13 10.25
CA THR D 326 -33.48 6.89 10.24
C THR D 326 -32.49 6.18 9.33
N TRP D 327 -31.81 6.97 8.48
CA TRP D 327 -31.03 6.48 7.36
C TRP D 327 -29.61 7.01 7.50
N GLY D 328 -28.66 6.10 7.64
CA GLY D 328 -27.28 6.51 7.86
C GLY D 328 -27.13 7.31 9.14
N ASN D 329 -26.37 8.40 9.05
CA ASN D 329 -26.13 9.29 10.18
C ASN D 329 -27.13 10.45 10.26
N HIS D 330 -28.15 10.47 9.41
CA HIS D 330 -29.11 11.56 9.40
C HIS D 330 -29.98 11.50 10.66
N PRO D 331 -30.57 12.62 11.06
CA PRO D 331 -31.49 12.60 12.20
C PRO D 331 -32.72 11.76 11.86
N PRO D 332 -33.39 11.16 12.87
CA PRO D 332 -34.58 10.36 12.56
C PRO D 332 -35.72 11.18 11.98
N LYS D 333 -36.45 10.59 11.04
CA LYS D 333 -37.65 11.19 10.46
C LYS D 333 -38.86 10.33 10.77
N ARG D 334 -40.02 10.98 10.84
CA ARG D 334 -41.27 10.33 11.19
C ARG D 334 -42.34 10.70 10.17
N VAL D 335 -43.11 9.70 9.73
CA VAL D 335 -44.15 9.88 8.74
C VAL D 335 -45.43 9.21 9.23
N TRP D 336 -46.55 9.94 9.12
CA TRP D 336 -47.88 9.43 9.41
C TRP D 336 -48.70 9.50 8.14
N ALA D 337 -49.39 8.41 7.80
CA ALA D 337 -50.15 8.34 6.56
C ALA D 337 -51.40 7.50 6.73
N GLN D 338 -52.52 8.08 6.31
CA GLN D 338 -53.79 7.39 6.11
C GLN D 338 -54.67 8.35 5.30
N GLU D 339 -55.96 8.04 5.21
CA GLU D 339 -56.92 8.89 4.52
C GLU D 339 -56.57 8.96 3.03
N SER D 340 -56.42 7.79 2.41
CA SER D 340 -56.21 7.72 0.97
C SER D 340 -57.53 7.92 0.25
N GLY D 341 -57.47 8.49 -0.95
CA GLY D 341 -58.67 8.84 -1.69
C GLY D 341 -59.14 7.82 -2.70
N GLU D 342 -58.66 6.57 -2.57
CA GLU D 342 -59.07 5.52 -3.50
C GLU D 342 -60.56 5.23 -3.37
N GLY D 343 -61.27 5.32 -4.48
CA GLY D 343 -62.71 5.09 -4.49
C GLY D 343 -63.47 6.12 -3.67
N ASN D 344 -64.80 6.11 -3.80
CA ASN D 344 -65.68 6.96 -3.02
C ASN D 344 -66.81 6.14 -2.41
N PRO D 345 -67.35 6.55 -1.24
CA PRO D 345 -68.39 5.74 -0.61
C PRO D 345 -69.80 6.08 -1.09
N HIS D 346 -69.91 6.89 -2.13
CA HIS D 346 -71.20 7.28 -2.70
C HIS D 346 -71.38 6.70 -4.10
N VAL E 1 16.41 36.69 -25.06
CA VAL E 1 16.87 37.09 -23.70
C VAL E 1 16.23 38.43 -23.32
N VAL E 2 15.79 38.53 -22.07
CA VAL E 2 15.19 39.77 -21.59
C VAL E 2 16.23 40.88 -21.56
N GLN E 3 15.79 42.09 -21.92
CA GLN E 3 16.66 43.26 -21.91
C GLN E 3 15.84 44.49 -21.56
N LEU E 4 16.46 45.42 -20.86
CA LEU E 4 15.92 46.75 -20.61
C LEU E 4 16.76 47.77 -21.37
N VAL E 5 16.12 48.61 -22.17
CA VAL E 5 16.80 49.62 -22.97
C VAL E 5 16.21 50.99 -22.64
N GLN E 6 17.09 51.95 -22.34
CA GLN E 6 16.70 53.30 -21.97
C GLN E 6 17.17 54.27 -23.05
N SER E 7 16.84 55.55 -22.85
CA SER E 7 17.25 56.60 -23.76
C SER E 7 18.75 56.87 -23.59
N GLY E 8 19.33 57.59 -24.55
CA GLY E 8 20.74 57.91 -24.50
C GLY E 8 21.06 58.97 -23.46
N ALA E 9 22.36 59.20 -23.28
CA ALA E 9 22.81 60.20 -22.33
C ALA E 9 22.29 61.58 -22.73
N GLU E 10 21.84 62.34 -21.72
CA GLU E 10 21.16 63.62 -21.93
C GLU E 10 21.97 64.75 -21.31
N VAL E 11 21.98 65.89 -22.00
CA VAL E 11 22.61 67.12 -21.53
C VAL E 11 21.56 68.21 -21.56
N LYS E 12 21.46 68.98 -20.47
CA LYS E 12 20.42 69.99 -20.37
C LYS E 12 20.86 71.05 -19.37
N ARG E 13 20.02 72.08 -19.22
CA ARG E 13 20.19 73.15 -18.25
C ARG E 13 19.02 73.16 -17.27
N PRO E 14 19.19 73.72 -16.07
CA PRO E 14 18.07 73.80 -15.13
C PRO E 14 16.99 74.75 -15.63
N GLY E 15 15.75 74.47 -15.21
CA GLY E 15 14.62 75.33 -15.50
C GLY E 15 13.59 74.72 -16.42
N GLU E 16 14.02 74.02 -17.47
CA GLU E 16 13.12 73.40 -18.41
C GLU E 16 12.70 72.03 -17.87
N SER E 17 12.04 71.22 -18.71
CA SER E 17 11.55 69.90 -18.35
C SER E 17 12.38 68.83 -19.06
N LEU E 18 12.19 67.58 -18.63
CA LEU E 18 12.92 66.47 -19.25
C LEU E 18 12.05 65.21 -19.20
N ARG E 19 12.20 64.39 -20.24
CA ARG E 19 11.49 63.14 -20.42
C ARG E 19 12.51 62.04 -20.67
N ILE E 20 12.43 60.94 -19.92
CA ILE E 20 13.24 59.76 -20.21
C ILE E 20 12.35 58.52 -20.13
N SER E 21 12.83 57.43 -20.71
CA SER E 21 12.02 56.23 -20.85
C SER E 21 12.87 54.98 -20.63
N CYS E 22 12.21 53.92 -20.18
CA CYS E 22 12.78 52.58 -20.15
C CYS E 22 11.81 51.62 -20.84
N LYS E 23 12.36 50.69 -21.62
CA LYS E 23 11.59 49.81 -22.48
C LYS E 23 12.03 48.37 -22.25
N THR E 24 11.05 47.48 -22.25
CA THR E 24 11.25 46.05 -22.01
C THR E 24 11.27 45.30 -23.32
N SER E 25 12.19 44.33 -23.43
CA SER E 25 12.24 43.45 -24.59
C SER E 25 12.60 42.05 -24.11
N GLY E 26 12.30 41.07 -24.95
CA GLY E 26 12.54 39.68 -24.58
C GLY E 26 11.61 39.16 -23.51
N TYR E 27 10.52 39.86 -23.23
CA TYR E 27 9.51 39.45 -22.27
C TYR E 27 8.14 39.72 -22.86
N ARG E 28 7.21 38.76 -22.69
CA ARG E 28 5.88 38.87 -23.28
C ARG E 28 4.79 38.97 -22.21
N PHE E 29 5.14 39.26 -20.97
CA PHE E 29 4.15 39.51 -19.91
C PHE E 29 4.30 40.95 -19.44
N THR E 30 3.18 41.66 -19.35
CA THR E 30 3.13 42.96 -18.69
C THR E 30 3.06 42.83 -17.17
N ASP E 31 3.00 41.59 -16.66
CA ASP E 31 3.02 41.32 -15.22
C ASP E 31 4.44 41.53 -14.71
N ILE E 32 4.75 42.77 -14.34
CA ILE E 32 6.10 43.14 -13.93
C ILE E 32 6.05 44.48 -13.22
N TRP E 33 6.84 44.61 -12.15
CA TRP E 33 7.16 45.92 -11.57
C TRP E 33 8.41 46.45 -12.25
N ILE E 34 8.36 47.68 -12.75
CA ILE E 34 9.53 48.36 -13.28
C ILE E 34 9.76 49.60 -12.43
N ASN E 35 10.98 49.79 -11.96
CA ASN E 35 11.25 50.81 -10.95
C ASN E 35 12.44 51.67 -11.35
N TRP E 36 12.38 52.93 -10.89
CA TRP E 36 13.38 53.95 -11.18
C TRP E 36 14.20 54.21 -9.94
N VAL E 37 15.52 54.19 -10.08
CA VAL E 37 16.48 54.45 -9.00
C VAL E 37 17.55 55.40 -9.54
N ARG E 38 18.12 56.21 -8.65
CA ARG E 38 19.15 57.18 -9.02
C ARG E 38 20.44 56.87 -8.25
N GLN E 39 21.57 57.00 -8.96
CA GLN E 39 22.90 56.99 -8.36
C GLN E 39 23.54 58.34 -8.62
N ARG E 40 23.86 59.05 -7.54
CA ARG E 40 24.62 60.29 -7.62
C ARG E 40 26.06 59.95 -8.00
N PRO E 41 26.79 60.83 -8.74
CA PRO E 41 28.16 60.49 -9.13
C PRO E 41 29.07 60.24 -7.94
N GLY E 42 29.54 58.99 -7.80
CA GLY E 42 30.44 58.61 -6.74
C GLY E 42 29.77 58.19 -5.44
N LYS E 43 28.46 58.36 -5.32
CA LYS E 43 27.72 58.01 -4.13
C LYS E 43 26.91 56.74 -4.36
N GLY E 44 26.10 56.38 -3.37
CA GLY E 44 25.28 55.18 -3.45
C GLY E 44 24.00 55.37 -4.23
N LEU E 45 23.05 54.45 -4.06
CA LEU E 45 21.79 54.46 -4.78
C LEU E 45 20.67 54.91 -3.86
N GLU E 46 19.53 55.26 -4.46
CA GLU E 46 18.35 55.66 -3.71
C GLU E 46 17.13 55.42 -4.58
N TRP E 47 16.25 54.52 -4.14
CA TRP E 47 15.08 54.16 -4.94
C TRP E 47 14.13 55.34 -5.07
N MET E 48 13.84 55.72 -6.31
CA MET E 48 12.93 56.83 -6.59
C MET E 48 11.48 56.36 -6.60
N GLY E 49 11.17 55.36 -7.43
CA GLY E 49 9.78 54.96 -7.55
C GLY E 49 9.63 53.63 -8.23
N SER E 50 8.38 53.19 -8.36
CA SER E 50 8.06 51.90 -8.97
C SER E 50 6.66 51.97 -9.55
N ILE E 51 6.50 51.36 -10.71
CA ILE E 51 5.22 51.30 -11.42
C ILE E 51 4.97 49.86 -11.85
N TYR E 52 3.76 49.37 -11.59
CA TYR E 52 3.31 48.07 -12.07
C TYR E 52 2.72 48.26 -13.45
N LEU E 53 3.16 47.42 -14.39
CA LEU E 53 2.85 47.66 -15.80
C LEU E 53 1.37 47.47 -16.10
N ASP E 54 0.73 46.47 -15.49
CA ASP E 54 -0.65 46.14 -15.83
C ASP E 54 -1.63 47.28 -15.60
N ASP E 55 -1.61 47.86 -14.39
CA ASP E 55 -2.58 48.88 -14.01
C ASP E 55 -1.94 50.20 -13.55
N SER E 56 -0.62 50.35 -13.72
CA SER E 56 0.06 51.60 -13.36
C SER E 56 -0.10 51.92 -11.87
N ASP E 57 0.05 50.91 -11.02
CA ASP E 57 0.04 51.14 -9.58
C ASP E 57 1.36 51.77 -9.16
N ILE E 58 1.29 52.93 -8.51
CA ILE E 58 2.45 53.78 -8.27
C ILE E 58 2.89 53.61 -6.82
N ARG E 59 4.16 53.25 -6.61
CA ARG E 59 4.83 53.32 -5.32
C ARG E 59 5.93 54.37 -5.43
N PHE E 60 6.06 55.20 -4.40
CA PHE E 60 6.89 56.39 -4.53
C PHE E 60 7.68 56.65 -3.26
N ASN E 61 8.91 57.15 -3.46
CA ASN E 61 9.78 57.70 -2.43
C ASN E 61 9.24 59.06 -1.98
N PRO E 62 9.17 59.34 -0.68
CA PRO E 62 8.35 60.47 -0.21
C PRO E 62 9.02 61.82 -0.26
N SER E 63 10.22 61.92 -0.85
CA SER E 63 10.93 63.19 -0.99
C SER E 63 10.93 63.72 -2.41
N PHE E 64 10.16 63.09 -3.33
CA PHE E 64 10.24 63.40 -4.74
C PHE E 64 8.89 63.76 -5.34
N GLN E 65 7.87 64.07 -4.54
CA GLN E 65 6.56 64.36 -5.08
C GLN E 65 6.60 65.66 -5.88
N GLY E 66 5.94 65.63 -7.05
CA GLY E 66 5.87 66.81 -7.89
C GLY E 66 7.11 67.00 -8.74
N HIS E 67 8.27 66.98 -8.11
CA HIS E 67 9.54 67.11 -8.83
C HIS E 67 9.74 65.99 -9.84
N VAL E 68 9.13 64.82 -9.62
CA VAL E 68 9.24 63.68 -10.52
C VAL E 68 7.84 63.10 -10.73
N THR E 69 7.67 62.43 -11.87
CA THR E 69 6.40 61.73 -12.15
C THR E 69 6.71 60.50 -13.00
N ILE E 70 5.90 59.45 -12.79
CA ILE E 70 6.09 58.18 -13.48
C ILE E 70 4.78 57.79 -14.15
N SER E 71 4.88 57.30 -15.39
CA SER E 71 3.72 56.80 -16.13
C SER E 71 4.18 55.61 -16.97
N ALA E 72 3.27 55.02 -17.73
CA ALA E 72 3.61 53.86 -18.55
C ALA E 72 2.68 53.79 -19.76
N ASP E 73 3.17 53.14 -20.82
CA ASP E 73 2.40 52.94 -22.05
C ASP E 73 2.43 51.45 -22.42
N LYS E 74 1.29 50.97 -22.94
CA LYS E 74 1.06 49.53 -23.02
C LYS E 74 1.31 49.01 -24.43
N SER E 75 1.05 49.83 -25.45
CA SER E 75 1.32 49.40 -26.82
C SER E 75 2.80 49.09 -27.01
N THR E 76 3.67 49.93 -26.43
CA THR E 76 5.11 49.69 -26.45
C THR E 76 5.62 48.99 -25.19
N SER E 77 4.81 48.90 -24.14
CA SER E 77 5.22 48.25 -22.89
C SER E 77 6.46 48.94 -22.31
N THR E 78 6.31 50.20 -21.93
CA THR E 78 7.43 51.00 -21.48
C THR E 78 6.99 51.91 -20.33
N THR E 79 7.97 52.39 -19.57
CA THR E 79 7.73 53.32 -18.47
C THR E 79 8.44 54.63 -18.76
N TYR E 80 7.87 55.72 -18.23
CA TYR E 80 8.20 57.08 -18.63
C TYR E 80 8.39 57.91 -17.38
N LEU E 81 9.55 58.58 -17.27
CA LEU E 81 9.90 59.41 -16.13
C LEU E 81 9.94 60.87 -16.56
N GLN E 82 9.33 61.74 -15.75
CA GLN E 82 9.06 63.13 -16.09
C GLN E 82 9.65 64.03 -15.01
N TRP E 83 10.41 65.04 -15.45
CA TRP E 83 10.79 66.17 -14.61
C TRP E 83 10.16 67.44 -15.18
N SER E 84 9.24 68.03 -14.42
CA SER E 84 8.59 69.26 -14.84
C SER E 84 9.52 70.46 -14.79
N SER E 85 10.46 70.48 -13.85
CA SER E 85 11.43 71.58 -13.75
C SER E 85 12.69 71.02 -13.12
N LEU E 86 13.74 70.88 -13.92
CA LEU E 86 14.99 70.30 -13.45
C LEU E 86 15.65 71.23 -12.43
N LYS E 87 16.56 70.64 -11.64
CA LYS E 87 17.37 71.36 -10.68
C LYS E 87 18.80 70.88 -10.81
N ALA E 88 19.73 71.60 -10.18
CA ALA E 88 21.14 71.25 -10.29
C ALA E 88 21.45 69.90 -9.67
N SER E 89 20.59 69.44 -8.76
CA SER E 89 20.84 68.20 -8.03
C SER E 89 20.52 66.96 -8.85
N ASP E 90 19.93 67.13 -10.04
CA ASP E 90 19.46 66.01 -10.83
C ASP E 90 20.52 65.44 -11.77
N THR E 91 21.73 66.01 -11.80
CA THR E 91 22.82 65.49 -12.60
C THR E 91 23.27 64.17 -12.00
N ALA E 92 22.96 63.05 -12.67
CA ALA E 92 23.20 61.75 -12.08
C ALA E 92 22.95 60.61 -13.08
N THR E 93 23.19 59.37 -12.64
CA THR E 93 22.84 58.20 -13.41
C THR E 93 21.49 57.68 -12.93
N TYR E 94 20.62 57.33 -13.86
CA TYR E 94 19.29 56.82 -13.55
C TYR E 94 19.14 55.44 -14.17
N PHE E 95 18.71 54.48 -13.34
CA PHE E 95 18.59 53.09 -13.73
C PHE E 95 17.13 52.66 -13.61
N CYS E 96 16.67 51.94 -14.62
CA CYS E 96 15.39 51.23 -14.59
C CYS E 96 15.65 49.76 -14.34
N ALA E 97 14.96 49.20 -13.34
CA ALA E 97 15.18 47.84 -12.91
C ALA E 97 13.87 47.05 -12.99
N ARG E 98 14.05 45.74 -13.16
CA ARG E 98 12.99 44.80 -13.51
C ARG E 98 12.78 43.86 -12.33
N SER E 99 11.63 43.96 -11.66
CA SER E 99 11.30 43.08 -10.55
C SER E 99 9.96 42.41 -10.83
N VAL E 100 10.00 41.12 -11.14
CA VAL E 100 8.81 40.34 -11.46
C VAL E 100 7.97 40.19 -10.20
N TRP E 101 6.65 40.26 -10.37
CA TRP E 101 5.72 40.13 -9.26
C TRP E 101 5.94 38.80 -8.53
N SER E 102 6.12 38.88 -7.22
CA SER E 102 6.41 37.72 -6.37
C SER E 102 5.63 37.81 -5.06
N GLY E 103 4.36 38.19 -5.15
CA GLY E 103 3.50 38.29 -3.99
C GLY E 103 3.10 39.73 -3.71
N TYR E 104 2.89 40.05 -2.43
CA TYR E 104 2.52 41.39 -2.00
C TYR E 104 3.73 42.25 -1.67
N TYR E 105 4.87 41.99 -2.32
CA TYR E 105 6.10 42.73 -2.12
C TYR E 105 6.73 42.99 -3.47
N ILE E 106 7.50 44.09 -3.56
CA ILE E 106 8.16 44.43 -4.81
C ILE E 106 9.15 43.36 -5.24
N GLY E 107 9.77 42.66 -4.31
CA GLY E 107 10.60 41.50 -4.63
C GLY E 107 12.04 41.90 -4.89
N TRP E 108 12.60 41.40 -5.99
CA TRP E 108 14.02 41.54 -6.30
C TRP E 108 14.16 41.97 -7.76
N PHE E 109 15.28 42.60 -8.07
CA PHE E 109 15.46 43.29 -9.34
C PHE E 109 16.27 42.39 -10.27
N ASP E 110 15.58 41.69 -11.17
CA ASP E 110 16.23 40.68 -12.00
C ASP E 110 17.27 41.31 -12.92
N VAL E 111 16.83 42.18 -13.82
CA VAL E 111 17.70 42.79 -14.82
C VAL E 111 17.50 44.29 -14.81
N TRP E 112 18.50 45.03 -15.27
CA TRP E 112 18.53 46.48 -15.20
C TRP E 112 18.84 47.05 -16.57
N GLY E 113 18.43 48.30 -16.78
CA GLY E 113 18.83 49.04 -17.96
C GLY E 113 20.29 49.41 -17.88
N PRO E 114 20.92 49.73 -19.01
CA PRO E 114 22.35 50.08 -18.98
C PRO E 114 22.63 51.34 -18.18
N GLY E 115 21.64 52.22 -18.01
CA GLY E 115 21.78 53.40 -17.20
C GLY E 115 21.88 54.69 -18.00
N VAL E 116 20.86 55.54 -17.91
CA VAL E 116 20.90 56.82 -18.60
C VAL E 116 21.59 57.87 -17.72
N LEU E 117 22.54 58.58 -18.32
CA LEU E 117 23.33 59.59 -17.62
C LEU E 117 22.80 60.96 -18.02
N VAL E 118 22.23 61.70 -17.06
CA VAL E 118 21.70 63.03 -17.31
C VAL E 118 22.62 64.03 -16.64
N THR E 119 23.03 65.05 -17.41
CA THR E 119 23.88 66.12 -16.93
C THR E 119 23.13 67.44 -17.06
N VAL E 120 22.69 67.97 -15.91
CA VAL E 120 22.03 69.27 -15.85
C VAL E 120 22.93 70.20 -15.04
N SER E 121 23.24 71.36 -15.61
CA SER E 121 24.17 72.30 -14.98
C SER E 121 24.02 73.64 -15.69
N SER E 122 24.79 74.62 -15.24
CA SER E 122 24.77 75.97 -15.80
C SER E 122 26.15 76.36 -16.33
N TYR F 1 4.61 -76.41 24.30
CA TYR F 1 3.12 -76.46 24.19
C TYR F 1 2.61 -75.30 23.33
N GLU F 2 1.54 -75.56 22.57
CA GLU F 2 0.95 -74.58 21.67
C GLU F 2 -0.48 -74.26 22.10
N HIS F 3 -0.81 -72.98 22.06
CA HIS F 3 -2.13 -72.46 22.38
C HIS F 3 -2.64 -71.62 21.22
N THR F 4 -3.92 -71.77 20.90
CA THR F 4 -4.52 -71.12 19.74
C THR F 4 -5.79 -70.41 20.17
N ALA F 5 -6.06 -69.28 19.53
CA ALA F 5 -7.24 -68.48 19.84
C ALA F 5 -7.46 -67.40 18.78
N VAL F 6 -8.42 -66.51 19.02
CA VAL F 6 -8.66 -65.35 18.18
C VAL F 6 -8.73 -64.11 19.07
N MET F 7 -7.97 -63.08 18.71
CA MET F 7 -7.93 -61.84 19.47
C MET F 7 -8.60 -60.71 18.69
N PRO F 8 -9.11 -59.69 19.37
CA PRO F 8 -9.66 -58.52 18.65
C PRO F 8 -8.54 -57.62 18.17
N ASN F 9 -8.72 -57.08 16.97
CA ASN F 9 -7.70 -56.21 16.36
C ASN F 9 -7.71 -54.80 16.93
N LYS F 10 -7.46 -54.66 18.23
CA LYS F 10 -7.32 -53.37 18.88
C LYS F 10 -5.88 -53.19 19.37
N VAL F 11 -5.37 -51.97 19.23
CA VAL F 11 -3.96 -51.69 19.42
C VAL F 11 -3.60 -51.31 20.85
N GLY F 12 -4.43 -50.53 21.53
CA GLY F 12 -4.09 -50.05 22.86
C GLY F 12 -4.46 -50.98 23.99
N ILE F 13 -5.16 -52.08 23.69
CA ILE F 13 -5.71 -52.96 24.71
C ILE F 13 -4.92 -54.27 24.71
N PRO F 14 -4.53 -54.81 25.87
CA PRO F 14 -3.89 -56.13 25.87
C PRO F 14 -4.90 -57.26 25.76
N TYR F 15 -4.39 -58.42 25.34
CA TYR F 15 -5.17 -59.65 25.26
C TYR F 15 -4.64 -60.62 26.31
N LYS F 16 -5.52 -61.11 27.17
CA LYS F 16 -5.15 -61.93 28.32
C LYS F 16 -5.72 -63.33 28.16
N ALA F 17 -4.93 -64.32 28.56
CA ALA F 17 -5.35 -65.72 28.46
C ALA F 17 -4.58 -66.52 29.51
N LEU F 18 -4.99 -67.78 29.67
CA LEU F 18 -4.32 -68.73 30.57
C LEU F 18 -4.08 -70.02 29.80
N VAL F 19 -2.83 -70.33 29.50
CA VAL F 19 -2.49 -71.58 28.84
C VAL F 19 -2.48 -72.68 29.88
N GLU F 20 -3.19 -73.77 29.60
CA GLU F 20 -3.39 -74.87 30.53
C GLU F 20 -2.82 -76.15 29.94
N ARG F 21 -2.35 -77.03 30.83
CA ARG F 21 -1.80 -78.33 30.43
C ARG F 21 -2.14 -79.36 31.50
N PRO F 22 -2.65 -80.56 31.13
CA PRO F 22 -2.90 -81.58 32.17
C PRO F 22 -1.65 -81.92 32.96
N GLY F 23 -1.77 -82.00 34.29
CA GLY F 23 -0.64 -82.23 35.15
C GLY F 23 0.28 -81.05 35.33
N TYR F 24 0.00 -79.91 34.71
CA TYR F 24 0.85 -78.73 34.77
C TYR F 24 -0.03 -77.52 35.11
N ALA F 25 0.44 -76.69 36.03
CA ALA F 25 -0.34 -75.54 36.44
C ALA F 25 -0.45 -74.55 35.28
N PRO F 26 -1.49 -73.73 35.23
CA PRO F 26 -1.66 -72.81 34.09
C PRO F 26 -0.68 -71.65 34.18
N VAL F 27 -0.38 -71.07 33.02
CA VAL F 27 0.51 -69.94 32.90
C VAL F 27 -0.26 -68.78 32.27
N HIS F 28 -0.17 -67.61 32.90
CA HIS F 28 -0.80 -66.41 32.36
C HIS F 28 -0.10 -65.98 31.07
N LEU F 29 -0.86 -65.31 30.21
CA LEU F 29 -0.35 -64.90 28.90
C LEU F 29 -0.93 -63.54 28.58
N GLN F 30 -0.06 -62.54 28.43
CA GLN F 30 -0.43 -61.21 27.98
C GLN F 30 0.21 -60.97 26.63
N ILE F 31 -0.60 -60.66 25.62
CA ILE F 31 -0.12 -60.36 24.28
C ILE F 31 -0.80 -59.07 23.84
N GLN F 32 0.00 -58.05 23.54
CA GLN F 32 -0.51 -56.71 23.27
C GLN F 32 0.02 -56.20 21.94
N LEU F 33 -0.89 -55.79 21.07
CA LEU F 33 -0.49 -55.09 19.87
C LEU F 33 0.04 -53.71 20.23
N VAL F 34 0.95 -53.20 19.40
CA VAL F 34 1.48 -51.86 19.57
C VAL F 34 1.32 -51.07 18.27
N ASN F 35 1.32 -51.76 17.15
CA ASN F 35 1.14 -51.15 15.83
C ASN F 35 0.37 -52.15 14.96
N THR F 36 -0.21 -51.66 13.87
CA THR F 36 -0.80 -52.52 12.86
C THR F 36 -0.64 -51.85 11.49
N ARG F 37 0.44 -52.18 10.78
CA ARG F 37 0.82 -51.52 9.54
C ARG F 37 0.33 -52.36 8.36
N ILE F 38 -0.63 -51.83 7.63
CA ILE F 38 -1.10 -52.46 6.38
C ILE F 38 -0.29 -51.80 5.27
N ILE F 39 0.85 -52.40 4.95
CA ILE F 39 1.80 -51.80 4.01
C ILE F 39 1.42 -52.26 2.61
N PRO F 40 0.93 -51.40 1.72
CA PRO F 40 0.53 -51.85 0.39
C PRO F 40 1.74 -51.91 -0.55
N SER F 41 1.52 -52.54 -1.70
CA SER F 41 2.53 -52.64 -2.76
C SER F 41 2.28 -51.51 -3.74
N THR F 42 3.15 -50.50 -3.72
CA THR F 42 2.98 -49.30 -4.51
C THR F 42 3.82 -49.37 -5.77
N ASN F 43 3.34 -48.67 -6.81
CA ASN F 43 4.07 -48.54 -8.09
C ASN F 43 3.92 -47.08 -8.53
N LEU F 44 5.03 -46.36 -8.52
CA LEU F 44 4.99 -44.93 -8.84
C LEU F 44 4.62 -44.74 -10.31
N GLU F 45 3.38 -44.32 -10.57
CA GLU F 45 3.02 -44.01 -11.94
C GLU F 45 3.73 -42.77 -12.44
N TYR F 46 3.70 -41.68 -11.66
CA TYR F 46 4.40 -40.48 -12.10
C TYR F 46 4.44 -39.46 -10.99
N ILE F 47 5.08 -38.33 -11.28
CA ILE F 47 5.07 -37.16 -10.41
C ILE F 47 4.59 -35.96 -11.22
N THR F 48 3.65 -35.20 -10.67
CA THR F 48 3.11 -34.00 -11.31
C THR F 48 3.30 -32.83 -10.36
N CYS F 49 3.83 -31.73 -10.88
CA CYS F 49 4.12 -30.53 -10.13
C CYS F 49 3.71 -29.32 -10.97
N LYS F 50 4.07 -28.12 -10.50
CA LYS F 50 3.89 -26.93 -11.31
C LYS F 50 4.88 -26.95 -12.46
N TYR F 51 4.60 -26.19 -13.52
CA TYR F 51 5.45 -26.13 -14.69
C TYR F 51 6.07 -24.74 -14.79
N LYS F 52 6.80 -24.50 -15.87
CA LYS F 52 7.34 -23.18 -16.15
C LYS F 52 7.52 -23.06 -17.66
N THR F 53 6.90 -22.04 -18.25
CA THR F 53 7.04 -21.80 -19.69
C THR F 53 8.24 -20.92 -19.95
N LYS F 54 9.39 -21.53 -20.23
CA LYS F 54 10.54 -20.80 -20.72
C LYS F 54 10.33 -20.49 -22.19
N VAL F 55 10.91 -19.38 -22.63
CA VAL F 55 10.83 -18.97 -24.03
C VAL F 55 12.26 -18.67 -24.51
N PRO F 56 12.77 -19.32 -25.57
CA PRO F 56 14.05 -18.89 -26.12
C PRO F 56 13.93 -17.53 -26.79
N SER F 57 15.05 -16.84 -26.96
CA SER F 57 15.01 -15.51 -27.56
C SER F 57 14.48 -15.62 -28.99
N PRO F 58 13.51 -14.80 -29.39
CA PRO F 58 13.05 -14.84 -30.78
C PRO F 58 14.15 -14.39 -31.73
N VAL F 59 14.17 -15.01 -32.91
CA VAL F 59 15.13 -14.67 -33.96
C VAL F 59 14.43 -13.73 -34.92
N VAL F 60 14.96 -12.51 -35.03
CA VAL F 60 14.35 -11.45 -35.81
C VAL F 60 15.27 -11.12 -36.99
N LYS F 61 14.73 -11.20 -38.20
CA LYS F 61 15.49 -11.03 -39.43
C LYS F 61 15.04 -9.74 -40.11
N CYS F 62 16.01 -8.98 -40.62
CA CYS F 62 15.72 -7.65 -41.16
C CYS F 62 14.77 -7.73 -42.34
N CYS F 63 15.21 -8.32 -43.45
CA CYS F 63 14.39 -8.53 -44.63
C CYS F 63 14.22 -10.01 -44.91
N GLY F 64 13.09 -10.37 -45.51
CA GLY F 64 12.80 -11.74 -45.86
C GLY F 64 12.02 -12.46 -44.78
N ALA F 65 11.59 -13.69 -45.06
CA ALA F 65 10.79 -14.48 -44.14
C ALA F 65 11.59 -15.71 -43.72
N THR F 66 11.05 -16.44 -42.75
CA THR F 66 11.68 -17.66 -42.27
C THR F 66 10.60 -18.67 -41.90
N GLN F 67 10.64 -19.84 -42.52
CA GLN F 67 9.75 -20.93 -42.16
C GLN F 67 10.38 -21.76 -41.05
N CYS F 68 9.61 -21.95 -39.98
CA CYS F 68 10.13 -22.54 -38.76
C CYS F 68 9.85 -24.03 -38.73
N THR F 69 10.49 -24.72 -37.79
CA THR F 69 10.49 -26.18 -37.73
C THR F 69 9.96 -26.66 -36.38
N SER F 70 9.39 -27.86 -36.38
CA SER F 70 8.96 -28.52 -35.16
C SER F 70 10.18 -29.11 -34.44
N LYS F 71 10.03 -29.27 -33.13
CA LYS F 71 11.08 -29.82 -32.29
C LYS F 71 10.46 -30.74 -31.26
N PRO F 72 11.23 -31.69 -30.70
CA PRO F 72 10.64 -32.65 -29.76
C PRO F 72 10.59 -32.12 -28.34
N HIS F 73 10.10 -30.89 -28.17
CA HIS F 73 10.04 -30.26 -26.85
C HIS F 73 8.65 -30.43 -26.27
N PRO F 74 8.50 -30.52 -24.94
CA PRO F 74 7.14 -30.60 -24.36
C PRO F 74 6.35 -29.34 -24.67
N ASP F 75 5.11 -29.52 -25.11
CA ASP F 75 4.19 -28.43 -25.41
C ASP F 75 4.77 -27.43 -26.41
N TYR F 76 5.55 -27.91 -27.37
CA TYR F 76 6.22 -27.02 -28.31
C TYR F 76 5.22 -26.22 -29.14
N GLN F 77 5.48 -24.93 -29.30
CA GLN F 77 4.65 -24.05 -30.10
C GLN F 77 5.54 -23.17 -30.96
N CYS F 78 5.17 -23.00 -32.22
CA CYS F 78 5.94 -22.18 -33.15
C CYS F 78 4.98 -21.32 -33.98
N GLN F 79 5.40 -20.08 -34.22
CA GLN F 79 4.60 -19.15 -35.01
C GLN F 79 5.53 -18.12 -35.64
N VAL F 80 5.17 -17.71 -36.85
CA VAL F 80 5.88 -16.65 -37.57
C VAL F 80 4.87 -15.54 -37.87
N PHE F 81 5.17 -14.33 -37.41
CA PHE F 81 4.30 -13.18 -37.58
C PHE F 81 4.90 -12.24 -38.62
N SER F 82 4.02 -11.49 -39.29
CA SER F 82 4.39 -10.67 -40.43
C SER F 82 4.07 -9.22 -40.14
N GLY F 83 4.98 -8.32 -40.51
CA GLY F 83 4.77 -6.90 -40.35
C GLY F 83 4.93 -6.43 -38.93
N VAL F 84 6.07 -6.73 -38.32
CA VAL F 84 6.29 -6.37 -36.92
C VAL F 84 6.97 -5.02 -36.79
N TYR F 85 8.06 -4.80 -37.53
CA TYR F 85 8.83 -3.57 -37.45
C TYR F 85 9.19 -3.24 -36.00
N PRO F 86 9.95 -4.09 -35.32
CA PRO F 86 10.24 -3.86 -33.89
C PRO F 86 11.12 -2.65 -33.64
N PHE F 87 10.94 -2.06 -32.46
CA PHE F 87 11.79 -1.01 -31.92
C PHE F 87 12.54 -1.52 -30.70
N MET F 88 13.60 -0.78 -30.34
CA MET F 88 14.46 -1.12 -29.21
C MET F 88 14.91 0.14 -28.49
N TYR F 89 15.88 0.01 -27.57
CA TYR F 89 16.61 1.18 -27.09
C TYR F 89 17.34 1.72 -28.31
N GLY F 90 17.78 2.98 -28.26
CA GLY F 90 17.89 3.83 -29.44
C GLY F 90 18.34 3.13 -30.71
N GLY F 91 17.45 3.12 -31.68
CA GLY F 91 17.56 2.27 -32.86
C GLY F 91 16.19 1.94 -33.43
N ALA F 92 16.22 1.50 -34.69
CA ALA F 92 15.02 1.33 -35.50
C ALA F 92 15.03 -0.01 -36.23
N TYR F 93 15.28 -1.09 -35.47
CA TYR F 93 15.42 -2.46 -35.96
C TYR F 93 14.50 -2.81 -37.13
N CYS F 94 15.01 -3.56 -38.11
CA CYS F 94 14.21 -4.08 -39.22
C CYS F 94 13.56 -2.99 -40.07
N PHE F 95 14.38 -2.24 -40.82
CA PHE F 95 13.90 -1.11 -41.62
C PHE F 95 12.96 -1.49 -42.77
N CYS F 96 12.85 -2.76 -43.12
CA CYS F 96 12.17 -3.14 -44.35
C CYS F 96 10.68 -2.76 -44.35
N ASP F 97 10.11 -2.45 -43.18
CA ASP F 97 8.76 -1.92 -43.00
C ASP F 97 7.67 -2.96 -43.22
N THR F 98 8.02 -4.13 -43.75
CA THR F 98 7.15 -5.30 -43.71
C THR F 98 8.09 -6.51 -43.71
N GLU F 99 8.37 -7.02 -42.51
CA GLU F 99 9.45 -7.97 -42.34
C GLU F 99 9.01 -9.38 -42.75
N ASN F 100 7.72 -9.67 -42.58
CA ASN F 100 7.20 -11.01 -42.85
C ASN F 100 7.89 -12.03 -41.95
N THR F 101 8.32 -11.62 -40.76
CA THR F 101 9.08 -12.51 -39.89
C THR F 101 9.09 -11.97 -38.47
N GLN F 102 8.63 -12.81 -37.53
CA GLN F 102 8.99 -12.64 -36.13
C GLN F 102 8.82 -14.04 -35.52
N MET F 103 9.92 -14.76 -35.39
CA MET F 103 9.87 -16.08 -34.77
C MET F 103 9.42 -15.96 -33.32
N SER F 104 8.56 -16.89 -32.90
CA SER F 104 8.05 -16.91 -31.54
C SER F 104 8.00 -18.36 -31.09
N GLU F 105 8.86 -18.71 -30.13
CA GLU F 105 9.03 -20.09 -29.69
C GLU F 105 8.73 -20.16 -28.20
N ALA F 106 7.78 -21.01 -27.83
CA ALA F 106 7.42 -21.26 -26.44
C ALA F 106 7.86 -22.67 -26.07
N TYR F 107 8.03 -22.90 -24.76
CA TYR F 107 8.65 -24.14 -24.31
C TYR F 107 8.28 -24.35 -22.84
N VAL F 108 7.62 -25.47 -22.54
CA VAL F 108 7.26 -25.84 -21.18
C VAL F 108 8.36 -26.73 -20.62
N GLU F 109 8.69 -26.54 -19.35
CA GLU F 109 9.63 -27.41 -18.67
C GLU F 109 9.23 -27.54 -17.22
N ARG F 110 9.92 -28.44 -16.51
CA ARG F 110 9.66 -28.68 -15.11
C ARG F 110 10.14 -27.51 -14.26
N SER F 111 9.30 -27.12 -13.30
CA SER F 111 9.55 -25.92 -12.51
C SER F 111 10.68 -26.20 -11.51
N GLU F 112 11.19 -25.12 -10.88
CA GLU F 112 12.24 -25.26 -9.89
C GLU F 112 11.73 -25.86 -8.60
N GLU F 113 10.49 -25.53 -8.21
CA GLU F 113 9.95 -26.06 -6.96
C GLU F 113 9.63 -27.55 -7.06
N CYS F 114 9.61 -28.11 -8.27
CA CYS F 114 9.28 -29.51 -8.47
C CYS F 114 10.19 -30.42 -7.66
N SER F 115 11.48 -30.08 -7.57
CA SER F 115 12.39 -30.87 -6.76
C SER F 115 12.00 -30.84 -5.29
N ILE F 116 11.27 -29.80 -4.86
CA ILE F 116 10.90 -29.64 -3.46
C ILE F 116 9.51 -30.19 -3.18
N ASP F 117 8.50 -29.71 -3.91
CA ASP F 117 7.12 -30.14 -3.72
C ASP F 117 6.59 -30.72 -5.02
N HIS F 118 5.99 -31.89 -4.93
CA HIS F 118 5.36 -32.55 -6.07
C HIS F 118 4.32 -33.52 -5.56
N ALA F 119 3.40 -33.89 -6.45
CA ALA F 119 2.38 -34.89 -6.16
C ALA F 119 2.70 -36.17 -6.91
N LYS F 120 2.98 -37.22 -6.15
CA LYS F 120 3.34 -38.54 -6.68
C LYS F 120 2.07 -39.33 -6.88
N ALA F 121 1.71 -39.56 -8.14
CA ALA F 121 0.61 -40.46 -8.47
C ALA F 121 1.11 -41.90 -8.44
N TYR F 122 0.52 -42.69 -7.53
CA TYR F 122 0.89 -44.07 -7.24
C TYR F 122 -0.27 -44.99 -7.57
N LYS F 123 0.06 -46.16 -8.10
CA LYS F 123 -0.87 -47.28 -8.18
C LYS F 123 -0.67 -48.17 -6.94
N VAL F 124 -1.76 -48.77 -6.49
CA VAL F 124 -1.79 -49.51 -5.23
C VAL F 124 -2.48 -50.85 -5.47
N HIS F 125 -1.90 -51.92 -4.91
CA HIS F 125 -2.50 -53.23 -4.87
C HIS F 125 -2.62 -53.68 -3.42
N THR F 126 -3.01 -54.95 -3.25
CA THR F 126 -3.33 -55.44 -1.90
C THR F 126 -2.14 -55.36 -0.96
N GLY F 127 -0.96 -55.80 -1.42
CA GLY F 127 0.23 -55.70 -0.59
C GLY F 127 0.24 -56.65 0.61
N THR F 128 0.99 -56.23 1.62
CA THR F 128 1.29 -57.04 2.79
C THR F 128 0.88 -56.31 4.07
N VAL F 129 0.97 -57.02 5.21
CA VAL F 129 0.62 -56.49 6.52
C VAL F 129 1.67 -56.95 7.52
N GLN F 130 1.85 -56.17 8.58
CA GLN F 130 2.74 -56.53 9.68
C GLN F 130 2.38 -55.73 10.93
N ALA F 131 3.01 -56.01 12.06
CA ALA F 131 2.70 -55.34 13.31
C ALA F 131 3.89 -55.52 14.26
N MET F 132 3.77 -54.95 15.46
CA MET F 132 4.77 -55.16 16.51
C MET F 132 4.01 -55.53 17.77
N VAL F 133 4.44 -56.61 18.43
CA VAL F 133 3.71 -57.23 19.53
C VAL F 133 4.61 -57.28 20.75
N ASN F 134 4.01 -57.01 21.92
CA ASN F 134 4.67 -57.12 23.22
C ASN F 134 4.04 -58.28 23.96
N ILE F 135 4.88 -59.17 24.50
CA ILE F 135 4.42 -60.40 25.13
C ILE F 135 4.98 -60.50 26.54
N THR F 136 4.20 -61.15 27.40
CA THR F 136 4.62 -61.50 28.76
C THR F 136 3.89 -62.78 29.15
N TYR F 137 4.63 -63.89 29.21
CA TYR F 137 4.09 -65.17 29.64
C TYR F 137 4.77 -65.60 30.93
N GLY F 138 3.98 -66.17 31.84
CA GLY F 138 4.52 -66.63 33.11
C GLY F 138 5.14 -65.53 33.93
N SER F 139 6.47 -65.53 34.04
CA SER F 139 7.19 -64.62 34.91
C SER F 139 8.10 -63.66 34.15
N VAL F 140 8.41 -63.99 32.89
CA VAL F 140 9.32 -63.15 32.12
C VAL F 140 8.68 -61.78 31.89
N SER F 141 9.52 -60.76 31.82
CA SER F 141 9.04 -59.39 31.67
C SER F 141 8.56 -59.14 30.25
N TRP F 142 8.22 -57.87 29.98
CA TRP F 142 7.82 -57.43 28.65
C TRP F 142 8.90 -57.77 27.63
N ARG F 143 8.48 -58.30 26.48
CA ARG F 143 9.40 -58.47 25.36
C ARG F 143 8.68 -58.08 24.08
N SER F 144 9.28 -57.16 23.32
CA SER F 144 8.68 -56.60 22.13
C SER F 144 9.39 -57.13 20.89
N ALA F 145 8.62 -57.29 19.80
CA ALA F 145 9.23 -57.73 18.55
C ALA F 145 8.27 -57.44 17.41
N ASP F 146 8.82 -57.13 16.25
CA ASP F 146 8.04 -56.94 15.03
C ASP F 146 7.81 -58.29 14.35
N VAL F 147 6.60 -58.45 13.82
CA VAL F 147 6.15 -59.73 13.28
C VAL F 147 5.23 -59.46 12.10
N TYR F 148 5.35 -60.29 11.06
CA TYR F 148 4.43 -60.22 9.94
C TYR F 148 3.06 -60.73 10.37
N VAL F 149 2.06 -60.48 9.52
CA VAL F 149 0.70 -60.91 9.78
C VAL F 149 0.31 -61.91 8.70
N ASN F 150 0.56 -63.19 8.97
CA ASN F 150 0.19 -64.28 8.09
C ASN F 150 0.61 -65.59 8.74
N GLY F 151 -0.09 -66.66 8.38
CA GLY F 151 0.10 -67.93 9.07
C GLY F 151 1.46 -68.57 8.86
N GLU F 152 2.20 -68.11 7.84
CA GLU F 152 3.42 -68.81 7.45
C GLU F 152 4.61 -68.42 8.32
N THR F 153 4.96 -67.13 8.32
CA THR F 153 6.26 -66.72 8.85
C THR F 153 6.30 -66.88 10.38
N PRO F 154 7.33 -67.52 10.93
CA PRO F 154 7.38 -67.71 12.39
C PRO F 154 8.17 -66.67 13.18
N ALA F 155 7.54 -66.11 14.21
CA ALA F 155 8.13 -65.02 14.97
C ALA F 155 8.77 -65.59 16.23
N LYS F 156 10.10 -65.54 16.29
CA LYS F 156 10.84 -66.05 17.43
C LYS F 156 11.08 -64.88 18.38
N ILE F 157 10.37 -64.86 19.50
CA ILE F 157 10.44 -63.79 20.48
C ILE F 157 10.79 -64.42 21.82
N GLY F 158 11.87 -63.93 22.43
CA GLY F 158 12.39 -64.59 23.61
C GLY F 158 12.78 -66.02 23.30
N ASP F 159 12.03 -66.99 23.85
CA ASP F 159 12.17 -68.39 23.47
C ASP F 159 10.88 -68.97 22.92
N ALA F 160 9.88 -68.14 22.63
CA ALA F 160 8.59 -68.59 22.16
C ALA F 160 8.43 -68.31 20.66
N LYS F 161 7.48 -69.02 20.05
CA LYS F 161 7.24 -68.95 18.61
C LYS F 161 5.80 -68.55 18.35
N LEU F 162 5.61 -67.46 17.62
CA LEU F 162 4.32 -66.84 17.42
C LEU F 162 3.93 -66.90 15.95
N ILE F 163 2.64 -67.19 15.70
CA ILE F 163 2.04 -67.10 14.39
C ILE F 163 0.75 -66.29 14.50
N ILE F 164 0.56 -65.33 13.60
CA ILE F 164 -0.68 -64.56 13.55
C ILE F 164 -1.00 -64.27 12.09
N GLY F 165 -2.26 -63.97 11.81
CA GLY F 165 -2.70 -63.59 10.49
C GLY F 165 -3.28 -64.74 9.71
N PRO F 166 -3.96 -64.45 8.59
CA PRO F 166 -4.23 -63.12 8.03
C PRO F 166 -5.37 -62.43 8.75
N LEU F 167 -5.53 -61.11 8.55
CA LEU F 167 -6.65 -60.40 9.14
C LEU F 167 -7.97 -60.97 8.65
N SER F 168 -8.97 -60.97 9.53
CA SER F 168 -10.28 -61.52 9.19
C SER F 168 -10.87 -60.80 7.99
N SER F 169 -10.57 -59.52 7.83
CA SER F 169 -11.01 -58.72 6.70
C SER F 169 -9.81 -58.17 5.95
N ALA F 170 -9.95 -58.13 4.62
CA ALA F 170 -8.91 -57.59 3.75
C ALA F 170 -9.09 -56.09 3.49
N TRP F 171 -9.92 -55.42 4.28
CA TRP F 171 -10.16 -54.00 4.09
C TRP F 171 -8.87 -53.19 4.27
N SER F 172 -8.62 -52.28 3.32
CA SER F 172 -7.51 -51.36 3.39
C SER F 172 -8.05 -49.98 3.02
N PRO F 173 -7.50 -48.89 3.58
CA PRO F 173 -8.08 -47.57 3.34
C PRO F 173 -7.70 -46.95 2.00
N PHE F 174 -6.73 -47.51 1.29
CA PHE F 174 -6.30 -46.95 0.01
C PHE F 174 -7.25 -47.39 -1.09
N ASP F 175 -7.01 -46.90 -2.31
CA ASP F 175 -7.80 -47.22 -3.48
C ASP F 175 -6.87 -47.71 -4.58
N ASN F 176 -7.43 -47.91 -5.78
CA ASN F 176 -6.62 -48.34 -6.91
C ASN F 176 -5.51 -47.32 -7.20
N LYS F 177 -5.82 -46.04 -7.07
CA LYS F 177 -4.88 -44.95 -7.33
C LYS F 177 -4.86 -44.03 -6.12
N VAL F 178 -3.67 -43.56 -5.75
CA VAL F 178 -3.50 -42.68 -4.59
C VAL F 178 -2.46 -41.61 -4.92
N VAL F 179 -2.69 -40.38 -4.47
CA VAL F 179 -1.80 -39.25 -4.76
C VAL F 179 -1.13 -38.84 -3.45
N VAL F 180 0.19 -38.98 -3.39
CA VAL F 180 0.98 -38.62 -2.22
C VAL F 180 1.55 -37.22 -2.43
N TYR F 181 1.16 -36.28 -1.59
CA TYR F 181 1.66 -34.91 -1.64
C TYR F 181 2.18 -34.51 -0.28
N GLY F 182 3.38 -33.92 -0.25
CA GLY F 182 3.95 -33.43 0.99
C GLY F 182 4.11 -34.52 2.03
N HIS F 183 3.28 -34.47 3.08
CA HIS F 183 3.29 -35.49 4.12
C HIS F 183 1.95 -36.19 4.26
N GLU F 184 1.07 -36.09 3.26
CA GLU F 184 -0.28 -36.64 3.34
C GLU F 184 -0.65 -37.29 2.01
N VAL F 185 -1.53 -38.29 2.10
CA VAL F 185 -1.97 -39.07 0.94
C VAL F 185 -3.46 -38.79 0.73
N TYR F 186 -3.85 -38.64 -0.54
CA TYR F 186 -5.22 -38.42 -0.95
C TYR F 186 -5.71 -39.58 -1.81
N ASN F 187 -6.98 -39.94 -1.64
CA ASN F 187 -7.63 -40.95 -2.49
C ASN F 187 -8.23 -40.31 -3.74
N TYR F 188 -7.41 -39.51 -4.44
CA TYR F 188 -7.82 -38.97 -5.72
C TYR F 188 -7.79 -40.11 -6.73
N ASP F 189 -8.96 -40.49 -7.24
CA ASP F 189 -9.11 -41.76 -7.94
C ASP F 189 -8.73 -41.67 -9.42
N PHE F 190 -8.34 -40.50 -9.90
CA PHE F 190 -8.09 -40.29 -11.34
C PHE F 190 -6.78 -39.54 -11.55
N PRO F 191 -5.64 -40.16 -11.22
CA PRO F 191 -4.41 -39.81 -11.92
C PRO F 191 -4.50 -40.20 -13.39
N GLU F 192 -3.80 -39.49 -14.27
CA GLU F 192 -3.81 -39.79 -15.69
C GLU F 192 -2.40 -40.13 -16.14
N TYR F 193 -2.31 -41.15 -16.99
CA TYR F 193 -1.04 -41.78 -17.34
C TYR F 193 -0.25 -40.96 -18.35
N GLY F 194 -0.84 -40.72 -19.52
CA GLY F 194 -0.25 -39.84 -20.53
C GLY F 194 -1.32 -39.00 -21.20
N THR F 195 -2.43 -38.76 -20.49
CA THR F 195 -3.60 -38.07 -21.03
C THR F 195 -3.97 -36.97 -20.05
N GLY F 196 -3.37 -35.79 -20.22
CA GLY F 196 -3.66 -34.65 -19.38
C GLY F 196 -4.92 -33.92 -19.86
N LYS F 197 -5.42 -33.04 -18.99
CA LYS F 197 -6.66 -32.32 -19.23
C LYS F 197 -6.44 -30.81 -19.12
N ALA F 198 -5.20 -30.37 -19.36
CA ALA F 198 -4.85 -28.96 -19.44
C ALA F 198 -5.25 -28.20 -18.16
N GLY F 199 -4.71 -28.69 -17.05
CA GLY F 199 -4.73 -27.95 -15.81
C GLY F 199 -5.76 -28.35 -14.78
N SER F 200 -6.14 -29.63 -14.70
CA SER F 200 -7.09 -30.07 -13.68
C SER F 200 -6.30 -30.57 -12.48
N PHE F 201 -5.57 -31.68 -12.59
CA PHE F 201 -4.51 -32.00 -11.64
C PHE F 201 -3.26 -32.57 -12.31
N GLY F 202 -3.38 -33.27 -13.43
CA GLY F 202 -2.24 -33.77 -14.18
C GLY F 202 -2.17 -33.15 -15.56
N ASP F 203 -1.20 -32.24 -15.75
CA ASP F 203 -0.89 -31.72 -17.08
C ASP F 203 0.60 -31.72 -17.37
N LEU F 204 1.46 -31.59 -16.37
CA LEU F 204 2.89 -31.85 -16.47
C LEU F 204 3.12 -33.16 -15.74
N GLN F 205 3.13 -34.25 -16.51
CA GLN F 205 3.25 -35.60 -15.96
C GLN F 205 4.62 -36.15 -16.31
N SER F 206 5.50 -36.21 -15.31
CA SER F 206 6.86 -36.69 -15.46
C SER F 206 6.98 -38.08 -14.85
N ARG F 207 7.59 -38.99 -15.61
CA ARG F 207 7.67 -40.39 -15.18
C ARG F 207 8.42 -40.53 -13.87
N THR F 208 9.52 -39.78 -13.70
CA THR F 208 10.26 -39.73 -12.45
C THR F 208 10.55 -38.28 -12.10
N SER F 209 11.12 -38.07 -10.92
CA SER F 209 11.43 -36.73 -10.45
C SER F 209 12.49 -36.03 -11.31
N THR F 210 13.22 -36.76 -12.15
CA THR F 210 14.25 -36.18 -13.00
C THR F 210 14.22 -36.68 -14.43
N SER F 211 13.11 -37.25 -14.90
CA SER F 211 13.04 -37.80 -16.25
C SER F 211 13.04 -36.69 -17.30
N ASN F 212 13.34 -37.05 -18.55
CA ASN F 212 13.40 -36.10 -19.65
C ASN F 212 12.31 -36.35 -20.70
N ASP F 213 11.19 -36.95 -20.30
CA ASP F 213 10.05 -37.21 -21.17
C ASP F 213 8.80 -36.48 -20.66
N LEU F 214 8.95 -35.18 -20.38
CA LEU F 214 7.84 -34.36 -19.91
C LEU F 214 6.69 -34.40 -20.90
N TYR F 215 5.45 -34.50 -20.40
CA TYR F 215 4.28 -34.56 -21.26
C TYR F 215 3.74 -33.17 -21.57
N ALA F 216 3.33 -32.42 -20.55
CA ALA F 216 3.11 -30.97 -20.63
C ALA F 216 2.07 -30.62 -21.70
N ASN F 217 0.82 -31.01 -21.42
CA ASN F 217 -0.33 -30.56 -22.20
C ASN F 217 -0.98 -29.41 -21.43
N THR F 218 -0.71 -28.18 -21.88
CA THR F 218 -1.19 -26.98 -21.19
C THR F 218 -1.81 -25.94 -22.12
N ASN F 219 -2.22 -26.33 -23.32
CA ASN F 219 -2.95 -25.46 -24.26
C ASN F 219 -2.14 -24.21 -24.62
N LEU F 220 -0.81 -24.32 -24.60
CA LEU F 220 0.07 -23.19 -24.88
C LEU F 220 -0.18 -22.63 -26.28
N LYS F 221 -0.52 -21.35 -26.33
CA LYS F 221 -0.72 -20.60 -27.57
C LYS F 221 0.29 -19.46 -27.64
N LEU F 222 0.24 -18.70 -28.74
CA LEU F 222 1.13 -17.57 -28.96
C LEU F 222 0.35 -16.39 -29.54
N GLN F 223 0.58 -15.21 -28.97
CA GLN F 223 -0.02 -13.97 -29.42
C GLN F 223 0.99 -13.18 -30.26
N ARG F 224 0.50 -12.12 -30.89
CA ARG F 224 1.33 -11.24 -31.69
C ARG F 224 2.02 -10.20 -30.82
N PRO F 225 3.26 -9.79 -31.18
CA PRO F 225 3.86 -8.63 -30.51
C PRO F 225 3.40 -7.32 -31.15
N GLN F 226 2.70 -6.49 -30.39
CA GLN F 226 2.08 -5.29 -30.95
C GLN F 226 3.03 -4.10 -30.83
N ALA F 227 2.74 -3.07 -31.64
CA ALA F 227 3.38 -1.77 -31.52
C ALA F 227 4.89 -1.83 -31.74
N GLY F 228 5.37 -2.88 -32.40
CA GLY F 228 6.78 -2.99 -32.70
C GLY F 228 7.67 -3.02 -31.46
N ILE F 229 7.52 -4.06 -30.66
CA ILE F 229 8.38 -4.28 -29.49
C ILE F 229 8.76 -5.76 -29.45
N VAL F 230 10.03 -6.04 -29.19
CA VAL F 230 10.55 -7.39 -29.24
C VAL F 230 10.21 -8.08 -27.92
N HIS F 231 9.23 -8.98 -27.97
CA HIS F 231 8.93 -9.85 -26.84
C HIS F 231 8.09 -11.01 -27.34
N THR F 232 7.94 -12.02 -26.49
CA THR F 232 7.23 -13.25 -26.85
C THR F 232 5.99 -13.40 -25.99
N PRO F 233 4.89 -12.74 -26.32
CA PRO F 233 3.66 -12.94 -25.55
C PRO F 233 3.05 -14.30 -25.84
N PHE F 234 2.28 -14.79 -24.88
CA PHE F 234 1.60 -16.08 -25.02
C PHE F 234 0.38 -16.08 -24.11
N THR F 235 -0.50 -17.05 -24.31
CA THR F 235 -1.64 -17.28 -23.42
C THR F 235 -1.74 -18.77 -23.16
N GLN F 236 -2.27 -19.13 -22.00
CA GLN F 236 -2.19 -20.50 -21.54
C GLN F 236 -3.03 -20.64 -20.27
N VAL F 237 -3.63 -21.82 -20.11
CA VAL F 237 -4.44 -22.12 -18.93
C VAL F 237 -3.52 -22.13 -17.71
N PRO F 238 -3.93 -21.61 -16.55
CA PRO F 238 -3.03 -21.64 -15.40
C PRO F 238 -2.73 -23.07 -14.95
N SER F 239 -1.79 -23.18 -14.02
CA SER F 239 -1.28 -24.49 -13.60
C SER F 239 -2.37 -25.35 -12.99
N GLY F 240 -2.32 -26.66 -13.24
CA GLY F 240 -3.30 -27.57 -12.70
C GLY F 240 -2.92 -28.10 -11.34
N PHE F 241 -1.61 -28.29 -11.11
CA PHE F 241 -1.15 -28.69 -9.79
C PHE F 241 -1.50 -27.64 -8.75
N GLU F 242 -1.34 -26.36 -9.10
CA GLU F 242 -1.72 -25.29 -8.21
C GLU F 242 -3.23 -25.27 -7.97
N ARG F 243 -4.02 -25.50 -9.02
CA ARG F 243 -5.47 -25.55 -8.86
C ARG F 243 -5.86 -26.66 -7.90
N TRP F 244 -5.27 -27.84 -8.06
CA TRP F 244 -5.52 -28.97 -7.17
C TRP F 244 -5.15 -28.59 -5.74
N LYS F 245 -3.94 -28.06 -5.56
CA LYS F 245 -3.45 -27.66 -4.24
C LYS F 245 -4.41 -26.68 -3.58
N LYS F 246 -4.98 -25.77 -4.36
CA LYS F 246 -5.89 -24.76 -3.84
C LYS F 246 -7.22 -25.34 -3.39
N ASP F 247 -7.70 -26.39 -4.07
CA ASP F 247 -9.00 -26.97 -3.78
C ASP F 247 -8.97 -28.50 -3.67
N LYS F 248 -7.85 -29.09 -3.28
CA LYS F 248 -7.81 -30.52 -3.02
C LYS F 248 -8.74 -30.87 -1.86
N GLY F 249 -9.32 -32.07 -1.93
CA GLY F 249 -10.30 -32.47 -0.95
C GLY F 249 -9.71 -32.75 0.41
N ALA F 250 -10.37 -33.60 1.20
CA ALA F 250 -9.89 -33.87 2.55
C ALA F 250 -8.77 -34.91 2.52
N PRO F 251 -7.74 -34.81 3.38
CA PRO F 251 -6.71 -35.86 3.37
C PRO F 251 -7.23 -37.21 3.79
N LEU F 252 -6.63 -38.29 3.28
CA LEU F 252 -6.94 -39.62 3.76
C LEU F 252 -6.53 -39.79 5.22
N ASN F 253 -5.61 -38.96 5.69
CA ASN F 253 -5.26 -38.96 7.11
C ASN F 253 -6.45 -38.61 7.99
N ASP F 254 -7.27 -37.65 7.55
CA ASP F 254 -8.42 -37.18 8.32
C ASP F 254 -9.75 -37.78 7.83
N VAL F 255 -9.70 -38.74 6.91
CA VAL F 255 -10.91 -39.34 6.35
C VAL F 255 -10.95 -40.85 6.48
N ALA F 256 -9.81 -41.53 6.66
CA ALA F 256 -9.79 -42.98 6.72
C ALA F 256 -10.64 -43.48 7.90
N PRO F 257 -11.58 -44.41 7.69
CA PRO F 257 -12.37 -44.92 8.81
C PRO F 257 -11.54 -45.86 9.67
N PHE F 258 -12.16 -46.31 10.77
CA PHE F 258 -11.51 -47.14 11.79
C PHE F 258 -10.39 -46.41 12.52
N GLY F 259 -10.29 -45.09 12.36
CA GLY F 259 -9.45 -44.28 13.22
C GLY F 259 -7.98 -44.60 13.20
N CYS F 260 -7.38 -44.72 12.02
CA CYS F 260 -5.94 -44.94 11.90
C CYS F 260 -5.29 -43.73 11.24
N SER F 261 -4.17 -43.28 11.81
CA SER F 261 -3.30 -42.31 11.16
C SER F 261 -2.69 -42.93 9.92
N ILE F 262 -2.10 -42.11 9.05
CA ILE F 262 -1.56 -42.55 7.76
C ILE F 262 -0.12 -42.05 7.70
N ALA F 263 0.81 -42.88 8.15
CA ALA F 263 2.23 -42.59 7.97
C ALA F 263 2.59 -42.80 6.49
N LEU F 264 3.80 -42.35 6.13
CA LEU F 264 4.14 -42.10 4.73
C LEU F 264 5.28 -42.93 4.18
N GLU F 265 6.40 -43.04 4.90
CA GLU F 265 7.67 -43.38 4.24
C GLU F 265 7.67 -44.73 3.51
N PRO F 266 7.23 -45.85 4.08
CA PRO F 266 6.81 -46.99 3.24
C PRO F 266 5.32 -47.02 2.90
N LEU F 267 4.61 -45.93 3.16
CA LEU F 267 3.16 -45.81 2.97
C LEU F 267 2.40 -46.74 3.93
N ARG F 268 2.80 -46.72 5.21
CA ARG F 268 2.08 -47.48 6.21
C ARG F 268 0.78 -46.78 6.61
N ALA F 269 -0.19 -47.62 7.00
CA ALA F 269 -1.49 -47.19 7.50
C ALA F 269 -1.62 -47.85 8.88
N GLU F 270 -1.14 -47.17 9.90
CA GLU F 270 -0.92 -47.79 11.21
C GLU F 270 -2.19 -47.77 12.05
N ASN F 271 -2.49 -48.91 12.66
CA ASN F 271 -3.48 -49.06 13.73
C ASN F 271 -4.93 -49.01 13.25
N CYS F 272 -5.23 -49.46 12.03
CA CYS F 272 -6.62 -49.53 11.61
C CYS F 272 -7.30 -50.70 12.31
N ALA F 273 -7.87 -50.44 13.49
CA ALA F 273 -8.50 -51.48 14.28
C ALA F 273 -9.73 -52.02 13.56
N VAL F 274 -9.60 -53.22 12.99
CA VAL F 274 -10.65 -53.82 12.17
C VAL F 274 -10.47 -55.32 12.18
N GLY F 275 -11.60 -56.03 12.18
CA GLY F 275 -11.55 -57.49 12.13
C GLY F 275 -10.95 -58.09 13.39
N SER F 276 -10.25 -59.21 13.20
CA SER F 276 -9.67 -59.94 14.31
C SER F 276 -8.41 -60.66 13.82
N ILE F 277 -7.53 -60.95 14.77
CA ILE F 277 -6.26 -61.63 14.48
C ILE F 277 -6.35 -63.04 15.04
N PRO F 278 -6.42 -64.08 14.21
CA PRO F 278 -6.16 -65.44 14.73
C PRO F 278 -4.72 -65.54 15.22
N ILE F 279 -4.55 -66.17 16.38
CA ILE F 279 -3.26 -66.20 17.07
C ILE F 279 -2.94 -67.64 17.46
N SER F 280 -1.66 -68.00 17.33
CA SER F 280 -1.19 -69.34 17.70
C SER F 280 0.23 -69.18 18.26
N ILE F 281 0.37 -69.38 19.56
CA ILE F 281 1.61 -69.11 20.27
C ILE F 281 2.11 -70.42 20.87
N ASP F 282 3.41 -70.66 20.76
CA ASP F 282 4.04 -71.84 21.32
C ASP F 282 5.06 -71.40 22.34
N ILE F 283 4.90 -71.91 23.57
CA ILE F 283 5.64 -71.45 24.74
C ILE F 283 6.59 -72.56 25.18
N PRO F 284 7.75 -72.27 25.75
CA PRO F 284 8.61 -73.35 26.26
C PRO F 284 7.96 -74.09 27.42
N ASP F 285 8.32 -75.37 27.54
CA ASP F 285 7.82 -76.18 28.64
C ASP F 285 8.48 -75.83 29.97
N ALA F 286 9.68 -75.24 29.93
CA ALA F 286 10.39 -74.91 31.16
C ALA F 286 9.61 -73.92 32.03
N ALA F 287 8.81 -73.04 31.42
CA ALA F 287 8.01 -72.10 32.18
C ALA F 287 6.95 -72.81 33.01
N PHE F 288 6.41 -73.92 32.49
CA PHE F 288 5.38 -74.66 33.20
C PHE F 288 5.97 -75.33 34.45
N THR F 289 5.13 -75.52 35.45
CA THR F 289 5.53 -76.12 36.71
C THR F 289 4.53 -77.20 37.10
N ARG F 290 5.05 -78.25 37.76
CA ARG F 290 4.21 -79.33 38.22
C ARG F 290 3.23 -78.84 39.29
N ILE F 291 2.03 -79.43 39.29
CA ILE F 291 0.94 -78.94 40.13
C ILE F 291 1.30 -79.07 41.62
N SER F 292 2.20 -79.99 41.96
CA SER F 292 2.49 -80.27 43.37
C SER F 292 3.02 -79.03 44.09
N GLU F 293 3.92 -78.29 43.45
CA GLU F 293 4.54 -77.13 44.08
C GLU F 293 3.71 -75.85 43.97
N THR F 294 2.61 -75.87 43.22
CA THR F 294 1.76 -74.69 43.08
C THR F 294 0.66 -74.74 44.13
N PRO F 295 0.38 -73.64 44.85
CA PRO F 295 -0.67 -73.70 45.88
C PRO F 295 -2.04 -74.06 45.34
N THR F 296 -2.58 -75.19 45.78
CA THR F 296 -3.96 -75.54 45.44
C THR F 296 -4.91 -74.59 46.14
N VAL F 297 -5.98 -74.18 45.44
CA VAL F 297 -6.91 -73.18 45.93
C VAL F 297 -8.23 -73.86 46.28
N SER F 298 -8.76 -73.56 47.46
CA SER F 298 -10.04 -74.09 47.89
C SER F 298 -10.67 -73.11 48.87
N ASP F 299 -12.01 -73.16 48.95
CA ASP F 299 -12.80 -72.33 49.86
C ASP F 299 -12.51 -70.84 49.60
N LEU F 300 -12.96 -70.40 48.44
CA LEU F 300 -12.81 -69.00 48.02
C LEU F 300 -14.18 -68.42 47.68
N GLU F 301 -14.40 -67.18 48.10
CA GLU F 301 -15.61 -66.44 47.77
C GLU F 301 -15.23 -65.03 47.32
N CYS F 302 -15.91 -64.57 46.26
CA CYS F 302 -15.62 -63.28 45.64
C CYS F 302 -16.83 -62.38 45.81
N LYS F 303 -16.61 -61.23 46.46
CA LYS F 303 -17.63 -60.21 46.63
C LYS F 303 -17.19 -58.93 45.92
N ILE F 304 -18.12 -58.29 45.22
CA ILE F 304 -17.83 -57.06 44.48
C ILE F 304 -18.08 -55.92 45.46
N THR F 305 -17.01 -55.34 45.98
CA THR F 305 -17.15 -54.23 46.93
C THR F 305 -17.81 -53.02 46.27
N GLU F 306 -17.27 -52.58 45.14
CA GLU F 306 -17.96 -51.49 44.43
C GLU F 306 -17.42 -51.38 43.01
N CYS F 307 -18.33 -51.20 42.06
CA CYS F 307 -17.93 -51.12 40.66
C CYS F 307 -18.93 -50.27 39.89
N THR F 308 -18.46 -49.77 38.74
CA THR F 308 -19.27 -48.98 37.82
C THR F 308 -18.79 -49.28 36.41
N TYR F 309 -19.74 -49.49 35.50
CA TYR F 309 -19.39 -49.87 34.12
C TYR F 309 -18.86 -48.65 33.38
N ALA F 310 -17.59 -48.35 33.68
CA ALA F 310 -16.85 -47.25 33.06
C ALA F 310 -15.68 -47.80 32.26
N PHE F 311 -15.16 -46.98 31.36
CA PHE F 311 -14.06 -47.42 30.49
C PHE F 311 -12.83 -47.75 31.31
N ASP F 312 -12.47 -46.89 32.27
CA ASP F 312 -11.35 -47.17 33.15
C ASP F 312 -11.68 -48.39 34.01
N PHE F 313 -10.67 -48.88 34.73
CA PHE F 313 -10.85 -50.04 35.60
C PHE F 313 -11.67 -49.60 36.82
N GLY F 314 -12.95 -49.33 36.57
CA GLY F 314 -13.82 -48.77 37.57
C GLY F 314 -14.58 -49.82 38.36
N GLY F 315 -13.89 -50.89 38.73
CA GLY F 315 -14.47 -51.87 39.63
C GLY F 315 -13.43 -52.47 40.55
N ILE F 316 -13.69 -52.47 41.85
CA ILE F 316 -12.76 -53.01 42.85
C ILE F 316 -13.51 -54.02 43.69
N ALA F 317 -12.89 -55.18 43.88
CA ALA F 317 -13.53 -56.30 44.56
C ALA F 317 -12.49 -57.10 45.33
N THR F 318 -12.82 -57.43 46.57
CA THR F 318 -11.98 -58.26 47.42
C THR F 318 -12.50 -59.69 47.41
N VAL F 319 -11.58 -60.65 47.31
CA VAL F 319 -11.88 -62.07 47.38
C VAL F 319 -11.12 -62.62 48.58
N ALA F 320 -11.86 -63.23 49.51
CA ALA F 320 -11.27 -63.92 50.64
C ALA F 320 -11.20 -65.42 50.36
N TYR F 321 -10.20 -66.09 50.94
CA TYR F 321 -9.87 -67.44 50.50
C TYR F 321 -8.97 -68.14 51.49
N LYS F 322 -9.32 -69.38 51.86
CA LYS F 322 -8.51 -70.19 52.75
C LYS F 322 -7.48 -70.98 51.96
N SER F 323 -6.19 -70.73 52.24
CA SER F 323 -5.12 -71.28 51.44
C SER F 323 -4.51 -72.53 52.10
N SER F 324 -3.89 -73.35 51.26
CA SER F 324 -3.16 -74.53 51.70
C SER F 324 -1.67 -74.24 51.91
N LYS F 325 -1.09 -73.43 51.04
CA LYS F 325 0.30 -72.99 51.20
C LYS F 325 0.46 -71.65 50.51
N ALA F 326 1.52 -70.93 50.90
CA ALA F 326 1.79 -69.63 50.31
C ALA F 326 2.49 -69.79 48.96
N GLY F 327 2.29 -68.81 48.09
CA GLY F 327 2.93 -68.86 46.79
C GLY F 327 2.36 -67.80 45.86
N ASN F 328 2.93 -67.75 44.66
CA ASN F 328 2.56 -66.78 43.65
C ASN F 328 1.84 -67.48 42.50
N CYS F 329 0.67 -66.97 42.11
CA CYS F 329 -0.03 -67.60 40.99
C CYS F 329 -1.03 -66.67 40.32
N PRO F 330 -1.55 -67.01 39.10
CA PRO F 330 -2.28 -66.04 38.29
C PRO F 330 -3.79 -66.01 38.49
N ILE F 331 -4.44 -64.99 37.91
CA ILE F 331 -5.88 -64.86 37.89
C ILE F 331 -6.31 -64.47 36.48
N HIS F 332 -7.53 -64.88 36.11
CA HIS F 332 -8.11 -64.48 34.84
C HIS F 332 -9.57 -64.92 34.75
N SER F 333 -10.41 -64.12 34.09
CA SER F 333 -11.84 -64.38 33.95
C SER F 333 -12.12 -64.70 32.48
N PRO F 334 -12.29 -65.98 32.12
CA PRO F 334 -12.47 -66.28 30.69
C PRO F 334 -13.79 -65.77 30.14
N SER F 335 -14.78 -65.50 30.98
CA SER F 335 -16.01 -64.86 30.53
C SER F 335 -15.69 -63.47 29.98
N GLY F 336 -16.24 -63.17 28.82
CA GLY F 336 -15.89 -61.94 28.12
C GLY F 336 -16.51 -60.68 28.68
N VAL F 337 -17.48 -60.82 29.59
CA VAL F 337 -18.21 -59.67 30.12
C VAL F 337 -17.26 -58.78 30.92
N ALA F 338 -16.40 -59.39 31.73
CA ALA F 338 -15.48 -58.68 32.61
C ALA F 338 -14.04 -58.87 32.17
N VAL F 339 -13.23 -57.83 32.38
CA VAL F 339 -11.79 -57.91 32.14
C VAL F 339 -11.08 -57.35 33.35
N ILE F 340 -10.18 -58.13 33.93
CA ILE F 340 -9.53 -57.80 35.19
C ILE F 340 -8.22 -57.08 34.91
N LYS F 341 -7.80 -56.23 35.86
CA LYS F 341 -6.57 -55.45 35.70
C LYS F 341 -5.34 -56.30 36.04
N GLU F 342 -5.31 -56.85 37.26
CA GLU F 342 -4.15 -57.62 37.69
C GLU F 342 -3.99 -58.89 36.86
N ASN F 343 -2.83 -59.54 37.02
CA ASN F 343 -2.56 -60.79 36.34
C ASN F 343 -1.97 -61.87 37.24
N ASP F 344 -1.45 -61.54 38.41
CA ASP F 344 -0.94 -62.53 39.34
C ASP F 344 -0.89 -61.93 40.73
N VAL F 345 -0.89 -62.80 41.75
CA VAL F 345 -0.84 -62.34 43.13
C VAL F 345 0.05 -63.27 43.94
N THR F 346 0.75 -62.68 44.90
CA THR F 346 1.26 -63.42 46.04
C THR F 346 0.09 -63.91 46.87
N LEU F 347 0.36 -64.92 47.71
CA LEU F 347 -0.70 -65.60 48.42
C LEU F 347 -0.15 -66.16 49.72
N ALA F 348 -0.86 -65.91 50.82
CA ALA F 348 -0.51 -66.40 52.14
C ALA F 348 -1.70 -67.15 52.72
N GLU F 349 -1.52 -67.65 53.94
CA GLU F 349 -2.60 -68.37 54.61
C GLU F 349 -3.78 -67.45 54.85
N SER F 350 -4.98 -67.95 54.61
CA SER F 350 -6.20 -67.15 54.68
C SER F 350 -6.10 -65.94 53.74
N GLY F 351 -5.55 -66.19 52.55
CA GLY F 351 -5.30 -65.13 51.59
C GLY F 351 -6.56 -64.41 51.15
N SER F 352 -6.64 -63.12 51.49
CA SER F 352 -7.75 -62.26 51.09
C SER F 352 -7.16 -61.06 50.36
N PHE F 353 -7.34 -61.02 49.04
CA PHE F 353 -6.71 -60.01 48.19
C PHE F 353 -7.75 -59.30 47.34
N THR F 354 -7.38 -58.09 46.90
CA THR F 354 -8.26 -57.22 46.14
C THR F 354 -7.79 -57.15 44.70
N PHE F 355 -8.74 -57.16 43.77
CA PHE F 355 -8.42 -57.02 42.35
C PHE F 355 -9.39 -56.04 41.72
N HIS F 356 -8.93 -55.44 40.61
CA HIS F 356 -9.68 -54.43 39.87
C HIS F 356 -10.06 -54.97 38.50
N PHE F 357 -11.20 -54.51 38.00
CA PHE F 357 -11.77 -55.00 36.75
C PHE F 357 -12.69 -53.96 36.15
N SER F 358 -13.03 -54.17 34.88
CA SER F 358 -13.96 -53.33 34.13
C SER F 358 -14.97 -54.22 33.42
N THR F 359 -16.21 -53.74 33.39
CA THR F 359 -17.33 -54.45 32.77
C THR F 359 -18.20 -53.45 32.02
N ALA F 360 -18.99 -53.97 31.09
CA ALA F 360 -19.93 -53.17 30.31
C ALA F 360 -21.37 -53.33 30.76
N ASN F 361 -21.67 -54.27 31.65
CA ASN F 361 -23.02 -54.63 32.02
C ASN F 361 -23.45 -53.90 33.30
N ILE F 362 -24.75 -54.00 33.59
CA ILE F 362 -25.28 -53.41 34.81
C ILE F 362 -25.06 -54.35 36.00
N HIS F 363 -25.25 -55.64 35.79
CA HIS F 363 -24.97 -56.67 36.79
C HIS F 363 -23.88 -57.59 36.24
N PRO F 364 -22.61 -57.48 36.68
CA PRO F 364 -21.58 -58.35 36.12
C PRO F 364 -21.57 -59.73 36.76
N ALA F 365 -21.85 -60.76 35.96
CA ALA F 365 -21.88 -62.14 36.42
C ALA F 365 -20.64 -62.92 35.98
N PHE F 366 -19.49 -62.26 35.88
CA PHE F 366 -18.28 -62.92 35.40
C PHE F 366 -17.83 -63.99 36.40
N LYS F 367 -17.03 -64.93 35.91
CA LYS F 367 -16.51 -66.05 36.68
C LYS F 367 -15.00 -65.91 36.74
N LEU F 368 -14.48 -65.59 37.92
CA LEU F 368 -13.05 -65.42 38.08
C LEU F 368 -12.39 -66.79 38.26
N GLN F 369 -11.47 -67.13 37.37
CA GLN F 369 -10.76 -68.40 37.39
C GLN F 369 -9.35 -68.09 37.90
N VAL F 370 -9.07 -68.50 39.14
CA VAL F 370 -7.80 -68.23 39.79
C VAL F 370 -7.15 -69.53 40.19
N CYS F 371 -5.94 -69.77 39.67
CA CYS F 371 -5.01 -70.72 40.27
C CYS F 371 -5.59 -72.12 40.30
N THR F 372 -6.24 -72.51 39.19
CA THR F 372 -6.90 -73.82 39.05
C THR F 372 -8.15 -73.90 39.94
N SER F 373 -8.90 -72.81 40.01
CA SER F 373 -10.16 -72.80 40.73
C SER F 373 -11.06 -71.66 40.24
N ALA F 374 -12.31 -71.98 39.94
CA ALA F 374 -13.26 -70.99 39.47
C ALA F 374 -14.18 -70.54 40.62
N VAL F 375 -14.55 -69.27 40.58
CA VAL F 375 -15.50 -68.70 41.54
C VAL F 375 -16.40 -67.73 40.80
N THR F 376 -17.71 -67.91 40.93
CA THR F 376 -18.67 -67.05 40.27
C THR F 376 -18.88 -65.80 41.11
N CYS F 377 -18.25 -64.70 40.71
CA CYS F 377 -18.42 -63.41 41.38
C CYS F 377 -19.67 -62.78 40.79
N LYS F 378 -20.82 -63.11 41.40
CA LYS F 378 -22.11 -62.70 40.85
C LYS F 378 -22.26 -61.18 40.83
N GLY F 379 -21.65 -60.47 41.76
CA GLY F 379 -21.72 -59.03 41.76
C GLY F 379 -23.08 -58.49 42.13
N ASP F 380 -23.32 -57.22 41.83
CA ASP F 380 -24.58 -56.56 42.17
C ASP F 380 -24.89 -55.48 41.14
N CYS F 381 -25.99 -54.75 41.34
CA CYS F 381 -26.30 -53.61 40.48
C CYS F 381 -25.17 -52.59 40.55
N LYS F 382 -24.88 -51.98 39.40
CA LYS F 382 -23.78 -51.03 39.27
C LYS F 382 -24.31 -49.70 38.72
N PRO F 383 -23.79 -48.55 39.16
CA PRO F 383 -24.31 -47.28 38.65
C PRO F 383 -23.56 -46.85 37.40
N PRO F 384 -24.07 -45.85 36.65
CA PRO F 384 -23.29 -45.30 35.54
C PRO F 384 -22.36 -44.18 35.99
N LYS F 385 -21.62 -43.60 35.05
CA LYS F 385 -20.74 -42.47 35.33
C LYS F 385 -21.32 -41.21 34.71
N GLN F 394 -11.16 -46.18 24.00
CA GLN F 394 -10.12 -45.96 25.00
C GLN F 394 -9.86 -47.23 25.79
N HIS F 395 -10.90 -48.04 25.98
CA HIS F 395 -10.77 -49.32 26.69
C HIS F 395 -11.73 -50.31 26.06
N THR F 396 -11.86 -51.48 26.68
CA THR F 396 -12.56 -52.62 26.10
C THR F 396 -13.91 -52.85 26.77
N GLU F 397 -14.92 -53.13 25.97
CA GLU F 397 -16.26 -53.48 26.44
C GLU F 397 -16.82 -54.51 25.47
N SER F 398 -18.01 -55.03 25.77
CA SER F 398 -18.69 -56.00 24.92
C SER F 398 -20.00 -55.44 24.36
N PHE F 399 -20.89 -54.94 25.22
CA PHE F 399 -22.18 -54.39 24.81
C PHE F 399 -22.95 -55.42 23.97
N THR F 400 -23.30 -56.54 24.59
CA THR F 400 -24.11 -57.56 23.92
C THR F 400 -25.60 -57.32 24.21
N ASP G 1 29.50 -16.85 -1.24
CA ASP G 1 30.86 -17.25 -1.68
C ASP G 1 31.24 -16.51 -2.97
N LEU G 2 32.43 -16.81 -3.49
CA LEU G 2 33.10 -15.96 -4.47
C LEU G 2 33.11 -16.56 -5.87
N ASP G 3 33.22 -17.88 -6.00
CA ASP G 3 33.28 -18.52 -7.30
C ASP G 3 31.97 -18.41 -8.08
N THR G 4 30.84 -18.28 -7.38
CA THR G 4 29.56 -18.12 -8.07
C THR G 4 29.55 -16.86 -8.91
N HIS G 5 30.04 -15.76 -8.36
CA HIS G 5 30.20 -14.56 -9.18
C HIS G 5 31.22 -14.74 -10.29
N PHE G 6 32.14 -15.71 -10.17
CA PHE G 6 33.16 -15.93 -11.19
C PHE G 6 32.72 -16.90 -12.27
N THR G 7 31.57 -17.56 -12.08
CA THR G 7 30.86 -18.17 -13.20
C THR G 7 29.73 -17.27 -13.70
N GLN G 8 29.32 -16.27 -12.92
CA GLN G 8 28.39 -15.26 -13.37
C GLN G 8 29.07 -14.08 -14.06
N TYR G 9 30.40 -14.00 -14.03
CA TYR G 9 31.13 -12.92 -14.70
C TYR G 9 31.62 -13.36 -16.09
N LYS G 10 32.10 -14.60 -16.21
CA LYS G 10 32.84 -15.11 -17.36
C LYS G 10 32.37 -14.54 -18.70
N LEU G 11 31.07 -14.61 -18.95
CA LEU G 11 30.50 -14.07 -20.18
C LEU G 11 29.18 -13.34 -19.99
N ALA G 12 28.51 -13.50 -18.85
CA ALA G 12 27.24 -12.84 -18.59
C ALA G 12 27.45 -11.35 -18.34
N ARG G 13 26.48 -10.55 -18.77
CA ARG G 13 26.52 -9.10 -18.61
C ARG G 13 25.10 -8.58 -18.56
N PRO G 14 24.90 -7.30 -18.19
CA PRO G 14 23.54 -6.74 -18.21
C PRO G 14 22.96 -6.69 -19.62
N TYR G 15 21.68 -6.35 -19.75
CA TYR G 15 21.14 -6.05 -21.06
C TYR G 15 19.87 -5.24 -20.90
N ILE G 16 19.64 -4.34 -21.87
CA ILE G 16 18.45 -3.52 -21.90
C ILE G 16 17.33 -4.35 -22.53
N ALA G 17 16.14 -4.27 -21.93
CA ALA G 17 15.03 -5.11 -22.34
C ALA G 17 13.73 -4.32 -22.22
N ASP G 18 12.73 -4.75 -22.98
CA ASP G 18 11.42 -4.11 -22.96
C ASP G 18 10.80 -4.24 -21.57
N CYS G 19 10.15 -3.16 -21.13
CA CYS G 19 9.58 -3.08 -19.79
C CYS G 19 8.25 -2.33 -19.85
N PRO G 20 7.13 -2.94 -19.46
CA PRO G 20 5.88 -2.20 -19.40
C PRO G 20 5.73 -1.36 -18.14
N ASN G 21 4.99 -0.26 -18.29
CA ASN G 21 4.67 0.66 -17.21
C ASN G 21 5.94 1.12 -16.50
N CYS G 22 6.95 1.46 -17.30
CA CYS G 22 8.20 2.03 -16.81
C CYS G 22 7.95 3.49 -16.42
N GLY G 23 7.49 3.68 -15.19
CA GLY G 23 7.08 4.98 -14.75
C GLY G 23 5.64 5.22 -15.16
N HIS G 24 5.46 5.90 -16.29
CA HIS G 24 4.15 6.15 -16.86
C HIS G 24 4.03 5.62 -18.30
N SER G 25 5.04 4.91 -18.80
CA SER G 25 5.04 4.46 -20.18
C SER G 25 5.87 3.19 -20.35
N ARG G 26 6.09 2.78 -21.60
CA ARG G 26 6.87 1.59 -21.93
C ARG G 26 8.31 1.99 -22.20
N CYS G 27 9.25 1.20 -21.69
CA CYS G 27 10.67 1.52 -21.76
C CYS G 27 11.42 0.38 -22.45
N ASP G 28 12.61 0.71 -22.93
CA ASP G 28 13.69 -0.25 -23.14
C ASP G 28 14.62 -0.02 -21.96
N SER G 29 14.26 -0.60 -20.81
CA SER G 29 14.87 -0.28 -19.54
C SER G 29 16.10 -1.13 -19.29
N PRO G 30 17.03 -0.68 -18.44
CA PRO G 30 18.19 -1.51 -18.11
C PRO G 30 17.92 -2.56 -17.05
N ILE G 31 16.91 -2.35 -16.20
CA ILE G 31 16.51 -3.31 -15.19
C ILE G 31 15.08 -3.73 -15.55
N ALA G 32 14.94 -4.80 -16.32
CA ALA G 32 13.64 -5.25 -16.84
C ALA G 32 13.29 -6.55 -16.12
N ILE G 33 12.18 -6.53 -15.39
CA ILE G 33 11.71 -7.70 -14.66
C ILE G 33 11.25 -8.76 -15.65
N GLU G 34 11.65 -10.01 -15.42
CA GLU G 34 11.14 -11.14 -16.19
C GLU G 34 11.18 -12.40 -15.33
N GLU G 35 10.09 -13.16 -15.36
CA GLU G 35 10.00 -14.44 -14.66
C GLU G 35 10.20 -14.25 -13.15
N VAL G 36 9.25 -13.51 -12.56
CA VAL G 36 9.16 -13.43 -11.11
C VAL G 36 8.55 -14.73 -10.62
N ARG G 37 9.03 -15.22 -9.46
CA ARG G 37 8.64 -16.52 -8.93
C ARG G 37 8.13 -16.33 -7.51
N GLY G 38 6.82 -16.16 -7.38
CA GLY G 38 6.17 -16.18 -6.09
C GLY G 38 5.50 -17.51 -5.84
N ASP G 39 6.14 -18.37 -5.05
CA ASP G 39 5.56 -19.67 -4.73
C ASP G 39 5.89 -20.13 -3.32
N ALA G 40 6.57 -19.32 -2.51
CA ALA G 40 6.95 -19.70 -1.16
C ALA G 40 5.85 -19.34 -0.18
N HIS G 41 6.02 -19.80 1.06
CA HIS G 41 4.97 -19.73 2.07
C HIS G 41 5.09 -18.53 3.00
N ALA G 42 6.07 -17.65 2.79
CA ALA G 42 6.26 -16.47 3.64
C ALA G 42 6.21 -15.18 2.85
N GLY G 43 5.65 -15.21 1.64
CA GLY G 43 5.66 -14.03 0.79
C GLY G 43 7.02 -13.71 0.20
N VAL G 44 7.99 -14.61 0.39
CA VAL G 44 9.33 -14.38 -0.14
C VAL G 44 9.34 -14.74 -1.63
N ILE G 45 9.83 -13.81 -2.45
CA ILE G 45 9.79 -13.94 -3.89
C ILE G 45 11.17 -13.62 -4.46
N ARG G 46 11.55 -14.40 -5.47
CA ARG G 46 12.79 -14.20 -6.21
C ARG G 46 12.43 -13.82 -7.64
N ILE G 47 13.02 -12.73 -8.12
CA ILE G 47 12.72 -12.18 -9.44
C ILE G 47 14.02 -12.10 -10.24
N GLN G 48 13.94 -12.45 -11.53
CA GLN G 48 15.08 -12.37 -12.43
C GLN G 48 14.98 -11.06 -13.22
N THR G 49 15.88 -10.14 -12.93
CA THR G 49 15.95 -8.86 -13.64
C THR G 49 16.96 -8.94 -14.79
N SER G 50 17.29 -7.79 -15.38
CA SER G 50 18.20 -7.71 -16.52
C SER G 50 19.32 -6.71 -16.21
N ALA G 51 19.77 -6.71 -14.96
CA ALA G 51 20.87 -5.85 -14.54
C ALA G 51 21.64 -6.58 -13.45
N MET G 52 22.96 -6.68 -13.59
CA MET G 52 23.72 -7.56 -12.72
C MET G 52 23.92 -6.90 -11.36
N PHE G 53 23.76 -7.71 -10.30
CA PHE G 53 23.93 -7.25 -8.93
C PHE G 53 25.19 -7.88 -8.36
N GLY G 54 25.71 -7.30 -7.28
CA GLY G 54 26.95 -7.77 -6.73
C GLY G 54 28.13 -7.33 -7.57
N LEU G 55 28.22 -7.85 -8.79
CA LEU G 55 29.38 -7.66 -9.64
C LEU G 55 29.61 -6.18 -9.94
N LYS G 56 30.80 -5.68 -9.59
CA LYS G 56 31.30 -4.42 -10.11
C LYS G 56 32.04 -4.72 -11.42
N THR G 57 32.80 -3.76 -11.92
CA THR G 57 33.43 -3.89 -13.23
C THR G 57 34.76 -4.62 -13.21
N ASP G 58 35.35 -4.88 -12.03
CA ASP G 58 36.58 -5.66 -11.93
C ASP G 58 36.37 -6.91 -11.08
N GLY G 59 35.86 -6.78 -9.84
CA GLY G 59 35.65 -7.91 -8.95
C GLY G 59 34.20 -8.09 -8.59
N VAL G 60 33.92 -8.54 -7.35
CA VAL G 60 32.56 -8.66 -6.86
C VAL G 60 32.21 -7.51 -5.91
N ASP G 61 32.97 -7.32 -4.82
CA ASP G 61 32.78 -6.23 -3.88
C ASP G 61 31.29 -6.06 -3.55
N LEU G 62 30.71 -7.00 -2.81
CA LEU G 62 29.26 -7.19 -2.84
C LEU G 62 28.51 -6.05 -2.16
N ALA G 63 28.58 -4.86 -2.77
CA ALA G 63 27.65 -3.78 -2.49
C ALA G 63 27.28 -3.01 -3.76
N TYR G 64 27.74 -3.44 -4.92
CA TYR G 64 27.66 -2.69 -6.18
C TYR G 64 26.66 -3.35 -7.14
N MET G 65 26.38 -2.64 -8.23
CA MET G 65 25.60 -3.19 -9.33
C MET G 65 26.15 -2.65 -10.65
N SER G 66 25.86 -3.36 -11.74
CA SER G 66 26.28 -2.92 -13.07
C SER G 66 25.11 -3.12 -14.02
N PHE G 67 24.88 -2.11 -14.87
CA PHE G 67 23.80 -2.16 -15.86
C PHE G 67 24.30 -1.57 -17.17
N MET G 68 23.58 -1.90 -18.25
CA MET G 68 23.94 -1.51 -19.60
C MET G 68 23.38 -0.11 -19.88
N ASN G 69 24.17 0.91 -19.58
CA ASN G 69 23.78 2.28 -19.87
C ASN G 69 24.16 2.62 -21.30
N GLY G 70 23.43 2.07 -22.27
CA GLY G 70 23.72 2.33 -23.67
C GLY G 70 24.79 1.43 -24.22
N LYS G 71 26.02 1.97 -24.36
CA LYS G 71 27.15 1.25 -24.90
C LYS G 71 28.29 1.16 -23.91
N THR G 72 27.98 1.14 -22.62
CA THR G 72 29.01 1.02 -21.58
C THR G 72 28.38 0.37 -20.35
N GLN G 73 28.98 -0.73 -19.90
CA GLN G 73 28.51 -1.46 -18.72
C GLN G 73 28.89 -0.63 -17.50
N LYS G 74 27.99 0.28 -17.14
CA LYS G 74 28.27 1.23 -16.07
C LYS G 74 27.92 0.62 -14.72
N SER G 75 28.83 0.79 -13.77
CA SER G 75 28.69 0.26 -12.42
C SER G 75 28.54 1.39 -11.42
N ILE G 76 27.69 1.16 -10.41
CA ILE G 76 27.44 2.13 -9.35
C ILE G 76 27.26 1.35 -8.04
N LYS G 77 27.20 2.09 -6.94
CA LYS G 77 26.90 1.50 -5.64
C LYS G 77 25.40 1.27 -5.54
N ILE G 78 25.00 0.18 -4.90
CA ILE G 78 23.59 -0.06 -4.63
C ILE G 78 23.19 0.90 -3.51
N ASP G 79 22.55 2.01 -3.88
CA ASP G 79 22.21 3.06 -2.92
C ASP G 79 20.78 2.89 -2.40
N ASN G 80 19.80 2.82 -3.30
CA ASN G 80 18.42 2.51 -2.94
C ASN G 80 17.86 1.57 -4.00
N LEU G 81 18.02 0.27 -3.77
CA LEU G 81 17.41 -0.75 -4.61
C LEU G 81 16.12 -1.20 -3.95
N HIS G 82 14.99 -0.75 -4.49
CA HIS G 82 13.69 -0.92 -3.85
C HIS G 82 12.80 -1.84 -4.69
N VAL G 83 11.99 -2.62 -3.99
CA VAL G 83 11.04 -3.56 -4.57
C VAL G 83 9.70 -3.37 -3.85
N ARG G 84 8.61 -3.30 -4.62
CA ARG G 84 7.28 -3.08 -4.07
C ARG G 84 6.25 -3.91 -4.81
N THR G 85 5.22 -4.35 -4.09
CA THR G 85 4.01 -4.90 -4.68
C THR G 85 2.80 -4.06 -4.31
N SER G 86 2.57 -3.85 -3.02
CA SER G 86 1.61 -2.89 -2.48
C SER G 86 2.25 -1.98 -1.46
N ALA G 87 3.20 -2.48 -0.69
CA ALA G 87 4.06 -1.72 0.20
C ALA G 87 5.50 -2.10 -0.09
N PRO G 88 6.47 -1.28 0.33
CA PRO G 88 7.87 -1.62 0.05
C PRO G 88 8.25 -2.98 0.63
N CYS G 89 9.04 -3.72 -0.14
CA CYS G 89 9.52 -5.03 0.24
C CYS G 89 10.91 -4.93 0.86
N SER G 90 11.09 -5.63 1.97
CA SER G 90 12.39 -5.69 2.64
C SER G 90 13.27 -6.72 1.93
N LEU G 91 13.99 -6.23 0.91
CA LEU G 91 14.83 -7.11 0.11
C LEU G 91 15.92 -7.73 0.98
N VAL G 92 16.20 -9.01 0.74
CA VAL G 92 17.07 -9.80 1.61
C VAL G 92 18.37 -10.14 0.89
N SER G 93 18.34 -10.26 -0.44
CA SER G 93 19.57 -10.61 -1.14
C SER G 93 19.53 -10.30 -2.63
N HIS G 94 20.70 -10.31 -3.26
CA HIS G 94 20.80 -10.06 -4.69
C HIS G 94 22.05 -10.77 -5.21
N HIS G 95 21.94 -11.32 -6.42
CA HIS G 95 23.06 -11.99 -7.06
C HIS G 95 22.84 -12.10 -8.55
N GLY G 96 23.78 -11.58 -9.34
CA GLY G 96 23.65 -11.66 -10.78
C GLY G 96 22.39 -10.97 -11.25
N TYR G 97 21.58 -11.71 -12.02
CA TYR G 97 20.34 -11.18 -12.55
C TYR G 97 19.20 -11.21 -11.55
N TYR G 98 19.40 -11.79 -10.37
CA TYR G 98 18.31 -12.14 -9.47
C TYR G 98 18.30 -11.25 -8.24
N ILE G 99 17.09 -10.81 -7.85
CA ILE G 99 16.83 -10.22 -6.55
C ILE G 99 15.97 -11.20 -5.77
N LEU G 100 16.12 -11.20 -4.45
CA LEU G 100 15.31 -12.03 -3.57
C LEU G 100 14.84 -11.16 -2.41
N ALA G 101 13.53 -11.07 -2.21
CA ALA G 101 12.94 -10.14 -1.27
C ALA G 101 11.78 -10.79 -0.54
N GLN G 102 11.33 -10.14 0.54
CA GLN G 102 10.17 -10.56 1.32
C GLN G 102 9.08 -9.52 1.08
N CYS G 103 8.12 -9.84 0.22
CA CYS G 103 7.12 -8.88 -0.23
C CYS G 103 5.77 -9.15 0.43
N PRO G 104 4.99 -8.11 0.75
CA PRO G 104 3.60 -8.34 1.19
C PRO G 104 2.72 -8.68 0.01
N PRO G 105 1.50 -9.15 0.25
CA PRO G 105 0.62 -9.48 -0.88
C PRO G 105 0.26 -8.26 -1.70
N GLY G 106 0.14 -8.48 -3.00
CA GLY G 106 -0.14 -7.40 -3.92
C GLY G 106 -0.56 -7.95 -5.27
N ASP G 107 -0.62 -7.04 -6.24
CA ASP G 107 -1.08 -7.38 -7.58
C ASP G 107 -0.12 -6.86 -8.64
N THR G 108 0.97 -6.19 -8.25
CA THR G 108 2.00 -5.76 -9.18
C THR G 108 3.35 -6.11 -8.56
N VAL G 109 4.41 -5.96 -9.35
CA VAL G 109 5.78 -6.10 -8.85
C VAL G 109 6.65 -5.07 -9.56
N THR G 110 7.17 -4.11 -8.80
CA THR G 110 7.94 -3.00 -9.37
C THR G 110 9.26 -2.87 -8.63
N VAL G 111 10.34 -2.71 -9.39
CA VAL G 111 11.69 -2.58 -8.84
C VAL G 111 12.35 -1.34 -9.40
N GLY G 112 13.36 -0.86 -8.68
CA GLY G 112 14.12 0.30 -9.14
C GLY G 112 15.34 0.62 -8.31
N PHE G 113 16.42 1.07 -8.97
CA PHE G 113 17.64 1.49 -8.31
C PHE G 113 17.86 2.98 -8.54
N HIS G 114 18.53 3.62 -7.58
CA HIS G 114 18.85 5.03 -7.68
C HIS G 114 20.24 5.21 -8.28
N ASP G 115 20.35 6.21 -9.17
CA ASP G 115 21.63 6.59 -9.77
C ASP G 115 21.92 8.07 -9.62
N GLY G 116 20.91 8.93 -9.46
CA GLY G 116 21.11 10.34 -9.23
C GLY G 116 20.50 11.25 -10.28
N PRO G 117 20.68 10.94 -11.58
CA PRO G 117 19.99 11.72 -12.62
C PRO G 117 18.63 11.14 -13.00
N ASN G 118 18.46 9.84 -12.81
CA ASN G 118 17.25 9.13 -13.22
C ASN G 118 16.91 8.09 -12.17
N ARG G 119 15.74 7.47 -12.32
CA ARG G 119 15.24 6.46 -11.39
C ARG G 119 15.25 5.05 -11.94
N HIS G 120 14.99 4.88 -13.24
CA HIS G 120 15.06 3.57 -13.89
C HIS G 120 14.21 2.54 -13.16
N THR G 121 12.90 2.78 -13.08
CA THR G 121 11.97 1.91 -12.36
C THR G 121 11.19 1.10 -13.39
N CYS G 122 11.14 -0.21 -13.19
CA CYS G 122 10.35 -1.11 -14.02
C CYS G 122 9.24 -1.75 -13.19
N THR G 123 8.17 -2.16 -13.88
CA THR G 123 7.00 -2.73 -13.23
C THR G 123 6.41 -3.82 -14.11
N VAL G 124 5.87 -4.85 -13.47
CA VAL G 124 5.24 -5.97 -14.17
C VAL G 124 3.98 -6.36 -13.42
N ALA G 125 2.92 -6.67 -14.17
CA ALA G 125 1.65 -7.10 -13.58
C ALA G 125 1.69 -8.58 -13.21
N HIS G 126 1.96 -8.87 -11.94
CA HIS G 126 1.98 -10.24 -11.43
C HIS G 126 1.07 -10.38 -10.22
N LYS G 127 0.46 -11.55 -10.08
CA LYS G 127 -0.43 -11.85 -8.97
C LYS G 127 0.39 -12.54 -7.88
N VAL G 128 1.09 -11.72 -7.10
CA VAL G 128 1.88 -12.22 -5.97
C VAL G 128 0.95 -12.42 -4.78
N GLU G 129 0.96 -13.61 -4.21
CA GLU G 129 0.11 -13.98 -3.09
C GLU G 129 0.95 -14.30 -1.87
N PHE G 130 0.29 -14.29 -0.71
CA PHE G 130 0.89 -14.69 0.58
C PHE G 130 0.28 -16.04 0.94
N ARG G 131 1.03 -17.11 0.69
CA ARG G 131 0.53 -18.46 0.91
C ARG G 131 0.83 -18.89 2.35
N PRO G 132 -0.17 -19.10 3.21
CA PRO G 132 0.14 -19.52 4.58
C PRO G 132 0.52 -20.99 4.69
N VAL G 133 1.05 -21.38 5.85
CA VAL G 133 1.44 -22.76 6.13
C VAL G 133 0.43 -23.34 7.12
N GLY G 134 0.04 -24.59 6.87
CA GLY G 134 -0.81 -25.29 7.80
C GLY G 134 -2.29 -25.12 7.46
N ARG G 135 -3.07 -24.78 8.48
CA ARG G 135 -4.53 -24.82 8.42
C ARG G 135 -5.13 -23.56 9.04
N GLU G 136 -4.39 -22.46 9.00
CA GLU G 136 -4.90 -21.16 9.42
C GLU G 136 -4.31 -20.09 8.51
N LYS G 137 -5.17 -19.20 8.01
CA LYS G 137 -4.71 -18.14 7.14
C LYS G 137 -4.09 -17.00 7.93
N TYR G 138 -2.85 -16.68 7.62
CA TYR G 138 -2.22 -15.46 8.11
C TYR G 138 -2.16 -14.47 6.96
N ARG G 139 -1.77 -13.23 7.28
CA ARG G 139 -1.33 -12.28 6.27
C ARG G 139 0.04 -11.70 6.61
N HIS G 140 0.75 -12.29 7.58
CA HIS G 140 2.11 -11.95 7.95
C HIS G 140 2.61 -13.03 8.91
N PRO G 141 3.84 -13.51 8.80
CA PRO G 141 4.30 -14.58 9.70
C PRO G 141 4.25 -14.14 11.15
N PRO G 142 3.91 -15.06 12.10
CA PRO G 142 3.69 -14.60 13.48
C PRO G 142 4.95 -14.60 14.33
N GLU G 143 4.82 -14.14 15.57
CA GLU G 143 5.93 -14.16 16.50
C GLU G 143 6.17 -15.55 17.09
N HIS G 144 5.10 -16.32 17.29
CA HIS G 144 5.20 -17.65 17.90
C HIS G 144 4.19 -18.57 17.26
N GLY G 145 4.45 -19.88 17.40
CA GLY G 145 3.59 -20.88 16.81
C GLY G 145 4.29 -22.21 16.65
N VAL G 146 3.78 -23.07 15.77
CA VAL G 146 4.36 -24.39 15.53
C VAL G 146 5.33 -24.28 14.35
N GLU G 147 6.41 -25.06 14.43
CA GLU G 147 7.41 -25.12 13.37
C GLU G 147 7.00 -26.18 12.36
N LEU G 148 6.51 -25.74 11.20
CA LEU G 148 6.01 -26.62 10.17
C LEU G 148 6.93 -26.59 8.95
N PRO G 149 7.03 -27.69 8.18
CA PRO G 149 7.88 -27.66 6.99
C PRO G 149 7.26 -26.83 5.87
N CYS G 150 8.03 -25.87 5.36
CA CYS G 150 7.59 -24.95 4.32
C CYS G 150 8.67 -24.84 3.25
N ASN G 151 8.23 -24.67 2.00
CA ASN G 151 9.14 -24.54 0.87
C ASN G 151 9.40 -23.05 0.66
N ARG G 152 10.64 -22.62 0.89
CA ARG G 152 11.02 -21.22 0.78
C ARG G 152 12.32 -21.10 -0.03
N TYR G 153 12.53 -19.91 -0.57
CA TYR G 153 13.72 -19.63 -1.39
C TYR G 153 14.89 -19.37 -0.46
N THR G 154 15.91 -20.23 -0.54
CA THR G 154 17.09 -20.05 0.29
C THR G 154 17.82 -18.77 -0.09
N HIS G 155 18.32 -18.06 0.92
CA HIS G 155 19.10 -16.85 0.69
C HIS G 155 20.55 -17.15 0.32
N LYS G 156 20.96 -18.42 0.34
CA LYS G 156 22.34 -18.78 0.04
C LYS G 156 22.67 -18.40 -1.40
N ARG G 157 23.87 -17.84 -1.59
CA ARG G 157 24.31 -17.38 -2.89
C ARG G 157 24.50 -18.55 -3.86
N ALA G 158 24.95 -19.70 -3.34
CA ALA G 158 25.45 -20.79 -4.16
C ALA G 158 24.53 -22.00 -4.08
N ASP G 159 24.25 -22.61 -5.23
CA ASP G 159 23.65 -23.92 -5.33
C ASP G 159 23.72 -24.35 -6.79
N GLN G 160 23.95 -25.64 -7.00
CA GLN G 160 24.09 -26.23 -8.33
C GLN G 160 22.83 -26.99 -8.75
N GLY G 161 21.73 -26.78 -8.03
CA GLY G 161 20.51 -27.51 -8.31
C GLY G 161 19.91 -27.25 -9.68
N HIS G 162 19.81 -25.97 -10.06
CA HIS G 162 19.18 -25.57 -11.31
C HIS G 162 20.04 -24.52 -12.00
N TYR G 163 19.87 -24.40 -13.31
CA TYR G 163 20.63 -23.47 -14.12
C TYR G 163 19.73 -22.81 -15.15
N VAL G 164 20.20 -21.68 -15.69
CA VAL G 164 19.63 -21.05 -16.87
C VAL G 164 20.75 -20.91 -17.90
N GLU G 165 20.39 -20.93 -19.17
CA GLU G 165 21.39 -20.95 -20.23
C GLU G 165 21.72 -19.53 -20.69
N MET G 166 23.00 -19.28 -20.91
CA MET G 166 23.48 -18.00 -21.41
C MET G 166 23.74 -18.13 -22.92
N HIS G 167 23.25 -17.15 -23.67
CA HIS G 167 23.29 -17.21 -25.13
C HIS G 167 23.95 -15.96 -25.65
N GLN G 168 24.56 -16.10 -26.83
CA GLN G 168 25.30 -15.01 -27.44
C GLN G 168 24.32 -13.91 -27.83
N PRO G 169 24.59 -12.62 -27.53
CA PRO G 169 23.60 -11.59 -27.87
C PRO G 169 23.37 -11.50 -29.38
N GLY G 170 22.16 -11.08 -29.76
CA GLY G 170 21.85 -10.85 -31.16
C GLY G 170 22.55 -9.62 -31.70
N LEU G 171 21.96 -8.99 -32.71
CA LEU G 171 22.54 -7.81 -33.34
C LEU G 171 21.86 -6.57 -32.77
N VAL G 172 22.53 -5.91 -31.84
CA VAL G 172 21.97 -4.79 -31.09
C VAL G 172 21.85 -3.61 -32.04
N ALA G 173 20.62 -3.26 -32.44
CA ALA G 173 20.43 -2.13 -33.35
C ALA G 173 20.84 -0.83 -32.69
N ASP G 174 21.39 0.08 -33.49
CA ASP G 174 21.80 1.38 -33.00
C ASP G 174 21.87 2.34 -34.16
N HIS G 175 21.13 3.46 -34.08
CA HIS G 175 21.14 4.49 -35.10
C HIS G 175 21.92 5.74 -34.65
N SER G 176 22.47 5.73 -33.45
CA SER G 176 23.18 6.89 -32.91
C SER G 176 24.65 6.93 -33.31
N LEU G 177 25.14 5.92 -34.04
CA LEU G 177 26.53 5.85 -34.49
C LEU G 177 26.64 6.02 -36.01
N LEU G 178 25.65 6.69 -36.61
CA LEU G 178 25.69 7.07 -38.02
C LEU G 178 25.52 8.58 -38.11
N SER G 179 26.19 9.19 -39.09
CA SER G 179 26.08 10.63 -39.30
C SER G 179 26.28 10.93 -40.78
N ILE G 180 26.29 12.22 -41.11
CA ILE G 180 26.62 12.71 -42.44
C ILE G 180 27.99 13.35 -42.35
N HIS G 181 29.01 12.69 -42.90
CA HIS G 181 30.38 13.19 -42.82
C HIS G 181 30.48 14.53 -43.54
N SER G 182 30.32 14.53 -44.86
CA SER G 182 30.19 15.75 -45.64
C SER G 182 28.83 15.85 -46.31
N ALA G 183 28.46 14.87 -47.14
CA ALA G 183 27.13 14.80 -47.74
C ALA G 183 26.67 13.36 -47.89
N LYS G 184 27.27 12.43 -47.15
CA LYS G 184 27.04 11.01 -47.34
C LYS G 184 27.00 10.31 -45.99
N VAL G 185 26.33 9.17 -45.95
CA VAL G 185 26.20 8.42 -44.70
C VAL G 185 27.55 7.85 -44.31
N LYS G 186 27.96 8.13 -43.07
CA LYS G 186 29.19 7.60 -42.49
C LYS G 186 28.83 6.82 -41.24
N ILE G 187 29.50 5.68 -41.06
CA ILE G 187 29.18 4.72 -40.02
C ILE G 187 30.34 4.68 -39.04
N THR G 188 30.20 5.35 -37.90
CA THR G 188 31.23 5.31 -36.88
C THR G 188 31.21 3.95 -36.17
N VAL G 189 32.38 3.55 -35.69
CA VAL G 189 32.54 2.25 -35.02
C VAL G 189 33.02 2.47 -33.60
N PRO G 190 32.49 1.69 -32.62
CA PRO G 190 32.83 1.98 -31.22
C PRO G 190 34.25 1.62 -30.78
N SER G 191 35.15 1.30 -31.72
CA SER G 191 36.54 1.05 -31.38
C SER G 191 36.68 -0.12 -30.40
N GLY G 192 36.34 -1.32 -30.85
CA GLY G 192 36.36 -2.49 -30.00
C GLY G 192 35.27 -3.49 -30.35
N ALA G 193 34.32 -3.08 -31.18
CA ALA G 193 33.29 -3.99 -31.69
C ALA G 193 33.08 -3.68 -33.16
N GLN G 194 32.71 -4.71 -33.91
CA GLN G 194 32.41 -4.57 -35.33
C GLN G 194 30.91 -4.28 -35.46
N VAL G 195 30.56 -3.40 -36.39
CA VAL G 195 29.18 -3.02 -36.60
C VAL G 195 28.71 -3.51 -37.96
N LYS G 196 27.63 -4.30 -37.97
CA LYS G 196 26.98 -4.64 -39.22
C LYS G 196 26.10 -3.47 -39.67
N TYR G 197 25.84 -3.38 -40.97
CA TYR G 197 25.04 -2.26 -41.47
C TYR G 197 24.28 -2.68 -42.72
N TYR G 198 23.23 -1.91 -43.01
CA TYR G 198 22.30 -2.19 -44.10
C TYR G 198 21.72 -0.87 -44.57
N CYS G 199 21.73 -0.65 -45.89
CA CYS G 199 21.37 0.65 -46.47
C CYS G 199 20.45 0.41 -47.67
N LYS G 200 20.31 1.45 -48.50
CA LYS G 200 19.26 1.54 -49.52
C LYS G 200 19.23 0.32 -50.44
N CYS G 201 20.27 0.12 -51.23
CA CYS G 201 20.45 -1.13 -51.95
C CYS G 201 21.32 -2.04 -51.10
N PRO G 202 21.19 -3.37 -51.18
CA PRO G 202 21.90 -4.25 -50.23
C PRO G 202 23.40 -4.02 -50.24
N ASP G 203 23.98 -3.90 -49.05
CA ASP G 203 25.37 -3.50 -48.87
C ASP G 203 26.10 -4.65 -48.19
N VAL G 204 27.32 -4.40 -47.73
CA VAL G 204 28.14 -5.39 -47.04
C VAL G 204 27.34 -5.95 -45.87
N ARG G 205 27.08 -7.26 -45.92
CA ARG G 205 26.14 -7.92 -45.01
C ARG G 205 26.83 -8.63 -43.84
N LYS G 206 28.11 -8.38 -43.61
CA LYS G 206 28.83 -8.99 -42.50
C LYS G 206 29.53 -8.00 -41.58
N GLY G 207 29.45 -6.69 -41.83
CA GLY G 207 30.07 -5.72 -40.96
C GLY G 207 31.55 -5.54 -41.23
N ILE G 208 32.18 -4.60 -40.54
CA ILE G 208 33.59 -4.28 -40.73
C ILE G 208 34.16 -3.75 -39.43
N THR G 209 35.46 -3.98 -39.21
CA THR G 209 36.13 -3.57 -37.99
C THR G 209 36.25 -2.05 -37.88
N SER G 210 36.45 -1.37 -39.00
CA SER G 210 36.72 0.05 -39.03
C SER G 210 35.53 0.83 -39.59
N SER G 211 35.66 2.15 -39.60
CA SER G 211 34.61 3.03 -40.10
C SER G 211 34.54 2.94 -41.62
N ASP G 212 33.49 3.54 -42.18
CA ASP G 212 33.27 3.50 -43.63
C ASP G 212 32.18 4.52 -43.95
N HIS G 213 32.15 4.92 -45.22
CA HIS G 213 31.12 5.81 -45.74
C HIS G 213 30.57 5.20 -47.03
N THR G 214 29.25 5.09 -47.12
CA THR G 214 28.59 4.41 -48.23
C THR G 214 27.98 5.46 -49.15
N THR G 215 28.30 5.37 -50.44
CA THR G 215 27.83 6.32 -51.44
C THR G 215 26.46 5.97 -52.01
N THR G 216 25.95 4.77 -51.73
CA THR G 216 24.63 4.38 -52.23
C THR G 216 23.51 5.01 -51.41
N CYS G 217 23.85 5.64 -50.28
CA CYS G 217 22.86 6.26 -49.41
C CYS G 217 23.38 7.62 -48.96
N THR G 218 22.58 8.66 -49.18
CA THR G 218 22.91 10.02 -48.75
C THR G 218 22.05 10.49 -47.59
N ASP G 219 21.15 9.65 -47.08
CA ASP G 219 20.28 9.98 -45.95
C ASP G 219 20.47 8.93 -44.87
N VAL G 220 20.63 9.39 -43.63
CA VAL G 220 20.81 8.50 -42.49
C VAL G 220 19.56 7.66 -42.26
N LYS G 221 18.39 8.18 -42.67
CA LYS G 221 17.13 7.53 -42.40
C LYS G 221 16.99 6.16 -43.07
N GLN G 222 17.61 5.96 -44.24
CA GLN G 222 17.44 4.73 -45.00
C GLN G 222 18.48 3.67 -44.70
N CYS G 223 19.58 4.01 -44.01
CA CYS G 223 20.59 3.05 -43.61
C CYS G 223 20.68 3.00 -42.09
N ARG G 224 20.95 1.81 -41.55
CA ARG G 224 21.11 1.65 -40.11
C ARG G 224 22.13 0.56 -39.84
N ALA G 225 22.50 0.45 -38.57
CA ALA G 225 23.61 -0.39 -38.14
C ALA G 225 23.16 -1.25 -36.96
N TYR G 226 23.54 -2.52 -36.99
CA TYR G 226 23.37 -3.42 -35.86
C TYR G 226 24.77 -3.66 -35.29
N LEU G 227 25.08 -3.00 -34.18
CA LEU G 227 26.29 -3.26 -33.43
C LEU G 227 26.29 -4.69 -32.92
N ILE G 228 27.40 -5.40 -33.15
CA ILE G 228 27.53 -6.79 -32.75
C ILE G 228 28.72 -6.92 -31.80
N ASP G 229 28.63 -7.90 -30.92
CA ASP G 229 29.70 -8.16 -29.95
C ASP G 229 29.65 -9.64 -29.62
N ASN G 230 30.85 -10.22 -29.42
CA ASN G 230 30.99 -11.64 -29.16
C ASN G 230 31.90 -11.91 -27.96
N LYS G 231 32.03 -10.93 -27.06
CA LYS G 231 32.95 -11.04 -25.93
C LYS G 231 32.21 -11.24 -24.62
N LYS G 232 30.96 -10.80 -24.51
CA LYS G 232 30.13 -11.03 -23.34
C LYS G 232 28.78 -11.58 -23.78
N TRP G 233 28.39 -12.70 -23.17
CA TRP G 233 27.13 -13.36 -23.43
C TRP G 233 26.00 -12.72 -22.63
N VAL G 234 24.78 -13.14 -22.92
CA VAL G 234 23.62 -12.74 -22.12
C VAL G 234 22.79 -13.98 -21.85
N TYR G 235 21.72 -13.81 -21.09
CA TYR G 235 20.74 -14.87 -20.86
C TYR G 235 19.66 -14.74 -21.93
N ASN G 236 19.27 -15.86 -22.52
CA ASN G 236 18.32 -15.82 -23.63
C ASN G 236 16.94 -15.43 -23.11
N SER G 237 16.64 -14.14 -23.17
CA SER G 237 15.37 -13.60 -22.73
C SER G 237 14.40 -13.58 -23.91
N GLY G 238 13.10 -13.72 -23.62
CA GLY G 238 12.08 -13.67 -24.64
C GLY G 238 11.98 -12.32 -25.31
N ARG G 239 12.50 -11.28 -24.66
CA ARG G 239 12.44 -9.91 -25.14
C ARG G 239 13.82 -9.43 -25.56
N LEU G 240 14.59 -10.33 -26.18
CA LEU G 240 15.87 -9.98 -26.80
C LEU G 240 15.95 -10.68 -28.16
N PRO G 241 16.63 -10.10 -29.15
CA PRO G 241 16.68 -10.75 -30.46
C PRO G 241 17.75 -11.83 -30.49
N ARG G 242 17.37 -13.00 -30.96
CA ARG G 242 18.31 -14.11 -31.04
C ARG G 242 19.26 -13.90 -32.22
N GLY G 243 20.52 -14.23 -31.99
CA GLY G 243 21.58 -14.02 -32.98
C GLY G 243 21.63 -15.20 -33.94
N GLU G 244 22.19 -14.96 -35.12
CA GLU G 244 22.35 -16.01 -36.11
C GLU G 244 23.36 -17.06 -35.65
N GLY G 245 24.20 -16.70 -34.67
CA GLY G 245 25.13 -17.65 -34.09
C GLY G 245 24.44 -18.61 -33.14
N ASP G 246 23.62 -19.51 -33.70
CA ASP G 246 22.83 -20.43 -32.89
C ASP G 246 23.70 -21.54 -32.30
N THR G 247 24.54 -21.19 -31.34
CA THR G 247 25.44 -22.15 -30.69
C THR G 247 25.51 -21.81 -29.20
N PHE G 248 26.41 -22.49 -28.50
CA PHE G 248 26.71 -22.20 -27.09
C PHE G 248 25.49 -22.33 -26.18
N LYS G 249 24.97 -23.55 -26.03
CA LYS G 249 23.95 -23.83 -25.02
C LYS G 249 24.58 -23.83 -23.63
N GLY G 250 24.93 -22.62 -23.18
CA GLY G 250 25.70 -22.44 -21.97
C GLY G 250 24.93 -22.71 -20.69
N LYS G 251 25.46 -22.24 -19.57
CA LYS G 251 24.90 -22.52 -18.25
C LYS G 251 25.11 -21.32 -17.34
N LEU G 252 24.17 -21.17 -16.40
CA LEU G 252 24.30 -20.17 -15.34
C LEU G 252 23.47 -20.65 -14.17
N HIS G 253 24.13 -20.90 -13.04
CA HIS G 253 23.44 -21.41 -11.87
C HIS G 253 22.42 -20.39 -11.37
N VAL G 254 21.32 -20.90 -10.82
CA VAL G 254 20.30 -20.05 -10.21
C VAL G 254 20.67 -19.91 -8.73
N PRO G 255 20.92 -18.70 -8.20
CA PRO G 255 21.41 -18.59 -6.81
C PRO G 255 20.44 -19.13 -5.78
N PHE G 256 19.22 -18.58 -5.76
CA PHE G 256 18.25 -18.87 -4.72
C PHE G 256 17.25 -19.94 -5.13
N VAL G 257 17.71 -21.19 -5.24
CA VAL G 257 16.83 -22.30 -5.57
C VAL G 257 15.96 -22.61 -4.35
N PRO G 258 14.75 -23.14 -4.51
CA PRO G 258 13.91 -23.43 -3.35
C PRO G 258 14.49 -24.53 -2.48
N VAL G 259 14.16 -24.47 -1.20
CA VAL G 259 14.57 -25.49 -0.22
C VAL G 259 13.42 -25.70 0.76
N LYS G 260 13.55 -26.73 1.59
CA LYS G 260 12.60 -27.01 2.67
C LYS G 260 13.17 -26.49 3.98
N ALA G 261 12.46 -25.56 4.60
CA ALA G 261 12.86 -24.98 5.88
C ALA G 261 11.66 -25.03 6.83
N LYS G 262 11.76 -24.36 7.97
CA LYS G 262 10.71 -24.35 8.98
C LYS G 262 10.08 -22.97 9.06
N CYS G 263 8.74 -22.94 9.07
CA CYS G 263 7.96 -21.72 9.18
C CYS G 263 7.12 -21.78 10.44
N ILE G 264 6.88 -20.61 11.04
CA ILE G 264 6.06 -20.50 12.24
C ILE G 264 4.61 -20.32 11.80
N ALA G 265 3.74 -21.21 12.31
CA ALA G 265 2.32 -21.21 11.98
C ALA G 265 1.52 -20.96 13.24
N THR G 266 0.50 -20.09 13.14
CA THR G 266 -0.30 -19.70 14.28
C THR G 266 -0.98 -20.91 14.91
N LEU G 267 -0.91 -20.99 16.24
CA LEU G 267 -1.73 -21.90 17.02
C LEU G 267 -2.99 -21.18 17.46
N ALA G 268 -4.12 -21.64 16.97
CA ALA G 268 -5.36 -20.96 17.30
C ALA G 268 -5.68 -21.13 18.77
N PRO G 269 -6.52 -20.24 19.35
CA PRO G 269 -6.89 -20.41 20.76
C PRO G 269 -7.55 -21.76 21.02
N GLU G 270 -7.25 -22.38 22.15
CA GLU G 270 -7.76 -23.71 22.42
C GLU G 270 -9.29 -23.67 22.51
N PRO G 271 -9.99 -24.64 21.95
CA PRO G 271 -11.45 -24.65 22.02
C PRO G 271 -11.93 -25.01 23.42
N LEU G 272 -13.04 -24.40 23.80
CA LEU G 272 -13.69 -24.70 25.07
C LEU G 272 -14.54 -25.94 24.88
N VAL G 273 -14.17 -27.02 25.57
CA VAL G 273 -14.82 -28.31 25.45
C VAL G 273 -15.82 -28.46 26.59
N GLU G 274 -17.06 -28.84 26.25
CA GLU G 274 -18.04 -29.30 27.21
C GLU G 274 -18.40 -30.73 26.79
N HIS G 275 -17.99 -31.70 27.60
CA HIS G 275 -18.17 -33.10 27.28
C HIS G 275 -19.56 -33.55 27.72
N LYS G 276 -20.61 -32.84 27.30
CA LYS G 276 -21.95 -33.22 27.70
C LYS G 276 -22.28 -34.56 27.06
N HIS G 277 -22.54 -35.55 27.91
CA HIS G 277 -22.45 -36.95 27.53
C HIS G 277 -23.42 -37.28 26.40
N ARG G 278 -23.00 -38.20 25.54
CA ARG G 278 -23.61 -38.60 24.27
C ARG G 278 -23.25 -37.62 23.15
N THR G 279 -22.50 -36.56 23.42
CA THR G 279 -22.04 -35.66 22.39
C THR G 279 -20.89 -34.82 22.95
N LEU G 280 -20.50 -33.78 22.20
CA LEU G 280 -19.37 -32.93 22.58
C LEU G 280 -19.69 -31.54 22.04
N ILE G 281 -19.77 -30.55 22.94
CA ILE G 281 -20.04 -29.17 22.56
C ILE G 281 -18.69 -28.47 22.52
N LEU G 282 -18.30 -27.99 21.35
CA LEU G 282 -17.00 -27.36 21.14
C LEU G 282 -17.25 -25.90 20.78
N HIS G 283 -16.88 -24.99 21.69
CA HIS G 283 -16.89 -23.57 21.41
C HIS G 283 -15.54 -23.18 20.84
N LEU G 284 -15.54 -22.67 19.62
CA LEU G 284 -14.33 -22.31 18.89
C LEU G 284 -14.27 -20.79 18.76
N HIS G 285 -13.10 -20.23 19.05
CA HIS G 285 -12.91 -18.78 19.13
C HIS G 285 -11.68 -18.39 18.31
N PRO G 286 -11.78 -18.43 16.98
CA PRO G 286 -10.62 -18.10 16.16
C PRO G 286 -10.37 -16.62 16.03
N ASP G 287 -9.11 -16.28 15.80
CA ASP G 287 -8.71 -14.95 15.34
C ASP G 287 -8.35 -14.92 13.87
N HIS G 288 -8.17 -16.09 13.24
CA HIS G 288 -7.92 -16.23 11.82
C HIS G 288 -8.84 -17.33 11.28
N PRO G 289 -9.12 -17.36 9.97
CA PRO G 289 -9.87 -18.50 9.42
C PRO G 289 -9.15 -19.81 9.71
N THR G 290 -9.74 -20.64 10.56
CA THR G 290 -9.09 -21.84 11.07
C THR G 290 -9.87 -23.08 10.64
N LEU G 291 -9.15 -24.06 10.10
CA LEU G 291 -9.78 -25.31 9.69
C LEU G 291 -10.12 -26.15 10.90
N LEU G 292 -11.31 -26.75 10.88
CA LEU G 292 -11.75 -27.72 11.87
C LEU G 292 -12.17 -28.97 11.12
N THR G 293 -11.60 -30.11 11.53
CA THR G 293 -11.90 -31.40 10.90
C THR G 293 -12.26 -32.41 11.99
N THR G 294 -13.28 -33.21 11.71
CA THR G 294 -13.77 -34.22 12.64
C THR G 294 -13.98 -35.53 11.88
N ARG G 295 -13.74 -36.64 12.56
CA ARG G 295 -14.02 -37.94 11.97
C ARG G 295 -14.34 -38.95 13.07
N SER G 296 -15.34 -39.79 12.80
CA SER G 296 -15.68 -40.87 13.72
C SER G 296 -14.79 -42.08 13.46
N LEU G 297 -14.37 -42.72 14.54
CA LEU G 297 -13.47 -43.87 14.47
C LEU G 297 -14.22 -45.18 14.21
N GLY G 298 -15.51 -45.13 13.93
CA GLY G 298 -16.28 -46.33 13.68
C GLY G 298 -16.07 -46.89 12.29
N SER G 299 -16.97 -47.77 11.85
CA SER G 299 -16.85 -48.35 10.51
C SER G 299 -16.94 -47.27 9.45
N ASP G 300 -17.87 -46.33 9.60
CA ASP G 300 -18.00 -45.19 8.71
C ASP G 300 -17.23 -44.02 9.30
N ALA G 301 -16.45 -43.32 8.45
CA ALA G 301 -15.68 -42.19 8.93
C ALA G 301 -16.57 -41.00 9.26
N ASN G 302 -17.51 -40.70 8.37
CA ASN G 302 -18.38 -39.53 8.51
C ASN G 302 -17.55 -38.26 8.69
N PRO G 303 -16.59 -37.99 7.81
CA PRO G 303 -15.73 -36.82 8.01
C PRO G 303 -16.48 -35.52 7.80
N THR G 304 -16.09 -34.50 8.57
CA THR G 304 -16.66 -33.17 8.44
C THR G 304 -15.54 -32.15 8.56
N ARG G 305 -15.35 -31.35 7.51
CA ARG G 305 -14.31 -30.33 7.47
C ARG G 305 -14.95 -29.00 7.14
N GLN G 306 -14.52 -27.94 7.84
CA GLN G 306 -14.98 -26.60 7.49
C GLN G 306 -14.05 -25.56 8.08
N TRP G 307 -14.06 -24.38 7.46
CA TRP G 307 -13.26 -23.25 7.92
C TRP G 307 -14.11 -22.36 8.82
N ILE G 308 -13.62 -22.10 10.02
CA ILE G 308 -14.31 -21.24 10.99
C ILE G 308 -13.63 -19.87 10.92
N GLU G 309 -14.39 -18.86 10.49
CA GLU G 309 -13.86 -17.51 10.35
C GLU G 309 -14.06 -16.68 11.59
N ARG G 310 -15.10 -16.96 12.37
CA ARG G 310 -15.46 -16.16 13.53
C ARG G 310 -15.86 -17.11 14.64
N PRO G 311 -16.03 -16.60 15.88
CA PRO G 311 -16.43 -17.49 16.98
C PRO G 311 -17.74 -18.23 16.75
N THR G 312 -17.74 -19.55 16.91
CA THR G 312 -18.93 -20.36 16.76
C THR G 312 -18.94 -21.48 17.81
N THR G 313 -19.99 -22.30 17.75
CA THR G 313 -20.08 -23.51 18.56
C THR G 313 -20.61 -24.65 17.69
N VAL G 314 -20.06 -25.84 17.90
CA VAL G 314 -20.41 -27.01 17.11
C VAL G 314 -20.66 -28.19 18.05
N ASN G 315 -21.73 -28.93 17.80
CA ASN G 315 -22.06 -30.13 18.57
C ASN G 315 -21.76 -31.36 17.72
N PHE G 316 -20.86 -32.20 18.21
CA PHE G 316 -20.46 -33.41 17.51
C PHE G 316 -20.92 -34.63 18.29
N THR G 317 -21.62 -35.54 17.60
CA THR G 317 -22.14 -36.75 18.22
C THR G 317 -21.00 -37.76 18.37
N VAL G 318 -20.43 -37.81 19.58
CA VAL G 318 -19.36 -38.75 19.90
C VAL G 318 -20.06 -40.06 20.25
N THR G 319 -20.12 -40.96 19.26
CA THR G 319 -20.82 -42.23 19.43
C THR G 319 -19.94 -43.19 20.21
N GLY G 320 -20.34 -44.47 20.25
CA GLY G 320 -19.61 -45.43 21.07
C GLY G 320 -18.18 -45.65 20.60
N GLU G 321 -17.98 -45.73 19.28
CA GLU G 321 -16.66 -46.00 18.74
C GLU G 321 -15.68 -44.85 18.92
N GLY G 322 -16.19 -43.63 19.11
CA GLY G 322 -15.35 -42.49 19.43
C GLY G 322 -15.27 -41.45 18.33
N LEU G 323 -14.66 -40.31 18.65
CA LEU G 323 -14.47 -39.21 17.72
C LEU G 323 -13.03 -38.74 17.77
N GLU G 324 -12.58 -38.15 16.67
CA GLU G 324 -11.26 -37.53 16.58
C GLU G 324 -11.43 -36.17 15.95
N TYR G 325 -11.03 -35.12 16.66
CA TYR G 325 -11.19 -33.75 16.21
C TYR G 325 -9.85 -33.04 16.20
N THR G 326 -9.64 -32.24 15.16
CA THR G 326 -8.42 -31.47 14.99
C THR G 326 -8.80 -30.05 14.58
N TRP G 327 -8.23 -29.08 15.28
CA TRP G 327 -8.60 -27.67 15.17
C TRP G 327 -7.33 -26.86 15.00
N GLY G 328 -7.20 -26.19 13.85
CA GLY G 328 -5.97 -25.46 13.58
C GLY G 328 -4.79 -26.41 13.46
N ASN G 329 -3.64 -25.92 13.94
CA ASN G 329 -2.42 -26.70 13.95
C ASN G 329 -2.25 -27.52 15.21
N HIS G 330 -3.23 -27.51 16.13
CA HIS G 330 -3.16 -28.34 17.31
C HIS G 330 -3.16 -29.81 16.90
N PRO G 331 -2.52 -30.68 17.67
CA PRO G 331 -2.51 -32.10 17.31
C PRO G 331 -3.90 -32.70 17.40
N PRO G 332 -4.21 -33.75 16.65
CA PRO G 332 -5.55 -34.36 16.76
C PRO G 332 -5.79 -34.88 18.17
N LYS G 333 -7.02 -34.70 18.64
CA LYS G 333 -7.45 -35.17 19.95
C LYS G 333 -8.61 -36.15 19.80
N ARG G 334 -8.49 -37.28 20.48
CA ARG G 334 -9.50 -38.34 20.46
C ARG G 334 -10.35 -38.29 21.72
N VAL G 335 -11.62 -38.67 21.57
CA VAL G 335 -12.55 -38.68 22.69
C VAL G 335 -13.57 -39.81 22.51
N TRP G 336 -13.66 -40.69 23.50
CA TRP G 336 -14.69 -41.71 23.56
C TRP G 336 -15.70 -41.33 24.64
N ALA G 337 -16.98 -41.45 24.31
CA ALA G 337 -18.03 -40.91 25.17
C ALA G 337 -19.27 -41.81 25.08
N GLN G 338 -19.75 -42.26 26.24
CA GLN G 338 -21.04 -42.94 26.33
C GLN G 338 -21.41 -43.02 27.81
N GLU G 339 -22.46 -43.80 28.09
CA GLU G 339 -22.91 -44.07 29.46
C GLU G 339 -23.49 -42.82 30.12
N SER G 340 -24.42 -42.15 29.44
CA SER G 340 -25.18 -41.09 30.08
C SER G 340 -26.21 -41.70 31.03
N GLY G 341 -26.56 -40.99 32.09
CA GLY G 341 -27.38 -41.55 33.15
C GLY G 341 -28.80 -41.06 33.17
N GLU G 342 -29.42 -40.90 31.99
CA GLU G 342 -30.81 -40.50 31.94
C GLU G 342 -31.70 -41.65 32.40
N GLY G 343 -32.62 -41.34 33.32
CA GLY G 343 -33.54 -42.33 33.83
C GLY G 343 -32.89 -43.31 34.79
N ASN G 344 -33.67 -44.29 35.26
CA ASN G 344 -33.19 -45.32 36.16
C ASN G 344 -33.85 -46.64 35.78
N PRO G 345 -33.06 -47.71 35.54
CA PRO G 345 -33.69 -48.98 35.14
C PRO G 345 -34.15 -49.84 36.32
N HIS G 346 -34.81 -49.22 37.30
CA HIS G 346 -35.36 -49.94 38.44
C HIS G 346 -36.67 -49.30 38.88
N ASP H 1 10.47 55.22 8.24
CA ASP H 1 11.44 54.72 7.23
C ASP H 1 12.40 53.72 7.87
N VAL H 2 13.16 53.03 7.02
CA VAL H 2 14.10 52.00 7.46
C VAL H 2 15.51 52.55 7.36
N VAL H 3 16.25 52.51 8.47
CA VAL H 3 17.64 52.94 8.53
C VAL H 3 18.50 51.69 8.40
N MET H 4 19.44 51.70 7.47
CA MET H 4 20.17 50.52 7.05
C MET H 4 21.67 50.81 7.06
N THR H 5 22.45 49.93 7.71
CA THR H 5 23.88 50.15 7.92
C THR H 5 24.66 48.93 7.48
N GLN H 6 25.72 49.13 6.69
CA GLN H 6 26.60 48.07 6.25
C GLN H 6 27.99 48.23 6.86
N THR H 7 28.63 47.08 7.13
CA THR H 7 29.97 47.03 7.68
C THR H 7 30.78 46.00 6.90
N PRO H 8 32.04 46.31 6.53
CA PRO H 8 32.77 47.58 6.66
C PRO H 8 32.40 48.53 5.51
N LEU H 9 32.72 49.82 5.62
CA LEU H 9 32.51 50.72 4.49
C LEU H 9 33.39 50.37 3.29
N SER H 10 34.50 49.66 3.51
CA SER H 10 35.33 49.15 2.44
C SER H 10 36.07 47.91 2.92
N LEU H 11 36.12 46.87 2.08
CA LEU H 11 36.69 45.57 2.45
C LEU H 11 37.72 45.18 1.40
N PRO H 12 38.91 45.77 1.44
CA PRO H 12 39.99 45.30 0.56
C PRO H 12 40.47 43.92 0.98
N VAL H 13 40.34 42.95 0.07
CA VAL H 13 40.73 41.57 0.35
C VAL H 13 41.35 40.99 -0.92
N THR H 14 42.43 40.20 -0.74
CA THR H 14 43.10 39.55 -1.86
C THR H 14 42.38 38.25 -2.24
N PRO H 15 42.57 37.74 -3.46
CA PRO H 15 42.06 36.41 -3.78
C PRO H 15 42.71 35.32 -2.93
N GLY H 16 42.00 34.22 -2.72
CA GLY H 16 42.53 33.08 -1.99
C GLY H 16 41.99 32.90 -0.58
N GLU H 17 41.29 33.89 -0.03
CA GLU H 17 40.68 33.80 1.27
C GLU H 17 39.26 34.33 1.19
N PRO H 18 38.35 33.88 2.07
CA PRO H 18 36.95 34.32 1.98
C PRO H 18 36.75 35.79 2.30
N ALA H 19 35.53 36.27 2.14
CA ALA H 19 35.17 37.66 2.42
C ALA H 19 33.76 37.69 2.98
N SER H 20 33.49 38.63 3.87
CA SER H 20 32.20 38.75 4.54
C SER H 20 31.80 40.21 4.69
N ILE H 21 30.53 40.49 4.41
CA ILE H 21 29.94 41.81 4.60
C ILE H 21 28.71 41.64 5.48
N SER H 22 28.53 42.55 6.44
CA SER H 22 27.41 42.51 7.37
C SER H 22 26.48 43.68 7.10
N CYS H 23 25.18 43.42 7.21
CA CYS H 23 24.15 44.42 6.98
C CYS H 23 23.14 44.37 8.13
N ARG H 24 22.66 45.53 8.54
CA ARG H 24 21.79 45.68 9.69
C ARG H 24 20.69 46.66 9.35
N SER H 25 19.48 46.36 9.83
CA SER H 25 18.29 47.15 9.56
C SER H 25 17.66 47.58 10.87
N SER H 26 16.90 48.68 10.82
CA SER H 26 16.29 49.23 12.03
C SER H 26 15.30 48.24 12.63
N GLN H 27 14.48 47.59 11.80
CA GLN H 27 13.50 46.62 12.25
C GLN H 27 13.69 45.30 11.52
N SER H 28 13.22 44.23 12.14
CA SER H 28 13.38 42.90 11.54
C SER H 28 12.62 42.82 10.22
N LEU H 29 13.24 42.14 9.25
CA LEU H 29 12.65 41.95 7.93
C LEU H 29 11.93 40.62 7.77
N LEU H 30 12.14 39.68 8.68
CA LEU H 30 11.48 38.37 8.60
C LEU H 30 9.98 38.52 8.73
N ASP H 31 9.25 37.71 7.96
CA ASP H 31 7.81 37.57 8.08
C ASP H 31 7.49 36.43 9.02
N SER H 32 6.21 36.29 9.37
CA SER H 32 5.78 35.23 10.27
C SER H 32 6.09 33.84 9.68
N ASN H 33 6.09 33.75 8.35
CA ASN H 33 6.30 32.47 7.67
C ASN H 33 7.77 32.17 7.39
N GLY H 34 8.63 33.19 7.42
CA GLY H 34 10.06 32.97 7.33
C GLY H 34 10.69 33.35 6.01
N ASN H 35 10.19 34.43 5.40
CA ASN H 35 10.75 34.96 4.16
C ASN H 35 11.59 36.19 4.50
N THR H 36 12.89 36.09 4.31
CA THR H 36 13.79 37.22 4.56
C THR H 36 13.76 38.14 3.34
N TYR H 37 13.26 39.35 3.53
CA TYR H 37 13.07 40.33 2.45
C TYR H 37 14.28 41.23 2.25
N LEU H 38 15.46 40.63 2.11
CA LEU H 38 16.69 41.36 1.84
C LEU H 38 17.24 40.87 0.51
N HIS H 39 17.86 41.78 -0.25
CA HIS H 39 18.54 41.43 -1.48
C HIS H 39 19.93 42.06 -1.49
N TRP H 40 20.85 41.38 -2.15
CA TRP H 40 22.25 41.80 -2.24
C TRP H 40 22.56 42.05 -3.71
N TYR H 41 22.93 43.30 -4.02
CA TYR H 41 23.24 43.75 -5.36
C TYR H 41 24.71 44.12 -5.47
N LEU H 42 25.27 43.90 -6.67
CA LEU H 42 26.65 44.23 -6.98
C LEU H 42 26.70 45.21 -8.14
N GLN H 43 27.39 46.33 -7.92
CA GLN H 43 27.64 47.33 -8.95
C GLN H 43 29.10 47.22 -9.37
N LYS H 44 29.32 46.75 -10.59
CA LYS H 44 30.65 46.78 -11.16
C LYS H 44 30.99 48.22 -11.59
N PRO H 45 32.26 48.61 -11.58
CA PRO H 45 32.60 49.98 -12.00
C PRO H 45 32.29 50.20 -13.47
N GLY H 46 31.30 51.06 -13.75
CA GLY H 46 31.00 51.50 -15.09
C GLY H 46 29.75 50.91 -15.73
N GLN H 47 28.90 50.22 -14.98
CA GLN H 47 27.66 49.67 -15.52
C GLN H 47 26.61 49.65 -14.41
N SER H 48 25.44 49.13 -14.74
CA SER H 48 24.34 49.07 -13.79
C SER H 48 24.59 47.98 -12.76
N PRO H 49 23.93 48.05 -11.60
CA PRO H 49 24.09 46.97 -10.61
C PRO H 49 23.38 45.70 -11.00
N GLN H 50 23.99 44.58 -10.61
CA GLN H 50 23.48 43.25 -10.87
C GLN H 50 23.04 42.59 -9.57
N LEU H 51 22.08 41.67 -9.69
CA LEU H 51 21.65 40.90 -8.54
C LEU H 51 22.70 39.87 -8.15
N LEU H 52 22.85 39.68 -6.83
CA LEU H 52 23.70 38.64 -6.28
C LEU H 52 22.87 37.66 -5.45
N ILE H 53 22.00 38.20 -4.59
CA ILE H 53 21.14 37.37 -3.78
C ILE H 53 19.74 37.97 -3.73
N TYR H 54 18.71 37.14 -3.87
CA TYR H 54 17.35 37.52 -3.56
C TYR H 54 16.80 36.56 -2.52
N GLY H 55 15.95 37.09 -1.64
CA GLY H 55 15.47 36.36 -0.49
C GLY H 55 16.41 36.36 0.69
N GLY H 56 17.55 37.05 0.60
CA GLY H 56 18.49 37.15 1.69
C GLY H 56 19.41 35.97 1.87
N SER H 57 18.95 34.75 1.60
CA SER H 57 19.78 33.56 1.77
C SER H 57 19.61 32.55 0.64
N ASN H 58 19.16 32.98 -0.54
CA ASN H 58 18.86 32.05 -1.65
C ASN H 58 19.47 32.62 -2.93
N ARG H 59 20.21 31.77 -3.64
CA ARG H 59 21.08 32.22 -4.74
C ARG H 59 20.27 32.77 -5.90
N ALA H 60 20.85 33.78 -6.56
CA ALA H 60 20.28 34.34 -7.79
C ALA H 60 20.57 33.42 -8.96
N SER H 61 20.18 33.84 -10.16
CA SER H 61 20.34 33.06 -11.38
C SER H 61 21.52 33.61 -12.18
N GLY H 62 22.43 32.73 -12.58
CA GLY H 62 23.58 33.11 -13.36
C GLY H 62 24.82 33.45 -12.56
N VAL H 63 24.66 33.82 -11.30
CA VAL H 63 25.83 34.10 -10.46
C VAL H 63 26.49 32.78 -10.08
N PRO H 64 27.78 32.75 -9.76
CA PRO H 64 28.42 31.47 -9.43
C PRO H 64 28.02 30.98 -8.05
N ASP H 65 28.41 29.74 -7.71
CA ASP H 65 28.07 29.15 -6.41
C ASP H 65 29.00 29.63 -5.30
N ARG H 66 30.01 30.45 -5.62
CA ARG H 66 30.90 30.98 -4.59
C ARG H 66 30.13 31.86 -3.60
N PHE H 67 29.20 32.68 -4.11
CA PHE H 67 28.46 33.62 -3.28
C PHE H 67 27.48 32.91 -2.37
N SER H 68 27.09 33.57 -1.27
CA SER H 68 26.05 33.05 -0.40
C SER H 68 25.58 34.16 0.51
N GLY H 69 24.34 34.03 1.00
CA GLY H 69 23.77 34.91 1.99
C GLY H 69 23.16 34.12 3.14
N SER H 70 23.07 34.78 4.28
CA SER H 70 22.53 34.15 5.48
C SER H 70 22.14 35.24 6.47
N GLY H 71 21.60 34.85 7.61
CA GLY H 71 21.18 35.75 8.65
C GLY H 71 19.71 35.59 8.99
N SER H 72 19.27 36.45 9.92
CA SER H 72 17.90 36.42 10.41
C SER H 72 17.52 37.78 10.96
N GLY H 73 16.23 38.08 10.89
CA GLY H 73 15.66 39.25 11.56
C GLY H 73 16.30 40.55 11.15
N THR H 74 17.07 41.15 12.07
CA THR H 74 17.70 42.43 11.84
C THR H 74 19.13 42.33 11.33
N ASP H 75 19.73 41.15 11.36
CA ASP H 75 21.16 40.96 11.06
C ASP H 75 21.32 40.00 9.89
N PHE H 76 21.97 40.47 8.83
CA PHE H 76 22.18 39.67 7.63
C PHE H 76 23.65 39.74 7.21
N THR H 77 24.12 38.67 6.56
CA THR H 77 25.53 38.57 6.19
C THR H 77 25.64 37.97 4.79
N LEU H 78 26.40 38.64 3.93
CA LEU H 78 26.84 38.07 2.66
C LEU H 78 28.24 37.53 2.80
N THR H 79 28.49 36.38 2.19
CA THR H 79 29.77 35.70 2.24
C THR H 79 30.18 35.27 0.84
N ILE H 80 31.47 35.39 0.56
CA ILE H 80 32.09 34.85 -0.65
C ILE H 80 33.19 33.91 -0.18
N ASN H 81 33.04 32.61 -0.46
CA ASN H 81 33.99 31.63 0.06
C ASN H 81 35.40 31.87 -0.45
N ASN H 82 35.53 32.35 -1.69
CA ASN H 82 36.83 32.70 -2.26
C ASN H 82 36.63 33.91 -3.16
N VAL H 83 37.43 34.95 -2.94
CA VAL H 83 37.37 36.15 -3.75
C VAL H 83 38.25 35.96 -4.98
N GLU H 84 37.78 36.46 -6.11
CA GLU H 84 38.57 36.53 -7.34
C GLU H 84 38.62 37.99 -7.78
N ALA H 85 39.36 38.23 -8.86
CA ALA H 85 39.46 39.56 -9.45
C ALA H 85 38.11 40.07 -9.93
N GLY H 86 37.18 39.16 -10.23
CA GLY H 86 35.89 39.53 -10.77
C GLY H 86 34.89 40.01 -9.74
N ASP H 87 35.31 40.14 -8.48
CA ASP H 87 34.44 40.60 -7.40
C ASP H 87 34.63 42.07 -7.05
N VAL H 88 35.63 42.74 -7.63
CA VAL H 88 35.84 44.16 -7.33
C VAL H 88 34.61 44.96 -7.73
N GLY H 89 34.22 45.89 -6.88
CA GLY H 89 33.06 46.72 -7.14
C GLY H 89 32.46 47.24 -5.85
N THR H 90 31.15 47.43 -5.87
CA THR H 90 30.40 47.92 -4.73
C THR H 90 29.24 46.96 -4.42
N TYR H 91 29.01 46.73 -3.12
CA TYR H 91 27.94 45.86 -2.65
C TYR H 91 26.89 46.71 -1.94
N TYR H 92 25.63 46.36 -2.17
CA TYR H 92 24.50 47.06 -1.55
C TYR H 92 23.51 46.03 -1.03
N CYS H 93 23.22 46.10 0.26
CA CYS H 93 22.15 45.31 0.85
C CYS H 93 20.89 46.17 0.87
N MET H 94 19.75 45.59 0.53
CA MET H 94 18.57 46.35 0.18
C MET H 94 17.31 45.67 0.74
N GLN H 95 16.47 46.47 1.41
CA GLN H 95 15.23 45.99 2.00
C GLN H 95 14.06 46.44 1.14
N VAL H 96 12.92 45.77 1.32
CA VAL H 96 11.76 45.94 0.44
C VAL H 96 10.44 46.04 1.22
N ILE H 97 10.44 45.77 2.52
CA ILE H 97 9.19 45.47 3.22
C ILE H 97 8.27 46.69 3.25
N GLN H 98 8.83 47.88 3.44
CA GLN H 98 8.07 49.09 3.75
C GLN H 98 8.35 50.13 2.66
N VAL H 99 7.28 50.73 2.15
CA VAL H 99 7.47 51.90 1.28
C VAL H 99 7.70 53.14 2.15
N PRO H 100 8.76 53.93 1.92
CA PRO H 100 9.80 53.82 0.89
C PRO H 100 10.85 52.77 1.24
N LEU H 101 11.19 51.95 0.25
CA LEU H 101 12.19 50.91 0.39
C LEU H 101 13.56 51.46 0.00
N THR H 102 14.57 51.13 0.80
CA THR H 102 15.83 51.87 0.81
C THR H 102 16.98 50.90 0.55
N PHE H 103 18.00 51.39 -0.16
CA PHE H 103 19.29 50.70 -0.30
C PHE H 103 20.10 50.82 0.98
N GLY H 104 21.23 50.13 1.04
CA GLY H 104 22.21 50.35 2.08
C GLY H 104 23.17 51.48 1.73
N GLY H 105 24.07 51.78 2.66
CA GLY H 105 25.04 52.83 2.43
C GLY H 105 26.01 52.49 1.32
N GLY H 106 26.38 51.22 1.20
CA GLY H 106 27.30 50.75 0.18
C GLY H 106 28.62 50.30 0.77
N THR H 107 29.25 49.29 0.15
CA THR H 107 30.54 48.80 0.62
C THR H 107 31.44 48.56 -0.58
N LYS H 108 32.62 49.17 -0.55
CA LYS H 108 33.56 49.14 -1.66
C LYS H 108 34.53 47.98 -1.46
N VAL H 109 34.44 46.96 -2.31
CA VAL H 109 35.36 45.83 -2.29
C VAL H 109 36.36 46.00 -3.42
N ASP H 110 37.64 45.84 -3.10
CA ASP H 110 38.71 46.12 -4.04
C ASP H 110 39.92 45.26 -3.69
N ILE H 111 40.95 45.35 -4.52
CA ILE H 111 42.19 44.61 -4.27
C ILE H 111 43.07 45.36 -3.28
N LYS H 112 43.98 44.62 -2.65
CA LYS H 112 44.92 45.21 -1.70
C LYS H 112 46.16 45.73 -2.43
N VAL I 1 21.01 27.88 32.54
CA VAL I 1 21.98 26.97 31.85
C VAL I 1 22.72 26.13 32.89
N VAL I 2 23.03 24.89 32.55
CA VAL I 2 23.76 24.01 33.45
C VAL I 2 25.13 24.62 33.75
N GLN I 3 25.56 24.48 35.00
CA GLN I 3 26.83 25.03 35.43
C GLN I 3 27.37 24.22 36.60
N LEU I 4 28.68 24.35 36.82
CA LEU I 4 29.38 23.77 37.95
C LEU I 4 30.04 24.89 38.74
N VAL I 5 29.93 24.83 40.07
CA VAL I 5 30.50 25.83 40.95
C VAL I 5 31.41 25.14 41.95
N GLN I 6 32.61 25.69 42.12
CA GLN I 6 33.65 25.14 42.99
C GLN I 6 33.94 26.12 44.12
N SER I 7 34.77 25.67 45.07
CA SER I 7 35.28 26.52 46.13
C SER I 7 36.48 27.30 45.62
N GLY I 8 36.76 28.43 46.26
CA GLY I 8 37.85 29.29 45.79
C GLY I 8 39.21 28.63 45.94
N ALA I 9 40.20 29.24 45.29
CA ALA I 9 41.56 28.73 45.35
C ALA I 9 42.08 28.77 46.78
N GLU I 10 42.90 27.78 47.13
CA GLU I 10 43.33 27.57 48.51
C GLU I 10 44.86 27.53 48.59
N VAL I 11 45.38 28.15 49.64
CA VAL I 11 46.79 28.07 50.00
C VAL I 11 46.86 27.43 51.38
N LYS I 12 47.58 26.32 51.49
CA LYS I 12 47.67 25.56 52.74
C LYS I 12 49.11 25.12 52.96
N ARG I 13 49.32 24.42 54.07
CA ARG I 13 50.60 23.83 54.43
C ARG I 13 50.49 22.31 54.43
N PRO I 14 51.61 21.59 54.44
CA PRO I 14 51.53 20.13 54.58
C PRO I 14 51.02 19.73 55.96
N GLY I 15 50.55 18.49 56.04
CA GLY I 15 50.06 17.93 57.29
C GLY I 15 48.58 18.03 57.51
N GLU I 16 48.01 19.24 57.48
CA GLU I 16 46.60 19.40 57.77
C GLU I 16 45.75 18.81 56.65
N SER I 17 44.44 18.83 56.86
CA SER I 17 43.49 18.26 55.91
C SER I 17 42.92 19.35 55.01
N LEU I 18 42.24 18.90 53.95
CA LEU I 18 41.54 19.81 53.05
C LEU I 18 40.30 19.11 52.53
N ARG I 19 39.29 19.91 52.18
CA ARG I 19 38.07 19.36 51.59
C ARG I 19 37.51 20.42 50.64
N ILE I 20 37.66 20.18 49.34
CA ILE I 20 37.09 21.07 48.33
C ILE I 20 35.82 20.41 47.80
N SER I 21 35.01 21.18 47.07
CA SER I 21 33.70 20.72 46.65
C SER I 21 33.38 21.23 45.26
N CYS I 22 32.50 20.50 44.58
CA CYS I 22 31.93 20.92 43.31
C CYS I 22 30.44 20.63 43.31
N LYS I 23 29.64 21.62 42.93
CA LYS I 23 28.19 21.55 43.02
C LYS I 23 27.57 21.87 41.65
N THR I 24 26.53 21.13 41.31
CA THR I 24 25.83 21.28 40.04
C THR I 24 24.68 22.27 40.19
N SER I 25 24.47 23.09 39.16
CA SER I 25 23.38 24.05 39.13
C SER I 25 22.72 24.00 37.76
N GLY I 26 21.42 24.26 37.73
CA GLY I 26 20.69 24.30 36.47
C GLY I 26 20.62 22.96 35.77
N TYR I 27 20.52 21.87 36.54
CA TYR I 27 20.35 20.53 35.98
C TYR I 27 19.59 19.71 37.01
N ARG I 28 18.33 19.37 36.70
CA ARG I 28 17.44 18.77 37.68
C ARG I 28 17.34 17.26 37.56
N PHE I 29 18.45 16.61 37.18
CA PHE I 29 18.60 15.16 37.31
C PHE I 29 19.89 14.87 38.05
N THR I 30 19.87 13.82 38.88
CA THR I 30 21.05 13.35 39.59
C THR I 30 21.70 12.15 38.92
N ASP I 31 21.21 11.73 37.76
CA ASP I 31 21.73 10.55 37.06
C ASP I 31 23.06 10.82 36.36
N ILE I 32 24.01 11.38 37.11
CA ILE I 32 25.17 12.05 36.55
C ILE I 32 26.44 11.43 37.12
N TRP I 33 27.44 11.21 36.26
CA TRP I 33 28.80 10.91 36.73
C TRP I 33 29.57 12.22 36.87
N ILE I 34 29.83 12.64 38.11
CA ILE I 34 30.64 13.82 38.38
C ILE I 34 32.05 13.35 38.71
N ASN I 35 33.05 13.97 38.08
CA ASN I 35 34.41 13.46 38.11
C ASN I 35 35.40 14.56 38.48
N TRP I 36 36.54 14.14 39.02
CA TRP I 36 37.64 15.02 39.41
C TRP I 36 38.84 14.73 38.53
N VAL I 37 39.58 15.78 38.16
CA VAL I 37 40.77 15.62 37.34
C VAL I 37 41.78 16.71 37.73
N ARG I 38 43.04 16.32 37.83
CA ARG I 38 44.10 17.20 38.30
C ARG I 38 45.04 17.56 37.17
N GLN I 39 45.53 18.81 37.21
CA GLN I 39 46.52 19.30 36.27
C GLN I 39 47.65 19.94 37.06
N ARG I 40 48.82 19.33 37.01
CA ARG I 40 50.00 19.94 37.62
C ARG I 40 50.40 21.19 36.84
N PRO I 41 51.05 22.18 37.46
CA PRO I 41 51.39 23.41 36.73
C PRO I 41 52.23 23.17 35.49
N GLY I 42 51.69 23.50 34.31
CA GLY I 42 52.39 23.33 33.05
C GLY I 42 52.24 21.99 32.40
N LYS I 43 51.71 20.98 33.12
CA LYS I 43 51.55 19.65 32.59
C LYS I 43 50.12 19.44 32.09
N GLY I 44 49.87 18.27 31.52
CA GLY I 44 48.53 17.91 31.10
C GLY I 44 47.67 17.47 32.26
N LEU I 45 46.49 16.94 31.97
CA LEU I 45 45.54 16.51 32.98
C LEU I 45 45.75 15.03 33.30
N GLU I 46 45.16 14.59 34.40
CA GLU I 46 45.25 13.18 34.82
C GLU I 46 44.08 12.88 35.74
N TRP I 47 43.27 11.88 35.35
CA TRP I 47 42.09 11.53 36.12
C TRP I 47 42.48 10.81 37.41
N MET I 48 41.66 11.02 38.45
CA MET I 48 41.92 10.46 39.77
C MET I 48 40.70 9.75 40.35
N GLY I 49 39.49 10.23 40.06
CA GLY I 49 38.31 9.59 40.59
C GLY I 49 36.97 10.17 40.16
N SER I 50 35.95 9.31 40.08
CA SER I 50 34.61 9.69 39.63
C SER I 50 33.56 9.09 40.57
N ILE I 51 32.45 9.81 40.72
CA ILE I 51 31.37 9.44 41.61
C ILE I 51 30.05 9.57 40.87
N TYR I 52 29.20 8.56 41.01
CA TYR I 52 27.80 8.61 40.55
C TYR I 52 26.92 8.94 41.76
N LEU I 53 26.10 9.98 41.62
CA LEU I 53 25.48 10.60 42.78
C LEU I 53 24.37 9.73 43.36
N ASP I 54 23.58 9.07 42.51
CA ASP I 54 22.38 8.37 42.98
C ASP I 54 22.70 7.32 44.03
N ASP I 55 23.80 6.58 43.86
CA ASP I 55 24.22 5.57 44.83
C ASP I 55 25.61 5.84 45.37
N SER I 56 26.19 7.02 45.08
CA SER I 56 27.55 7.33 45.49
C SER I 56 28.52 6.28 44.98
N ASP I 57 28.29 5.83 43.75
CA ASP I 57 29.09 4.77 43.15
C ASP I 57 30.48 5.31 42.82
N ILE I 58 31.51 4.66 43.38
CA ILE I 58 32.89 5.11 43.28
C ILE I 58 33.56 4.37 42.13
N ARG I 59 34.28 5.11 41.30
CA ARG I 59 35.21 4.53 40.33
C ARG I 59 36.51 5.32 40.46
N PHE I 60 37.56 4.70 40.97
CA PHE I 60 38.75 5.39 41.43
C PHE I 60 39.97 5.02 40.61
N ASN I 61 40.92 5.95 40.56
CA ASN I 61 42.23 5.66 39.99
C ASN I 61 43.13 5.05 41.06
N PRO I 62 43.72 3.87 40.82
CA PRO I 62 44.52 3.25 41.89
C PRO I 62 45.71 4.08 42.33
N SER I 63 46.21 4.99 41.49
CA SER I 63 47.35 5.82 41.86
C SER I 63 47.02 6.84 42.94
N PHE I 64 45.74 7.06 43.26
CA PHE I 64 45.34 8.01 44.29
C PHE I 64 44.68 7.34 45.49
N GLN I 65 44.66 6.01 45.56
CA GLN I 65 43.97 5.32 46.64
C GLN I 65 44.60 5.66 47.98
N GLY I 66 43.74 5.87 48.98
CA GLY I 66 44.19 6.20 50.33
C GLY I 66 44.59 7.65 50.53
N HIS I 67 45.43 8.17 49.62
CA HIS I 67 45.86 9.56 49.74
C HIS I 67 44.69 10.53 49.58
N VAL I 68 43.67 10.15 48.80
CA VAL I 68 42.54 11.02 48.49
C VAL I 68 41.26 10.22 48.63
N THR I 69 40.15 10.90 48.93
CA THR I 69 38.84 10.27 48.97
C THR I 69 37.80 11.20 48.35
N ILE I 70 36.70 10.60 47.92
CA ILE I 70 35.58 11.33 47.32
C ILE I 70 34.29 10.87 47.96
N SER I 71 33.38 11.82 48.16
CA SER I 71 32.04 11.54 48.66
C SER I 71 31.05 12.41 47.92
N ALA I 72 29.76 12.09 48.06
CA ALA I 72 28.70 12.85 47.41
C ALA I 72 27.53 13.03 48.36
N ASP I 73 26.77 14.10 48.13
CA ASP I 73 25.58 14.43 48.90
C ASP I 73 24.43 14.65 47.93
N LYS I 74 23.33 13.91 48.16
CA LYS I 74 22.18 13.95 47.26
C LYS I 74 21.41 15.26 47.39
N SER I 75 21.19 15.71 48.63
CA SER I 75 20.31 16.84 48.87
C SER I 75 20.78 18.10 48.16
N THR I 76 22.05 18.45 48.34
CA THR I 76 22.65 19.56 47.60
C THR I 76 23.21 19.11 46.26
N SER I 77 23.28 17.81 46.00
CA SER I 77 23.84 17.27 44.76
C SER I 77 25.27 17.77 44.56
N THR I 78 26.09 17.55 45.59
CA THR I 78 27.43 18.14 45.65
C THR I 78 28.45 17.04 45.94
N THR I 79 29.59 17.10 45.24
CA THR I 79 30.68 16.16 45.45
C THR I 79 31.76 16.84 46.29
N TYR I 80 32.33 16.08 47.22
CA TYR I 80 33.38 16.55 48.11
C TYR I 80 34.64 15.72 47.88
N LEU I 81 35.75 16.40 47.63
CA LEU I 81 37.06 15.77 47.46
C LEU I 81 37.88 16.08 48.71
N GLN I 82 38.34 15.04 49.39
CA GLN I 82 38.89 15.13 50.73
C GLN I 82 40.33 14.61 50.76
N TRP I 83 41.19 15.36 51.45
CA TRP I 83 42.59 15.00 51.68
C TRP I 83 42.82 14.97 53.19
N SER I 84 43.28 13.83 53.70
CA SER I 84 43.60 13.72 55.12
C SER I 84 44.91 14.44 55.43
N SER I 85 45.86 14.43 54.51
CA SER I 85 47.16 15.07 54.74
C SER I 85 47.77 15.35 53.36
N LEU I 86 47.93 16.63 53.04
CA LEU I 86 48.41 17.03 51.73
C LEU I 86 49.93 16.97 51.68
N LYS I 87 50.47 17.11 50.46
CA LYS I 87 51.90 16.98 50.21
C LYS I 87 52.32 18.09 49.27
N ALA I 88 53.61 18.14 48.95
CA ALA I 88 54.11 19.03 47.91
C ALA I 88 53.73 18.55 46.51
N SER I 89 53.27 17.30 46.40
CA SER I 89 52.77 16.79 45.12
C SER I 89 51.31 17.15 44.90
N ASP I 90 50.62 17.69 45.90
CA ASP I 90 49.21 18.02 45.81
C ASP I 90 48.95 19.45 45.35
N THR I 91 49.96 20.15 44.85
CA THR I 91 49.82 21.51 44.38
C THR I 91 49.44 21.48 42.90
N ALA I 92 48.22 21.90 42.58
CA ALA I 92 47.73 21.76 41.22
C ALA I 92 46.40 22.46 40.98
N THR I 93 45.97 22.50 39.72
CA THR I 93 44.65 22.97 39.36
C THR I 93 43.71 21.77 39.28
N TYR I 94 42.68 21.77 40.13
CA TYR I 94 41.74 20.68 40.25
C TYR I 94 40.44 21.10 39.57
N PHE I 95 39.97 20.26 38.66
CA PHE I 95 38.76 20.51 37.88
C PHE I 95 37.72 19.44 38.19
N CYS I 96 36.46 19.87 38.27
CA CYS I 96 35.31 18.98 38.33
C CYS I 96 34.56 19.05 37.02
N ALA I 97 34.16 17.89 36.50
CA ALA I 97 33.51 17.83 35.20
C ALA I 97 32.26 16.94 35.29
N ARG I 98 31.36 17.19 34.34
CA ARG I 98 30.03 16.59 34.30
C ARG I 98 29.97 15.63 33.13
N SER I 99 29.68 14.36 33.38
CA SER I 99 29.56 13.34 32.35
C SER I 99 28.23 12.62 32.56
N VAL I 100 27.21 13.08 31.83
CA VAL I 100 25.88 12.50 31.95
C VAL I 100 25.94 11.04 31.52
N TRP I 101 25.02 10.23 32.04
CA TRP I 101 25.00 8.81 31.75
C TRP I 101 24.87 8.57 30.26
N SER I 102 25.74 7.72 29.74
CA SER I 102 25.59 7.18 28.38
C SER I 102 26.27 5.83 28.36
N GLY I 103 25.50 4.76 28.53
CA GLY I 103 26.04 3.42 28.55
C GLY I 103 26.64 3.05 29.89
N TYR I 104 27.26 1.88 29.90
CA TYR I 104 27.94 1.34 31.07
C TYR I 104 29.32 1.94 31.27
N TYR I 105 29.83 2.68 30.29
CA TYR I 105 31.08 3.41 30.40
C TYR I 105 30.82 4.78 31.02
N ILE I 106 31.91 5.43 31.43
CA ILE I 106 31.77 6.71 32.15
C ILE I 106 31.26 7.81 31.22
N GLY I 107 31.71 7.82 29.97
CA GLY I 107 31.22 8.78 28.99
C GLY I 107 32.02 10.06 28.87
N TRP I 108 31.56 10.96 27.99
CA TRP I 108 32.24 12.21 27.72
C TRP I 108 31.84 13.28 28.74
N PHE I 109 32.69 14.30 28.87
CA PHE I 109 32.55 15.32 29.90
C PHE I 109 32.15 16.63 29.22
N ASP I 110 30.89 17.02 29.36
CA ASP I 110 30.32 18.11 28.58
C ASP I 110 30.53 19.51 29.18
N VAL I 111 30.35 19.68 30.48
CA VAL I 111 30.53 20.98 31.14
C VAL I 111 31.48 20.82 32.32
N TRP I 112 32.37 21.80 32.48
CA TRP I 112 33.40 21.80 33.50
C TRP I 112 33.16 22.93 34.50
N GLY I 113 33.79 22.82 35.66
CA GLY I 113 33.79 23.89 36.62
C GLY I 113 34.84 24.93 36.28
N PRO I 114 34.84 26.06 37.00
CA PRO I 114 35.88 27.06 36.75
C PRO I 114 37.29 26.54 36.98
N GLY I 115 37.46 25.63 37.93
CA GLY I 115 38.75 25.03 38.20
C GLY I 115 39.44 25.65 39.39
N VAL I 116 39.41 24.98 40.53
CA VAL I 116 40.05 25.51 41.74
C VAL I 116 41.55 25.31 41.59
N LEU I 117 42.34 26.09 42.32
CA LEU I 117 43.79 25.97 42.35
C LEU I 117 44.23 25.85 43.79
N VAL I 118 44.96 24.79 44.12
CA VAL I 118 45.41 24.52 45.49
C VAL I 118 46.94 24.52 45.49
N THR I 119 47.52 25.22 46.46
CA THR I 119 48.98 25.33 46.58
C THR I 119 49.41 25.03 48.01
N VAL I 120 50.38 24.12 48.13
CA VAL I 120 50.94 23.71 49.42
C VAL I 120 52.46 23.70 49.29
N SER I 121 53.14 24.50 50.08
CA SER I 121 54.60 24.55 50.07
C SER I 121 55.08 24.98 51.45
N SER I 122 56.39 25.21 51.57
CA SER I 122 56.99 25.61 52.84
C SER I 122 57.63 26.99 52.72
N ASP J 1 46.68 -1.06 32.36
CA ASP J 1 46.45 0.32 31.81
C ASP J 1 46.71 0.37 30.32
N VAL J 2 46.41 1.53 29.73
CA VAL J 2 46.57 1.77 28.30
C VAL J 2 47.46 3.00 28.14
N VAL J 3 48.44 2.91 27.25
CA VAL J 3 49.33 4.02 26.96
C VAL J 3 48.70 4.85 25.84
N MET J 4 48.66 6.16 26.04
CA MET J 4 48.02 7.10 25.13
C MET J 4 49.10 8.03 24.58
N THR J 5 49.30 7.99 23.26
CA THR J 5 50.34 8.79 22.61
C THR J 5 49.71 9.77 21.63
N GLN J 6 50.14 11.02 21.70
CA GLN J 6 49.66 12.08 20.83
C GLN J 6 50.80 12.61 19.97
N THR J 7 50.48 12.89 18.69
CA THR J 7 51.46 13.42 17.76
C THR J 7 50.82 14.57 16.98
N PRO J 8 51.59 15.62 16.64
CA PRO J 8 52.94 15.96 17.11
C PRO J 8 52.89 16.49 18.54
N LEU J 9 54.00 16.52 19.27
CA LEU J 9 53.98 17.08 20.63
C LEU J 9 53.61 18.56 20.63
N SER J 10 53.83 19.27 19.52
CA SER J 10 53.41 20.65 19.38
C SER J 10 53.37 20.99 17.89
N LEU J 11 52.21 21.44 17.43
CA LEU J 11 51.97 21.67 16.00
C LEU J 11 51.74 23.16 15.75
N PRO J 12 52.74 23.92 15.29
CA PRO J 12 52.49 25.33 14.96
C PRO J 12 51.88 25.49 13.57
N VAL J 13 50.73 26.17 13.54
CA VAL J 13 49.97 26.37 12.31
C VAL J 13 49.36 27.76 12.35
N THR J 14 49.37 28.43 11.20
CA THR J 14 48.73 29.73 11.03
C THR J 14 47.26 29.56 10.66
N PRO J 15 46.45 30.61 10.82
CA PRO J 15 45.08 30.51 10.32
C PRO J 15 45.04 30.39 8.81
N GLY J 16 44.02 29.69 8.32
CA GLY J 16 43.74 29.59 6.90
C GLY J 16 44.04 28.24 6.27
N GLU J 17 44.77 27.35 6.95
CA GLU J 17 45.07 26.03 6.44
C GLU J 17 44.83 24.98 7.54
N PRO J 18 44.49 23.74 7.17
CA PRO J 18 44.03 22.78 8.19
C PRO J 18 45.15 22.34 9.12
N ALA J 19 44.75 21.84 10.28
CA ALA J 19 45.67 21.30 11.28
C ALA J 19 45.12 19.97 11.79
N SER J 20 45.96 18.94 11.80
CA SER J 20 45.54 17.58 12.15
C SER J 20 46.39 17.06 13.31
N ILE J 21 45.73 16.72 14.42
CA ILE J 21 46.36 16.02 15.53
C ILE J 21 46.05 14.54 15.39
N SER J 22 46.97 13.68 15.83
CA SER J 22 46.77 12.24 15.75
C SER J 22 46.99 11.64 17.13
N CYS J 23 46.28 10.55 17.40
CA CYS J 23 46.30 9.92 18.71
C CYS J 23 46.25 8.41 18.54
N ARG J 24 46.98 7.72 19.43
CA ARG J 24 47.19 6.28 19.33
C ARG J 24 47.07 5.66 20.70
N SER J 25 46.51 4.45 20.73
CA SER J 25 46.29 3.69 21.96
C SER J 25 46.92 2.32 21.82
N SER J 26 47.17 1.68 22.96
CA SER J 26 47.83 0.37 22.95
C SER J 26 46.98 -0.66 22.22
N GLN J 27 45.66 -0.66 22.44
CA GLN J 27 44.76 -1.55 21.73
C GLN J 27 43.56 -0.75 21.27
N SER J 28 42.77 -1.35 20.38
CA SER J 28 41.63 -0.67 19.79
C SER J 28 40.59 -0.31 20.84
N LEU J 29 39.98 0.86 20.66
CA LEU J 29 38.89 1.32 21.51
C LEU J 29 37.53 1.01 20.92
N LEU J 30 37.48 0.31 19.79
CA LEU J 30 36.21 -0.06 19.17
C LEU J 30 35.55 -1.19 19.94
N ASP J 31 34.26 -1.39 19.66
CA ASP J 31 33.53 -2.57 20.11
C ASP J 31 32.82 -3.16 18.90
N SER J 32 32.28 -4.37 19.07
CA SER J 32 31.61 -5.07 17.98
C SER J 32 30.45 -4.25 17.43
N ASN J 33 29.76 -3.52 18.30
CA ASN J 33 28.64 -2.71 17.86
C ASN J 33 29.07 -1.48 17.07
N GLY J 34 30.34 -1.10 17.14
CA GLY J 34 30.84 0.01 16.35
C GLY J 34 30.73 1.35 17.06
N ASN J 35 31.27 1.43 18.28
CA ASN J 35 31.28 2.64 19.08
C ASN J 35 32.71 2.93 19.53
N THR J 36 33.15 4.16 19.29
CA THR J 36 34.52 4.59 19.61
C THR J 36 34.46 5.40 20.90
N TYR J 37 35.14 4.91 21.93
CA TYR J 37 35.16 5.57 23.23
C TYR J 37 36.42 6.43 23.41
N LEU J 38 36.59 7.39 22.50
CA LEU J 38 37.63 8.40 22.62
C LEU J 38 36.98 9.77 22.50
N HIS J 39 37.39 10.69 23.36
CA HIS J 39 36.93 12.07 23.35
C HIS J 39 38.12 13.01 23.26
N TRP J 40 37.96 14.05 22.45
CA TRP J 40 38.98 15.08 22.24
C TRP J 40 38.55 16.34 23.00
N TYR J 41 39.41 16.81 23.89
CA TYR J 41 39.18 18.00 24.69
C TYR J 41 40.14 19.10 24.30
N LEU J 42 39.66 20.33 24.38
CA LEU J 42 40.44 21.53 24.12
C LEU J 42 40.59 22.32 25.42
N GLN J 43 41.77 22.84 25.65
CA GLN J 43 42.05 23.67 26.83
C GLN J 43 42.75 24.93 26.37
N LYS J 44 42.05 26.05 26.45
CA LYS J 44 42.66 27.34 26.19
C LYS J 44 43.49 27.75 27.40
N PRO J 45 44.46 28.67 27.22
CA PRO J 45 45.32 29.02 28.35
C PRO J 45 44.59 29.89 29.37
N GLY J 46 44.54 29.40 30.61
CA GLY J 46 43.99 30.15 31.73
C GLY J 46 42.80 29.53 32.42
N GLN J 47 41.85 29.00 31.64
CA GLN J 47 40.61 28.45 32.17
C GLN J 47 40.55 26.95 31.93
N SER J 48 39.42 26.36 32.32
CA SER J 48 39.28 24.90 32.29
C SER J 48 39.09 24.41 30.86
N PRO J 49 39.31 23.11 30.61
CA PRO J 49 39.09 22.57 29.27
C PRO J 49 37.60 22.50 28.94
N GLN J 50 37.34 22.35 27.64
CA GLN J 50 35.98 22.24 27.13
C GLN J 50 35.93 21.09 26.14
N LEU J 51 34.83 20.34 26.17
CA LEU J 51 34.67 19.23 25.24
C LEU J 51 34.72 19.74 23.81
N LEU J 52 35.44 19.02 22.95
CA LEU J 52 35.54 19.34 21.54
C LEU J 52 34.91 18.29 20.65
N ILE J 53 35.23 17.01 20.86
CA ILE J 53 34.62 15.90 20.10
C ILE J 53 34.35 14.77 21.07
N TYR J 54 33.22 14.08 20.87
CA TYR J 54 32.88 12.93 21.69
C TYR J 54 32.52 11.78 20.76
N GLY J 55 32.74 10.56 21.22
CA GLY J 55 32.43 9.39 20.43
C GLY J 55 33.20 9.30 19.13
N GLY J 56 34.43 9.78 19.13
CA GLY J 56 35.27 9.75 17.94
C GLY J 56 34.98 10.80 16.90
N SER J 57 33.72 10.88 16.44
CA SER J 57 33.35 11.76 15.33
C SER J 57 32.11 12.61 15.57
N ASN J 58 31.33 12.36 16.62
CA ASN J 58 30.12 13.15 16.83
C ASN J 58 30.49 14.57 17.25
N ARG J 59 29.77 15.54 16.70
CA ARG J 59 30.09 16.96 16.89
C ARG J 59 29.47 17.42 18.21
N ALA J 60 30.29 18.02 19.06
CA ALA J 60 29.83 18.46 20.37
C ALA J 60 28.85 19.60 20.27
N SER J 61 28.07 19.83 21.34
CA SER J 61 27.09 20.91 21.32
C SER J 61 27.79 22.26 21.38
N GLY J 62 27.38 23.17 20.51
CA GLY J 62 27.87 24.54 20.55
C GLY J 62 29.30 24.72 20.09
N VAL J 63 29.84 23.76 19.35
CA VAL J 63 31.16 23.88 18.73
C VAL J 63 30.96 24.01 17.22
N PRO J 64 31.77 24.80 16.51
CA PRO J 64 31.47 25.05 15.09
C PRO J 64 31.67 23.82 14.23
N ASP J 65 31.20 23.94 12.97
CA ASP J 65 31.35 22.88 11.98
C ASP J 65 32.82 22.66 11.61
N ARG J 66 33.69 23.61 11.94
CA ARG J 66 35.08 23.60 11.48
C ARG J 66 35.79 22.31 11.88
N PHE J 67 35.54 21.83 13.09
CA PHE J 67 36.26 20.68 13.63
C PHE J 67 35.74 19.39 13.01
N SER J 68 36.54 18.32 13.14
CA SER J 68 36.08 16.98 12.75
C SER J 68 36.94 15.93 13.43
N GLY J 69 36.32 14.81 13.79
CA GLY J 69 37.05 13.67 14.32
C GLY J 69 36.79 12.45 13.47
N SER J 70 37.82 11.61 13.37
CA SER J 70 37.74 10.43 12.52
C SER J 70 38.79 9.43 12.98
N GLY J 71 38.81 8.27 12.32
CA GLY J 71 39.78 7.23 12.62
C GLY J 71 39.12 5.93 13.01
N SER J 72 39.93 4.92 13.33
CA SER J 72 39.43 3.59 13.66
C SER J 72 40.45 2.85 14.50
N GLY J 73 39.98 1.78 15.14
CA GLY J 73 40.83 0.87 15.88
C GLY J 73 41.63 1.57 16.96
N THR J 74 42.94 1.67 16.74
CA THR J 74 43.85 2.37 17.66
C THR J 74 44.12 3.80 17.24
N ASP J 75 44.12 4.10 15.94
CA ASP J 75 44.48 5.43 15.47
C ASP J 75 43.23 6.32 15.33
N PHE J 76 43.39 7.59 15.71
CA PHE J 76 42.28 8.53 15.75
C PHE J 76 42.79 9.94 15.50
N THR J 77 42.21 10.62 14.51
CA THR J 77 42.69 11.91 14.05
C THR J 77 41.62 12.98 14.30
N LEU J 78 42.06 14.10 14.87
CA LEU J 78 41.24 15.30 15.04
C LEU J 78 41.74 16.33 14.03
N THR J 79 40.91 16.62 13.03
CA THR J 79 41.28 17.50 11.92
C THR J 79 40.43 18.76 11.96
N ILE J 80 41.08 19.92 11.96
CA ILE J 80 40.44 21.20 11.76
C ILE J 80 40.68 21.60 10.31
N ASN J 81 39.59 21.85 9.57
CA ASN J 81 39.70 22.20 8.16
C ASN J 81 40.42 23.53 7.94
N ASN J 82 40.26 24.49 8.84
CA ASN J 82 41.03 25.72 8.80
C ASN J 82 41.05 26.34 10.20
N VAL J 83 42.19 26.92 10.55
CA VAL J 83 42.44 27.37 11.91
C VAL J 83 42.13 28.86 12.04
N GLU J 84 41.72 29.26 13.24
CA GLU J 84 41.60 30.66 13.63
C GLU J 84 42.48 30.93 14.84
N ALA J 85 42.57 32.21 15.20
CA ALA J 85 43.42 32.61 16.32
C ALA J 85 42.98 31.98 17.63
N GLY J 86 41.68 31.66 17.77
CA GLY J 86 41.15 31.13 19.01
C GLY J 86 41.45 29.66 19.25
N ASP J 87 42.07 28.97 18.28
CA ASP J 87 42.36 27.55 18.41
C ASP J 87 43.67 27.27 19.17
N VAL J 88 44.40 28.31 19.56
CA VAL J 88 45.62 28.10 20.33
C VAL J 88 45.27 27.50 21.69
N GLY J 89 46.11 26.58 22.16
CA GLY J 89 45.89 25.93 23.43
C GLY J 89 46.51 24.55 23.43
N THR J 90 45.89 23.66 24.20
CA THR J 90 46.33 22.27 24.32
C THR J 90 45.17 21.33 23.96
N TYR J 91 45.46 20.35 23.11
CA TYR J 91 44.48 19.38 22.64
C TYR J 91 44.82 18.02 23.24
N TYR J 92 43.86 17.41 23.93
CA TYR J 92 44.05 16.13 24.59
C TYR J 92 43.09 15.10 23.99
N CYS J 93 43.65 14.01 23.45
CA CYS J 93 42.87 12.82 23.18
C CYS J 93 42.79 11.98 24.45
N MET J 94 41.61 11.43 24.73
CA MET J 94 41.46 10.62 25.94
C MET J 94 40.52 9.46 25.62
N GLN J 95 40.71 8.35 26.34
CA GLN J 95 39.87 7.17 26.25
C GLN J 95 39.01 7.05 27.50
N VAL J 96 37.99 6.18 27.42
CA VAL J 96 37.14 5.86 28.55
C VAL J 96 36.90 4.36 28.68
N ILE J 97 37.47 3.54 27.79
CA ILE J 97 37.13 2.13 27.73
C ILE J 97 37.52 1.37 28.99
N GLN J 98 38.58 1.80 29.68
CA GLN J 98 39.15 1.01 30.77
C GLN J 98 39.50 1.93 31.93
N VAL J 99 39.25 1.46 33.15
CA VAL J 99 39.62 2.16 34.37
C VAL J 99 41.01 1.71 34.80
N PRO J 100 41.91 2.63 35.20
CA PRO J 100 41.80 4.09 35.28
C PRO J 100 41.92 4.72 33.91
N LEU J 101 40.94 5.50 33.47
CA LEU J 101 40.99 6.12 32.16
C LEU J 101 42.03 7.25 32.16
N THR J 102 42.76 7.34 31.05
CA THR J 102 43.95 8.19 30.96
C THR J 102 43.83 9.13 29.78
N PHE J 103 44.23 10.39 29.99
CA PHE J 103 44.33 11.34 28.90
C PHE J 103 45.58 11.08 28.07
N GLY J 104 45.71 11.82 26.98
CA GLY J 104 46.92 11.79 26.17
C GLY J 104 47.96 12.76 26.72
N GLY J 105 49.09 12.81 26.02
CA GLY J 105 50.17 13.71 26.40
C GLY J 105 49.75 15.16 26.32
N GLY J 106 49.03 15.52 25.26
CA GLY J 106 48.52 16.87 25.08
C GLY J 106 49.35 17.68 24.12
N THR J 107 48.86 17.86 22.90
CA THR J 107 49.60 18.61 21.90
C THR J 107 49.30 20.10 22.02
N LYS J 108 50.36 20.90 22.05
CA LYS J 108 50.25 22.35 22.19
C LYS J 108 50.23 22.98 20.81
N VAL J 109 49.13 23.65 20.48
CA VAL J 109 48.94 24.31 19.20
C VAL J 109 49.04 25.81 19.42
N ASP J 110 49.87 26.48 18.62
CA ASP J 110 50.13 27.90 18.75
C ASP J 110 50.39 28.51 17.38
N ILE J 111 50.28 29.83 17.29
CA ILE J 111 50.55 30.51 16.03
C ILE J 111 52.04 30.41 15.68
N LYS J 112 52.33 30.56 14.39
CA LYS J 112 53.71 30.55 13.90
C LYS J 112 54.31 31.94 13.95
N VAL K 1 46.45 -9.24 -4.61
CA VAL K 1 46.14 -8.03 -5.43
C VAL K 1 46.59 -8.27 -6.86
N VAL K 2 45.94 -7.57 -7.80
CA VAL K 2 46.30 -7.71 -9.21
C VAL K 2 47.71 -7.20 -9.42
N GLN K 3 48.51 -7.94 -10.19
CA GLN K 3 49.87 -7.55 -10.53
C GLN K 3 50.11 -7.79 -12.01
N LEU K 4 50.58 -6.76 -12.70
CA LEU K 4 50.94 -6.83 -14.10
C LEU K 4 52.45 -6.66 -14.20
N VAL K 5 53.12 -7.63 -14.81
CA VAL K 5 54.59 -7.68 -14.80
C VAL K 5 55.10 -7.89 -16.21
N GLN K 6 56.10 -7.09 -16.61
CA GLN K 6 56.76 -7.22 -17.90
C GLN K 6 58.18 -7.73 -17.72
N SER K 7 58.80 -8.12 -18.84
CA SER K 7 60.19 -8.54 -18.81
C SER K 7 61.10 -7.33 -18.57
N GLY K 8 62.34 -7.62 -18.22
CA GLY K 8 63.29 -6.58 -17.88
C GLY K 8 63.69 -5.75 -19.09
N ALA K 9 64.26 -4.58 -18.80
CA ALA K 9 64.72 -3.67 -19.84
C ALA K 9 65.83 -4.33 -20.65
N GLU K 10 65.95 -3.93 -21.92
CA GLU K 10 66.82 -4.60 -22.85
C GLU K 10 67.47 -3.62 -23.82
N VAL K 11 68.66 -4.00 -24.28
CA VAL K 11 69.42 -3.29 -25.30
C VAL K 11 69.60 -4.23 -26.48
N LYS K 12 69.31 -3.73 -27.68
CA LYS K 12 69.40 -4.55 -28.87
C LYS K 12 70.02 -3.73 -29.99
N ARG K 13 70.43 -4.42 -31.06
CA ARG K 13 70.96 -3.76 -32.24
C ARG K 13 69.88 -3.73 -33.33
N PRO K 14 69.95 -2.79 -34.29
CA PRO K 14 68.98 -2.84 -35.40
C PRO K 14 69.18 -4.08 -36.28
N GLY K 15 68.09 -4.57 -36.87
CA GLY K 15 68.15 -5.59 -37.89
C GLY K 15 67.71 -6.97 -37.45
N GLU K 16 67.67 -7.24 -36.14
CA GLU K 16 67.25 -8.54 -35.60
C GLU K 16 65.82 -8.43 -35.09
N SER K 17 65.35 -9.50 -34.45
CA SER K 17 64.02 -9.60 -33.90
C SER K 17 64.05 -9.35 -32.38
N LEU K 18 62.86 -9.30 -31.79
CA LEU K 18 62.70 -9.11 -30.34
C LEU K 18 61.29 -9.54 -29.97
N ARG K 19 61.14 -10.03 -28.72
CA ARG K 19 59.83 -10.37 -28.20
C ARG K 19 59.85 -10.06 -26.71
N ILE K 20 59.01 -9.12 -26.29
CA ILE K 20 58.79 -8.87 -24.86
C ILE K 20 57.42 -9.41 -24.49
N SER K 21 57.23 -9.72 -23.20
CA SER K 21 56.02 -10.35 -22.72
C SER K 21 55.50 -9.63 -21.50
N CYS K 22 54.17 -9.60 -21.37
CA CYS K 22 53.51 -9.04 -20.19
C CYS K 22 52.54 -10.07 -19.63
N LYS K 23 52.60 -10.25 -18.31
CA LYS K 23 51.91 -11.30 -17.59
C LYS K 23 50.96 -10.69 -16.57
N THR K 24 49.77 -11.27 -16.46
CA THR K 24 48.73 -10.84 -15.55
C THR K 24 48.63 -11.82 -14.39
N SER K 25 48.40 -11.31 -13.18
CA SER K 25 48.20 -12.14 -12.00
C SER K 25 47.23 -11.43 -11.06
N GLY K 26 46.66 -12.21 -10.15
CA GLY K 26 45.72 -11.65 -9.18
C GLY K 26 44.38 -11.27 -9.77
N TYR K 27 44.03 -11.85 -10.92
CA TYR K 27 42.75 -11.54 -11.58
C TYR K 27 42.45 -12.72 -12.48
N ARG K 28 41.45 -13.52 -12.11
CA ARG K 28 41.22 -14.84 -12.68
C ARG K 28 40.06 -14.87 -13.67
N PHE K 29 39.89 -13.80 -14.46
CA PHE K 29 39.01 -13.80 -15.62
C PHE K 29 39.82 -13.46 -16.86
N THR K 30 39.42 -14.04 -17.98
CA THR K 30 40.06 -13.78 -19.27
C THR K 30 39.26 -12.83 -20.14
N ASP K 31 38.25 -12.16 -19.57
CA ASP K 31 37.40 -11.21 -20.30
C ASP K 31 38.01 -9.80 -20.25
N ILE K 32 39.28 -9.74 -20.66
CA ILE K 32 40.12 -8.56 -20.43
C ILE K 32 40.77 -8.07 -21.71
N TRP K 33 40.87 -6.75 -21.87
CA TRP K 33 41.76 -6.17 -22.87
C TRP K 33 43.11 -5.88 -22.24
N ILE K 34 44.19 -6.34 -22.87
CA ILE K 34 45.56 -6.03 -22.47
C ILE K 34 46.23 -5.35 -23.65
N ASN K 35 46.94 -4.25 -23.38
CA ASN K 35 47.27 -3.31 -24.45
C ASN K 35 48.68 -2.78 -24.25
N TRP K 36 49.28 -2.28 -25.34
CA TRP K 36 50.64 -1.79 -25.36
C TRP K 36 50.66 -0.29 -25.66
N VAL K 37 51.57 0.44 -25.02
CA VAL K 37 51.71 1.88 -25.26
C VAL K 37 53.18 2.26 -25.12
N ARG K 38 53.65 3.10 -26.03
CA ARG K 38 55.07 3.48 -26.13
C ARG K 38 55.22 4.95 -25.73
N GLN K 39 56.09 5.20 -24.75
CA GLN K 39 56.51 6.55 -24.39
C GLN K 39 57.97 6.73 -24.78
N ARG K 40 58.22 7.68 -25.68
CA ARG K 40 59.59 7.97 -26.09
C ARG K 40 60.29 8.79 -25.00
N PRO K 41 61.64 8.81 -24.99
CA PRO K 41 62.34 9.60 -23.96
C PRO K 41 62.00 11.08 -24.02
N GLY K 42 61.34 11.58 -22.98
CA GLY K 42 61.00 12.99 -22.88
C GLY K 42 59.74 13.41 -23.59
N LYS K 43 59.10 12.51 -24.34
CA LYS K 43 57.89 12.81 -25.08
C LYS K 43 56.74 11.96 -24.54
N GLY K 44 55.52 12.31 -24.97
CA GLY K 44 54.32 11.67 -24.47
C GLY K 44 54.16 10.24 -24.93
N LEU K 45 53.03 9.62 -24.57
CA LEU K 45 52.74 8.25 -24.92
C LEU K 45 51.92 8.18 -26.20
N GLU K 46 52.01 7.03 -26.87
CA GLU K 46 51.23 6.76 -28.07
C GLU K 46 50.64 5.37 -27.95
N TRP K 47 49.32 5.27 -27.99
CA TRP K 47 48.66 3.97 -27.98
C TRP K 47 49.07 3.20 -29.22
N MET K 48 49.55 1.99 -29.02
CA MET K 48 50.18 1.21 -30.09
C MET K 48 49.33 0.02 -30.52
N GLY K 49 48.65 -0.63 -29.57
CA GLY K 49 47.75 -1.70 -29.93
C GLY K 49 47.08 -2.28 -28.71
N SER K 50 46.11 -3.17 -28.97
CA SER K 50 45.36 -3.82 -27.90
C SER K 50 44.91 -5.19 -28.37
N ILE K 51 44.78 -6.12 -27.42
CA ILE K 51 44.37 -7.49 -27.71
C ILE K 51 43.44 -7.97 -26.60
N TYR K 52 42.34 -8.62 -26.99
CA TYR K 52 41.44 -9.25 -26.04
C TYR K 52 41.88 -10.69 -25.82
N LEU K 53 41.99 -11.10 -24.55
CA LEU K 53 42.57 -12.39 -24.23
C LEU K 53 41.72 -13.54 -24.78
N ASP K 54 40.40 -13.46 -24.63
CA ASP K 54 39.53 -14.60 -24.95
C ASP K 54 39.59 -14.99 -26.42
N ASP K 55 39.12 -14.11 -27.31
CA ASP K 55 39.00 -14.45 -28.73
C ASP K 55 40.20 -14.02 -29.55
N SER K 56 41.24 -13.46 -28.92
CA SER K 56 42.41 -12.93 -29.62
C SER K 56 41.99 -11.92 -30.69
N ASP K 57 41.06 -11.03 -30.30
CA ASP K 57 40.60 -9.96 -31.16
C ASP K 57 41.59 -8.79 -31.08
N ILE K 58 42.02 -8.31 -32.24
CA ILE K 58 43.12 -7.36 -32.35
C ILE K 58 42.56 -5.95 -32.55
N ARG K 59 43.31 -4.95 -32.09
CA ARG K 59 43.00 -3.54 -32.32
C ARG K 59 44.32 -2.82 -32.54
N PHE K 60 44.64 -2.50 -33.80
CA PHE K 60 45.93 -1.96 -34.16
C PHE K 60 45.87 -0.46 -34.39
N ASN K 61 46.94 0.22 -33.99
CA ASN K 61 47.18 1.58 -34.41
C ASN K 61 47.50 1.61 -35.91
N PRO K 62 47.03 2.62 -36.65
CA PRO K 62 47.39 2.69 -38.07
C PRO K 62 48.83 3.11 -38.33
N SER K 63 49.63 3.37 -37.31
CA SER K 63 51.04 3.72 -37.47
C SER K 63 51.98 2.56 -37.21
N PHE K 64 51.46 1.36 -36.90
CA PHE K 64 52.31 0.24 -36.48
C PHE K 64 51.89 -1.07 -37.15
N GLN K 65 51.63 -1.06 -38.45
CA GLN K 65 51.42 -2.32 -39.17
C GLN K 65 52.75 -2.84 -39.71
N GLY K 66 52.89 -4.17 -39.71
CA GLY K 66 54.06 -4.80 -40.30
C GLY K 66 55.31 -4.69 -39.44
N HIS K 67 55.64 -3.46 -39.05
CA HIS K 67 56.75 -3.24 -38.12
C HIS K 67 56.60 -4.07 -36.87
N VAL K 68 55.39 -4.16 -36.34
CA VAL K 68 55.15 -4.75 -35.02
C VAL K 68 54.03 -5.78 -35.11
N THR K 69 53.95 -6.64 -34.10
CA THR K 69 52.88 -7.64 -34.01
C THR K 69 52.54 -7.85 -32.54
N ILE K 70 51.25 -8.04 -32.26
CA ILE K 70 50.77 -8.33 -30.91
C ILE K 70 50.04 -9.67 -30.94
N SER K 71 50.41 -10.58 -30.04
CA SER K 71 49.75 -11.88 -29.92
C SER K 71 49.47 -12.15 -28.44
N ALA K 72 48.70 -13.20 -28.18
CA ALA K 72 48.30 -13.52 -26.81
C ALA K 72 48.32 -15.03 -26.61
N ASP K 73 48.48 -15.43 -25.35
CA ASP K 73 48.49 -16.83 -24.94
C ASP K 73 47.54 -17.01 -23.76
N LYS K 74 46.67 -18.01 -23.86
CA LYS K 74 45.61 -18.21 -22.88
C LYS K 74 46.12 -18.89 -21.61
N SER K 75 46.86 -19.99 -21.78
CA SER K 75 47.22 -20.84 -20.65
C SER K 75 48.02 -20.08 -19.60
N THR K 76 48.99 -19.27 -20.05
CA THR K 76 49.75 -18.43 -19.14
C THR K 76 49.13 -17.04 -18.96
N SER K 77 48.09 -16.71 -19.72
CA SER K 77 47.44 -15.40 -19.63
C SER K 77 48.44 -14.28 -19.89
N THR K 78 49.10 -14.35 -21.05
CA THR K 78 50.23 -13.48 -21.37
C THR K 78 49.96 -12.81 -22.71
N THR K 79 50.56 -11.64 -22.91
CA THR K 79 50.60 -11.01 -24.23
C THR K 79 52.05 -10.85 -24.66
N TYR K 80 52.31 -11.19 -25.93
CA TYR K 80 53.64 -11.09 -26.54
C TYR K 80 53.62 -9.94 -27.52
N LEU K 81 54.58 -9.02 -27.37
CA LEU K 81 54.80 -7.95 -28.33
C LEU K 81 56.07 -8.29 -29.09
N GLN K 82 55.96 -8.39 -30.42
CA GLN K 82 56.99 -8.97 -31.27
C GLN K 82 57.42 -7.95 -32.32
N TRP K 83 58.73 -7.77 -32.46
CA TRP K 83 59.34 -6.95 -33.49
C TRP K 83 60.19 -7.84 -34.40
N SER K 84 60.02 -7.69 -35.71
CA SER K 84 60.77 -8.48 -36.67
C SER K 84 62.12 -7.84 -36.99
N SER K 85 62.13 -6.51 -37.16
CA SER K 85 63.35 -5.75 -37.48
C SER K 85 63.29 -4.44 -36.69
N LEU K 86 63.99 -4.39 -35.56
CA LEU K 86 63.98 -3.16 -34.76
C LEU K 86 64.64 -2.04 -35.54
N LYS K 87 64.29 -0.81 -35.21
CA LYS K 87 64.77 0.38 -35.91
C LYS K 87 65.40 1.32 -34.90
N ALA K 88 66.04 2.37 -35.42
CA ALA K 88 66.61 3.40 -34.56
C ALA K 88 65.56 4.24 -33.86
N SER K 89 64.29 4.15 -34.26
CA SER K 89 63.20 4.89 -33.65
C SER K 89 62.43 4.07 -32.62
N ASP K 90 62.90 2.86 -32.31
CA ASP K 90 62.26 2.00 -31.31
C ASP K 90 62.92 2.09 -29.95
N THR K 91 63.59 3.21 -29.65
CA THR K 91 64.24 3.42 -28.35
C THR K 91 63.24 4.13 -27.44
N ALA K 92 62.64 3.37 -26.52
CA ALA K 92 61.58 3.94 -25.70
C ALA K 92 61.16 3.02 -24.56
N THR K 93 60.28 3.52 -23.70
CA THR K 93 59.61 2.70 -22.71
C THR K 93 58.32 2.16 -23.30
N TYR K 94 58.06 0.87 -23.06
CA TYR K 94 56.83 0.22 -23.46
C TYR K 94 56.13 -0.26 -22.20
N PHE K 95 54.87 0.16 -22.04
CA PHE K 95 54.04 -0.22 -20.91
C PHE K 95 52.89 -1.09 -21.39
N CYS K 96 52.66 -2.19 -20.68
CA CYS K 96 51.48 -3.00 -20.86
C CYS K 96 50.45 -2.62 -19.81
N ALA K 97 49.21 -2.41 -20.26
CA ALA K 97 48.16 -1.86 -19.39
C ALA K 97 46.90 -2.72 -19.55
N ARG K 98 46.04 -2.63 -18.54
CA ARG K 98 44.92 -3.55 -18.34
C ARG K 98 43.62 -2.76 -18.36
N SER K 99 42.74 -3.06 -19.32
CA SER K 99 41.42 -2.42 -19.38
C SER K 99 40.36 -3.51 -19.42
N VAL K 100 39.62 -3.63 -18.31
CA VAL K 100 38.56 -4.63 -18.21
C VAL K 100 37.44 -4.29 -19.19
N TRP K 101 36.76 -5.32 -19.68
CA TRP K 101 35.69 -5.13 -20.64
C TRP K 101 34.58 -4.27 -20.04
N SER K 102 34.18 -3.24 -20.76
CA SER K 102 33.13 -2.33 -20.31
C SER K 102 32.40 -1.82 -21.55
N GLY K 103 31.30 -2.48 -21.90
CA GLY K 103 30.60 -2.19 -23.13
C GLY K 103 31.45 -2.48 -24.35
N TYR K 104 31.10 -1.82 -25.45
CA TYR K 104 31.82 -1.97 -26.70
C TYR K 104 32.86 -0.87 -26.84
N TYR K 105 33.77 -0.79 -25.87
CA TYR K 105 34.80 0.24 -25.86
C TYR K 105 36.00 -0.30 -25.11
N ILE K 106 37.19 0.20 -25.45
CA ILE K 106 38.44 -0.35 -24.93
C ILE K 106 38.49 -0.09 -23.43
N GLY K 107 37.98 1.06 -23.00
CA GLY K 107 37.81 1.32 -21.58
C GLY K 107 38.95 2.14 -20.98
N TRP K 108 39.19 1.93 -19.69
CA TRP K 108 40.17 2.68 -18.91
C TRP K 108 41.20 1.69 -18.38
N PHE K 109 42.44 2.15 -18.29
CA PHE K 109 43.57 1.28 -18.00
C PHE K 109 43.85 1.32 -16.50
N ASP K 110 43.14 0.50 -15.73
CA ASP K 110 43.18 0.61 -14.27
C ASP K 110 44.53 0.23 -13.66
N VAL K 111 45.26 -0.72 -14.22
CA VAL K 111 46.58 -1.10 -13.73
C VAL K 111 47.54 -1.27 -14.90
N TRP K 112 48.75 -0.78 -14.72
CA TRP K 112 49.81 -0.81 -15.72
C TRP K 112 50.95 -1.69 -15.22
N GLY K 113 51.77 -2.14 -16.17
CA GLY K 113 52.95 -2.91 -15.84
C GLY K 113 54.07 -2.03 -15.32
N PRO K 114 55.16 -2.63 -14.85
CA PRO K 114 56.29 -1.82 -14.41
C PRO K 114 56.89 -0.97 -15.51
N GLY K 115 56.79 -1.42 -16.76
CA GLY K 115 57.32 -0.67 -17.89
C GLY K 115 58.70 -1.12 -18.30
N VAL K 116 58.81 -1.73 -19.47
CA VAL K 116 60.09 -2.18 -19.99
C VAL K 116 60.72 -1.01 -20.74
N LEU K 117 62.05 -1.01 -20.80
CA LEU K 117 62.82 0.01 -21.49
C LEU K 117 63.67 -0.69 -22.56
N VAL K 118 63.30 -0.51 -23.83
CA VAL K 118 63.99 -1.16 -24.94
C VAL K 118 64.74 -0.08 -25.71
N THR K 119 66.05 -0.26 -25.84
CA THR K 119 66.91 0.71 -26.52
C THR K 119 67.66 0.06 -27.67
N VAL K 120 67.60 0.72 -28.84
CA VAL K 120 68.30 0.28 -30.04
C VAL K 120 69.06 1.48 -30.58
N SER K 121 70.38 1.39 -30.63
CA SER K 121 71.23 2.53 -30.94
C SER K 121 72.18 2.14 -32.07
N SER K 122 73.04 3.08 -32.45
CA SER K 122 74.00 2.88 -33.53
C SER K 122 75.41 3.20 -33.04
N ASP L 1 40.66 10.73 -37.99
CA ASP L 1 41.25 10.58 -36.62
C ASP L 1 41.02 11.85 -35.79
N VAL L 2 40.86 11.67 -34.48
CA VAL L 2 40.61 12.76 -33.56
C VAL L 2 41.94 13.22 -32.96
N VAL L 3 42.06 14.52 -32.73
CA VAL L 3 43.25 15.14 -32.18
C VAL L 3 42.88 15.78 -30.85
N MET L 4 43.73 15.59 -29.85
CA MET L 4 43.51 16.10 -28.50
C MET L 4 44.49 17.22 -28.20
N THR L 5 44.01 18.24 -27.49
CA THR L 5 44.81 19.39 -27.11
C THR L 5 44.64 19.65 -25.63
N GLN L 6 45.75 19.84 -24.91
CA GLN L 6 45.73 20.15 -23.49
C GLN L 6 46.21 21.57 -23.26
N THR L 7 45.57 22.25 -22.31
CA THR L 7 45.94 23.60 -21.91
C THR L 7 45.98 23.67 -20.39
N PRO L 8 47.08 24.18 -19.78
CA PRO L 8 48.36 24.63 -20.37
C PRO L 8 49.28 23.45 -20.66
N LEU L 9 50.32 23.64 -21.49
CA LEU L 9 51.31 22.59 -21.71
C LEU L 9 52.18 22.36 -20.48
N SER L 10 52.16 23.26 -19.52
CA SER L 10 52.83 23.08 -18.24
C SER L 10 52.17 24.03 -17.23
N LEU L 11 52.06 23.57 -15.99
CA LEU L 11 51.33 24.28 -14.95
C LEU L 11 52.19 24.36 -13.68
N PRO L 12 52.84 25.50 -13.43
CA PRO L 12 53.48 25.68 -12.12
C PRO L 12 52.45 26.03 -11.06
N VAL L 13 52.59 25.41 -9.90
CA VAL L 13 51.65 25.61 -8.80
C VAL L 13 52.28 25.14 -7.49
N THR L 14 51.88 25.79 -6.36
CA THR L 14 52.31 25.43 -5.02
C THR L 14 51.20 24.67 -4.30
N PRO L 15 51.50 23.91 -3.24
CA PRO L 15 50.43 23.33 -2.45
C PRO L 15 49.53 24.37 -1.79
N GLY L 16 48.26 24.04 -1.60
CA GLY L 16 47.35 24.87 -0.83
C GLY L 16 46.20 25.48 -1.61
N GLU L 17 46.36 25.60 -2.93
CA GLU L 17 45.35 26.22 -3.78
C GLU L 17 45.05 25.31 -4.96
N PRO L 18 43.87 25.43 -5.58
CA PRO L 18 43.47 24.44 -6.59
C PRO L 18 44.17 24.64 -7.94
N ALA L 19 44.02 23.64 -8.79
CA ALA L 19 44.59 23.65 -10.13
C ALA L 19 43.57 23.11 -11.12
N SER L 20 43.67 23.56 -12.37
CA SER L 20 42.76 23.16 -13.42
C SER L 20 43.54 22.88 -14.71
N ILE L 21 43.09 21.88 -15.45
CA ILE L 21 43.69 21.46 -16.71
C ILE L 21 42.56 21.19 -17.69
N SER L 22 42.60 21.82 -18.86
CA SER L 22 41.51 21.72 -19.84
C SER L 22 41.97 20.92 -21.05
N CYS L 23 41.32 19.80 -21.30
CA CYS L 23 41.53 19.00 -22.49
C CYS L 23 40.37 19.21 -23.47
N ARG L 24 40.69 19.13 -24.76
CA ARG L 24 39.75 19.41 -25.81
C ARG L 24 39.99 18.44 -26.97
N SER L 25 38.93 18.11 -27.69
CA SER L 25 38.99 17.14 -28.77
C SER L 25 38.32 17.72 -30.01
N SER L 26 38.57 17.06 -31.15
CA SER L 26 38.07 17.55 -32.42
C SER L 26 36.54 17.53 -32.46
N GLN L 27 35.93 16.43 -32.03
CA GLN L 27 34.49 16.28 -32.02
C GLN L 27 34.03 15.78 -30.65
N SER L 28 32.72 15.83 -30.44
CA SER L 28 32.15 15.50 -29.14
C SER L 28 32.41 14.04 -28.80
N LEU L 29 32.73 13.78 -27.54
CA LEU L 29 32.95 12.43 -27.02
C LEU L 29 31.69 11.81 -26.43
N LEU L 30 30.58 12.54 -26.42
CA LEU L 30 29.35 12.06 -25.80
C LEU L 30 28.66 11.06 -26.70
N ASP L 31 27.65 10.39 -26.13
CA ASP L 31 26.76 9.50 -26.87
C ASP L 31 25.34 9.95 -26.62
N SER L 32 24.39 9.30 -27.29
CA SER L 32 22.97 9.61 -27.10
C SER L 32 22.54 9.35 -25.66
N ASN L 33 23.24 8.45 -24.98
CA ASN L 33 22.92 8.09 -23.59
C ASN L 33 23.65 8.96 -22.57
N GLY L 34 24.39 9.98 -23.01
CA GLY L 34 25.06 10.88 -22.09
C GLY L 34 26.13 10.21 -21.25
N ASN L 35 27.21 9.76 -21.88
CA ASN L 35 28.31 9.13 -21.18
C ASN L 35 29.61 9.54 -21.86
N THR L 36 30.59 9.97 -21.08
CA THR L 36 31.83 10.54 -21.60
C THR L 36 32.95 9.51 -21.55
N TYR L 37 33.58 9.30 -22.70
CA TYR L 37 34.70 8.36 -22.83
C TYR L 37 36.02 9.12 -22.79
N LEU L 38 36.31 9.70 -21.63
CA LEU L 38 37.65 10.19 -21.31
C LEU L 38 38.26 9.43 -20.14
N HIS L 39 39.59 9.46 -20.13
CA HIS L 39 40.38 8.87 -19.06
C HIS L 39 41.56 9.79 -18.81
N TRP L 40 41.65 10.31 -17.59
CA TRP L 40 42.74 11.18 -17.15
C TRP L 40 43.76 10.35 -16.40
N TYR L 41 44.98 10.27 -16.94
CA TYR L 41 46.06 9.50 -16.36
C TYR L 41 47.13 10.44 -15.81
N LEU L 42 47.82 9.97 -14.77
CA LEU L 42 48.92 10.68 -14.16
C LEU L 42 50.16 9.79 -14.18
N GLN L 43 51.29 10.39 -14.57
CA GLN L 43 52.58 9.71 -14.59
C GLN L 43 53.54 10.53 -13.71
N LYS L 44 53.86 10.00 -12.54
CA LYS L 44 54.91 10.60 -11.74
C LYS L 44 56.26 10.26 -12.36
N PRO L 45 57.30 11.08 -12.15
CA PRO L 45 58.57 10.82 -12.85
C PRO L 45 59.28 9.60 -12.29
N GLY L 46 59.52 8.62 -13.15
CA GLY L 46 60.28 7.43 -12.79
C GLY L 46 59.56 6.13 -13.02
N GLN L 47 58.26 6.09 -12.74
CA GLN L 47 57.45 4.87 -12.81
C GLN L 47 56.40 5.00 -13.91
N SER L 48 55.60 3.95 -14.07
CA SER L 48 54.60 3.94 -15.11
C SER L 48 53.41 4.82 -14.75
N PRO L 49 52.61 5.25 -15.73
CA PRO L 49 51.41 6.01 -15.40
C PRO L 49 50.35 5.15 -14.71
N GLN L 50 49.47 5.81 -13.98
CA GLN L 50 48.38 5.16 -13.28
C GLN L 50 47.08 5.88 -13.59
N LEU L 51 46.00 5.11 -13.73
CA LEU L 51 44.69 5.69 -14.00
C LEU L 51 44.25 6.52 -12.80
N LEU L 52 43.91 7.78 -13.03
CA LEU L 52 43.50 8.70 -11.98
C LEU L 52 42.00 8.96 -12.03
N ILE L 53 41.45 9.26 -13.22
CA ILE L 53 40.01 9.44 -13.38
C ILE L 53 39.56 8.70 -14.63
N TYR L 54 38.40 8.05 -14.55
CA TYR L 54 37.81 7.33 -15.68
C TYR L 54 36.37 7.79 -15.91
N GLY L 55 35.96 7.72 -17.17
CA GLY L 55 34.63 8.18 -17.55
C GLY L 55 34.49 9.68 -17.64
N GLY L 56 35.58 10.42 -17.49
CA GLY L 56 35.54 11.87 -17.54
C GLY L 56 35.14 12.52 -16.24
N SER L 57 34.13 11.98 -15.57
CA SER L 57 33.61 12.56 -14.33
C SER L 57 33.72 11.56 -13.18
N ASN L 58 33.56 10.27 -13.48
CA ASN L 58 33.64 9.25 -12.44
C ASN L 58 35.08 9.15 -11.92
N ARG L 59 35.21 8.58 -10.73
CA ARG L 59 36.46 8.59 -9.97
C ARG L 59 36.96 7.16 -9.84
N ALA L 60 38.22 6.93 -10.21
CA ALA L 60 38.83 5.61 -10.13
C ALA L 60 39.15 5.25 -8.68
N SER L 61 39.38 3.96 -8.41
CA SER L 61 39.67 3.51 -7.07
C SER L 61 41.10 3.89 -6.67
N GLY L 62 41.30 4.01 -5.35
CA GLY L 62 42.62 4.26 -4.81
C GLY L 62 42.97 5.73 -4.68
N VAL L 63 42.52 6.55 -5.63
CA VAL L 63 42.84 7.98 -5.63
C VAL L 63 42.01 8.66 -4.55
N PRO L 64 42.41 9.85 -4.07
CA PRO L 64 41.66 10.48 -2.98
C PRO L 64 40.45 11.26 -3.46
N ASP L 65 39.67 11.77 -2.51
CA ASP L 65 38.48 12.55 -2.81
C ASP L 65 38.90 13.80 -3.57
N ARG L 66 40.10 14.30 -3.26
CA ARG L 66 40.64 15.56 -3.77
C ARG L 66 40.32 15.87 -5.22
N PHE L 67 40.65 14.95 -6.13
CA PHE L 67 40.59 15.22 -7.56
C PHE L 67 39.14 15.21 -8.05
N SER L 68 38.91 15.81 -9.21
CA SER L 68 37.57 15.87 -9.78
C SER L 68 37.68 16.05 -11.29
N GLY L 69 36.67 15.57 -12.01
CA GLY L 69 36.57 15.75 -13.44
C GLY L 69 35.20 16.32 -13.81
N SER L 70 35.19 17.08 -14.91
CA SER L 70 33.95 17.72 -15.34
C SER L 70 34.04 18.12 -16.80
N GLY L 71 32.97 18.70 -17.31
CA GLY L 71 32.92 19.20 -18.69
C GLY L 71 31.92 18.42 -19.51
N SER L 72 31.77 18.82 -20.76
CA SER L 72 30.78 18.24 -21.66
C SER L 72 31.24 18.39 -23.10
N GLY L 73 30.60 17.62 -23.98
CA GLY L 73 30.82 17.74 -25.41
C GLY L 73 32.27 17.60 -25.82
N THR L 74 32.86 18.70 -26.29
CA THR L 74 34.24 18.70 -26.72
C THR L 74 35.22 19.11 -25.62
N ASP L 75 34.76 19.86 -24.62
CA ASP L 75 35.66 20.48 -23.64
C ASP L 75 35.49 19.83 -22.28
N PHE L 76 36.60 19.34 -21.73
CA PHE L 76 36.65 18.61 -20.47
C PHE L 76 37.73 19.23 -19.58
N THR L 77 37.52 19.16 -18.26
CA THR L 77 38.39 19.84 -17.30
C THR L 77 38.67 18.91 -16.12
N LEU L 78 39.96 18.69 -15.85
CA LEU L 78 40.41 18.11 -14.58
C LEU L 78 40.62 19.23 -13.58
N THR L 79 40.18 19.01 -12.34
CA THR L 79 40.38 19.95 -11.25
C THR L 79 40.98 19.23 -10.05
N ILE L 80 41.88 19.92 -9.36
CA ILE L 80 42.43 19.49 -8.08
C ILE L 80 42.05 20.56 -7.07
N ASN L 81 41.33 20.17 -6.02
CA ASN L 81 40.82 21.15 -5.05
C ASN L 81 41.96 21.83 -4.30
N ASN L 82 43.03 21.09 -3.99
CA ASN L 82 44.22 21.68 -3.42
C ASN L 82 45.40 20.76 -3.69
N VAL L 83 46.45 21.30 -4.29
CA VAL L 83 47.58 20.48 -4.72
C VAL L 83 48.48 20.15 -3.52
N GLU L 84 49.18 19.02 -3.61
CA GLU L 84 50.26 18.66 -2.70
C GLU L 84 51.54 18.48 -3.49
N ALA L 85 52.64 18.26 -2.76
CA ALA L 85 53.93 18.02 -3.39
C ALA L 85 53.95 16.70 -4.16
N GLY L 86 53.10 15.75 -3.76
CA GLY L 86 53.11 14.43 -4.37
C GLY L 86 52.57 14.39 -5.79
N ASP L 87 51.81 15.42 -6.19
CA ASP L 87 51.17 15.43 -7.50
C ASP L 87 52.08 15.91 -8.62
N VAL L 88 53.38 16.04 -8.37
CA VAL L 88 54.33 16.39 -9.42
C VAL L 88 54.31 15.32 -10.50
N GLY L 89 54.33 15.76 -11.77
CA GLY L 89 54.42 14.83 -12.88
C GLY L 89 53.55 15.28 -14.03
N THR L 90 53.26 14.34 -14.92
CA THR L 90 52.57 14.63 -16.17
C THR L 90 51.14 14.12 -16.15
N TYR L 91 50.20 15.00 -16.49
CA TYR L 91 48.80 14.64 -16.68
C TYR L 91 48.51 14.47 -18.16
N TYR L 92 47.67 13.49 -18.47
CA TYR L 92 47.37 13.06 -19.83
C TYR L 92 45.88 12.81 -19.97
N CYS L 93 45.23 13.55 -20.88
CA CYS L 93 43.84 13.28 -21.24
C CYS L 93 43.82 12.33 -22.43
N MET L 94 42.97 11.30 -22.36
CA MET L 94 42.84 10.36 -23.46
C MET L 94 41.38 10.03 -23.73
N GLN L 95 41.10 9.77 -25.01
CA GLN L 95 39.78 9.36 -25.49
C GLN L 95 39.87 7.92 -26.00
N VAL L 96 38.71 7.31 -26.23
CA VAL L 96 38.63 5.91 -26.63
C VAL L 96 37.69 5.69 -27.82
N ILE L 97 36.89 6.71 -28.16
CA ILE L 97 35.72 6.48 -29.01
C ILE L 97 36.05 5.93 -30.38
N GLN L 98 37.22 6.28 -30.94
CA GLN L 98 37.57 5.91 -32.31
C GLN L 98 38.96 5.31 -32.33
N VAL L 99 39.11 4.16 -32.96
CA VAL L 99 40.45 3.62 -33.18
C VAL L 99 41.14 4.40 -34.30
N PRO L 100 42.39 4.86 -34.13
CA PRO L 100 43.26 4.75 -32.95
C PRO L 100 42.82 5.65 -31.80
N LEU L 101 42.89 5.13 -30.59
CA LEU L 101 42.57 5.89 -29.38
C LEU L 101 43.86 6.50 -28.86
N THR L 102 43.93 7.83 -28.91
CA THR L 102 45.18 8.57 -28.77
C THR L 102 45.20 9.32 -27.44
N PHE L 103 46.38 9.36 -26.80
CA PHE L 103 46.58 10.19 -25.62
C PHE L 103 46.72 11.65 -26.03
N GLY L 104 46.65 12.55 -25.05
CA GLY L 104 46.90 13.96 -25.33
C GLY L 104 48.38 14.25 -25.44
N GLY L 105 48.68 15.47 -25.89
CA GLY L 105 50.06 15.90 -25.97
C GLY L 105 50.75 15.86 -24.62
N GLY L 106 50.03 16.22 -23.57
CA GLY L 106 50.51 16.15 -22.21
C GLY L 106 50.62 17.52 -21.57
N THR L 107 50.56 17.51 -20.24
CA THR L 107 50.86 18.71 -19.47
C THR L 107 51.68 18.31 -18.26
N LYS L 108 52.62 19.18 -17.87
CA LYS L 108 53.54 18.90 -16.77
C LYS L 108 53.25 19.86 -15.62
N VAL L 109 52.99 19.29 -14.44
CA VAL L 109 52.78 20.06 -13.22
C VAL L 109 54.02 19.85 -12.35
N ASP L 110 54.59 20.97 -11.88
CA ASP L 110 55.81 20.97 -11.09
C ASP L 110 55.74 22.04 -10.02
N ILE L 111 56.51 21.82 -8.96
CA ILE L 111 56.57 22.78 -7.86
C ILE L 111 57.22 24.07 -8.34
N LYS L 112 56.60 25.20 -8.00
CA LYS L 112 57.16 26.50 -8.34
C LYS L 112 58.31 26.83 -7.39
#